data_7LPQ
#
_entry.id   7LPQ
#
_cell.length_a   98.417
_cell.length_b   133.314
_cell.length_c   130.303
_cell.angle_alpha   90.000
_cell.angle_beta   94.540
_cell.angle_gamma   90.000
#
_symmetry.space_group_name_H-M   'P 1 21 1'
#
loop_
_entity.id
_entity.type
_entity.pdbx_description
1 polymer 'Cytoplasmic protein'
2 non-polymer ~{N}-[(3~{R},5~{S})-5-(hydroxymethyl)-1-methyl-pyrrolidin-3-yl]-2-(3-oxidanylidene-4~{H}-1,4-benzoxazin-6-yl)ethanamide
3 non-polymer GLYCEROL
4 non-polymer 'MAGNESIUM ION'
5 water water
#
_entity_poly.entity_id   1
_entity_poly.type   'polypeptide(L)'
_entity_poly.pdbx_seq_one_letter_code
;SMPPPPEVSPVTGNPVSPHYIHSSTLHFQDVNGRSLVLRGVNLSGSAKHPNNQPSHIREGFWETAEAGKGDFINKPLNLD
DGSADLHLARLKAWGYNLLRYVFTWESLEHAGPKEYDYAYMDYIIAVLRKCKEWGFRVFMDPHQDVWSRFTGGSGAPLWT
LYACGIDPYHLTATAAAYLHCEWPSAESPKPQDFPAMIWGTNYTHLANQTIWTFFFAGKTYAPKCIIDGKNIQDFLQDHF
IDAVGELAKRIAEEAGDLLDECVIGWDSINEPGEGLIGCKDLAVIPAEQQLKKGPSPTPIEGMRLGMGEAQDVQAWNFGP
MGPYRGSRQTIDPKGVKLWLSKEDDVKRGSGKWGWTRGKEWALGTCIWAHHGVWEIATSTLLRPDYFSTLPTNPGHQVDF
VDDFWALHWLAYSSRIRLHHPESIHFIQAPVLRQPPKLPESFLKGRACSSPHFYDGLTLMTKHWNWFNADAIGVIRKKYW
SIVQAVRIGEGPIRKMIQGELAVLKQDTIDILGNYPTLVGEIGIPYDMDDKKAYGYVDGGRGEGDYSSQQKAMDCSMNAC
DGPNCLNYAIWNYVPDNVHEWGDNWNGEDLSLWSVDDKEQESYHDSPRSDTPNFSTNSNSLTNSSATLTVPMSGASKLRP
SPSVIDSGDFSPTLILDGSRAVAAFCRPYPVATVGIPERIDFDITSTKFKYAVRVRADDIANEQVYTEIYLPFVHYAASL
NASYSSFAQLSLDVTIVASHGRVEIQGQTLRWWYPVPGTGEEVYTIEVQRNGGALRRDLGYVQQGNFLDVCPECVIA
;
_entity_poly.pdbx_strand_id   A,B,C,D
#
loop_
_chem_comp.id
_chem_comp.type
_chem_comp.name
_chem_comp.formula
GOL non-polymer GLYCEROL 'C3 H8 O3'
MG non-polymer 'MAGNESIUM ION' 'Mg 2'
YAJ non-polymer ~{N}-[(3~{R},5~{S})-5-(hydroxymethyl)-1-methyl-pyrrolidin-3-yl]-2-(3-oxidanylidene-4~{H}-1,4-benzoxazin-6-yl)ethanamide 'C16 H21 N3 O4'
#
# COMPACT_ATOMS: atom_id res chain seq x y z
N PRO A 5 -36.97 26.35 -25.09
CA PRO A 5 -35.86 25.38 -25.04
C PRO A 5 -36.04 24.22 -26.01
N PRO A 6 -34.93 23.62 -26.45
CA PRO A 6 -35.02 22.56 -27.45
C PRO A 6 -35.56 21.26 -26.87
N GLU A 7 -36.07 20.42 -27.76
CA GLU A 7 -36.62 19.14 -27.36
C GLU A 7 -35.56 18.06 -27.21
N VAL A 8 -34.33 18.32 -27.64
CA VAL A 8 -33.23 17.37 -27.49
C VAL A 8 -32.02 18.08 -26.90
N SER A 9 -31.09 17.29 -26.37
CA SER A 9 -29.92 17.84 -25.71
C SER A 9 -28.95 18.40 -26.75
N PRO A 10 -28.38 19.58 -26.51
CA PRO A 10 -27.34 20.09 -27.41
C PRO A 10 -26.05 19.30 -27.34
N VAL A 11 -25.87 18.46 -26.34
CA VAL A 11 -24.68 17.63 -26.23
C VAL A 11 -24.84 16.32 -26.98
N THR A 12 -25.92 15.57 -26.71
CA THR A 12 -26.11 14.24 -27.25
C THR A 12 -27.15 14.14 -28.35
N GLY A 13 -28.01 15.14 -28.49
CA GLY A 13 -29.09 15.07 -29.45
C GLY A 13 -30.24 14.18 -29.05
N ASN A 14 -30.16 13.55 -27.89
CA ASN A 14 -31.23 12.71 -27.40
C ASN A 14 -32.29 13.55 -26.71
N PRO A 15 -33.52 13.04 -26.62
CA PRO A 15 -34.52 13.71 -25.77
C PRO A 15 -34.01 13.79 -24.33
N VAL A 16 -34.63 14.68 -23.56
CA VAL A 16 -34.14 14.99 -22.22
C VAL A 16 -35.16 14.53 -21.20
N SER A 17 -34.66 14.21 -20.00
CA SER A 17 -35.53 13.92 -18.87
C SER A 17 -36.48 15.09 -18.63
N PRO A 18 -37.62 14.83 -17.99
CA PRO A 18 -38.50 15.96 -17.63
C PRO A 18 -37.89 16.87 -16.60
N HIS A 19 -36.94 16.40 -15.80
CA HIS A 19 -36.28 17.22 -14.78
C HIS A 19 -35.09 18.01 -15.34
N TYR A 20 -34.74 17.79 -16.60
CA TYR A 20 -33.62 18.47 -17.23
C TYR A 20 -33.65 19.96 -16.96
N ILE A 21 -32.49 20.51 -16.58
CA ILE A 21 -32.30 21.95 -16.47
C ILE A 21 -31.43 22.38 -17.64
N HIS A 22 -32.02 23.18 -18.54
CA HIS A 22 -31.29 23.66 -19.70
C HIS A 22 -30.28 24.73 -19.29
N SER A 23 -29.12 24.70 -19.91
CA SER A 23 -28.05 25.66 -19.68
C SER A 23 -27.43 26.06 -21.01
N SER A 24 -28.30 26.42 -21.96
CA SER A 24 -27.90 26.86 -23.29
C SER A 24 -28.24 28.32 -23.55
N THR A 25 -28.75 29.03 -22.55
CA THR A 25 -29.05 30.46 -22.69
C THR A 25 -28.54 31.20 -21.46
N LEU A 26 -28.89 32.49 -21.35
CA LEU A 26 -28.45 33.29 -20.22
C LEU A 26 -29.13 32.93 -18.92
N HIS A 27 -30.08 32.00 -18.92
CA HIS A 27 -30.78 31.58 -17.72
C HIS A 27 -30.98 30.08 -17.74
N PHE A 28 -30.89 29.46 -16.56
CA PHE A 28 -31.36 28.09 -16.40
C PHE A 28 -32.84 28.03 -16.77
N GLN A 29 -33.24 26.90 -17.35
CA GLN A 29 -34.62 26.71 -17.78
C GLN A 29 -35.06 25.28 -17.54
N ASP A 30 -36.29 25.11 -17.07
CA ASP A 30 -36.91 23.80 -17.05
C ASP A 30 -37.50 23.51 -18.43
N VAL A 31 -38.06 22.31 -18.60
CA VAL A 31 -38.52 21.91 -19.92
C VAL A 31 -39.71 22.76 -20.39
N ASN A 32 -40.39 23.44 -19.48
CA ASN A 32 -41.51 24.30 -19.84
C ASN A 32 -41.08 25.73 -20.11
N GLY A 33 -39.78 25.97 -20.28
CA GLY A 33 -39.29 27.29 -20.62
C GLY A 33 -39.26 28.29 -19.49
N ARG A 34 -39.46 27.85 -18.24
CA ARG A 34 -39.41 28.75 -17.11
C ARG A 34 -37.96 29.04 -16.74
N SER A 35 -37.63 30.31 -16.52
CA SER A 35 -36.32 30.67 -16.02
C SER A 35 -36.19 30.26 -14.56
N LEU A 36 -35.15 29.48 -14.26
CA LEU A 36 -34.92 28.98 -12.91
C LEU A 36 -33.81 29.78 -12.24
N VAL A 37 -33.95 29.99 -10.94
CA VAL A 37 -32.89 30.55 -10.12
C VAL A 37 -32.52 29.53 -9.06
N LEU A 38 -31.24 29.18 -8.99
CA LEU A 38 -30.75 28.18 -8.05
C LEU A 38 -29.88 28.87 -7.01
N ARG A 39 -30.30 28.80 -5.75
CA ARG A 39 -29.60 29.44 -4.65
C ARG A 39 -29.51 28.46 -3.49
N GLY A 40 -28.35 28.43 -2.85
CA GLY A 40 -28.13 27.52 -1.75
C GLY A 40 -26.81 27.74 -1.03
N VAL A 41 -26.16 26.64 -0.66
CA VAL A 41 -24.94 26.70 0.15
C VAL A 41 -23.95 25.67 -0.34
N ASN A 42 -22.67 25.91 -0.01
CA ASN A 42 -21.64 24.89 -0.15
C ASN A 42 -21.73 23.94 1.03
N LEU A 43 -21.84 22.64 0.74
CA LEU A 43 -21.93 21.59 1.76
C LEU A 43 -20.87 20.55 1.43
N SER A 44 -19.73 20.56 2.14
CA SER A 44 -19.41 21.52 3.18
C SER A 44 -17.90 21.58 3.39
N GLY A 45 -17.42 22.70 3.93
CA GLY A 45 -16.02 22.83 4.27
C GLY A 45 -15.52 21.80 5.27
N SER A 46 -16.43 21.24 6.07
CA SER A 46 -16.03 20.16 6.97
C SER A 46 -15.45 18.96 6.21
N ALA A 47 -15.72 18.85 4.90
CA ALA A 47 -15.20 17.75 4.10
C ALA A 47 -13.77 17.99 3.63
N LYS A 48 -13.14 19.08 4.08
CA LYS A 48 -11.77 19.37 3.67
C LYS A 48 -10.75 18.51 4.40
N HIS A 49 -11.09 17.99 5.57
CA HIS A 49 -10.17 17.26 6.42
C HIS A 49 -10.84 16.02 6.97
N PRO A 50 -10.07 14.99 7.29
CA PRO A 50 -10.67 13.75 7.83
C PRO A 50 -11.18 13.97 9.24
N ASN A 51 -11.92 12.96 9.73
CA ASN A 51 -12.46 13.00 11.07
C ASN A 51 -11.34 13.16 12.08
N ASN A 52 -11.52 14.06 13.04
CA ASN A 52 -10.63 14.29 14.17
C ASN A 52 -9.29 14.90 13.78
N GLN A 53 -9.17 15.42 12.56
CA GLN A 53 -7.94 16.08 12.11
C GLN A 53 -8.25 17.50 11.66
N PRO A 54 -8.78 18.34 12.54
CA PRO A 54 -8.95 19.75 12.20
C PRO A 54 -7.60 20.43 11.97
N SER A 55 -7.66 21.61 11.36
CA SER A 55 -6.44 22.25 10.89
C SER A 55 -5.49 22.57 12.03
N HIS A 56 -6.01 22.78 13.24
CA HIS A 56 -5.21 23.27 14.35
C HIS A 56 -4.60 22.15 15.19
N ILE A 57 -4.87 20.89 14.86
CA ILE A 57 -4.35 19.75 15.62
C ILE A 57 -3.20 19.13 14.83
N ARG A 58 -2.04 19.01 15.48
CA ARG A 58 -0.89 18.38 14.85
C ARG A 58 -0.79 16.89 15.17
N GLU A 59 -1.33 16.45 16.30
CA GLU A 59 -1.30 15.04 16.64
C GLU A 59 -1.98 14.23 15.54
N GLY A 60 -1.29 13.22 15.04
CA GLY A 60 -1.82 12.35 14.02
C GLY A 60 -1.92 12.95 12.64
N PHE A 61 -1.67 14.24 12.48
CA PHE A 61 -1.80 14.88 11.17
C PHE A 61 -0.93 14.17 10.14
N TRP A 62 0.38 14.08 10.40
CA TRP A 62 1.29 13.51 9.43
C TRP A 62 1.23 11.97 9.42
N GLU A 63 1.06 11.36 10.59
CA GLU A 63 1.22 9.91 10.70
C GLU A 63 0.11 9.17 9.94
N THR A 64 -1.15 9.58 10.15
CA THR A 64 -2.26 8.90 9.49
C THR A 64 -2.13 9.00 7.97
N ALA A 65 -1.80 10.18 7.45
CA ALA A 65 -1.66 10.34 6.01
C ALA A 65 -0.45 9.58 5.48
N GLU A 66 0.62 9.46 6.28
CA GLU A 66 1.77 8.67 5.85
C GLU A 66 1.39 7.21 5.71
N ALA A 67 0.52 6.71 6.57
CA ALA A 67 0.04 5.34 6.50
C ALA A 67 -0.99 5.14 5.41
N GLY A 68 -1.25 6.17 4.60
CA GLY A 68 -2.20 6.05 3.52
C GLY A 68 -3.66 6.13 3.92
N LYS A 69 -3.95 6.49 5.17
CA LYS A 69 -5.32 6.56 5.65
C LYS A 69 -5.95 7.91 5.33
N GLY A 70 -7.27 7.94 5.35
CA GLY A 70 -8.03 9.15 5.08
C GLY A 70 -9.52 8.95 5.32
N ASP A 71 -9.94 9.07 6.58
CA ASP A 71 -11.30 8.71 7.00
C ASP A 71 -12.17 9.97 6.99
N PHE A 72 -12.90 10.17 5.89
CA PHE A 72 -13.82 11.28 5.72
C PHE A 72 -15.28 10.86 5.88
N ILE A 73 -15.53 9.60 6.26
CA ILE A 73 -16.89 9.11 6.38
C ILE A 73 -17.72 10.04 7.27
N ASN A 74 -18.99 10.21 6.91
CA ASN A 74 -19.95 11.01 7.65
C ASN A 74 -19.64 12.50 7.59
N LYS A 75 -18.78 12.92 6.67
CA LYS A 75 -18.59 14.31 6.32
C LYS A 75 -18.96 14.52 4.86
N PRO A 76 -19.83 15.48 4.54
CA PRO A 76 -20.31 16.54 5.44
C PRO A 76 -21.48 16.21 6.36
N LEU A 77 -22.18 15.11 6.13
CA LEU A 77 -23.39 14.80 6.89
C LEU A 77 -23.30 13.40 7.48
N ASN A 78 -23.57 13.30 8.78
CA ASN A 78 -23.54 12.02 9.48
C ASN A 78 -24.82 11.24 9.17
N LEU A 79 -24.69 10.12 8.48
CA LEU A 79 -25.83 9.31 8.10
C LEU A 79 -26.19 8.26 9.15
N ASP A 80 -25.61 8.33 10.35
CA ASP A 80 -25.83 7.32 11.37
C ASP A 80 -26.60 7.82 12.58
N ASP A 81 -26.55 9.13 12.88
CA ASP A 81 -27.18 9.67 14.08
C ASP A 81 -28.47 10.43 13.78
N GLY A 82 -28.98 10.35 12.56
CA GLY A 82 -30.19 11.07 12.20
C GLY A 82 -30.05 12.57 12.02
N SER A 83 -28.84 13.10 12.17
CA SER A 83 -28.66 14.54 12.04
C SER A 83 -28.72 15.01 10.60
N ALA A 84 -28.48 14.12 9.63
CA ALA A 84 -28.37 14.55 8.25
C ALA A 84 -29.70 15.12 7.74
N ASP A 85 -30.82 14.49 8.10
CA ASP A 85 -32.11 14.95 7.61
C ASP A 85 -32.50 16.28 8.23
N LEU A 86 -32.15 16.49 9.50
CA LEU A 86 -32.45 17.77 10.14
C LEU A 86 -31.71 18.90 9.44
N HIS A 87 -30.42 18.71 9.17
CA HIS A 87 -29.64 19.73 8.48
C HIS A 87 -30.26 20.02 7.11
N LEU A 88 -30.61 18.97 6.36
CA LEU A 88 -31.19 19.20 5.04
C LEU A 88 -32.57 19.85 5.14
N ALA A 89 -33.34 19.48 6.15
CA ALA A 89 -34.65 20.12 6.35
C ALA A 89 -34.49 21.60 6.64
N ARG A 90 -33.48 21.97 7.45
CA ARG A 90 -33.24 23.37 7.74
C ARG A 90 -32.89 24.14 6.47
N LEU A 91 -31.97 23.59 5.66
CA LEU A 91 -31.59 24.26 4.43
C LEU A 91 -32.78 24.40 3.49
N LYS A 92 -33.59 23.36 3.37
CA LYS A 92 -34.77 23.44 2.51
C LYS A 92 -35.77 24.43 3.08
N ALA A 93 -35.95 24.45 4.40
CA ALA A 93 -36.87 25.41 5.01
C ALA A 93 -36.40 26.84 4.84
N TRP A 94 -35.08 27.06 4.72
CA TRP A 94 -34.59 28.39 4.36
C TRP A 94 -34.81 28.70 2.88
N GLY A 95 -35.41 27.79 2.13
CA GLY A 95 -35.73 28.04 0.74
C GLY A 95 -34.67 27.66 -0.27
N TYR A 96 -33.60 26.99 0.15
CA TYR A 96 -32.53 26.67 -0.76
C TYR A 96 -32.89 25.46 -1.63
N ASN A 97 -32.49 25.52 -2.89
CA ASN A 97 -32.68 24.42 -3.84
C ASN A 97 -31.38 23.94 -4.45
N LEU A 98 -30.22 24.38 -3.92
CA LEU A 98 -28.93 24.13 -4.53
C LEU A 98 -27.90 23.78 -3.47
N LEU A 99 -27.05 22.82 -3.79
CA LEU A 99 -25.91 22.47 -2.96
C LEU A 99 -24.69 22.29 -3.85
N ARG A 100 -23.63 23.03 -3.57
CA ARG A 100 -22.32 22.78 -4.16
C ARG A 100 -21.65 21.75 -3.26
N TYR A 101 -21.55 20.51 -3.74
CA TYR A 101 -21.07 19.41 -2.90
C TYR A 101 -19.55 19.34 -2.94
N VAL A 102 -18.94 19.37 -1.76
CA VAL A 102 -17.49 19.50 -1.62
C VAL A 102 -16.87 18.12 -1.42
N PHE A 103 -15.85 17.81 -2.20
CA PHE A 103 -15.08 16.58 -2.01
C PHE A 103 -13.65 16.87 -2.45
N THR A 104 -12.70 16.17 -1.84
CA THR A 104 -11.29 16.37 -2.13
C THR A 104 -10.67 15.17 -2.83
N TRP A 105 -9.64 15.45 -3.63
CA TRP A 105 -8.79 14.41 -4.20
C TRP A 105 -8.26 13.48 -3.12
N GLU A 106 -7.85 14.03 -1.97
CA GLU A 106 -7.33 13.21 -0.90
C GLU A 106 -8.34 12.16 -0.48
N SER A 107 -9.59 12.57 -0.25
CA SER A 107 -10.59 11.65 0.25
C SER A 107 -10.87 10.51 -0.73
N LEU A 108 -10.47 10.65 -1.99
CA LEU A 108 -10.68 9.62 -2.99
C LEU A 108 -9.48 8.70 -3.18
N GLU A 109 -8.25 9.21 -3.01
CA GLU A 109 -7.05 8.50 -3.45
C GLU A 109 -5.92 8.62 -2.42
N HIS A 110 -6.27 8.58 -1.13
CA HIS A 110 -5.27 8.77 -0.08
C HIS A 110 -4.39 7.52 0.09
N ALA A 111 -4.95 6.33 -0.06
CA ALA A 111 -4.18 5.11 0.15
C ALA A 111 -2.96 5.07 -0.77
N GLY A 112 -3.10 5.56 -1.99
CA GLY A 112 -2.01 5.59 -2.94
C GLY A 112 -2.50 5.80 -4.35
N PRO A 113 -1.58 5.99 -5.28
CA PRO A 113 -1.98 6.12 -6.69
C PRO A 113 -2.87 4.95 -7.12
N LYS A 114 -4.03 5.29 -7.67
CA LYS A 114 -5.00 4.35 -8.23
C LYS A 114 -5.61 3.43 -7.18
N GLU A 115 -5.39 3.69 -5.90
CA GLU A 115 -6.01 2.92 -4.82
C GLU A 115 -7.14 3.80 -4.24
N TYR A 116 -8.32 3.69 -4.83
CA TYR A 116 -9.41 4.61 -4.54
C TYR A 116 -10.26 4.15 -3.37
N ASP A 117 -10.69 5.13 -2.57
CA ASP A 117 -11.55 4.85 -1.40
C ASP A 117 -13.00 4.72 -1.88
N TYR A 118 -13.31 3.51 -2.36
CA TYR A 118 -14.64 3.26 -2.92
C TYR A 118 -15.72 3.31 -1.85
N ALA A 119 -15.38 2.97 -0.62
CA ALA A 119 -16.35 3.10 0.48
C ALA A 119 -16.78 4.56 0.64
N TYR A 120 -15.83 5.50 0.51
CA TYR A 120 -16.19 6.91 0.67
C TYR A 120 -17.00 7.44 -0.51
N MET A 121 -16.78 6.90 -1.72
CA MET A 121 -17.60 7.30 -2.85
C MET A 121 -19.02 6.75 -2.74
N ASP A 122 -19.15 5.56 -2.16
CA ASP A 122 -20.48 5.04 -1.84
C ASP A 122 -21.16 5.92 -0.80
N TYR A 123 -20.39 6.40 0.18
CA TYR A 123 -20.92 7.35 1.15
C TYR A 123 -21.39 8.62 0.45
N ILE A 124 -20.62 9.12 -0.51
CA ILE A 124 -21.02 10.29 -1.27
C ILE A 124 -22.32 10.01 -2.00
N ILE A 125 -22.44 8.83 -2.60
CA ILE A 125 -23.68 8.43 -3.25
C ILE A 125 -24.82 8.41 -2.24
N ALA A 126 -24.56 7.84 -1.06
CA ALA A 126 -25.61 7.79 -0.03
C ALA A 126 -26.04 9.19 0.39
N VAL A 127 -25.09 10.14 0.45
CA VAL A 127 -25.47 11.50 0.80
C VAL A 127 -26.22 12.16 -0.35
N LEU A 128 -25.74 11.98 -1.58
CA LEU A 128 -26.39 12.61 -2.72
C LEU A 128 -27.83 12.13 -2.89
N ARG A 129 -28.12 10.89 -2.48
CA ARG A 129 -29.49 10.39 -2.59
C ARG A 129 -30.41 11.07 -1.60
N LYS A 130 -29.95 11.26 -0.35
CA LYS A 130 -30.72 12.06 0.59
C LYS A 130 -30.96 13.45 0.05
N CYS A 131 -29.95 14.06 -0.59
CA CYS A 131 -30.10 15.37 -1.18
C CYS A 131 -31.17 15.35 -2.27
N LYS A 132 -31.17 14.31 -3.10
CA LYS A 132 -32.20 14.15 -4.12
C LYS A 132 -33.58 14.01 -3.49
N GLU A 133 -33.66 13.19 -2.44
CA GLU A 133 -34.93 12.97 -1.76
C GLU A 133 -35.44 14.25 -1.12
N TRP A 134 -34.55 15.18 -0.78
CA TRP A 134 -34.95 16.47 -0.22
C TRP A 134 -35.10 17.54 -1.28
N GLY A 135 -34.97 17.17 -2.56
CA GLY A 135 -35.32 18.09 -3.64
C GLY A 135 -34.24 19.07 -4.03
N PHE A 136 -32.98 18.79 -3.70
CA PHE A 136 -31.90 19.69 -4.03
C PHE A 136 -31.31 19.36 -5.40
N ARG A 137 -30.99 20.40 -6.16
CA ARG A 137 -30.09 20.25 -7.29
C ARG A 137 -28.66 20.38 -6.77
N VAL A 138 -27.76 19.57 -7.33
CA VAL A 138 -26.38 19.52 -6.88
C VAL A 138 -25.43 19.64 -8.06
N PHE A 139 -24.30 20.31 -7.86
CA PHE A 139 -23.15 20.18 -8.75
C PHE A 139 -21.92 19.95 -7.87
N MET A 140 -20.96 19.22 -8.43
CA MET A 140 -19.88 18.62 -7.67
C MET A 140 -18.62 19.48 -7.72
N ASP A 141 -18.01 19.67 -6.55
CA ASP A 141 -16.86 20.56 -6.42
C ASP A 141 -15.61 19.74 -6.10
N PRO A 142 -14.73 19.48 -7.07
CA PRO A 142 -13.42 18.93 -6.73
C PRO A 142 -12.59 20.01 -6.05
N HIS A 143 -12.43 19.92 -4.73
CA HIS A 143 -12.01 21.06 -3.93
C HIS A 143 -10.55 20.91 -3.47
N GLN A 144 -9.85 22.03 -3.47
CA GLN A 144 -8.51 22.13 -2.91
C GLN A 144 -8.29 23.56 -2.44
N ASP A 145 -7.29 23.72 -1.56
CA ASP A 145 -6.81 25.02 -1.13
C ASP A 145 -5.29 24.93 -1.01
N VAL A 146 -4.59 25.88 -1.61
CA VAL A 146 -3.12 25.88 -1.67
C VAL A 146 -2.62 24.46 -1.81
N TRP A 147 -3.18 23.75 -2.80
CA TRP A 147 -2.81 22.41 -3.21
C TRP A 147 -3.27 21.29 -2.28
N SER A 148 -2.98 21.40 -0.98
CA SER A 148 -3.33 20.31 -0.08
C SER A 148 -3.31 20.79 1.37
N ARG A 149 -3.92 19.97 2.23
CA ARG A 149 -3.80 20.18 3.66
C ARG A 149 -2.34 20.26 4.09
N PHE A 150 -1.49 19.43 3.50
CA PHE A 150 -0.09 19.33 3.88
C PHE A 150 0.73 20.50 3.39
N THR A 151 0.17 21.33 2.51
CA THR A 151 0.77 22.59 2.11
C THR A 151 -0.04 23.79 2.60
N GLY A 152 -0.91 23.59 3.57
CA GLY A 152 -1.58 24.66 4.27
C GLY A 152 -3.07 24.80 4.03
N GLY A 153 -3.70 23.86 3.33
CA GLY A 153 -5.09 24.06 2.97
C GLY A 153 -5.92 22.79 2.85
N SER A 154 -6.18 22.37 1.62
CA SER A 154 -7.00 21.19 1.40
C SER A 154 -6.79 20.70 -0.03
N GLY A 155 -7.14 19.43 -0.26
CA GLY A 155 -7.16 18.92 -1.62
C GLY A 155 -6.44 17.62 -1.85
N ALA A 156 -5.17 17.69 -2.24
CA ALA A 156 -4.47 16.56 -2.82
C ALA A 156 -3.89 15.65 -1.74
N PRO A 157 -3.76 14.35 -2.04
CA PRO A 157 -3.20 13.43 -1.06
C PRO A 157 -1.72 13.68 -0.81
N LEU A 158 -1.28 13.26 0.38
CA LEU A 158 0.09 13.54 0.81
C LEU A 158 1.11 13.03 -0.20
N TRP A 159 0.86 11.88 -0.82
CA TRP A 159 1.89 11.31 -1.68
C TRP A 159 2.22 12.17 -2.88
N THR A 160 1.37 13.15 -3.21
CA THR A 160 1.71 14.04 -4.32
C THR A 160 2.89 14.94 -3.98
N LEU A 161 3.11 15.22 -2.70
CA LEU A 161 4.26 16.03 -2.33
C LEU A 161 5.56 15.26 -2.55
N TYR A 162 5.61 14.01 -2.07
CA TYR A 162 6.75 13.15 -2.37
C TYR A 162 6.93 12.99 -3.87
N ALA A 163 5.84 12.87 -4.61
CA ALA A 163 5.94 12.79 -6.07
C ALA A 163 6.63 14.02 -6.65
N CYS A 164 6.49 15.17 -6.00
CA CYS A 164 7.12 16.40 -6.47
C CYS A 164 8.51 16.62 -5.88
N GLY A 165 9.05 15.62 -5.18
CA GLY A 165 10.39 15.73 -4.67
C GLY A 165 10.54 16.58 -3.43
N ILE A 166 9.45 16.79 -2.69
CA ILE A 166 9.42 17.67 -1.54
C ILE A 166 9.31 16.83 -0.28
N ASP A 167 10.13 17.16 0.71
CA ASP A 167 10.04 16.54 2.03
C ASP A 167 9.02 17.32 2.85
N PRO A 168 7.85 16.75 3.16
CA PRO A 168 6.83 17.54 3.85
C PRO A 168 7.28 18.11 5.17
N TYR A 169 8.20 17.44 5.86
CA TYR A 169 8.59 17.84 7.21
C TYR A 169 9.59 18.99 7.23
N HIS A 170 9.97 19.53 6.08
CA HIS A 170 10.87 20.68 6.00
C HIS A 170 10.16 21.92 5.49
N LEU A 171 8.84 21.87 5.30
CA LEU A 171 8.12 23.02 4.75
C LEU A 171 8.17 24.21 5.69
N THR A 172 8.05 23.96 7.00
CA THR A 172 7.98 25.06 7.96
C THR A 172 9.32 25.76 8.10
N ALA A 173 10.39 24.99 8.33
CA ALA A 173 11.71 25.61 8.51
C ALA A 173 12.12 26.39 7.28
N THR A 174 11.64 26.00 6.11
CA THR A 174 11.96 26.70 4.87
C THR A 174 11.04 27.88 4.61
N ALA A 175 9.90 27.96 5.31
CA ALA A 175 8.85 28.92 4.98
C ALA A 175 8.29 28.67 3.58
N ALA A 176 8.40 27.44 3.09
CA ALA A 176 7.79 27.07 1.81
C ALA A 176 6.28 26.88 1.93
N ALA A 177 5.78 26.66 3.14
CA ALA A 177 4.35 26.66 3.40
C ALA A 177 4.14 26.96 4.88
N TYR A 178 3.05 27.63 5.19
CA TYR A 178 2.68 27.94 6.56
C TYR A 178 1.51 27.04 6.94
N LEU A 179 1.74 26.14 7.89
CA LEU A 179 0.73 25.21 8.34
C LEU A 179 0.16 25.68 9.67
N HIS A 180 -1.17 25.77 9.73
CA HIS A 180 -1.84 26.07 11.00
C HIS A 180 -1.36 25.14 12.11
N CYS A 181 -1.22 23.85 11.80
CA CYS A 181 -0.79 22.87 12.79
C CYS A 181 0.61 23.16 13.32
N GLU A 182 1.43 23.89 12.57
CA GLU A 182 2.82 24.13 12.91
C GLU A 182 3.15 25.62 12.97
N TRP A 183 2.20 26.43 13.42
CA TRP A 183 2.43 27.86 13.56
C TRP A 183 2.62 28.21 15.02
N PRO A 184 3.66 28.96 15.41
CA PRO A 184 4.73 29.50 14.54
C PRO A 184 5.86 28.50 14.28
N SER A 185 5.85 27.39 15.02
CA SER A 185 6.85 26.35 14.83
C SER A 185 6.17 25.00 15.02
N ALA A 186 6.81 23.95 14.50
CA ALA A 186 6.35 22.60 14.76
C ALA A 186 6.65 22.16 16.18
N GLU A 187 7.61 22.81 16.84
CA GLU A 187 8.02 22.40 18.18
C GLU A 187 7.12 22.98 19.25
N SER A 188 6.75 24.26 19.12
CA SER A 188 5.88 24.94 20.08
C SER A 188 4.77 25.66 19.32
N PRO A 189 3.87 24.91 18.69
CA PRO A 189 2.79 25.54 17.93
C PRO A 189 1.79 26.22 18.85
N LYS A 190 1.22 27.32 18.34
CA LYS A 190 0.16 28.07 19.01
C LYS A 190 -0.89 28.36 17.97
N PRO A 191 -1.68 27.36 17.59
CA PRO A 191 -2.63 27.54 16.48
C PRO A 191 -3.51 28.78 16.60
N GLN A 192 -3.87 29.19 17.81
CA GLN A 192 -4.78 30.32 17.96
C GLN A 192 -4.14 31.63 17.52
N ASP A 193 -2.81 31.72 17.49
CA ASP A 193 -2.15 32.93 17.04
C ASP A 193 -2.00 32.98 15.52
N PHE A 194 -2.48 31.98 14.82
CA PHE A 194 -2.38 31.93 13.35
C PHE A 194 -2.99 33.19 12.76
N PRO A 195 -2.21 34.03 12.07
CA PRO A 195 -2.75 35.31 11.60
C PRO A 195 -3.95 35.12 10.69
N ALA A 196 -4.81 36.14 10.68
CA ALA A 196 -6.08 36.05 9.98
C ALA A 196 -5.87 35.99 8.48
N MET A 197 -6.44 34.95 7.85
CA MET A 197 -6.44 34.77 6.41
CA MET A 197 -6.44 34.79 6.41
C MET A 197 -5.04 34.80 5.83
N ILE A 198 -4.04 34.36 6.60
CA ILE A 198 -2.71 34.25 6.04
C ILE A 198 -2.56 32.98 5.18
N TRP A 199 -3.40 31.97 5.40
CA TRP A 199 -3.24 30.71 4.68
C TRP A 199 -3.22 30.91 3.17
N GLY A 200 -3.96 31.89 2.67
CA GLY A 200 -4.00 32.14 1.25
C GLY A 200 -2.65 32.50 0.66
N THR A 201 -1.80 33.16 1.45
CA THR A 201 -0.47 33.52 0.94
C THR A 201 0.39 32.29 0.64
N ASN A 202 -0.03 31.09 1.07
CA ASN A 202 0.73 29.90 0.70
C ASN A 202 0.85 29.76 -0.82
N TYR A 203 -0.08 30.33 -1.57
CA TYR A 203 0.02 30.31 -3.03
C TYR A 203 1.28 31.01 -3.53
N THR A 204 1.88 31.90 -2.73
CA THR A 204 3.06 32.66 -3.11
C THR A 204 4.27 32.29 -2.27
N HIS A 205 4.29 31.06 -1.75
CA HIS A 205 5.44 30.48 -1.07
C HIS A 205 5.91 29.25 -1.86
N LEU A 206 7.12 28.81 -1.54
CA LEU A 206 7.87 27.97 -2.48
C LEU A 206 7.14 26.68 -2.84
N ALA A 207 6.51 26.02 -1.86
CA ALA A 207 5.91 24.71 -2.14
C ALA A 207 4.81 24.81 -3.20
N ASN A 208 3.87 25.74 -3.01
CA ASN A 208 2.81 25.93 -4.00
C ASN A 208 3.38 26.49 -5.29
N GLN A 209 4.35 27.40 -5.19
CA GLN A 209 4.97 27.96 -6.39
C GLN A 209 5.58 26.88 -7.25
N THR A 210 6.16 25.86 -6.62
CA THR A 210 6.71 24.74 -7.36
C THR A 210 5.61 23.81 -7.87
N ILE A 211 4.75 23.34 -6.97
CA ILE A 211 3.84 22.25 -7.32
C ILE A 211 2.88 22.68 -8.42
N TRP A 212 2.35 23.90 -8.33
CA TRP A 212 1.39 24.36 -9.33
C TRP A 212 2.08 24.57 -10.69
N THR A 213 3.34 25.00 -10.69
CA THR A 213 4.09 25.07 -11.94
C THR A 213 4.21 23.67 -12.55
N PHE A 214 4.52 22.67 -11.73
CA PHE A 214 4.54 21.29 -12.22
C PHE A 214 3.18 20.91 -12.79
N PHE A 215 2.11 21.12 -12.01
CA PHE A 215 0.80 20.61 -12.37
C PHE A 215 0.34 21.12 -13.73
N PHE A 216 0.45 22.43 -13.96
CA PHE A 216 -0.10 23.01 -15.17
C PHE A 216 0.91 23.12 -16.30
N ALA A 217 2.20 22.99 -16.01
CA ALA A 217 3.21 23.33 -17.01
C ALA A 217 4.54 22.62 -16.76
N GLY A 218 4.49 21.44 -16.15
CA GLY A 218 5.72 20.71 -15.91
C GLY A 218 6.52 20.44 -17.18
N LYS A 219 5.81 20.14 -18.28
CA LYS A 219 6.49 19.83 -19.53
C LYS A 219 7.23 21.04 -20.09
N THR A 220 6.84 22.26 -19.70
CA THR A 220 7.42 23.47 -20.25
C THR A 220 8.58 23.98 -19.41
N TYR A 221 8.40 24.07 -18.10
CA TYR A 221 9.40 24.67 -17.22
C TYR A 221 10.16 23.67 -16.37
N ALA A 222 9.75 22.41 -16.36
CA ALA A 222 10.47 21.39 -15.60
C ALA A 222 10.57 20.11 -16.43
N PRO A 223 11.09 20.19 -17.66
CA PRO A 223 11.07 19.00 -18.54
C PRO A 223 11.85 17.81 -18.03
N LYS A 224 12.73 17.97 -17.05
CA LYS A 224 13.51 16.87 -16.52
C LYS A 224 12.84 16.20 -15.32
N CYS A 225 11.60 16.57 -15.01
CA CYS A 225 10.89 15.98 -13.89
C CYS A 225 10.01 14.85 -14.44
N ILE A 226 10.68 13.74 -14.73
CA ILE A 226 10.04 12.55 -15.31
C ILE A 226 9.71 11.60 -14.17
N ILE A 227 8.48 11.07 -14.18
CA ILE A 227 8.00 10.16 -13.15
C ILE A 227 7.12 9.13 -13.85
N ASP A 228 7.44 7.85 -13.67
CA ASP A 228 6.74 6.76 -14.36
C ASP A 228 6.69 6.99 -15.86
N GLY A 229 7.82 7.46 -16.41
CA GLY A 229 7.90 7.68 -17.84
C GLY A 229 7.15 8.89 -18.35
N LYS A 230 6.53 9.67 -17.46
CA LYS A 230 5.80 10.87 -17.84
C LYS A 230 6.38 12.07 -17.10
N ASN A 231 6.23 13.25 -17.70
CA ASN A 231 6.49 14.48 -16.98
C ASN A 231 5.56 14.56 -15.78
N ILE A 232 6.02 15.25 -14.73
CA ILE A 232 5.21 15.38 -13.52
C ILE A 232 3.87 16.03 -13.84
N GLN A 233 3.83 16.86 -14.88
CA GLN A 233 2.56 17.49 -15.29
C GLN A 233 1.50 16.43 -15.57
N ASP A 234 1.81 15.50 -16.49
CA ASP A 234 0.85 14.46 -16.83
C ASP A 234 0.60 13.55 -15.64
N PHE A 235 1.64 13.21 -14.89
CA PHE A 235 1.46 12.36 -13.73
C PHE A 235 0.42 12.93 -12.78
N LEU A 236 0.53 14.23 -12.48
CA LEU A 236 -0.39 14.85 -11.52
C LEU A 236 -1.76 15.08 -12.14
N GLN A 237 -1.83 15.54 -13.39
CA GLN A 237 -3.12 15.84 -14.00
C GLN A 237 -3.91 14.56 -14.28
N ASP A 238 -3.23 13.54 -14.83
CA ASP A 238 -3.89 12.27 -15.04
C ASP A 238 -4.47 11.71 -13.75
N HIS A 239 -3.67 11.76 -12.67
CA HIS A 239 -4.12 11.16 -11.43
C HIS A 239 -5.26 11.94 -10.80
N PHE A 240 -5.23 13.27 -10.90
CA PHE A 240 -6.34 14.06 -10.40
C PHE A 240 -7.59 13.85 -11.25
N ILE A 241 -7.44 13.86 -12.57
CA ILE A 241 -8.60 13.68 -13.44
C ILE A 241 -9.15 12.26 -13.32
N ASP A 242 -8.27 11.26 -13.32
CA ASP A 242 -8.73 9.89 -13.16
C ASP A 242 -9.54 9.73 -11.88
N ALA A 243 -9.11 10.38 -10.79
CA ALA A 243 -9.79 10.23 -9.52
C ALA A 243 -11.22 10.78 -9.60
N VAL A 244 -11.36 12.01 -10.07
CA VAL A 244 -12.69 12.59 -10.19
C VAL A 244 -13.54 11.80 -11.16
N GLY A 245 -12.94 11.40 -12.29
CA GLY A 245 -13.68 10.56 -13.22
C GLY A 245 -14.11 9.25 -12.59
N GLU A 246 -13.27 8.69 -11.71
CA GLU A 246 -13.63 7.46 -11.02
C GLU A 246 -14.86 7.63 -10.17
N LEU A 247 -15.05 8.83 -9.59
CA LEU A 247 -16.24 9.08 -8.78
C LEU A 247 -17.46 9.28 -9.68
N ALA A 248 -17.30 10.01 -10.78
CA ALA A 248 -18.41 10.19 -11.71
C ALA A 248 -18.85 8.85 -12.29
N LYS A 249 -17.90 8.02 -12.70
CA LYS A 249 -18.23 6.71 -13.24
C LYS A 249 -19.02 5.88 -12.23
N ARG A 250 -18.54 5.84 -10.99
CA ARG A 250 -19.26 5.13 -9.94
C ARG A 250 -20.70 5.61 -9.85
N ILE A 251 -20.90 6.93 -9.80
CA ILE A 251 -22.24 7.47 -9.72
C ILE A 251 -23.04 7.08 -10.96
N ALA A 252 -22.39 7.09 -12.12
CA ALA A 252 -23.07 6.73 -13.35
C ALA A 252 -23.45 5.26 -13.36
N GLU A 253 -22.57 4.40 -12.83
CA GLU A 253 -22.80 2.96 -12.89
C GLU A 253 -23.61 2.43 -11.71
N GLU A 254 -23.54 3.07 -10.54
CA GLU A 254 -24.18 2.57 -9.35
C GLU A 254 -25.40 3.37 -8.92
N ALA A 255 -25.56 4.59 -9.44
CA ALA A 255 -26.64 5.47 -9.00
C ALA A 255 -26.96 6.45 -10.12
N GLY A 256 -27.18 5.92 -11.32
CA GLY A 256 -27.45 6.76 -12.47
C GLY A 256 -28.71 7.59 -12.33
N ASP A 257 -29.62 7.20 -11.44
CA ASP A 257 -30.82 8.01 -11.22
C ASP A 257 -30.48 9.38 -10.68
N LEU A 258 -29.30 9.55 -10.07
CA LEU A 258 -28.90 10.84 -9.55
C LEU A 258 -28.58 11.82 -10.67
N LEU A 259 -28.10 11.34 -11.82
CA LEU A 259 -27.59 12.23 -12.85
C LEU A 259 -28.72 13.07 -13.45
N ASP A 260 -28.48 14.37 -13.58
CA ASP A 260 -29.38 15.31 -14.25
C ASP A 260 -30.58 15.66 -13.40
N GLU A 261 -31.17 14.66 -12.74
CA GLU A 261 -32.32 14.95 -11.88
C GLU A 261 -31.87 15.67 -10.61
N CYS A 262 -30.70 15.31 -10.09
CA CYS A 262 -30.17 15.91 -8.88
C CYS A 262 -28.76 16.46 -9.13
N VAL A 263 -27.85 15.59 -9.57
CA VAL A 263 -26.49 15.99 -9.88
C VAL A 263 -26.49 16.56 -11.30
N ILE A 264 -26.50 17.89 -11.43
CA ILE A 264 -26.69 18.49 -12.74
C ILE A 264 -25.38 18.76 -13.48
N GLY A 265 -24.25 18.77 -12.77
CA GLY A 265 -23.00 19.03 -13.44
C GLY A 265 -21.85 19.01 -12.48
N TRP A 266 -20.68 19.34 -13.00
CA TRP A 266 -19.44 19.26 -12.25
C TRP A 266 -18.69 20.58 -12.39
N ASP A 267 -18.16 21.07 -11.27
CA ASP A 267 -17.29 22.23 -11.28
C ASP A 267 -15.89 21.81 -11.70
N SER A 268 -15.14 22.76 -12.24
CA SER A 268 -13.73 22.53 -12.51
C SER A 268 -12.94 22.60 -11.20
N ILE A 269 -11.66 22.26 -11.28
CA ILE A 269 -10.81 22.25 -10.09
C ILE A 269 -10.90 23.61 -9.39
N ASN A 270 -11.00 23.57 -8.07
CA ASN A 270 -11.32 24.76 -7.28
C ASN A 270 -10.11 25.69 -7.16
N GLU A 271 -10.35 26.98 -7.41
CA GLU A 271 -9.35 28.05 -7.26
C GLU A 271 -7.94 27.56 -7.55
N PRO A 272 -7.65 27.17 -8.79
CA PRO A 272 -6.33 26.59 -9.08
C PRO A 272 -5.22 27.60 -8.90
N GLY A 273 -4.11 27.14 -8.33
CA GLY A 273 -2.95 27.99 -8.19
C GLY A 273 -2.19 28.15 -9.50
N GLU A 274 -1.54 29.30 -9.65
CA GLU A 274 -0.80 29.62 -10.86
C GLU A 274 0.68 29.31 -10.73
N GLY A 275 1.16 28.98 -9.53
CA GLY A 275 2.57 28.72 -9.35
C GLY A 275 3.40 29.95 -9.69
N LEU A 276 4.48 29.73 -10.43
CA LEU A 276 5.35 30.79 -10.92
C LEU A 276 5.05 31.12 -12.38
N ILE A 277 4.01 30.53 -12.96
CA ILE A 277 3.71 30.76 -14.36
C ILE A 277 3.35 32.23 -14.55
N GLY A 278 3.98 32.86 -15.54
CA GLY A 278 3.74 34.25 -15.83
C GLY A 278 4.58 35.23 -15.04
N CYS A 279 5.34 34.77 -14.05
CA CYS A 279 6.20 35.67 -13.28
C CYS A 279 7.11 36.44 -14.22
N LYS A 280 7.01 37.76 -14.18
CA LYS A 280 7.82 38.59 -15.07
C LYS A 280 9.23 38.80 -14.54
N ASP A 281 9.41 38.73 -13.22
CA ASP A 281 10.71 38.95 -12.61
C ASP A 281 10.73 38.17 -11.30
N LEU A 282 11.54 37.12 -11.23
CA LEU A 282 11.62 36.31 -10.02
C LEU A 282 12.28 37.05 -8.87
N ALA A 283 12.80 38.24 -9.09
CA ALA A 283 13.50 38.98 -8.05
C ALA A 283 12.57 39.87 -7.22
N VAL A 284 11.36 40.14 -7.70
CA VAL A 284 10.43 41.01 -7.00
C VAL A 284 9.07 40.35 -6.88
N ILE A 285 8.26 40.89 -5.98
CA ILE A 285 6.84 40.57 -5.89
C ILE A 285 6.09 41.68 -6.61
N PRO A 286 5.36 41.39 -7.68
CA PRO A 286 4.71 42.48 -8.43
C PRO A 286 3.74 43.26 -7.55
N ALA A 287 3.63 44.55 -7.83
CA ALA A 287 2.62 45.38 -7.17
C ALA A 287 1.22 44.88 -7.46
N GLU A 288 1.03 44.15 -8.58
CA GLU A 288 -0.29 43.66 -8.95
C GLU A 288 -0.70 42.44 -8.12
N GLN A 289 0.24 41.73 -7.52
CA GLN A 289 -0.12 40.66 -6.59
C GLN A 289 -0.94 41.27 -5.46
N GLN A 290 -2.26 41.02 -5.48
CA GLN A 290 -3.15 41.77 -4.59
C GLN A 290 -2.96 41.38 -3.14
N LEU A 291 -2.70 40.10 -2.86
CA LEU A 291 -2.61 39.63 -1.48
C LEU A 291 -1.16 39.46 -1.03
N LYS A 292 -0.77 40.24 -0.03
CA LYS A 292 0.46 40.01 0.72
C LYS A 292 0.13 40.11 2.20
N LYS A 293 0.71 39.25 3.01
CA LYS A 293 0.55 39.36 4.45
C LYS A 293 1.58 38.48 5.16
N GLY A 294 2.17 39.00 6.22
CA GLY A 294 3.20 38.30 6.95
C GLY A 294 4.48 38.21 6.15
N PRO A 295 5.41 37.35 6.60
CA PRO A 295 6.68 37.22 5.87
C PRO A 295 6.43 36.80 4.43
N SER A 296 6.91 37.61 3.50
CA SER A 296 6.63 37.44 2.07
C SER A 296 7.92 37.39 1.27
N PRO A 297 8.56 36.22 1.20
CA PRO A 297 9.75 36.10 0.35
C PRO A 297 9.37 36.26 -1.12
N THR A 298 10.27 36.91 -1.88
CA THR A 298 10.16 36.91 -3.33
C THR A 298 10.43 35.49 -3.84
N PRO A 299 10.08 35.20 -5.09
CA PRO A 299 10.34 33.85 -5.61
C PRO A 299 11.77 33.38 -5.37
N ILE A 300 12.77 34.18 -5.76
CA ILE A 300 14.15 33.74 -5.60
C ILE A 300 14.52 33.66 -4.12
N GLU A 301 14.01 34.59 -3.30
CA GLU A 301 14.25 34.52 -1.87
C GLU A 301 13.70 33.23 -1.28
N GLY A 302 12.50 32.83 -1.71
CA GLY A 302 11.95 31.57 -1.24
C GLY A 302 12.75 30.37 -1.69
N MET A 303 13.34 30.45 -2.88
CA MET A 303 14.16 29.35 -3.38
C MET A 303 15.47 29.25 -2.59
N ARG A 304 16.08 30.40 -2.29
CA ARG A 304 17.26 30.38 -1.43
C ARG A 304 16.94 29.78 -0.07
N LEU A 305 15.79 30.15 0.49
CA LEU A 305 15.35 29.49 1.73
C LEU A 305 15.14 28.00 1.50
N GLY A 306 14.66 27.62 0.32
CA GLY A 306 14.48 26.21 0.02
C GLY A 306 15.77 25.42 0.01
N MET A 307 16.91 26.09 -0.14
CA MET A 307 18.21 25.45 -0.05
C MET A 307 18.85 25.61 1.33
N GLY A 308 18.08 26.07 2.32
CA GLY A 308 18.56 26.24 3.67
C GLY A 308 19.25 27.55 3.96
N GLU A 309 19.35 28.45 2.98
CA GLU A 309 20.05 29.72 3.18
C GLU A 309 19.13 30.74 3.85
N ALA A 310 19.65 31.43 4.85
CA ALA A 310 18.88 32.47 5.52
C ALA A 310 18.61 33.63 4.57
N GLN A 311 17.46 34.28 4.77
CA GLN A 311 17.04 35.38 3.92
C GLN A 311 16.33 36.43 4.77
N ASP A 312 16.65 37.70 4.52
CA ASP A 312 15.94 38.82 5.12
C ASP A 312 14.84 39.25 4.16
N VAL A 313 13.60 38.95 4.53
CA VAL A 313 12.46 39.15 3.64
C VAL A 313 11.59 40.28 4.17
N GLN A 314 10.78 40.83 3.28
CA GLN A 314 9.81 41.86 3.64
C GLN A 314 8.54 41.22 4.20
N ALA A 315 8.07 41.73 5.33
CA ALA A 315 6.79 41.35 5.90
C ALA A 315 5.75 42.40 5.56
N TRP A 316 4.51 41.95 5.37
CA TRP A 316 3.42 42.82 4.95
C TRP A 316 2.30 42.80 5.99
N ASN A 317 1.73 43.98 6.22
CA ASN A 317 0.50 44.13 6.98
C ASN A 317 -0.65 44.40 6.04
N PHE A 318 -1.86 44.14 6.52
CA PHE A 318 -3.08 44.41 5.76
C PHE A 318 -3.79 45.59 6.41
N GLY A 319 -3.76 46.74 5.72
CA GLY A 319 -4.35 47.96 6.23
C GLY A 319 -5.68 48.24 5.58
N PRO A 320 -6.23 49.41 5.85
CA PRO A 320 -7.59 49.71 5.38
C PRO A 320 -7.72 49.70 3.86
N MET A 321 -6.63 49.96 3.14
CA MET A 321 -6.67 50.02 1.70
C MET A 321 -5.93 48.86 1.04
N GLY A 322 -5.56 47.85 1.83
CA GLY A 322 -4.88 46.69 1.30
C GLY A 322 -3.52 46.51 1.92
N PRO A 323 -2.76 45.54 1.41
CA PRO A 323 -1.43 45.29 1.98
C PRO A 323 -0.49 46.47 1.83
N TYR A 324 0.36 46.64 2.85
CA TYR A 324 1.43 47.63 2.80
C TYR A 324 2.62 47.07 3.55
N ARG A 325 3.80 47.59 3.20
CA ARG A 325 5.05 47.07 3.75
C ARG A 325 5.20 47.42 5.22
N GLY A 326 5.43 46.39 6.05
CA GLY A 326 5.78 46.57 7.43
C GLY A 326 7.28 46.54 7.63
N SER A 327 7.74 45.85 8.66
CA SER A 327 9.17 45.71 8.90
C SER A 327 9.72 44.49 8.16
N ARG A 328 11.02 44.50 7.97
CA ARG A 328 11.69 43.35 7.37
C ARG A 328 11.90 42.26 8.41
N GLN A 329 12.02 41.03 7.93
CA GLN A 329 12.10 39.86 8.79
C GLN A 329 13.10 38.87 8.20
N THR A 330 13.84 38.20 9.09
CA THR A 330 14.87 37.25 8.69
C THR A 330 14.37 35.83 8.93
N ILE A 331 14.34 35.02 7.88
CA ILE A 331 13.98 33.62 7.94
C ILE A 331 15.27 32.81 7.80
N ASP A 332 15.58 32.00 8.81
CA ASP A 332 16.80 31.21 8.82
C ASP A 332 16.48 29.73 8.94
N PRO A 333 16.42 29.00 7.83
CA PRO A 333 16.16 27.54 7.91
C PRO A 333 17.30 26.77 8.56
N LYS A 334 18.43 27.41 8.85
CA LYS A 334 19.56 26.76 9.50
C LYS A 334 20.02 25.54 8.71
N GLY A 335 20.06 25.68 7.38
CA GLY A 335 20.54 24.63 6.51
C GLY A 335 19.52 23.60 6.10
N VAL A 336 18.36 23.54 6.77
CA VAL A 336 17.33 22.56 6.39
C VAL A 336 16.85 22.88 4.98
N LYS A 337 16.80 21.86 4.13
CA LYS A 337 16.39 22.01 2.74
C LYS A 337 14.97 21.48 2.56
N LEU A 338 14.26 22.02 1.58
CA LEU A 338 12.90 21.57 1.30
C LEU A 338 12.89 20.25 0.55
N TRP A 339 13.94 20.00 -0.24
CA TRP A 339 13.90 18.97 -1.27
C TRP A 339 14.25 17.60 -0.71
N LEU A 340 13.41 16.63 -1.03
CA LEU A 340 13.63 15.25 -0.58
C LEU A 340 14.98 14.74 -1.06
N SER A 341 15.76 14.17 -0.13
CA SER A 341 17.02 13.56 -0.52
C SER A 341 16.76 12.30 -1.35
N LYS A 342 17.82 11.83 -2.02
CA LYS A 342 17.73 10.56 -2.75
C LYS A 342 17.43 9.42 -1.78
N GLU A 343 18.10 9.41 -0.63
CA GLU A 343 17.84 8.37 0.37
C GLU A 343 16.39 8.37 0.80
N ASP A 344 15.84 9.55 1.11
CA ASP A 344 14.47 9.62 1.59
C ASP A 344 13.46 9.30 0.50
N ASP A 345 13.81 9.54 -0.77
CA ASP A 345 12.92 9.16 -1.85
C ASP A 345 12.76 7.65 -1.94
N VAL A 346 13.82 6.90 -1.60
CA VAL A 346 13.73 5.44 -1.59
C VAL A 346 12.89 4.97 -0.42
N LYS A 347 13.10 5.56 0.76
CA LYS A 347 12.41 5.09 1.95
C LYS A 347 10.97 5.59 2.00
N ARG A 348 10.74 6.86 1.64
CA ARG A 348 9.45 7.52 1.81
C ARG A 348 8.80 7.99 0.53
N GLY A 349 9.53 8.08 -0.57
CA GLY A 349 8.97 8.57 -1.82
C GLY A 349 8.72 7.50 -2.86
N SER A 350 9.47 7.54 -3.95
CA SER A 350 9.26 6.63 -5.07
C SER A 350 9.22 5.17 -4.60
N GLY A 351 10.13 4.80 -3.71
CA GLY A 351 10.19 3.42 -3.26
C GLY A 351 9.05 3.00 -2.36
N LYS A 352 8.36 3.96 -1.76
CA LYS A 352 7.26 3.65 -0.86
C LYS A 352 5.91 3.64 -1.54
N TRP A 353 5.66 4.61 -2.42
CA TRP A 353 4.35 4.76 -3.05
C TRP A 353 4.27 4.08 -4.41
N GLY A 354 5.40 3.75 -5.02
CA GLY A 354 5.40 2.86 -6.16
C GLY A 354 5.47 3.52 -7.51
N TRP A 355 6.42 4.43 -7.69
CA TRP A 355 6.70 4.99 -9.00
C TRP A 355 8.21 5.01 -9.21
N THR A 356 8.61 5.20 -10.46
CA THR A 356 10.00 5.31 -10.85
C THR A 356 10.29 6.75 -11.26
N ARG A 357 11.33 7.33 -10.72
CA ARG A 357 11.71 8.71 -10.99
C ARG A 357 12.85 8.73 -11.99
N GLY A 358 12.78 9.68 -12.92
CA GLY A 358 13.77 9.76 -13.98
C GLY A 358 15.15 10.16 -13.48
N LYS A 359 16.16 9.77 -14.26
CA LYS A 359 17.55 10.00 -13.88
C LYS A 359 17.87 11.49 -13.77
N GLU A 360 17.21 12.33 -14.55
CA GLU A 360 17.53 13.75 -14.58
C GLU A 360 16.75 14.58 -13.56
N TRP A 361 15.91 13.94 -12.75
CA TRP A 361 15.19 14.64 -11.69
C TRP A 361 16.13 14.71 -10.48
N ALA A 362 16.90 15.78 -10.41
CA ALA A 362 17.80 15.96 -9.29
C ALA A 362 17.00 16.06 -8.00
N LEU A 363 17.42 15.31 -6.99
CA LEU A 363 16.79 15.30 -5.68
C LEU A 363 17.70 15.96 -4.65
N GLY A 364 17.11 16.34 -3.52
CA GLY A 364 17.87 16.96 -2.45
C GLY A 364 18.43 18.32 -2.78
N THR A 365 18.14 18.87 -3.96
CA THR A 365 18.58 20.20 -4.36
C THR A 365 17.43 20.87 -5.10
N CYS A 366 17.49 22.20 -5.20
CA CYS A 366 16.39 22.94 -5.78
C CYS A 366 16.22 22.58 -7.25
N ILE A 367 14.98 22.29 -7.64
CA ILE A 367 14.70 21.82 -9.01
C ILE A 367 14.71 22.95 -10.03
N TRP A 368 14.52 24.20 -9.61
CA TRP A 368 14.58 25.32 -10.54
C TRP A 368 16.02 25.70 -10.84
N ALA A 369 16.87 25.73 -9.81
CA ALA A 369 18.31 25.84 -10.05
C ALA A 369 18.78 24.74 -10.99
N HIS A 370 18.33 23.50 -10.75
CA HIS A 370 18.70 22.40 -11.63
C HIS A 370 18.29 22.66 -13.07
N HIS A 371 17.34 23.56 -13.31
CA HIS A 371 16.93 23.93 -14.65
C HIS A 371 17.51 25.26 -15.10
N GLY A 372 18.51 25.77 -14.39
CA GLY A 372 19.21 26.97 -14.83
C GLY A 372 18.55 28.27 -14.46
N VAL A 373 17.58 28.26 -13.55
CA VAL A 373 16.90 29.50 -13.21
C VAL A 373 17.82 30.36 -12.33
N TRP A 374 18.58 29.72 -11.45
CA TRP A 374 19.56 30.41 -10.62
C TRP A 374 20.69 29.45 -10.29
N GLU A 375 21.81 30.01 -9.82
CA GLU A 375 23.01 29.25 -9.52
C GLU A 375 23.17 29.12 -8.02
N ILE A 376 23.36 27.89 -7.55
CA ILE A 376 23.40 27.64 -6.11
C ILE A 376 24.74 28.05 -5.51
N ALA A 377 25.83 27.85 -6.25
CA ALA A 377 27.15 28.19 -5.73
C ALA A 377 27.25 29.67 -5.39
N THR A 378 26.83 30.53 -6.32
CA THR A 378 26.83 31.98 -6.10
C THR A 378 25.51 32.48 -5.50
N SER A 379 24.48 31.61 -5.44
CA SER A 379 23.14 32.01 -4.99
C SER A 379 22.60 33.18 -5.81
N THR A 380 22.96 33.23 -7.09
CA THR A 380 22.62 34.30 -8.00
C THR A 380 21.52 33.83 -8.95
N LEU A 381 20.61 34.75 -9.26
CA LEU A 381 19.52 34.47 -10.18
C LEU A 381 19.99 34.71 -11.61
N LEU A 382 19.83 33.70 -12.46
CA LEU A 382 20.33 33.74 -13.83
C LEU A 382 19.27 34.11 -14.85
N ARG A 383 18.09 33.49 -14.79
CA ARG A 383 17.04 33.68 -15.78
C ARG A 383 15.81 34.24 -15.07
N PRO A 384 15.85 35.53 -14.71
CA PRO A 384 14.74 36.09 -13.92
C PRO A 384 13.39 36.05 -14.61
N ASP A 385 13.36 36.02 -15.93
CA ASP A 385 12.13 35.99 -16.71
C ASP A 385 11.84 34.61 -17.29
N TYR A 386 12.25 33.56 -16.58
CA TYR A 386 12.19 32.20 -17.13
C TYR A 386 10.74 31.73 -17.30
N PHE A 387 9.88 32.03 -16.33
CA PHE A 387 8.47 31.67 -16.42
C PHE A 387 7.64 32.68 -17.20
N SER A 388 8.30 33.71 -17.74
CA SER A 388 7.62 34.77 -18.49
C SER A 388 7.31 34.35 -19.91
N THR A 389 8.12 33.45 -20.46
CA THR A 389 8.00 33.05 -21.86
C THR A 389 8.13 31.53 -21.93
N LEU A 390 8.17 30.99 -23.14
CA LEU A 390 8.42 29.57 -23.35
C LEU A 390 9.91 29.38 -23.61
N PRO A 391 10.62 28.58 -22.82
CA PRO A 391 12.05 28.38 -23.09
C PRO A 391 12.36 28.00 -24.55
N THR A 392 11.40 27.30 -25.18
CA THR A 392 11.46 26.88 -26.59
C THR A 392 11.10 27.97 -27.59
N ASN A 393 10.59 29.10 -27.13
CA ASN A 393 10.18 30.17 -28.01
C ASN A 393 10.05 31.46 -27.20
N PRO A 394 11.18 32.07 -26.81
CA PRO A 394 11.13 33.27 -25.94
C PRO A 394 10.27 34.39 -26.49
N GLY A 395 9.85 34.34 -27.75
CA GLY A 395 8.99 35.36 -28.29
C GLY A 395 7.57 35.30 -27.78
N HIS A 396 7.15 34.15 -27.27
CA HIS A 396 5.79 33.96 -26.78
C HIS A 396 5.74 34.27 -25.29
N GLN A 397 5.03 35.33 -24.92
CA GLN A 397 4.79 35.65 -23.52
C GLN A 397 3.53 34.92 -23.06
N VAL A 398 3.61 34.30 -21.88
CA VAL A 398 2.62 33.31 -21.47
C VAL A 398 1.41 34.00 -20.87
N ASP A 399 0.26 33.38 -21.09
CA ASP A 399 -0.99 33.69 -20.38
C ASP A 399 -1.42 32.41 -19.68
N PHE A 400 -1.37 32.41 -18.35
CA PHE A 400 -1.66 31.19 -17.60
C PHE A 400 -3.03 30.63 -17.97
N VAL A 401 -4.03 31.49 -18.08
CA VAL A 401 -5.38 31.03 -18.36
C VAL A 401 -5.47 30.41 -19.75
N ASP A 402 -4.98 31.13 -20.76
CA ASP A 402 -5.14 30.66 -22.14
C ASP A 402 -4.23 29.48 -22.43
N ASP A 403 -3.00 29.50 -21.89
CA ASP A 403 -1.97 28.58 -22.32
C ASP A 403 -1.85 27.32 -21.47
N PHE A 404 -2.37 27.32 -20.25
CA PHE A 404 -2.14 26.18 -19.38
C PHE A 404 -3.41 25.72 -18.66
N TRP A 405 -4.13 26.63 -18.02
CA TRP A 405 -5.38 26.23 -17.37
C TRP A 405 -6.38 25.69 -18.40
N ALA A 406 -6.55 26.41 -19.52
CA ALA A 406 -7.53 26.00 -20.51
C ALA A 406 -7.25 24.59 -21.00
N LEU A 407 -5.98 24.29 -21.30
CA LEU A 407 -5.64 22.96 -21.77
C LEU A 407 -6.01 21.90 -20.75
N HIS A 408 -5.81 22.21 -19.46
CA HIS A 408 -6.25 21.27 -18.43
C HIS A 408 -7.75 21.08 -18.45
N TRP A 409 -8.50 22.19 -18.52
CA TRP A 409 -9.95 22.09 -18.53
C TRP A 409 -10.45 21.21 -19.67
N LEU A 410 -9.80 21.31 -20.84
CA LEU A 410 -10.21 20.51 -21.98
C LEU A 410 -10.16 19.02 -21.65
N ALA A 411 -9.06 18.57 -21.04
CA ALA A 411 -8.94 17.17 -20.66
C ALA A 411 -9.90 16.82 -19.54
N TYR A 412 -10.11 17.74 -18.59
CA TYR A 412 -10.98 17.47 -17.46
C TYR A 412 -12.43 17.37 -17.90
N SER A 413 -12.89 18.33 -18.70
CA SER A 413 -14.30 18.33 -19.13
C SER A 413 -14.61 17.11 -19.98
N SER A 414 -13.63 16.62 -20.73
CA SER A 414 -13.85 15.43 -21.56
C SER A 414 -14.16 14.22 -20.70
N ARG A 415 -13.39 14.01 -19.64
CA ARG A 415 -13.65 12.90 -18.73
C ARG A 415 -15.04 13.03 -18.10
N ILE A 416 -15.38 14.24 -17.64
CA ILE A 416 -16.69 14.44 -17.01
C ILE A 416 -17.80 14.03 -17.97
N ARG A 417 -17.73 14.49 -19.22
CA ARG A 417 -18.75 14.13 -20.19
C ARG A 417 -18.71 12.64 -20.53
N LEU A 418 -17.55 12.01 -20.38
CA LEU A 418 -17.44 10.59 -20.71
C LEU A 418 -18.31 9.74 -19.80
N HIS A 419 -18.43 10.13 -18.53
CA HIS A 419 -19.19 9.36 -17.57
C HIS A 419 -20.52 10.01 -17.19
N HIS A 420 -20.67 11.32 -17.38
CA HIS A 420 -21.92 12.05 -17.14
C HIS A 420 -22.25 12.76 -18.44
N PRO A 421 -22.92 12.07 -19.37
CA PRO A 421 -23.06 12.63 -20.73
C PRO A 421 -23.79 13.95 -20.81
N GLU A 422 -24.77 14.20 -19.96
CA GLU A 422 -25.55 15.43 -20.01
C GLU A 422 -25.06 16.48 -19.00
N SER A 423 -23.82 16.36 -18.54
CA SER A 423 -23.33 17.21 -17.47
C SER A 423 -23.21 18.66 -17.93
N ILE A 424 -23.65 19.57 -17.08
CA ILE A 424 -23.32 20.99 -17.23
C ILE A 424 -21.88 21.18 -16.80
N HIS A 425 -21.10 21.84 -17.64
CA HIS A 425 -19.75 22.28 -17.26
C HIS A 425 -19.88 23.60 -16.51
N PHE A 426 -19.65 23.56 -15.19
CA PHE A 426 -19.55 24.77 -14.38
C PHE A 426 -18.10 25.21 -14.45
N ILE A 427 -17.86 26.31 -15.16
CA ILE A 427 -16.51 26.74 -15.51
C ILE A 427 -16.02 27.73 -14.48
N GLN A 428 -14.98 27.36 -13.76
CA GLN A 428 -14.37 28.21 -12.73
C GLN A 428 -12.97 28.60 -13.20
N ALA A 429 -12.87 29.78 -13.81
CA ALA A 429 -11.57 30.35 -14.14
C ALA A 429 -10.80 30.64 -12.86
N PRO A 430 -9.48 30.80 -12.95
CA PRO A 430 -8.69 31.13 -11.76
C PRO A 430 -9.19 32.40 -11.09
N VAL A 431 -8.90 32.49 -9.78
CA VAL A 431 -9.41 33.60 -8.97
C VAL A 431 -9.06 34.93 -9.62
N LEU A 432 -10.09 35.76 -9.82
CA LEU A 432 -9.93 37.14 -10.28
C LEU A 432 -9.25 37.21 -11.65
N ARG A 433 -9.41 36.17 -12.46
CA ARG A 433 -9.04 36.19 -13.86
C ARG A 433 -10.30 35.99 -14.69
N GLN A 434 -10.33 36.58 -15.88
CA GLN A 434 -11.41 36.32 -16.81
C GLN A 434 -11.23 34.91 -17.39
N PRO A 435 -12.32 34.22 -17.73
CA PRO A 435 -12.20 32.88 -18.29
C PRO A 435 -11.57 32.95 -19.68
N PRO A 436 -11.07 31.83 -20.19
CA PRO A 436 -10.63 31.79 -21.58
C PRO A 436 -11.79 31.52 -22.53
N LYS A 437 -11.58 31.89 -23.79
CA LYS A 437 -12.44 31.44 -24.86
C LYS A 437 -12.33 29.92 -24.96
N LEU A 438 -13.45 29.22 -24.77
CA LEU A 438 -13.45 27.78 -24.87
C LEU A 438 -14.23 27.34 -26.11
N PRO A 439 -13.86 26.21 -26.72
CA PRO A 439 -14.52 25.82 -27.97
C PRO A 439 -15.88 25.20 -27.71
N GLU A 440 -16.88 25.64 -28.49
CA GLU A 440 -18.19 25.00 -28.43
C GLU A 440 -18.10 23.51 -28.67
N SER A 441 -17.03 23.06 -29.35
CA SER A 441 -16.79 21.63 -29.49
C SER A 441 -16.75 20.93 -28.14
N PHE A 442 -16.39 21.64 -27.08
CA PHE A 442 -16.33 21.08 -25.73
C PHE A 442 -17.47 21.54 -24.84
N LEU A 443 -17.96 22.77 -25.01
CA LEU A 443 -19.08 23.24 -24.19
C LEU A 443 -20.38 22.58 -24.63
N LYS A 444 -20.68 22.62 -25.91
CA LYS A 444 -21.84 21.94 -26.48
C LYS A 444 -23.15 22.46 -25.89
N GLY A 445 -23.20 23.78 -25.70
CA GLY A 445 -24.44 24.42 -25.27
C GLY A 445 -24.96 23.94 -23.94
N ARG A 446 -24.06 23.59 -23.02
CA ARG A 446 -24.44 23.02 -21.73
C ARG A 446 -23.32 23.40 -20.76
N ALA A 447 -23.32 24.65 -20.33
CA ALA A 447 -22.25 25.17 -19.48
C ALA A 447 -22.77 26.34 -18.68
N CYS A 448 -22.04 26.65 -17.61
CA CYS A 448 -22.38 27.75 -16.72
C CYS A 448 -21.09 28.30 -16.12
N SER A 449 -20.99 29.64 -16.07
CA SER A 449 -19.85 30.26 -15.43
C SER A 449 -20.01 30.17 -13.92
N SER A 450 -18.97 29.68 -13.24
CA SER A 450 -19.01 29.45 -11.80
C SER A 450 -17.90 30.22 -11.09
N PRO A 451 -17.88 31.54 -11.24
CA PRO A 451 -16.91 32.34 -10.49
C PRO A 451 -17.25 32.42 -9.01
N HIS A 452 -16.25 32.74 -8.22
CA HIS A 452 -16.42 33.05 -6.81
C HIS A 452 -16.31 34.56 -6.59
N PHE A 453 -16.91 35.03 -5.51
CA PHE A 453 -16.76 36.42 -5.12
C PHE A 453 -16.88 36.53 -3.61
N TYR A 454 -15.95 37.29 -3.01
CA TYR A 454 -16.02 37.63 -1.60
C TYR A 454 -15.86 39.13 -1.44
N ASP A 455 -16.52 39.68 -0.42
CA ASP A 455 -16.24 41.04 0.02
C ASP A 455 -14.85 41.03 0.64
N GLY A 456 -13.83 41.30 -0.17
CA GLY A 456 -12.46 41.03 0.25
C GLY A 456 -12.01 41.81 1.47
N LEU A 457 -12.42 43.08 1.58
CA LEU A 457 -12.04 43.86 2.74
C LEU A 457 -12.63 43.27 4.00
N THR A 458 -13.92 42.92 3.96
CA THR A 458 -14.58 42.34 5.13
C THR A 458 -13.93 41.01 5.52
N LEU A 459 -13.52 40.22 4.53
CA LEU A 459 -13.00 38.90 4.82
C LEU A 459 -11.61 38.96 5.45
N MET A 460 -10.75 39.87 4.99
CA MET A 460 -9.40 39.93 5.53
C MET A 460 -9.37 40.59 6.90
N THR A 461 -10.16 41.64 7.10
CA THR A 461 -10.14 42.40 8.34
C THR A 461 -11.11 41.86 9.37
N LYS A 462 -11.95 40.89 9.00
CA LYS A 462 -12.96 40.35 9.91
C LYS A 462 -13.68 41.47 10.63
N HIS A 463 -14.16 42.42 9.83
CA HIS A 463 -14.83 43.64 10.31
C HIS A 463 -15.73 44.12 9.19
N TRP A 464 -16.92 44.60 9.55
CA TRP A 464 -17.78 45.31 8.63
C TRP A 464 -17.42 46.79 8.73
N ASN A 465 -16.72 47.30 7.73
CA ASN A 465 -16.17 48.64 7.78
C ASN A 465 -17.19 49.66 7.26
N TRP A 466 -17.09 50.89 7.80
CA TRP A 466 -17.87 52.01 7.29
C TRP A 466 -17.44 52.44 5.90
N PHE A 467 -16.31 51.94 5.43
CA PHE A 467 -15.80 52.17 4.08
C PHE A 467 -15.54 50.82 3.41
N ASN A 468 -15.34 50.85 2.10
CA ASN A 468 -14.95 49.68 1.34
C ASN A 468 -14.37 50.14 0.01
N ALA A 469 -13.84 49.20 -0.76
CA ALA A 469 -13.16 49.53 -2.00
C ALA A 469 -13.48 48.52 -3.08
N ASP A 470 -13.44 48.98 -4.33
CA ASP A 470 -13.82 48.18 -5.50
C ASP A 470 -12.63 47.31 -5.92
N ALA A 471 -12.61 46.08 -5.38
CA ALA A 471 -11.49 45.18 -5.65
C ALA A 471 -11.31 44.96 -7.14
N ILE A 472 -12.40 44.66 -7.85
CA ILE A 472 -12.28 44.29 -9.26
C ILE A 472 -11.85 45.50 -10.10
N GLY A 473 -12.36 46.67 -9.76
CA GLY A 473 -11.91 47.88 -10.46
C GLY A 473 -10.42 48.13 -10.29
N VAL A 474 -9.90 47.90 -9.08
CA VAL A 474 -8.47 48.06 -8.84
C VAL A 474 -7.68 47.09 -9.71
N ILE A 475 -8.09 45.82 -9.72
CA ILE A 475 -7.37 44.81 -10.50
C ILE A 475 -7.33 45.20 -11.97
N ARG A 476 -8.42 45.74 -12.50
CA ARG A 476 -8.51 46.17 -13.88
C ARG A 476 -8.06 47.62 -14.07
N LYS A 477 -7.33 48.17 -13.10
CA LYS A 477 -6.67 49.47 -13.24
C LYS A 477 -7.66 50.57 -13.62
N LYS A 478 -8.90 50.44 -13.16
CA LYS A 478 -9.92 51.42 -13.52
C LYS A 478 -9.62 52.80 -12.96
N TYR A 479 -8.95 52.87 -11.81
CA TYR A 479 -8.81 54.11 -11.08
C TYR A 479 -7.39 54.65 -11.16
N TRP A 480 -7.29 55.98 -11.25
CA TRP A 480 -5.98 56.63 -11.21
C TRP A 480 -5.23 56.28 -9.94
N SER A 481 -5.94 56.24 -8.82
CA SER A 481 -5.36 55.89 -7.53
C SER A 481 -6.32 54.98 -6.78
N ILE A 482 -5.78 54.20 -5.85
CA ILE A 482 -6.60 53.29 -5.08
C ILE A 482 -7.55 54.03 -4.17
N VAL A 483 -7.32 55.31 -3.90
CA VAL A 483 -8.22 56.06 -3.04
C VAL A 483 -9.52 56.36 -3.76
N GLN A 484 -9.47 56.51 -5.09
CA GLN A 484 -10.69 56.72 -5.86
C GLN A 484 -11.54 55.45 -5.97
N ALA A 485 -11.03 54.32 -5.49
CA ALA A 485 -11.80 53.08 -5.47
C ALA A 485 -12.62 52.93 -4.20
N VAL A 486 -12.56 53.91 -3.29
CA VAL A 486 -13.20 53.79 -1.98
C VAL A 486 -14.60 54.38 -2.03
N ARG A 487 -15.51 53.76 -1.28
CA ARG A 487 -16.86 54.26 -1.10
C ARG A 487 -17.18 54.28 0.38
N ILE A 488 -18.02 55.23 0.79
CA ILE A 488 -18.40 55.42 2.18
C ILE A 488 -19.91 55.27 2.29
N GLY A 489 -20.35 54.66 3.38
CA GLY A 489 -21.78 54.53 3.62
C GLY A 489 -22.36 53.25 3.06
N GLU A 490 -23.40 52.76 3.73
CA GLU A 490 -24.04 51.52 3.33
C GLU A 490 -24.47 51.56 1.87
N GLY A 491 -25.22 52.58 1.49
CA GLY A 491 -25.71 52.73 0.14
C GLY A 491 -24.63 52.59 -0.91
N PRO A 492 -23.69 53.54 -0.91
CA PRO A 492 -22.59 53.46 -1.89
C PRO A 492 -21.83 52.14 -1.84
N ILE A 493 -21.63 51.57 -0.65
CA ILE A 493 -20.90 50.31 -0.55
C ILE A 493 -21.71 49.19 -1.18
N ARG A 494 -23.01 49.14 -0.89
CA ARG A 494 -23.86 48.11 -1.46
C ARG A 494 -23.97 48.25 -2.97
N LYS A 495 -24.15 49.48 -3.45
CA LYS A 495 -24.20 49.71 -4.89
C LYS A 495 -22.89 49.30 -5.55
N MET A 496 -21.76 49.55 -4.88
CA MET A 496 -20.46 49.19 -5.42
C MET A 496 -20.32 47.67 -5.54
N ILE A 497 -20.71 46.94 -4.49
CA ILE A 497 -20.56 45.49 -4.49
C ILE A 497 -21.49 44.87 -5.53
N GLN A 498 -22.70 45.41 -5.67
CA GLN A 498 -23.60 44.94 -6.71
C GLN A 498 -22.99 45.14 -8.09
N GLY A 499 -22.29 46.25 -8.29
CA GLY A 499 -21.62 46.48 -9.56
C GLY A 499 -20.48 45.51 -9.82
N GLU A 500 -19.87 44.97 -8.77
CA GLU A 500 -18.80 44.01 -8.97
C GLU A 500 -19.35 42.67 -9.45
N LEU A 501 -20.47 42.24 -8.88
CA LEU A 501 -21.10 41.01 -9.35
C LEU A 501 -21.55 41.16 -10.79
N ALA A 502 -21.88 42.39 -11.21
CA ALA A 502 -22.28 42.62 -12.60
C ALA A 502 -21.13 42.33 -13.56
N VAL A 503 -19.89 42.49 -13.11
CA VAL A 503 -18.75 42.20 -13.98
C VAL A 503 -18.66 40.71 -14.27
N LEU A 504 -18.96 39.88 -13.26
CA LEU A 504 -18.96 38.44 -13.50
C LEU A 504 -19.92 38.07 -14.63
N LYS A 505 -21.12 38.66 -14.63
CA LYS A 505 -22.05 38.42 -15.73
C LYS A 505 -21.48 38.90 -17.05
N GLN A 506 -20.84 40.06 -17.06
CA GLN A 506 -20.24 40.57 -18.29
C GLN A 506 -19.16 39.64 -18.81
N ASP A 507 -18.37 39.05 -17.89
CA ASP A 507 -17.35 38.09 -18.31
C ASP A 507 -17.97 36.92 -19.08
N THR A 508 -19.11 36.42 -18.61
CA THR A 508 -19.71 35.24 -19.23
C THR A 508 -20.11 35.53 -20.68
N ILE A 509 -20.98 36.52 -20.87
CA ILE A 509 -21.52 36.78 -22.20
C ILE A 509 -20.44 37.26 -23.15
N ASP A 510 -19.47 38.02 -22.66
CA ASP A 510 -18.42 38.53 -23.54
C ASP A 510 -17.50 37.40 -24.00
N ILE A 511 -17.23 36.43 -23.13
CA ILE A 511 -16.16 35.46 -23.34
C ILE A 511 -16.73 34.07 -23.61
N LEU A 512 -17.53 33.53 -22.68
CA LEU A 512 -17.98 32.15 -22.80
C LEU A 512 -19.12 32.00 -23.80
N GLY A 513 -20.09 32.89 -23.75
CA GLY A 513 -21.23 32.85 -24.63
C GLY A 513 -22.49 33.16 -23.84
N ASN A 514 -23.63 32.89 -24.46
CA ASN A 514 -24.93 33.12 -23.83
C ASN A 514 -25.24 31.93 -22.93
N TYR A 515 -24.68 31.98 -21.73
CA TYR A 515 -24.81 30.94 -20.72
C TYR A 515 -25.20 31.58 -19.40
N PRO A 516 -25.70 30.81 -18.45
CA PRO A 516 -25.99 31.36 -17.12
C PRO A 516 -24.71 31.64 -16.36
N THR A 517 -24.87 32.35 -15.24
CA THR A 517 -23.80 32.59 -14.29
C THR A 517 -24.25 32.16 -12.90
N LEU A 518 -23.33 31.58 -12.13
CA LEU A 518 -23.61 31.12 -10.77
C LEU A 518 -22.40 31.40 -9.90
N VAL A 519 -22.60 32.18 -8.84
CA VAL A 519 -21.51 32.54 -7.93
C VAL A 519 -21.25 31.33 -7.03
N GLY A 520 -20.28 30.50 -7.41
CA GLY A 520 -20.06 29.24 -6.72
C GLY A 520 -19.71 29.39 -5.27
N GLU A 521 -19.14 30.54 -4.88
CA GLU A 521 -18.78 30.82 -3.50
C GLU A 521 -18.99 32.30 -3.20
N ILE A 522 -19.64 32.59 -2.09
CA ILE A 522 -19.81 33.95 -1.59
C ILE A 522 -20.23 33.86 -0.12
N GLY A 523 -19.69 34.74 0.69
CA GLY A 523 -20.00 34.73 2.10
C GLY A 523 -19.16 35.73 2.85
N ILE A 524 -19.39 35.78 4.16
CA ILE A 524 -18.71 36.73 5.04
C ILE A 524 -18.30 36.02 6.32
N PRO A 525 -17.26 36.55 6.97
CA PRO A 525 -16.80 35.94 8.22
C PRO A 525 -17.68 36.33 9.40
N TYR A 526 -17.96 35.35 10.26
CA TYR A 526 -18.74 35.59 11.47
C TYR A 526 -17.87 35.88 12.69
N ASP A 527 -16.59 35.47 12.67
CA ASP A 527 -15.68 35.73 13.78
C ASP A 527 -15.10 37.15 13.70
N MET A 528 -16.01 38.10 13.70
CA MET A 528 -15.67 39.51 13.60
C MET A 528 -15.30 40.08 14.96
N ASP A 529 -14.49 41.14 14.94
CA ASP A 529 -14.21 41.96 16.12
C ASP A 529 -13.79 41.13 17.33
N ASP A 530 -12.81 40.25 17.11
CA ASP A 530 -12.30 39.39 18.17
C ASP A 530 -13.43 38.60 18.82
N LYS A 531 -14.45 38.26 18.03
CA LYS A 531 -15.52 37.37 18.47
C LYS A 531 -16.39 38.02 19.54
N LYS A 532 -16.68 39.32 19.36
CA LYS A 532 -17.54 40.02 20.30
C LYS A 532 -18.92 39.38 20.37
N ALA A 533 -19.45 38.89 19.25
CA ALA A 533 -20.76 38.29 19.22
C ALA A 533 -20.78 36.88 19.84
N TYR A 534 -19.63 36.24 19.99
CA TYR A 534 -19.55 35.01 20.76
C TYR A 534 -19.37 35.28 22.25
N GLY A 535 -19.22 36.54 22.64
CA GLY A 535 -19.04 36.87 24.05
C GLY A 535 -17.62 36.71 24.56
N TYR A 536 -16.63 36.89 23.68
CA TYR A 536 -15.25 36.63 24.05
C TYR A 536 -14.52 37.82 24.65
N VAL A 537 -14.99 39.05 24.40
CA VAL A 537 -14.28 40.26 24.77
C VAL A 537 -15.22 41.17 25.56
N ASP A 538 -14.67 42.30 26.03
CA ASP A 538 -15.45 43.34 26.69
C ASP A 538 -16.35 42.75 27.78
N GLY A 539 -15.82 41.80 28.52
CA GLY A 539 -16.62 41.16 29.56
C GLY A 539 -17.91 40.56 29.05
N GLY A 540 -17.89 39.96 27.85
CA GLY A 540 -19.06 39.32 27.30
C GLY A 540 -20.06 40.24 26.62
N ARG A 541 -19.85 41.55 26.66
CA ARG A 541 -20.78 42.48 26.03
C ARG A 541 -20.83 42.25 24.52
N GLY A 542 -22.05 42.27 23.98
CA GLY A 542 -22.26 42.08 22.56
C GLY A 542 -22.57 40.67 22.14
N GLU A 543 -22.51 39.71 23.05
CA GLU A 543 -22.79 38.32 22.72
C GLU A 543 -24.17 38.19 22.08
N GLY A 544 -24.22 37.58 20.90
CA GLY A 544 -25.46 37.38 20.18
C GLY A 544 -25.88 38.51 19.28
N ASP A 545 -25.12 39.61 19.25
CA ASP A 545 -25.42 40.74 18.38
C ASP A 545 -24.68 40.54 17.08
N TYR A 546 -25.37 40.08 16.05
CA TYR A 546 -24.77 39.85 14.74
C TYR A 546 -25.07 40.99 13.77
N SER A 547 -25.24 42.20 14.29
CA SER A 547 -25.55 43.36 13.45
C SER A 547 -24.54 43.51 12.31
N SER A 548 -23.26 43.51 12.65
CA SER A 548 -22.23 43.72 11.62
C SER A 548 -22.20 42.54 10.64
N GLN A 549 -22.25 41.32 11.15
CA GLN A 549 -22.33 40.16 10.27
C GLN A 549 -23.55 40.24 9.37
N GLN A 550 -24.68 40.70 9.92
CA GLN A 550 -25.91 40.74 9.14
C GLN A 550 -25.84 41.78 8.02
N LYS A 551 -25.16 42.91 8.27
CA LYS A 551 -25.05 43.93 7.23
C LYS A 551 -24.08 43.50 6.14
N ALA A 552 -23.01 42.82 6.52
CA ALA A 552 -22.04 42.37 5.52
C ALA A 552 -22.66 41.32 4.59
N MET A 553 -23.39 40.37 5.13
CA MET A 553 -24.00 39.34 4.26
C MET A 553 -25.17 39.93 3.49
N ASP A 554 -25.94 40.82 4.11
CA ASP A 554 -27.03 41.46 3.38
C ASP A 554 -26.50 42.21 2.17
N CYS A 555 -25.31 42.81 2.30
CA CYS A 555 -24.72 43.55 1.19
C CYS A 555 -24.20 42.60 0.11
N SER A 556 -23.60 41.49 0.52
CA SER A 556 -23.19 40.48 -0.46
C SER A 556 -24.39 39.84 -1.13
N MET A 557 -25.43 39.50 -0.37
CA MET A 557 -26.62 38.89 -0.96
C MET A 557 -27.35 39.88 -1.87
N ASN A 558 -27.52 41.12 -1.41
CA ASN A 558 -28.15 42.13 -2.27
C ASN A 558 -27.39 42.31 -3.58
N ALA A 559 -26.09 42.12 -3.57
CA ALA A 559 -25.31 42.24 -4.80
C ALA A 559 -25.71 41.20 -5.83
N CYS A 560 -26.21 40.05 -5.39
CA CYS A 560 -26.74 39.03 -6.29
C CYS A 560 -28.18 39.31 -6.70
N ASP A 561 -28.83 40.32 -6.09
CA ASP A 561 -30.17 40.74 -6.50
C ASP A 561 -30.05 41.90 -7.48
N GLY A 562 -30.94 42.89 -7.37
CA GLY A 562 -30.97 44.00 -8.31
C GLY A 562 -31.20 43.50 -9.72
N PRO A 563 -30.52 44.09 -10.70
CA PRO A 563 -30.61 43.58 -12.07
C PRO A 563 -29.80 42.31 -12.31
N ASN A 564 -28.98 41.88 -11.34
CA ASN A 564 -28.14 40.71 -11.55
C ASN A 564 -28.95 39.42 -11.49
N CYS A 565 -29.81 39.29 -10.47
CA CYS A 565 -30.67 38.11 -10.29
C CYS A 565 -29.88 36.82 -10.50
N LEU A 566 -28.81 36.68 -9.71
CA LEU A 566 -27.83 35.64 -9.94
C LEU A 566 -28.18 34.36 -9.18
N ASN A 567 -27.79 33.23 -9.76
CA ASN A 567 -27.66 31.99 -9.00
C ASN A 567 -26.39 32.05 -8.16
N TYR A 568 -26.42 31.43 -6.99
CA TYR A 568 -25.23 31.43 -6.14
C TYR A 568 -25.33 30.33 -5.10
N ALA A 569 -24.19 30.05 -4.47
CA ALA A 569 -24.07 29.10 -3.38
C ALA A 569 -23.25 29.76 -2.28
N ILE A 570 -23.87 29.97 -1.12
CA ILE A 570 -23.19 30.66 -0.02
C ILE A 570 -22.11 29.75 0.57
N TRP A 571 -20.95 30.33 0.87
CA TRP A 571 -19.93 29.66 1.65
C TRP A 571 -20.02 30.12 3.10
N ASN A 572 -20.35 29.21 4.02
CA ASN A 572 -20.65 27.80 3.78
C ASN A 572 -21.53 27.28 4.92
N TYR A 573 -21.71 25.97 5.02
CA TYR A 573 -22.55 25.36 6.04
C TYR A 573 -21.77 24.22 6.69
N VAL A 574 -21.39 24.41 7.95
CA VAL A 574 -20.51 23.49 8.66
C VAL A 574 -21.25 22.97 9.88
N PRO A 575 -21.76 21.74 9.83
CA PRO A 575 -22.43 21.18 11.01
C PRO A 575 -21.58 21.17 12.27
N ASP A 576 -20.27 21.03 12.17
CA ASP A 576 -19.42 20.95 13.35
C ASP A 576 -18.69 22.26 13.64
N ASN A 577 -19.22 23.38 13.17
CA ASN A 577 -18.63 24.68 13.46
C ASN A 577 -18.76 25.01 14.94
N VAL A 578 -17.76 25.69 15.48
CA VAL A 578 -17.78 26.12 16.88
C VAL A 578 -17.12 27.48 17.01
N HIS A 579 -17.47 28.18 18.09
CA HIS A 579 -16.94 29.53 18.29
C HIS A 579 -15.43 29.54 18.49
N GLU A 580 -14.89 28.49 19.12
CA GLU A 580 -13.47 28.49 19.46
C GLU A 580 -12.58 28.34 18.22
N TRP A 581 -12.97 27.49 17.29
CA TRP A 581 -12.16 27.19 16.12
C TRP A 581 -12.87 27.50 14.81
N GLY A 582 -14.07 28.06 14.87
CA GLY A 582 -14.78 28.42 13.65
C GLY A 582 -15.12 27.18 12.85
N ASP A 583 -14.81 27.24 11.55
CA ASP A 583 -15.04 26.12 10.65
C ASP A 583 -14.01 25.01 10.80
N ASN A 584 -13.11 25.12 11.77
CA ASN A 584 -12.05 24.13 11.99
C ASN A 584 -11.10 24.05 10.81
N TRP A 585 -10.85 25.19 10.16
CA TRP A 585 -9.96 25.23 8.99
C TRP A 585 -9.34 26.62 8.90
N ASN A 586 -8.07 26.72 9.29
CA ASN A 586 -7.25 27.90 9.09
C ASN A 586 -7.86 29.16 9.70
N GLY A 587 -8.68 28.99 10.75
CA GLY A 587 -9.28 30.12 11.40
C GLY A 587 -10.42 30.77 10.65
N GLU A 588 -10.89 30.15 9.56
CA GLU A 588 -12.04 30.68 8.85
C GLU A 588 -13.31 30.35 9.61
N ASP A 589 -14.27 31.27 9.59
CA ASP A 589 -15.55 31.09 10.29
C ASP A 589 -16.62 31.73 9.41
N LEU A 590 -17.14 30.96 8.46
CA LEU A 590 -18.17 31.43 7.54
C LEU A 590 -19.44 30.60 7.60
N SER A 591 -19.60 29.75 8.62
CA SER A 591 -20.77 28.90 8.68
C SER A 591 -22.02 29.72 9.03
N LEU A 592 -23.12 29.39 8.36
CA LEU A 592 -24.40 30.00 8.69
C LEU A 592 -24.91 29.53 10.04
N TRP A 593 -24.44 28.38 10.52
CA TRP A 593 -25.06 27.66 11.63
C TRP A 593 -23.98 27.11 12.53
N SER A 594 -24.26 27.10 13.84
CA SER A 594 -23.33 26.58 14.81
C SER A 594 -24.11 26.10 16.03
N VAL A 595 -23.74 24.93 16.56
CA VAL A 595 -24.38 24.44 17.77
C VAL A 595 -24.13 25.38 18.93
N ASP A 596 -23.00 26.11 18.90
CA ASP A 596 -22.69 27.08 19.93
C ASP A 596 -23.64 28.27 19.94
N ASP A 597 -24.50 28.40 18.92
CA ASP A 597 -25.48 29.47 18.84
C ASP A 597 -26.90 29.00 19.14
N LYS A 598 -27.06 27.78 19.62
CA LYS A 598 -28.37 27.26 20.00
C LYS A 598 -28.70 27.63 21.43
N GLU A 599 -29.99 27.87 21.69
CA GLU A 599 -30.47 28.18 23.03
C GLU A 599 -30.37 26.94 23.92
N PRO A 640 -39.73 14.62 10.65
CA PRO A 640 -39.56 15.90 9.94
C PRO A 640 -39.28 15.68 8.46
N SER A 641 -40.34 15.27 7.74
CA SER A 641 -40.25 14.89 6.35
C SER A 641 -40.00 16.08 5.44
N PRO A 642 -39.72 15.85 4.17
CA PRO A 642 -39.81 16.95 3.20
C PRO A 642 -41.23 17.49 3.06
N SER A 643 -42.22 16.60 3.05
CA SER A 643 -43.60 17.05 2.86
C SER A 643 -44.01 18.02 3.97
N VAL A 644 -43.55 17.80 5.19
CA VAL A 644 -43.90 18.72 6.27
C VAL A 644 -43.21 20.06 6.09
N ILE A 645 -41.99 20.06 5.54
CA ILE A 645 -41.31 21.32 5.29
C ILE A 645 -42.02 22.09 4.18
N ASP A 646 -42.43 21.39 3.12
CA ASP A 646 -43.26 22.03 2.10
C ASP A 646 -44.56 22.55 2.70
N SER A 647 -45.08 21.87 3.72
CA SER A 647 -46.32 22.28 4.35
C SER A 647 -46.17 23.54 5.19
N GLY A 648 -44.95 23.87 5.60
CA GLY A 648 -44.73 24.93 6.55
C GLY A 648 -45.07 24.58 7.97
N ASP A 649 -45.48 23.34 8.23
CA ASP A 649 -45.89 22.91 9.57
C ASP A 649 -44.71 22.31 10.33
N PHE A 650 -43.69 23.14 10.54
CA PHE A 650 -42.53 22.78 11.33
C PHE A 650 -42.33 23.83 12.43
N SER A 651 -41.40 23.55 13.33
CA SER A 651 -41.17 24.46 14.44
C SER A 651 -40.24 25.59 14.01
N PRO A 652 -40.48 26.82 14.48
CA PRO A 652 -39.56 27.91 14.15
C PRO A 652 -38.16 27.68 14.69
N THR A 653 -37.99 26.77 15.65
CA THR A 653 -36.66 26.49 16.16
C THR A 653 -35.75 25.95 15.06
N LEU A 654 -36.32 25.24 14.09
CA LEU A 654 -35.51 24.68 13.01
C LEU A 654 -34.82 25.77 12.21
N ILE A 655 -35.52 26.88 11.95
CA ILE A 655 -35.02 27.89 11.03
C ILE A 655 -34.31 29.04 11.75
N LEU A 656 -34.14 28.95 13.07
CA LEU A 656 -33.48 30.03 13.80
C LEU A 656 -32.46 29.52 14.80
N ASP A 657 -32.77 28.47 15.54
CA ASP A 657 -31.85 27.98 16.56
C ASP A 657 -30.55 27.53 15.91
N GLY A 658 -29.45 28.15 16.31
CA GLY A 658 -28.15 27.87 15.75
C GLY A 658 -27.75 28.76 14.59
N SER A 659 -28.71 29.43 13.94
CA SER A 659 -28.37 30.33 12.85
C SER A 659 -27.69 31.59 13.37
N ARG A 660 -27.01 32.29 12.44
CA ARG A 660 -26.34 33.55 12.74
C ARG A 660 -26.63 34.52 11.60
N ALA A 661 -27.30 35.62 11.92
CA ALA A 661 -27.69 36.62 10.91
C ALA A 661 -28.61 36.00 9.87
N VAL A 662 -29.55 35.18 10.33
CA VAL A 662 -30.45 34.48 9.41
C VAL A 662 -31.26 35.47 8.58
N ALA A 663 -31.49 36.68 9.11
CA ALA A 663 -32.27 37.66 8.37
C ALA A 663 -31.62 38.04 7.05
N ALA A 664 -30.30 37.89 6.97
CA ALA A 664 -29.59 38.30 5.76
C ALA A 664 -29.51 37.19 4.72
N PHE A 665 -29.32 35.94 5.13
CA PHE A 665 -29.06 34.89 4.14
C PHE A 665 -30.30 34.07 3.76
N CYS A 666 -31.38 34.16 4.53
CA CYS A 666 -32.66 33.55 4.17
C CYS A 666 -33.57 34.66 3.66
N ARG A 667 -33.79 34.69 2.35
CA ARG A 667 -34.41 35.82 1.68
C ARG A 667 -35.46 35.34 0.70
N PRO A 668 -36.45 36.18 0.39
CA PRO A 668 -37.37 35.85 -0.69
C PRO A 668 -36.69 35.91 -2.05
N TYR A 669 -37.11 35.03 -2.94
CA TYR A 669 -36.56 35.02 -4.29
C TYR A 669 -37.43 34.12 -5.16
N PRO A 670 -37.38 34.31 -6.49
CA PRO A 670 -38.20 33.49 -7.38
C PRO A 670 -37.50 32.24 -7.86
N VAL A 671 -37.98 31.07 -7.43
CA VAL A 671 -37.31 29.83 -7.80
C VAL A 671 -37.51 29.53 -9.28
N ALA A 672 -38.70 29.82 -9.81
CA ALA A 672 -39.01 29.55 -11.21
C ALA A 672 -39.96 30.64 -11.71
N THR A 673 -39.73 31.10 -12.95
CA THR A 673 -40.41 32.27 -13.46
C THR A 673 -40.87 32.06 -14.89
N VAL A 674 -42.11 32.46 -15.17
CA VAL A 674 -42.63 32.55 -16.54
C VAL A 674 -42.10 33.87 -17.12
N GLY A 675 -41.03 33.78 -17.90
CA GLY A 675 -40.38 34.96 -18.43
C GLY A 675 -38.94 35.07 -17.95
N ILE A 676 -38.38 36.27 -18.00
CA ILE A 676 -37.00 36.53 -17.62
C ILE A 676 -37.02 37.38 -16.35
N PRO A 677 -36.24 37.03 -15.32
CA PRO A 677 -36.14 37.93 -14.16
C PRO A 677 -35.45 39.22 -14.56
N GLU A 678 -36.06 40.34 -14.21
CA GLU A 678 -35.50 41.65 -14.51
C GLU A 678 -34.91 42.36 -13.31
N ARG A 679 -35.56 42.30 -12.15
CA ARG A 679 -35.00 42.94 -10.97
C ARG A 679 -35.58 42.33 -9.71
N ILE A 680 -34.69 42.10 -8.74
CA ILE A 680 -35.08 41.69 -7.40
C ILE A 680 -34.63 42.77 -6.41
N ASP A 681 -35.50 43.11 -5.47
CA ASP A 681 -35.16 44.03 -4.40
C ASP A 681 -35.79 43.54 -3.11
N PHE A 682 -34.99 43.41 -2.05
CA PHE A 682 -35.48 42.96 -0.76
C PHE A 682 -34.84 43.79 0.35
N ASP A 683 -35.65 44.20 1.32
CA ASP A 683 -35.21 45.08 2.39
C ASP A 683 -35.59 44.45 3.73
N ILE A 684 -34.56 44.11 4.52
CA ILE A 684 -34.80 43.44 5.79
C ILE A 684 -35.65 44.31 6.72
N THR A 685 -35.31 45.60 6.81
CA THR A 685 -35.92 46.46 7.81
C THR A 685 -37.42 46.58 7.60
N SER A 686 -37.84 46.83 6.35
CA SER A 686 -39.26 46.94 6.03
C SER A 686 -39.88 45.60 5.65
N THR A 687 -39.07 44.59 5.37
CA THR A 687 -39.49 43.32 4.80
C THR A 687 -40.00 43.46 3.37
N LYS A 688 -39.85 44.63 2.76
CA LYS A 688 -40.41 44.86 1.44
C LYS A 688 -39.66 44.07 0.39
N PHE A 689 -40.39 43.29 -0.40
CA PHE A 689 -39.84 42.50 -1.49
C PHE A 689 -40.54 42.91 -2.78
N LYS A 690 -39.75 43.20 -3.81
CA LYS A 690 -40.27 43.62 -5.11
C LYS A 690 -39.53 42.86 -6.19
N TYR A 691 -40.28 42.22 -7.09
CA TYR A 691 -39.72 41.41 -8.16
C TYR A 691 -40.39 41.79 -9.47
N ALA A 692 -39.57 42.12 -10.47
CA ALA A 692 -40.05 42.48 -11.80
C ALA A 692 -39.69 41.38 -12.79
N VAL A 693 -40.66 41.03 -13.63
CA VAL A 693 -40.52 39.95 -14.60
C VAL A 693 -40.80 40.50 -15.99
N ARG A 694 -39.91 40.20 -16.93
CA ARG A 694 -40.12 40.54 -18.34
C ARG A 694 -40.82 39.35 -19.02
N VAL A 695 -42.14 39.48 -19.23
CA VAL A 695 -42.94 38.43 -19.83
C VAL A 695 -43.07 38.71 -21.32
N ARG A 696 -42.98 37.66 -22.13
CA ARG A 696 -42.98 37.76 -23.58
C ARG A 696 -44.18 36.99 -24.14
N ALA A 697 -44.68 37.48 -25.29
CA ALA A 697 -45.88 36.88 -25.86
C ALA A 697 -45.70 35.41 -26.18
N ASP A 698 -44.47 34.99 -26.48
CA ASP A 698 -44.19 33.60 -26.82
C ASP A 698 -43.96 32.72 -25.60
N ASP A 699 -43.93 33.29 -24.41
CA ASP A 699 -43.69 32.50 -23.21
C ASP A 699 -44.88 31.58 -22.95
N ILE A 700 -44.61 30.47 -22.26
CA ILE A 700 -45.62 29.47 -21.93
C ILE A 700 -46.14 29.77 -20.54
N ALA A 701 -47.44 30.00 -20.42
CA ALA A 701 -48.09 30.21 -19.14
C ALA A 701 -49.44 29.49 -19.16
N ASN A 702 -49.75 28.76 -18.10
CA ASN A 702 -51.04 28.12 -17.97
C ASN A 702 -51.17 27.61 -16.53
N GLU A 703 -52.20 26.78 -16.28
CA GLU A 703 -52.56 26.42 -14.92
C GLU A 703 -51.39 25.77 -14.18
N GLN A 704 -50.63 24.92 -14.88
CA GLN A 704 -49.53 24.20 -14.25
C GLN A 704 -48.18 24.86 -14.49
N VAL A 705 -48.10 25.84 -15.37
CA VAL A 705 -46.85 26.55 -15.66
C VAL A 705 -47.01 27.98 -15.17
N TYR A 706 -46.37 28.30 -14.04
CA TYR A 706 -46.55 29.58 -13.37
C TYR A 706 -45.23 30.01 -12.73
N THR A 707 -45.22 31.22 -12.17
CA THR A 707 -44.08 31.72 -11.43
C THR A 707 -44.20 31.33 -9.97
N GLU A 708 -43.13 30.78 -9.41
CA GLU A 708 -43.09 30.34 -8.02
C GLU A 708 -42.05 31.14 -7.25
N ILE A 709 -42.45 31.69 -6.12
CA ILE A 709 -41.58 32.54 -5.30
C ILE A 709 -41.56 32.00 -3.88
N TYR A 710 -40.37 31.91 -3.29
CA TYR A 710 -40.20 31.50 -1.91
C TYR A 710 -40.37 32.73 -1.01
N LEU A 711 -41.23 32.60 -0.01
CA LEU A 711 -41.46 33.66 0.98
C LEU A 711 -41.09 33.15 2.37
N PRO A 712 -39.92 33.51 2.89
CA PRO A 712 -39.47 32.90 4.14
C PRO A 712 -40.31 33.31 5.35
N PHE A 713 -40.66 32.32 6.17
CA PHE A 713 -41.22 32.60 7.48
C PHE A 713 -40.31 33.52 8.28
N VAL A 714 -38.98 33.43 8.07
CA VAL A 714 -38.03 34.22 8.85
C VAL A 714 -38.39 35.68 8.80
N HIS A 715 -38.88 36.16 7.66
CA HIS A 715 -39.21 37.57 7.48
C HIS A 715 -40.71 37.85 7.44
N TYR A 716 -41.55 36.87 7.09
CA TYR A 716 -42.95 37.11 6.80
C TYR A 716 -43.92 36.30 7.65
N ALA A 717 -43.44 35.50 8.59
CA ALA A 717 -44.34 34.71 9.43
C ALA A 717 -45.17 35.63 10.33
N ALA A 718 -46.38 35.19 10.62
CA ALA A 718 -47.19 35.90 11.62
C ALA A 718 -46.46 35.95 12.95
N SER A 719 -45.87 34.83 13.36
CA SER A 719 -45.09 34.78 14.59
C SER A 719 -44.09 33.64 14.50
N LEU A 720 -43.00 33.80 15.26
CA LEU A 720 -41.99 32.75 15.38
C LEU A 720 -41.82 32.29 16.82
N ASN A 721 -42.79 32.60 17.68
CA ASN A 721 -42.79 32.12 19.05
C ASN A 721 -43.09 30.62 19.13
N GLN A 729 -50.18 26.89 13.50
CA GLN A 729 -48.91 26.58 12.84
C GLN A 729 -48.29 27.86 12.27
N LEU A 730 -47.10 27.71 11.69
CA LEU A 730 -46.45 28.83 11.03
C LEU A 730 -47.19 29.20 9.75
N SER A 731 -47.41 30.50 9.55
CA SER A 731 -48.17 30.97 8.40
C SER A 731 -47.67 32.35 8.00
N LEU A 732 -47.80 32.64 6.71
CA LEU A 732 -47.45 33.95 6.20
C LEU A 732 -48.53 34.95 6.58
N ASP A 733 -48.11 36.17 6.93
CA ASP A 733 -49.00 37.27 7.29
C ASP A 733 -48.55 38.47 6.46
N VAL A 734 -48.92 38.46 5.18
CA VAL A 734 -48.35 39.39 4.20
C VAL A 734 -49.45 40.13 3.46
N THR A 735 -49.09 41.26 2.89
CA THR A 735 -49.88 41.94 1.89
C THR A 735 -49.14 41.83 0.56
N ILE A 736 -49.86 41.49 -0.49
CA ILE A 736 -49.26 41.22 -1.79
C ILE A 736 -49.97 42.07 -2.84
N VAL A 737 -49.18 42.71 -3.70
CA VAL A 737 -49.71 43.54 -4.79
C VAL A 737 -49.03 43.09 -6.07
N ALA A 738 -49.83 42.63 -7.03
CA ALA A 738 -49.34 42.16 -8.31
C ALA A 738 -49.97 43.01 -9.42
N SER A 739 -49.13 43.47 -10.35
CA SER A 739 -49.63 44.28 -11.46
C SER A 739 -50.56 43.48 -12.35
N HIS A 740 -50.36 42.17 -12.46
CA HIS A 740 -51.16 41.33 -13.34
C HIS A 740 -51.48 40.02 -12.64
N GLY A 741 -52.48 39.32 -13.15
CA GLY A 741 -52.74 37.95 -12.76
C GLY A 741 -53.25 37.79 -11.33
N ARG A 742 -53.22 36.54 -10.90
CA ARG A 742 -53.67 36.12 -9.58
C ARG A 742 -52.51 35.45 -8.83
N VAL A 743 -52.67 35.32 -7.52
CA VAL A 743 -51.64 34.74 -6.67
C VAL A 743 -52.30 33.81 -5.66
N GLU A 744 -51.47 32.96 -5.05
CA GLU A 744 -51.92 31.95 -4.11
C GLU A 744 -50.79 31.61 -3.17
N ILE A 745 -51.13 31.32 -1.91
CA ILE A 745 -50.14 31.18 -0.85
C ILE A 745 -50.38 29.88 -0.10
N GLN A 746 -49.31 29.12 0.14
CA GLN A 746 -49.35 27.93 0.97
C GLN A 746 -47.96 27.70 1.53
N GLY A 747 -47.88 27.53 2.85
CA GLY A 747 -46.58 27.36 3.47
C GLY A 747 -45.72 28.60 3.26
N GLN A 748 -44.49 28.38 2.78
CA GLN A 748 -43.57 29.45 2.41
C GLN A 748 -43.48 29.63 0.90
N THR A 749 -44.55 29.31 0.19
CA THR A 749 -44.55 29.31 -1.27
C THR A 749 -45.62 30.26 -1.79
N LEU A 750 -45.24 31.11 -2.74
CA LEU A 750 -46.15 32.00 -3.43
C LEU A 750 -46.21 31.58 -4.89
N ARG A 751 -47.42 31.30 -5.38
CA ARG A 751 -47.64 30.97 -6.78
C ARG A 751 -48.32 32.15 -7.47
N TRP A 752 -47.87 32.44 -8.68
CA TRP A 752 -48.27 33.66 -9.39
C TRP A 752 -48.63 33.27 -10.83
N TRP A 753 -49.92 33.23 -11.11
CA TRP A 753 -50.41 33.02 -12.46
C TRP A 753 -50.66 34.37 -13.12
N TYR A 754 -50.24 34.51 -14.37
CA TYR A 754 -50.55 35.69 -15.16
C TYR A 754 -50.52 35.29 -16.64
N PRO A 755 -51.24 36.02 -17.50
CA PRO A 755 -51.17 35.76 -18.93
C PRO A 755 -50.03 36.50 -19.59
N VAL A 756 -49.56 35.94 -20.70
CA VAL A 756 -48.46 36.53 -21.47
C VAL A 756 -49.02 37.69 -22.28
N PRO A 757 -48.20 38.67 -22.66
CA PRO A 757 -48.71 39.75 -23.53
C PRO A 757 -49.20 39.19 -24.86
N GLY A 758 -50.13 39.93 -25.47
CA GLY A 758 -50.61 39.55 -26.79
C GLY A 758 -49.52 39.65 -27.85
N THR A 759 -48.66 40.65 -27.73
CA THR A 759 -47.53 40.80 -28.63
C THR A 759 -46.42 41.54 -27.90
N GLY A 760 -45.19 41.41 -28.42
CA GLY A 760 -44.06 42.05 -27.80
C GLY A 760 -43.76 41.47 -26.43
N GLU A 761 -43.28 42.34 -25.54
CA GLU A 761 -42.96 41.94 -24.17
C GLU A 761 -43.26 43.10 -23.25
N GLU A 762 -43.83 42.78 -22.08
CA GLU A 762 -44.09 43.75 -21.03
C GLU A 762 -43.45 43.26 -19.74
N VAL A 763 -43.37 44.16 -18.77
CA VAL A 763 -42.78 43.87 -17.46
C VAL A 763 -43.88 43.86 -16.42
N TYR A 764 -44.05 42.74 -15.75
CA TYR A 764 -44.95 42.62 -14.62
C TYR A 764 -44.17 42.76 -13.32
N THR A 765 -44.87 43.12 -12.26
CA THR A 765 -44.25 43.27 -10.96
C THR A 765 -45.13 42.61 -9.91
N ILE A 766 -44.50 42.19 -8.82
CA ILE A 766 -45.19 41.68 -7.64
C ILE A 766 -44.44 42.21 -6.42
N GLU A 767 -45.20 42.69 -5.44
CA GLU A 767 -44.65 43.27 -4.22
C GLU A 767 -45.21 42.52 -3.02
N VAL A 768 -44.35 42.26 -2.03
CA VAL A 768 -44.73 41.54 -0.82
C VAL A 768 -44.16 42.28 0.39
N GLN A 769 -44.93 42.31 1.47
CA GLN A 769 -44.49 42.95 2.71
C GLN A 769 -45.29 42.37 3.86
N ARG A 770 -44.60 42.13 4.98
CA ARG A 770 -45.27 41.57 6.15
C ARG A 770 -46.22 42.58 6.76
N ASN A 771 -47.35 42.09 7.27
CA ASN A 771 -48.31 42.94 7.95
C ASN A 771 -47.77 43.35 9.31
N GLY A 772 -47.82 44.65 9.60
CA GLY A 772 -47.41 45.14 10.90
C GLY A 772 -45.92 45.35 11.06
N GLY A 773 -45.17 45.47 9.98
CA GLY A 773 -43.75 45.66 10.08
C GLY A 773 -42.98 44.35 10.14
N ALA A 774 -41.75 44.46 10.63
CA ALA A 774 -40.81 43.35 10.69
C ALA A 774 -40.96 42.57 11.98
N LEU A 775 -40.40 41.36 11.98
CA LEU A 775 -40.54 40.44 13.10
C LEU A 775 -39.48 40.71 14.17
N ARG A 776 -39.69 40.09 15.33
CA ARG A 776 -38.69 40.07 16.40
C ARG A 776 -38.56 38.65 16.96
N PRO B 5 43.60 -14.83 -23.99
CA PRO B 5 42.52 -13.95 -23.52
C PRO B 5 42.81 -12.47 -23.78
N PRO B 6 41.79 -11.71 -24.17
CA PRO B 6 42.02 -10.29 -24.45
C PRO B 6 42.42 -9.51 -23.21
N GLU B 7 43.13 -8.42 -23.42
CA GLU B 7 43.44 -7.47 -22.35
C GLU B 7 42.33 -6.45 -22.12
N VAL B 8 41.35 -6.39 -23.01
CA VAL B 8 40.19 -5.51 -22.86
C VAL B 8 38.93 -6.37 -22.91
N SER B 9 37.87 -5.84 -22.31
CA SER B 9 36.61 -6.57 -22.25
C SER B 9 35.94 -6.61 -23.62
N PRO B 10 35.44 -7.77 -24.05
CA PRO B 10 34.69 -7.82 -25.32
C PRO B 10 33.34 -7.13 -25.24
N VAL B 11 32.89 -6.75 -24.04
CA VAL B 11 31.62 -6.04 -23.88
C VAL B 11 31.82 -4.54 -23.89
N THR B 12 32.78 -4.04 -23.11
CA THR B 12 32.98 -2.61 -22.93
C THR B 12 34.22 -2.05 -23.61
N GLY B 13 35.16 -2.91 -24.01
CA GLY B 13 36.42 -2.43 -24.52
C GLY B 13 37.38 -1.90 -23.48
N ASN B 14 36.97 -1.89 -22.22
CA ASN B 14 37.83 -1.40 -21.16
C ASN B 14 38.76 -2.51 -20.67
N PRO B 15 39.92 -2.15 -20.12
CA PRO B 15 40.75 -3.14 -19.44
C PRO B 15 39.96 -3.80 -18.32
N VAL B 16 40.41 -5.00 -17.93
CA VAL B 16 39.64 -5.83 -17.02
C VAL B 16 40.38 -5.98 -15.70
N SER B 17 39.62 -6.28 -14.66
CA SER B 17 40.17 -6.49 -13.33
C SER B 17 41.06 -7.72 -13.31
N PRO B 18 42.03 -7.77 -12.39
CA PRO B 18 42.83 -9.00 -12.25
C PRO B 18 41.99 -10.24 -11.95
N HIS B 19 40.81 -10.08 -11.35
CA HIS B 19 39.94 -11.19 -11.03
C HIS B 19 38.93 -11.51 -12.13
N TYR B 20 39.05 -10.84 -13.28
CA TYR B 20 38.14 -11.06 -14.40
C TYR B 20 38.18 -12.53 -14.83
N ILE B 21 37.00 -13.11 -15.03
CA ILE B 21 36.87 -14.44 -15.60
C ILE B 21 36.35 -14.26 -17.02
N HIS B 22 37.16 -14.61 -18.01
CA HIS B 22 36.73 -14.54 -19.40
C HIS B 22 35.73 -15.65 -19.70
N SER B 23 34.68 -15.31 -20.43
CA SER B 23 33.66 -16.24 -20.90
C SER B 23 33.47 -16.04 -22.40
N SER B 24 34.59 -15.99 -23.12
CA SER B 24 34.62 -15.75 -24.55
C SER B 24 34.96 -17.00 -25.35
N THR B 25 35.26 -18.11 -24.68
CA THR B 25 35.62 -19.35 -25.34
C THR B 25 34.88 -20.53 -24.72
N LEU B 26 35.24 -21.76 -25.09
CA LEU B 26 34.56 -22.92 -24.54
C LEU B 26 34.82 -23.11 -23.05
N HIS B 27 35.78 -22.39 -22.47
CA HIS B 27 36.13 -22.54 -21.08
C HIS B 27 36.25 -21.19 -20.40
N PHE B 28 35.91 -21.15 -19.11
CA PHE B 28 36.22 -20.01 -18.28
C PHE B 28 37.74 -19.88 -18.16
N GLN B 29 38.23 -18.64 -18.27
CA GLN B 29 39.66 -18.37 -18.17
C GLN B 29 39.92 -17.24 -17.20
N ASP B 30 41.06 -17.32 -16.50
CA ASP B 30 41.55 -16.19 -15.74
C ASP B 30 42.41 -15.30 -16.65
N VAL B 31 42.88 -14.19 -16.12
CA VAL B 31 43.67 -13.27 -16.95
C VAL B 31 44.99 -13.88 -17.36
N ASN B 32 45.42 -14.96 -16.73
CA ASN B 32 46.62 -15.67 -17.12
C ASN B 32 46.36 -16.78 -18.14
N GLY B 33 45.11 -16.95 -18.58
CA GLY B 33 44.80 -17.94 -19.59
C GLY B 33 44.51 -19.33 -19.08
N ARG B 34 44.50 -19.53 -17.77
CA ARG B 34 44.21 -20.85 -17.22
C ARG B 34 42.72 -21.17 -17.35
N SER B 35 42.40 -22.37 -17.83
CA SER B 35 41.03 -22.84 -17.83
C SER B 35 40.55 -23.02 -16.40
N LEU B 36 39.36 -22.50 -16.12
CA LEU B 36 38.77 -22.59 -14.78
C LEU B 36 37.55 -23.49 -14.80
N VAL B 37 37.41 -24.31 -13.76
CA VAL B 37 36.23 -25.13 -13.54
C VAL B 37 35.55 -24.62 -12.28
N LEU B 38 34.31 -24.17 -12.41
CA LEU B 38 33.53 -23.68 -11.28
C LEU B 38 32.54 -24.76 -10.86
N ARG B 39 32.59 -25.14 -9.58
CA ARG B 39 31.69 -26.15 -9.05
C ARG B 39 31.25 -25.78 -7.65
N GLY B 40 29.96 -25.91 -7.38
CA GLY B 40 29.43 -25.58 -6.08
C GLY B 40 27.99 -26.02 -5.89
N VAL B 41 27.20 -25.18 -5.22
CA VAL B 41 25.84 -25.52 -4.85
C VAL B 41 24.92 -24.36 -5.15
N ASN B 42 23.63 -24.68 -5.29
CA ASN B 42 22.58 -23.69 -5.26
C ASN B 42 22.31 -23.30 -3.82
N LEU B 43 22.38 -22.00 -3.52
CA LEU B 43 22.16 -21.48 -2.18
C LEU B 43 21.18 -20.32 -2.28
N SER B 44 19.90 -20.56 -1.96
CA SER B 44 19.37 -21.85 -1.51
C SER B 44 17.88 -21.92 -1.75
N GLY B 45 17.35 -23.15 -1.81
CA GLY B 45 15.91 -23.32 -1.92
C GLY B 45 15.14 -22.79 -0.74
N SER B 46 15.79 -22.69 0.43
CA SER B 46 15.14 -22.07 1.58
C SER B 46 14.67 -20.65 1.28
N ALA B 47 15.33 -19.98 0.34
CA ALA B 47 14.95 -18.63 -0.05
C ALA B 47 13.69 -18.60 -0.93
N LYS B 48 13.10 -19.76 -1.23
CA LYS B 48 11.92 -19.77 -2.08
C LYS B 48 10.69 -19.24 -1.35
N HIS B 49 10.65 -19.37 -0.01
CA HIS B 49 9.47 -19.01 0.76
C HIS B 49 9.88 -18.15 1.95
N PRO B 50 8.98 -17.31 2.44
CA PRO B 50 9.31 -16.44 3.57
C PRO B 50 9.46 -17.23 4.86
N ASN B 51 9.93 -16.53 5.89
CA ASN B 51 10.16 -17.13 7.20
C ASN B 51 8.86 -17.68 7.78
N ASN B 52 8.92 -18.90 8.32
CA ASN B 52 7.80 -19.55 8.97
C ASN B 52 6.64 -19.85 8.02
N GLN B 53 6.87 -19.83 6.71
CA GLN B 53 5.83 -20.11 5.73
C GLN B 53 6.29 -21.20 4.76
N PRO B 54 6.61 -22.39 5.27
CA PRO B 54 6.94 -23.51 4.36
C PRO B 54 5.74 -23.90 3.52
N SER B 55 6.03 -24.69 2.48
CA SER B 55 4.99 -25.01 1.51
C SER B 55 3.80 -25.71 2.14
N HIS B 56 4.01 -26.45 3.23
CA HIS B 56 2.97 -27.31 3.76
C HIS B 56 2.09 -26.65 4.80
N ILE B 57 2.43 -25.46 5.26
CA ILE B 57 1.65 -24.77 6.30
C ILE B 57 0.73 -23.75 5.62
N ARG B 58 -0.57 -23.90 5.85
CA ARG B 58 -1.55 -22.98 5.28
C ARG B 58 -1.81 -21.76 6.17
N GLU B 59 -1.62 -21.90 7.48
CA GLU B 59 -1.90 -20.80 8.40
C GLU B 59 -1.01 -19.61 8.06
N GLY B 60 -1.63 -18.46 7.82
CA GLY B 60 -0.92 -17.26 7.45
C GLY B 60 -0.39 -17.22 6.05
N PHE B 61 -0.54 -18.30 5.28
CA PHE B 61 -0.03 -18.35 3.92
C PHE B 61 -0.59 -17.20 3.09
N TRP B 62 -1.93 -17.09 3.03
CA TRP B 62 -2.54 -16.07 2.20
C TRP B 62 -2.55 -14.70 2.88
N GLU B 63 -2.66 -14.67 4.21
CA GLU B 63 -2.92 -13.41 4.91
C GLU B 63 -1.72 -12.47 4.81
N THR B 64 -0.53 -12.94 5.15
CA THR B 64 0.66 -12.09 5.06
C THR B 64 0.85 -11.59 3.64
N ALA B 65 0.70 -12.46 2.64
CA ALA B 65 0.89 -12.06 1.25
C ALA B 65 -0.12 -10.98 0.87
N GLU B 66 -1.38 -11.15 1.27
CA GLU B 66 -2.41 -10.17 0.93
C GLU B 66 -2.12 -8.81 1.58
N ALA B 67 -1.49 -8.83 2.75
CA ALA B 67 -1.09 -7.59 3.42
C ALA B 67 0.18 -6.99 2.84
N GLY B 68 0.68 -7.50 1.72
CA GLY B 68 1.89 -6.98 1.13
C GLY B 68 3.17 -7.39 1.83
N LYS B 69 3.10 -8.30 2.80
CA LYS B 69 4.27 -8.69 3.55
C LYS B 69 5.04 -9.78 2.80
N GLY B 70 6.26 -10.04 3.28
CA GLY B 70 7.13 -11.04 2.69
C GLY B 70 8.49 -11.01 3.35
N ASP B 71 8.61 -11.71 4.47
CA ASP B 71 9.81 -11.61 5.32
C ASP B 71 10.77 -12.74 4.96
N PHE B 72 11.70 -12.45 4.06
CA PHE B 72 12.71 -13.41 3.65
C PHE B 72 14.04 -13.20 4.35
N ILE B 73 14.12 -12.26 5.30
CA ILE B 73 15.39 -11.95 5.93
C ILE B 73 16.00 -13.20 6.54
N ASN B 74 17.33 -13.27 6.50
CA ASN B 74 18.14 -14.36 7.05
C ASN B 74 18.02 -15.65 6.26
N LYS B 75 17.35 -15.62 5.12
CA LYS B 75 17.40 -16.72 4.17
C LYS B 75 18.17 -16.26 2.93
N PRO B 76 19.16 -17.02 2.45
CA PRO B 76 19.50 -18.39 2.85
C PRO B 76 20.42 -18.56 4.04
N LEU B 77 21.04 -17.49 4.54
CA LEU B 77 21.98 -17.59 5.65
C LEU B 77 21.66 -16.55 6.71
N ASN B 78 21.57 -17.01 7.96
CA ASN B 78 21.22 -16.13 9.07
C ASN B 78 22.44 -15.36 9.55
N LEU B 79 22.42 -14.04 9.42
CA LEU B 79 23.55 -13.19 9.75
C LEU B 79 23.58 -12.76 11.20
N ASP B 80 22.64 -13.24 12.02
CA ASP B 80 22.50 -12.80 13.39
C ASP B 80 22.95 -13.81 14.44
N ASP B 81 22.85 -15.11 14.16
CA ASP B 81 23.18 -16.13 15.14
C ASP B 81 24.57 -16.72 14.94
N GLY B 82 25.32 -16.26 13.94
CA GLY B 82 26.65 -16.77 13.72
C GLY B 82 26.72 -18.08 12.96
N SER B 83 25.61 -18.55 12.40
CA SER B 83 25.61 -19.79 11.64
C SER B 83 26.17 -19.61 10.23
N ALA B 84 26.12 -18.40 9.68
CA ALA B 84 26.40 -18.22 8.26
C ALA B 84 27.82 -18.64 7.90
N ASP B 85 28.80 -18.27 8.73
CA ASP B 85 30.19 -18.56 8.40
C ASP B 85 30.47 -20.06 8.42
N LEU B 86 29.86 -20.78 9.35
CA LEU B 86 30.10 -22.22 9.43
C LEU B 86 29.64 -22.91 8.16
N HIS B 87 28.44 -22.56 7.67
CA HIS B 87 27.96 -23.14 6.42
C HIS B 87 28.93 -22.86 5.28
N LEU B 88 29.33 -21.60 5.11
CA LEU B 88 30.21 -21.28 3.99
C LEU B 88 31.58 -21.93 4.17
N ALA B 89 32.03 -22.11 5.40
CA ALA B 89 33.28 -22.83 5.62
C ALA B 89 33.15 -24.30 5.20
N ARG B 90 32.05 -24.94 5.58
CA ARG B 90 31.82 -26.32 5.15
C ARG B 90 31.89 -26.45 3.64
N LEU B 91 31.16 -25.60 2.92
CA LEU B 91 31.10 -25.72 1.47
C LEU B 91 32.45 -25.40 0.84
N LYS B 92 33.16 -24.39 1.34
CA LYS B 92 34.50 -24.14 0.83
C LYS B 92 35.41 -25.32 1.12
N ALA B 93 35.29 -25.89 2.32
CA ALA B 93 36.12 -27.04 2.67
C ALA B 93 35.85 -28.24 1.75
N TRP B 94 34.60 -28.39 1.29
CA TRP B 94 34.28 -29.42 0.31
C TRP B 94 34.88 -29.12 -1.05
N GLY B 95 35.59 -28.01 -1.20
CA GLY B 95 36.24 -27.66 -2.44
C GLY B 95 35.44 -26.77 -3.37
N TYR B 96 34.24 -26.35 -2.96
CA TYR B 96 33.37 -25.58 -3.83
C TYR B 96 33.87 -24.16 -3.94
N ASN B 97 33.76 -23.60 -5.15
CA ASN B 97 34.14 -22.22 -5.43
C ASN B 97 33.01 -21.45 -6.10
N LEU B 98 31.80 -22.04 -6.19
CA LEU B 98 30.70 -21.46 -6.95
C LEU B 98 29.42 -21.50 -6.14
N LEU B 99 28.63 -20.44 -6.24
CA LEU B 99 27.31 -20.39 -5.65
C LEU B 99 26.32 -19.84 -6.68
N ARG B 100 25.20 -20.52 -6.86
CA ARG B 100 24.07 -20.02 -7.61
C ARG B 100 23.13 -19.41 -6.57
N TYR B 101 23.05 -18.09 -6.53
CA TYR B 101 22.34 -17.39 -5.47
C TYR B 101 20.87 -17.23 -5.83
N VAL B 102 20.00 -17.75 -4.98
CA VAL B 102 18.57 -17.84 -5.28
C VAL B 102 17.85 -16.64 -4.67
N PHE B 103 17.05 -15.97 -5.47
CA PHE B 103 16.18 -14.91 -5.00
C PHE B 103 14.94 -14.89 -5.88
N THR B 104 13.81 -14.50 -5.30
CA THR B 104 12.55 -14.51 -6.02
C THR B 104 12.04 -13.08 -6.27
N TRP B 105 11.25 -12.96 -7.34
CA TRP B 105 10.51 -11.73 -7.60
C TRP B 105 9.65 -11.34 -6.40
N GLU B 106 9.05 -12.32 -5.72
CA GLU B 106 8.22 -12.02 -4.57
C GLU B 106 9.03 -11.33 -3.48
N SER B 107 10.23 -11.84 -3.19
CA SER B 107 11.04 -11.28 -2.12
C SER B 107 11.39 -9.83 -2.38
N LEU B 108 11.36 -9.38 -3.64
CA LEU B 108 11.76 -8.04 -4.01
C LEU B 108 10.61 -7.05 -4.13
N GLU B 109 9.41 -7.51 -4.45
CA GLU B 109 8.30 -6.61 -4.78
C GLU B 109 6.98 -7.09 -4.19
N HIS B 110 7.03 -7.71 -3.02
CA HIS B 110 5.81 -8.27 -2.42
C HIS B 110 4.85 -7.16 -1.98
N ALA B 111 5.37 -6.04 -1.49
CA ALA B 111 4.50 -5.01 -0.95
C ALA B 111 3.57 -4.43 -2.01
N GLY B 112 4.01 -4.39 -3.25
CA GLY B 112 3.20 -3.90 -4.34
C GLY B 112 4.04 -3.48 -5.52
N PRO B 113 3.40 -3.14 -6.64
CA PRO B 113 4.16 -2.73 -7.83
C PRO B 113 5.09 -1.56 -7.54
N LYS B 114 6.37 -1.76 -7.89
CA LYS B 114 7.48 -0.80 -7.70
C LYS B 114 7.66 -0.35 -6.27
N GLU B 115 7.14 -1.10 -5.30
CA GLU B 115 7.40 -0.88 -3.88
C GLU B 115 8.36 -1.98 -3.43
N TYR B 116 9.65 -1.74 -3.63
CA TYR B 116 10.66 -2.77 -3.50
C TYR B 116 11.13 -2.93 -2.07
N ASP B 117 11.50 -4.16 -1.72
CA ASP B 117 12.01 -4.46 -0.38
C ASP B 117 13.52 -4.22 -0.38
N TYR B 118 13.88 -2.95 -0.20
CA TYR B 118 15.30 -2.56 -0.19
C TYR B 118 16.02 -3.11 1.02
N ALA B 119 15.32 -3.34 2.13
CA ALA B 119 15.94 -3.97 3.28
C ALA B 119 16.40 -5.38 2.95
N TYR B 120 15.63 -6.10 2.11
CA TYR B 120 16.06 -7.43 1.69
C TYR B 120 17.19 -7.34 0.67
N MET B 121 17.09 -6.38 -0.26
CA MET B 121 18.21 -6.14 -1.17
C MET B 121 19.50 -5.91 -0.39
N ASP B 122 19.43 -5.16 0.72
CA ASP B 122 20.60 -4.92 1.53
C ASP B 122 21.06 -6.18 2.22
N TYR B 123 20.13 -7.02 2.67
CA TYR B 123 20.51 -8.31 3.24
C TYR B 123 21.24 -9.16 2.20
N ILE B 124 20.74 -9.20 0.98
CA ILE B 124 21.40 -9.97 -0.07
C ILE B 124 22.82 -9.47 -0.27
N ILE B 125 22.99 -8.16 -0.33
CA ILE B 125 24.32 -7.58 -0.46
C ILE B 125 25.21 -8.04 0.70
N ALA B 126 24.67 -8.01 1.91
CA ALA B 126 25.44 -8.44 3.07
C ALA B 126 25.84 -9.91 2.95
N VAL B 127 24.89 -10.77 2.58
CA VAL B 127 25.21 -12.18 2.36
C VAL B 127 26.29 -12.32 1.28
N LEU B 128 26.10 -11.62 0.16
CA LEU B 128 27.08 -11.72 -0.93
C LEU B 128 28.46 -11.31 -0.45
N ARG B 129 28.54 -10.33 0.45
CA ARG B 129 29.84 -9.90 0.95
C ARG B 129 30.52 -11.01 1.75
N LYS B 130 29.76 -11.72 2.58
CA LYS B 130 30.32 -12.89 3.27
C LYS B 130 30.82 -13.91 2.25
N CYS B 131 30.07 -14.11 1.17
CA CYS B 131 30.47 -15.08 0.16
C CYS B 131 31.79 -14.67 -0.48
N LYS B 132 31.97 -13.38 -0.71
CA LYS B 132 33.20 -12.87 -1.31
C LYS B 132 34.39 -13.10 -0.38
N GLU B 133 34.22 -12.85 0.92
CA GLU B 133 35.30 -13.08 1.86
C GLU B 133 35.74 -14.54 1.86
N TRP B 134 34.80 -15.45 1.60
CA TRP B 134 35.11 -16.88 1.56
C TRP B 134 35.52 -17.34 0.18
N GLY B 135 35.69 -16.42 -0.76
CA GLY B 135 36.28 -16.76 -2.04
C GLY B 135 35.36 -17.36 -3.07
N PHE B 136 34.05 -17.34 -2.86
CA PHE B 136 33.12 -17.93 -3.80
C PHE B 136 32.86 -16.99 -4.98
N ARG B 137 32.80 -17.55 -6.18
CA ARG B 137 32.22 -16.84 -7.32
C ARG B 137 30.72 -17.10 -7.32
N VAL B 138 29.95 -16.09 -7.72
CA VAL B 138 28.50 -16.12 -7.63
C VAL B 138 27.91 -15.70 -8.97
N PHE B 139 26.83 -16.34 -9.37
CA PHE B 139 25.95 -15.80 -10.41
C PHE B 139 24.52 -15.88 -9.89
N MET B 140 23.74 -14.85 -10.18
CA MET B 140 22.47 -14.62 -9.53
C MET B 140 21.33 -15.32 -10.27
N ASP B 141 20.46 -15.99 -9.51
CA ASP B 141 19.37 -16.77 -10.06
C ASP B 141 18.03 -16.13 -9.71
N PRO B 142 17.38 -15.43 -10.64
CA PRO B 142 16.00 -15.00 -10.39
C PRO B 142 15.07 -16.19 -10.53
N HIS B 143 14.61 -16.72 -9.40
CA HIS B 143 14.04 -18.05 -9.32
C HIS B 143 12.52 -18.01 -9.27
N GLN B 144 11.91 -19.05 -9.84
CA GLN B 144 10.49 -19.28 -9.73
C GLN B 144 10.23 -20.75 -10.00
N ASP B 145 9.05 -21.20 -9.58
CA ASP B 145 8.55 -22.54 -9.89
C ASP B 145 7.05 -22.40 -10.13
N VAL B 146 6.57 -22.96 -11.23
CA VAL B 146 5.15 -22.88 -11.61
C VAL B 146 4.61 -21.50 -11.28
N TRP B 147 5.35 -20.48 -11.69
CA TRP B 147 5.00 -19.06 -11.60
C TRP B 147 5.17 -18.45 -10.21
N SER B 148 4.56 -19.05 -9.18
CA SER B 148 4.62 -18.47 -7.85
C SER B 148 4.27 -19.52 -6.81
N ARG B 149 4.52 -19.18 -5.55
CA ARG B 149 4.04 -20.02 -4.46
C ARG B 149 2.53 -20.19 -4.53
N PHE B 150 1.82 -19.11 -4.82
CA PHE B 150 0.35 -19.12 -4.81
C PHE B 150 -0.23 -19.89 -5.98
N THR B 151 0.60 -20.32 -6.93
CA THR B 151 0.18 -21.23 -7.99
C THR B 151 0.95 -22.56 -7.92
N GLY B 152 1.55 -22.86 -6.77
CA GLY B 152 2.10 -24.17 -6.51
C GLY B 152 3.60 -24.28 -6.36
N GLY B 153 4.34 -23.16 -6.33
CA GLY B 153 5.79 -23.26 -6.32
C GLY B 153 6.55 -22.12 -5.67
N SER B 154 7.06 -21.21 -6.48
CA SER B 154 7.83 -20.07 -5.98
C SER B 154 7.92 -19.04 -7.09
N GLY B 155 8.29 -17.82 -6.72
CA GLY B 155 8.57 -16.79 -7.70
C GLY B 155 7.84 -15.47 -7.55
N ALA B 156 6.75 -15.30 -8.27
CA ALA B 156 6.14 -13.98 -8.41
C ALA B 156 5.34 -13.60 -7.18
N PRO B 157 5.17 -12.29 -6.93
CA PRO B 157 4.34 -11.86 -5.81
C PRO B 157 2.86 -12.13 -6.05
N LEU B 158 2.11 -12.15 -4.95
CA LEU B 158 0.69 -12.52 -5.02
C LEU B 158 -0.08 -11.63 -5.97
N TRP B 159 0.20 -10.33 -5.97
CA TRP B 159 -0.63 -9.40 -6.74
C TRP B 159 -0.57 -9.65 -8.25
N THR B 160 0.37 -10.48 -8.72
CA THR B 160 0.39 -10.81 -10.15
C THR B 160 -0.79 -11.71 -10.52
N LEU B 161 -1.25 -12.55 -9.60
CA LEU B 161 -2.47 -13.32 -9.85
C LEU B 161 -3.66 -12.38 -10.07
N TYR B 162 -3.83 -11.42 -9.16
CA TYR B 162 -4.92 -10.44 -9.31
C TYR B 162 -4.75 -9.63 -10.58
N ALA B 163 -3.51 -9.32 -10.94
CA ALA B 163 -3.29 -8.61 -12.19
C ALA B 163 -3.78 -9.41 -13.39
N CYS B 164 -3.71 -10.74 -13.30
CA CYS B 164 -4.14 -11.62 -14.39
C CYS B 164 -5.63 -11.95 -14.32
N GLY B 165 -6.37 -11.32 -13.42
CA GLY B 165 -7.80 -11.57 -13.31
C GLY B 165 -8.14 -12.91 -12.71
N ILE B 166 -7.29 -13.42 -11.83
CA ILE B 166 -7.46 -14.73 -11.22
C ILE B 166 -7.75 -14.54 -9.74
N ASP B 167 -8.78 -15.23 -9.25
CA ASP B 167 -9.10 -15.22 -7.82
C ASP B 167 -8.30 -16.32 -7.14
N PRO B 168 -7.26 -15.99 -6.37
CA PRO B 168 -6.39 -17.05 -5.83
C PRO B 168 -7.14 -18.13 -5.05
N TYR B 169 -8.23 -17.76 -4.37
CA TYR B 169 -8.90 -18.70 -3.47
C TYR B 169 -9.80 -19.68 -4.20
N HIS B 170 -9.88 -19.60 -5.53
CA HIS B 170 -10.65 -20.54 -6.34
C HIS B 170 -9.76 -21.54 -7.08
N LEU B 171 -8.46 -21.54 -6.79
CA LEU B 171 -7.54 -22.39 -7.54
C LEU B 171 -7.79 -23.87 -7.27
N THR B 172 -7.92 -24.24 -5.99
CA THR B 172 -8.08 -25.64 -5.65
C THR B 172 -9.40 -26.19 -6.15
N ALA B 173 -10.49 -25.44 -5.93
CA ALA B 173 -11.81 -25.93 -6.33
C ALA B 173 -11.88 -26.22 -7.82
N THR B 174 -11.17 -25.45 -8.64
CA THR B 174 -11.20 -25.61 -10.08
C THR B 174 -10.06 -26.47 -10.62
N ALA B 175 -9.19 -26.98 -9.73
CA ALA B 175 -8.00 -27.74 -10.14
C ALA B 175 -7.12 -26.94 -11.11
N ALA B 176 -7.14 -25.62 -10.98
CA ALA B 176 -6.26 -24.78 -11.79
C ALA B 176 -4.84 -24.70 -11.22
N ALA B 177 -4.65 -25.14 -9.98
CA ALA B 177 -3.32 -25.31 -9.43
C ALA B 177 -3.45 -26.20 -8.19
N TYR B 178 -2.44 -27.05 -7.98
CA TYR B 178 -2.37 -27.89 -6.79
C TYR B 178 -1.34 -27.29 -5.84
N LEU B 179 -1.78 -26.94 -4.65
CA LEU B 179 -0.95 -26.31 -3.64
C LEU B 179 -0.71 -27.28 -2.49
N HIS B 180 0.56 -27.42 -2.09
CA HIS B 180 0.90 -28.25 -0.94
C HIS B 180 0.02 -27.92 0.26
N CYS B 181 -0.20 -26.63 0.52
CA CYS B 181 -0.92 -26.21 1.71
C CYS B 181 -2.41 -26.56 1.66
N GLU B 182 -2.96 -26.82 0.46
CA GLU B 182 -4.37 -27.13 0.29
C GLU B 182 -4.58 -28.47 -0.40
N TRP B 183 -3.75 -29.46 -0.07
CA TRP B 183 -3.88 -30.80 -0.64
C TRP B 183 -4.39 -31.77 0.42
N PRO B 184 -5.43 -32.57 0.13
CA PRO B 184 -6.17 -32.64 -1.15
C PRO B 184 -7.25 -31.58 -1.26
N SER B 185 -7.52 -30.90 -0.16
CA SER B 185 -8.56 -29.87 -0.11
C SER B 185 -8.08 -28.71 0.75
N ALA B 186 -8.61 -27.53 0.44
CA ALA B 186 -8.41 -26.39 1.31
C ALA B 186 -9.01 -26.63 2.69
N GLU B 187 -10.11 -27.37 2.76
CA GLU B 187 -10.83 -27.53 4.02
C GLU B 187 -10.10 -28.46 4.97
N SER B 188 -9.75 -29.66 4.51
CA SER B 188 -9.06 -30.66 5.34
C SER B 188 -7.80 -31.11 4.63
N PRO B 189 -6.75 -30.29 4.64
CA PRO B 189 -5.51 -30.66 3.94
C PRO B 189 -4.70 -31.69 4.72
N LYS B 190 -3.99 -32.53 3.96
CA LYS B 190 -3.09 -33.54 4.51
C LYS B 190 -1.77 -33.42 3.74
N PRO B 191 -0.95 -32.42 4.05
CA PRO B 191 0.22 -32.14 3.22
C PRO B 191 1.19 -33.30 3.09
N GLN B 192 1.38 -34.11 4.14
CA GLN B 192 2.30 -35.24 4.01
C GLN B 192 1.82 -36.26 2.97
N ASP B 193 0.56 -36.20 2.55
CA ASP B 193 0.04 -37.06 1.51
C ASP B 193 0.22 -36.48 0.11
N PHE B 194 0.86 -35.31 0.00
CA PHE B 194 1.09 -34.67 -1.29
C PHE B 194 1.91 -35.60 -2.19
N PRO B 195 1.37 -36.04 -3.33
CA PRO B 195 2.10 -37.01 -4.16
C PRO B 195 3.47 -36.50 -4.59
N ALA B 196 4.39 -37.43 -4.75
CA ALA B 196 5.78 -37.10 -5.07
C ALA B 196 5.88 -36.36 -6.40
N MET B 197 6.49 -35.17 -6.36
CA MET B 197 6.84 -34.42 -7.55
C MET B 197 5.63 -34.17 -8.46
N ILE B 198 4.45 -34.06 -7.86
CA ILE B 198 3.28 -33.62 -8.61
C ILE B 198 3.27 -32.10 -8.79
N TRP B 199 3.99 -31.36 -7.94
CA TRP B 199 3.96 -29.91 -8.02
C TRP B 199 4.29 -29.42 -9.42
N GLY B 200 5.16 -30.13 -10.13
CA GLY B 200 5.58 -29.70 -11.46
C GLY B 200 4.48 -29.74 -12.50
N THR B 201 3.44 -30.56 -12.29
CA THR B 201 2.37 -30.62 -13.28
C THR B 201 1.53 -29.35 -13.30
N ASN B 202 1.71 -28.44 -12.34
CA ASN B 202 0.99 -27.17 -12.37
C ASN B 202 1.27 -26.41 -13.67
N TYR B 203 2.43 -26.65 -14.28
CA TYR B 203 2.72 -26.04 -15.58
C TYR B 203 1.66 -26.39 -16.62
N THR B 204 0.97 -27.53 -16.46
CA THR B 204 -0.03 -27.98 -17.41
C THR B 204 -1.43 -27.97 -16.81
N HIS B 205 -1.68 -27.05 -15.88
CA HIS B 205 -3.01 -26.75 -15.37
C HIS B 205 -3.32 -25.28 -15.66
N LEU B 206 -4.60 -24.93 -15.53
CA LEU B 206 -5.11 -23.70 -16.14
C LEU B 206 -4.38 -22.45 -15.66
N ALA B 207 -4.15 -22.33 -14.35
CA ALA B 207 -3.55 -21.11 -13.82
C ALA B 207 -2.22 -20.80 -14.51
N ASN B 208 -1.28 -21.76 -14.47
CA ASN B 208 0.00 -21.58 -15.14
C ASN B 208 -0.16 -21.48 -16.64
N GLN B 209 -1.10 -22.26 -17.20
CA GLN B 209 -1.33 -22.21 -18.64
C GLN B 209 -1.78 -20.82 -19.08
N THR B 210 -2.48 -20.10 -18.21
CA THR B 210 -2.94 -18.77 -18.57
C THR B 210 -1.87 -17.71 -18.32
N ILE B 211 -1.20 -17.79 -17.17
CA ILE B 211 -0.28 -16.70 -16.78
C ILE B 211 0.96 -16.69 -17.68
N TRP B 212 1.51 -17.86 -17.99
CA TRP B 212 2.69 -17.90 -18.85
C TRP B 212 2.35 -17.44 -20.27
N THR B 213 1.16 -17.79 -20.76
CA THR B 213 0.73 -17.25 -22.04
C THR B 213 0.63 -15.72 -21.96
N PHE B 214 0.06 -15.20 -20.87
CA PHE B 214 0.09 -13.76 -20.66
C PHE B 214 1.52 -13.24 -20.66
N PHE B 215 2.40 -13.90 -19.89
CA PHE B 215 3.74 -13.36 -19.65
C PHE B 215 4.53 -13.24 -20.95
N PHE B 216 4.59 -14.33 -21.73
CA PHE B 216 5.45 -14.35 -22.91
C PHE B 216 4.74 -13.90 -24.18
N ALA B 217 3.41 -14.03 -24.24
CA ALA B 217 2.72 -13.80 -25.50
C ALA B 217 1.36 -13.16 -25.30
N GLY B 218 1.21 -12.34 -24.25
CA GLY B 218 -0.06 -11.70 -24.02
C GLY B 218 -0.48 -10.79 -25.17
N LYS B 219 0.48 -10.19 -25.85
CA LYS B 219 0.15 -9.30 -26.95
C LYS B 219 -0.38 -10.05 -28.16
N THR B 220 -0.01 -11.33 -28.29
CA THR B 220 -0.41 -12.12 -29.46
C THR B 220 -1.72 -12.86 -29.24
N TYR B 221 -1.94 -13.41 -28.04
CA TYR B 221 -3.05 -14.32 -27.79
C TYR B 221 -4.08 -13.77 -26.81
N ALA B 222 -3.81 -12.61 -26.19
CA ALA B 222 -4.78 -11.96 -25.31
C ALA B 222 -4.71 -10.45 -25.50
N PRO B 223 -4.91 -9.98 -26.74
CA PRO B 223 -4.77 -8.53 -27.01
C PRO B 223 -5.75 -7.66 -26.24
N LYS B 224 -6.85 -8.21 -25.75
CA LYS B 224 -7.82 -7.44 -25.01
C LYS B 224 -7.43 -7.21 -23.56
N CYS B 225 -6.35 -7.83 -23.08
CA CYS B 225 -6.01 -7.81 -21.65
C CYS B 225 -5.08 -6.63 -21.39
N ILE B 226 -5.66 -5.44 -21.38
CA ILE B 226 -4.92 -4.20 -21.18
C ILE B 226 -4.97 -3.81 -19.71
N ILE B 227 -3.84 -3.32 -19.20
CA ILE B 227 -3.69 -2.97 -17.79
C ILE B 227 -2.68 -1.83 -17.70
N ASP B 228 -3.09 -0.72 -17.08
CA ASP B 228 -2.25 0.49 -17.02
C ASP B 228 -1.78 0.89 -18.41
N GLY B 229 -2.69 0.80 -19.39
CA GLY B 229 -2.40 1.24 -20.73
C GLY B 229 -1.56 0.31 -21.56
N LYS B 230 -1.12 -0.82 -20.99
CA LYS B 230 -0.26 -1.77 -21.67
C LYS B 230 -0.94 -3.13 -21.72
N ASN B 231 -0.47 -3.98 -22.62
CA ASN B 231 -0.88 -5.37 -22.59
C ASN B 231 -0.27 -6.07 -21.37
N ILE B 232 -1.03 -7.02 -20.82
CA ILE B 232 -0.56 -7.75 -19.64
C ILE B 232 0.85 -8.32 -19.86
N GLN B 233 1.19 -8.62 -21.11
CA GLN B 233 2.54 -9.10 -21.41
C GLN B 233 3.60 -8.09 -20.95
N ASP B 234 3.43 -6.82 -21.34
CA ASP B 234 4.41 -5.81 -20.96
C ASP B 234 4.32 -5.47 -19.47
N PHE B 235 3.09 -5.41 -18.94
CA PHE B 235 2.93 -5.17 -17.51
C PHE B 235 3.74 -6.17 -16.69
N LEU B 236 3.58 -7.46 -16.98
CA LEU B 236 4.21 -8.48 -16.16
C LEU B 236 5.71 -8.55 -16.42
N GLN B 237 6.13 -8.41 -17.68
CA GLN B 237 7.55 -8.51 -18.00
C GLN B 237 8.32 -7.29 -17.49
N ASP B 238 7.73 -6.08 -17.66
CA ASP B 238 8.40 -4.87 -17.18
C ASP B 238 8.61 -4.91 -15.67
N HIS B 239 7.57 -5.30 -14.93
CA HIS B 239 7.71 -5.32 -13.47
C HIS B 239 8.75 -6.34 -13.03
N PHE B 240 8.79 -7.50 -13.70
CA PHE B 240 9.76 -8.52 -13.33
C PHE B 240 11.18 -8.07 -13.67
N ILE B 241 11.37 -7.55 -14.88
CA ILE B 241 12.69 -7.08 -15.29
C ILE B 241 13.12 -5.90 -14.43
N ASP B 242 12.21 -4.93 -14.24
CA ASP B 242 12.52 -3.80 -13.37
C ASP B 242 12.92 -4.29 -11.98
N ALA B 243 12.22 -5.31 -11.45
CA ALA B 243 12.51 -5.79 -10.11
C ALA B 243 13.92 -6.38 -10.02
N VAL B 244 14.25 -7.30 -10.91
CA VAL B 244 15.59 -7.86 -10.93
C VAL B 244 16.62 -6.78 -11.21
N GLY B 245 16.34 -5.91 -12.18
CA GLY B 245 17.25 -4.81 -12.48
C GLY B 245 17.41 -3.85 -11.31
N GLU B 246 16.38 -3.72 -10.48
CA GLU B 246 16.51 -2.89 -9.28
C GLU B 246 17.53 -3.48 -8.32
N LEU B 247 17.53 -4.80 -8.14
CA LEU B 247 18.53 -5.44 -7.29
C LEU B 247 19.93 -5.23 -7.85
N ALA B 248 20.11 -5.41 -9.15
CA ALA B 248 21.41 -5.20 -9.77
C ALA B 248 21.88 -3.76 -9.57
N LYS B 249 21.00 -2.80 -9.82
CA LYS B 249 21.33 -1.39 -9.58
C LYS B 249 21.77 -1.17 -8.15
N ARG B 250 21.00 -1.67 -7.19
CA ARG B 250 21.38 -1.54 -5.79
C ARG B 250 22.77 -2.09 -5.54
N ILE B 251 23.07 -3.26 -6.10
CA ILE B 251 24.40 -3.83 -5.92
C ILE B 251 25.45 -2.95 -6.57
N ALA B 252 25.17 -2.45 -7.77
CA ALA B 252 26.15 -1.63 -8.47
C ALA B 252 26.41 -0.32 -7.74
N GLU B 253 25.37 0.29 -7.18
CA GLU B 253 25.51 1.60 -6.57
C GLU B 253 25.97 1.54 -5.12
N GLU B 254 25.58 0.51 -4.37
CA GLU B 254 25.88 0.42 -2.95
C GLU B 254 26.98 -0.58 -2.61
N ALA B 255 27.33 -1.47 -3.53
CA ALA B 255 28.32 -2.51 -3.26
C ALA B 255 28.98 -2.92 -4.56
N GLY B 256 29.39 -1.92 -5.35
CA GLY B 256 29.99 -2.20 -6.64
C GLY B 256 31.20 -3.08 -6.58
N ASP B 257 31.83 -3.19 -5.40
CA ASP B 257 33.00 -4.03 -5.26
C ASP B 257 32.68 -5.51 -5.48
N LEU B 258 31.40 -5.88 -5.39
CA LEU B 258 31.02 -7.27 -5.59
C LEU B 258 31.07 -7.67 -7.06
N LEU B 259 30.87 -6.73 -7.98
CA LEU B 259 30.72 -7.09 -9.38
C LEU B 259 32.01 -7.69 -9.94
N ASP B 260 31.86 -8.78 -10.68
CA ASP B 260 32.94 -9.37 -11.48
C ASP B 260 33.99 -10.09 -10.64
N GLU B 261 34.37 -9.51 -9.50
CA GLU B 261 35.25 -10.23 -8.59
C GLU B 261 34.50 -11.38 -7.92
N CYS B 262 33.26 -11.12 -7.48
CA CYS B 262 32.44 -12.12 -6.83
C CYS B 262 31.22 -12.46 -7.69
N VAL B 263 30.31 -11.52 -7.89
CA VAL B 263 29.16 -11.74 -8.76
C VAL B 263 29.63 -11.61 -10.21
N ILE B 264 29.71 -12.73 -10.92
CA ILE B 264 30.23 -12.70 -12.27
C ILE B 264 29.15 -12.53 -13.33
N GLY B 265 27.90 -12.75 -12.98
CA GLY B 265 26.85 -12.62 -13.98
C GLY B 265 25.50 -12.98 -13.41
N TRP B 266 24.51 -13.00 -14.30
CA TRP B 266 23.12 -13.21 -13.93
C TRP B 266 22.52 -14.30 -14.81
N ASP B 267 21.73 -15.16 -14.19
CA ASP B 267 20.98 -16.17 -14.90
C ASP B 267 19.69 -15.57 -15.46
N SER B 268 19.18 -16.19 -16.51
CA SER B 268 17.87 -15.82 -17.02
C SER B 268 16.79 -16.33 -16.08
N ILE B 269 15.54 -15.96 -16.37
CA ILE B 269 14.42 -16.42 -15.57
C ILE B 269 14.47 -17.94 -15.48
N ASN B 270 14.19 -18.46 -14.28
CA ASN B 270 14.38 -19.87 -14.00
C ASN B 270 13.25 -20.72 -14.59
N GLU B 271 13.64 -21.78 -15.32
CA GLU B 271 12.72 -22.78 -15.84
C GLU B 271 11.38 -22.16 -16.21
N PRO B 272 11.37 -21.27 -17.19
CA PRO B 272 10.13 -20.54 -17.51
C PRO B 272 9.07 -21.45 -18.12
N GLY B 273 7.81 -21.14 -17.78
CA GLY B 273 6.72 -21.89 -18.33
C GLY B 273 6.39 -21.47 -19.74
N GLU B 274 5.82 -22.40 -20.50
CA GLU B 274 5.41 -22.15 -21.87
C GLU B 274 3.92 -21.85 -21.99
N GLY B 275 3.16 -22.00 -20.92
CA GLY B 275 1.73 -21.76 -21.00
C GLY B 275 1.09 -22.72 -21.99
N LEU B 276 0.26 -22.17 -22.87
CA LEU B 276 -0.32 -22.91 -23.97
C LEU B 276 0.34 -22.60 -25.31
N ILE B 277 1.40 -21.79 -25.29
CA ILE B 277 2.06 -21.41 -26.54
C ILE B 277 2.51 -22.67 -27.27
N GLY B 278 2.18 -22.75 -28.55
CA GLY B 278 2.55 -23.88 -29.36
C GLY B 278 1.66 -25.11 -29.23
N CYS B 279 0.62 -25.04 -28.42
CA CYS B 279 -0.32 -26.15 -28.33
C CYS B 279 -1.01 -26.32 -29.68
N LYS B 280 -0.86 -27.51 -30.28
CA LYS B 280 -1.42 -27.76 -31.60
C LYS B 280 -2.89 -28.13 -31.54
N ASP B 281 -3.35 -28.67 -30.41
CA ASP B 281 -4.74 -29.10 -30.26
C ASP B 281 -5.11 -29.01 -28.78
N LEU B 282 -5.95 -28.05 -28.44
CA LEU B 282 -6.32 -27.84 -27.04
C LEU B 282 -7.19 -28.95 -26.48
N ALA B 283 -7.69 -29.86 -27.31
CA ALA B 283 -8.56 -30.93 -26.84
C ALA B 283 -7.82 -32.14 -26.30
N VAL B 284 -6.52 -32.24 -26.53
CA VAL B 284 -5.74 -33.39 -26.08
C VAL B 284 -4.47 -32.91 -25.39
N ILE B 285 -3.93 -33.80 -24.56
CA ILE B 285 -2.58 -33.65 -24.03
C ILE B 285 -1.62 -34.37 -24.98
N PRO B 286 -0.65 -33.69 -25.59
CA PRO B 286 0.18 -34.35 -26.59
C PRO B 286 1.07 -35.40 -25.97
N ALA B 287 1.34 -36.45 -26.74
CA ALA B 287 2.24 -37.51 -26.29
C ALA B 287 3.63 -36.99 -25.99
N GLU B 288 4.02 -35.88 -26.62
CA GLU B 288 5.33 -35.30 -26.39
C GLU B 288 5.43 -34.64 -25.01
N GLN B 289 4.31 -34.27 -24.39
CA GLN B 289 4.34 -33.78 -23.02
C GLN B 289 4.92 -34.89 -22.14
N GLN B 290 6.12 -34.68 -21.62
CA GLN B 290 6.81 -35.76 -20.91
C GLN B 290 6.17 -36.05 -19.57
N LEU B 291 5.91 -35.03 -18.77
CA LEU B 291 5.44 -35.23 -17.40
C LEU B 291 3.91 -35.22 -17.34
N LYS B 292 3.34 -36.33 -16.85
CA LYS B 292 1.95 -36.40 -16.44
C LYS B 292 1.89 -37.17 -15.12
N LYS B 293 1.08 -36.70 -14.19
CA LYS B 293 0.86 -37.41 -12.93
C LYS B 293 -0.36 -36.84 -12.21
N GLY B 294 -1.22 -37.72 -11.71
CA GLY B 294 -2.44 -37.31 -11.03
C GLY B 294 -3.50 -36.87 -12.01
N PRO B 295 -4.53 -36.18 -11.52
CA PRO B 295 -5.58 -35.67 -12.43
C PRO B 295 -4.99 -34.71 -13.45
N SER B 296 -5.20 -35.01 -14.72
CA SER B 296 -4.52 -34.33 -15.82
C SER B 296 -5.54 -33.86 -16.85
N PRO B 297 -6.30 -32.82 -16.52
CA PRO B 297 -7.28 -32.30 -17.48
C PRO B 297 -6.60 -31.73 -18.72
N THR B 298 -7.22 -31.91 -19.87
CA THR B 298 -6.75 -31.32 -21.10
C THR B 298 -6.93 -29.81 -21.02
N PRO B 299 -6.32 -29.05 -21.94
CA PRO B 299 -6.50 -27.59 -21.89
C PRO B 299 -7.96 -27.17 -21.88
N ILE B 300 -8.76 -27.67 -22.82
CA ILE B 300 -10.17 -27.28 -22.85
C ILE B 300 -10.89 -27.77 -21.60
N GLU B 301 -10.53 -28.95 -21.12
CA GLU B 301 -11.15 -29.46 -19.90
C GLU B 301 -10.85 -28.55 -18.72
N GLY B 302 -9.61 -28.10 -18.59
CA GLY B 302 -9.25 -27.19 -17.51
C GLY B 302 -9.99 -25.87 -17.61
N MET B 303 -10.15 -25.36 -18.84
CA MET B 303 -10.94 -24.16 -19.04
C MET B 303 -12.38 -24.37 -18.54
N ARG B 304 -13.00 -25.47 -18.92
CA ARG B 304 -14.35 -25.77 -18.44
C ARG B 304 -14.37 -25.82 -16.92
N LEU B 305 -13.40 -26.49 -16.32
CA LEU B 305 -13.29 -26.49 -14.87
C LEU B 305 -13.15 -25.05 -14.34
N GLY B 306 -12.42 -24.20 -15.06
CA GLY B 306 -12.30 -22.82 -14.67
C GLY B 306 -13.60 -22.05 -14.69
N MET B 307 -14.60 -22.56 -15.43
CA MET B 307 -15.94 -22.00 -15.46
C MET B 307 -16.87 -22.67 -14.45
N GLY B 308 -16.34 -23.47 -13.54
CA GLY B 308 -17.16 -24.13 -12.55
C GLY B 308 -17.86 -25.38 -13.01
N GLU B 309 -17.53 -25.89 -14.20
CA GLU B 309 -18.17 -27.07 -14.76
C GLU B 309 -17.37 -28.32 -14.41
N ALA B 310 -18.08 -29.37 -14.00
CA ALA B 310 -17.42 -30.63 -13.67
C ALA B 310 -16.91 -31.31 -14.93
N GLN B 311 -15.81 -32.04 -14.79
CA GLN B 311 -15.21 -32.74 -15.92
C GLN B 311 -14.72 -34.11 -15.47
N ASP B 312 -14.85 -35.09 -16.36
CA ASP B 312 -14.26 -36.42 -16.15
C ASP B 312 -12.88 -36.42 -16.79
N VAL B 313 -11.85 -36.59 -15.98
CA VAL B 313 -10.47 -36.29 -16.37
C VAL B 313 -9.64 -37.56 -16.25
N GLN B 314 -8.72 -37.73 -17.19
CA GLN B 314 -7.75 -38.81 -17.12
C GLN B 314 -6.74 -38.53 -16.01
N ALA B 315 -6.52 -39.53 -15.16
CA ALA B 315 -5.45 -39.50 -14.16
C ALA B 315 -4.32 -40.41 -14.63
N TRP B 316 -3.09 -40.00 -14.34
CA TRP B 316 -1.90 -40.72 -14.78
C TRP B 316 -1.08 -41.18 -13.59
N ASN B 317 -0.39 -42.30 -13.78
CA ASN B 317 0.57 -42.83 -12.84
C ASN B 317 1.95 -42.76 -13.45
N PHE B 318 2.97 -42.70 -12.61
CA PHE B 318 4.35 -42.72 -13.06
C PHE B 318 4.89 -44.13 -12.89
N GLY B 319 5.10 -44.82 -14.00
CA GLY B 319 5.58 -46.18 -13.98
C GLY B 319 7.07 -46.24 -14.24
N PRO B 320 7.61 -47.46 -14.33
CA PRO B 320 9.06 -47.59 -14.56
C PRO B 320 9.52 -46.97 -15.87
N MET B 321 8.65 -46.89 -16.87
CA MET B 321 8.97 -46.25 -18.13
C MET B 321 8.25 -44.91 -18.30
N GLY B 322 7.81 -44.31 -17.21
CA GLY B 322 7.23 -43.00 -17.24
C GLY B 322 5.72 -43.03 -17.14
N PRO B 323 5.09 -41.91 -17.44
CA PRO B 323 3.62 -41.81 -17.27
C PRO B 323 2.88 -42.84 -18.09
N TYR B 324 1.85 -43.42 -17.48
CA TYR B 324 0.88 -44.23 -18.20
C TYR B 324 -0.49 -43.93 -17.64
N ARG B 325 -1.52 -44.18 -18.45
CA ARG B 325 -2.88 -43.86 -18.06
C ARG B 325 -3.33 -44.75 -16.91
N GLY B 326 -3.80 -44.14 -15.84
CA GLY B 326 -4.43 -44.87 -14.76
C GLY B 326 -5.93 -44.89 -14.94
N SER B 327 -6.68 -44.56 -13.90
CA SER B 327 -8.12 -44.49 -14.02
C SER B 327 -8.57 -43.05 -14.31
N ARG B 328 -9.87 -42.92 -14.55
CA ARG B 328 -10.51 -41.64 -14.83
C ARG B 328 -11.14 -41.09 -13.56
N GLN B 329 -11.12 -39.76 -13.43
CA GLN B 329 -11.67 -39.11 -12.25
C GLN B 329 -12.59 -37.97 -12.65
N THR B 330 -13.47 -37.61 -11.72
CA THR B 330 -14.40 -36.49 -11.87
C THR B 330 -13.96 -35.36 -10.96
N ILE B 331 -13.67 -34.21 -11.54
CA ILE B 331 -13.36 -33.00 -10.79
C ILE B 331 -14.59 -32.10 -10.91
N ASP B 332 -15.17 -31.75 -9.76
CA ASP B 332 -16.41 -30.98 -9.72
C ASP B 332 -16.21 -29.69 -8.95
N PRO B 333 -15.97 -28.56 -9.63
CA PRO B 333 -15.82 -27.28 -8.90
C PRO B 333 -17.11 -26.80 -8.26
N LYS B 334 -18.26 -27.39 -8.60
CA LYS B 334 -19.54 -27.02 -8.02
C LYS B 334 -19.82 -25.53 -8.24
N GLY B 335 -19.68 -25.10 -9.50
CA GLY B 335 -19.95 -23.74 -9.89
C GLY B 335 -18.86 -22.73 -9.59
N VAL B 336 -17.89 -23.06 -8.75
CA VAL B 336 -16.84 -22.10 -8.42
C VAL B 336 -15.98 -21.85 -9.66
N LYS B 337 -15.80 -20.59 -10.01
CA LYS B 337 -15.03 -20.19 -11.18
C LYS B 337 -13.65 -19.70 -10.74
N LEU B 338 -12.67 -19.85 -11.62
CA LEU B 338 -11.32 -19.38 -11.34
C LEU B 338 -11.22 -17.86 -11.39
N TRP B 339 -12.05 -17.22 -12.20
CA TRP B 339 -11.81 -15.85 -12.62
C TRP B 339 -12.39 -14.85 -11.62
N LEU B 340 -11.58 -13.87 -11.23
CA LEU B 340 -12.00 -12.84 -10.30
C LEU B 340 -13.22 -12.10 -10.86
N SER B 341 -14.18 -11.83 -9.99
CA SER B 341 -15.34 -11.06 -10.39
C SER B 341 -15.00 -9.57 -10.40
N LYS B 342 -15.79 -8.82 -11.18
CA LYS B 342 -15.62 -7.37 -11.23
C LYS B 342 -15.66 -6.77 -9.83
N GLU B 343 -16.62 -7.20 -9.01
CA GLU B 343 -16.73 -6.68 -7.65
C GLU B 343 -15.45 -6.93 -6.88
N ASP B 344 -14.85 -8.11 -7.05
CA ASP B 344 -13.65 -8.47 -6.31
C ASP B 344 -12.39 -7.85 -6.89
N ASP B 345 -12.39 -7.49 -8.18
CA ASP B 345 -11.28 -6.73 -8.73
C ASP B 345 -11.23 -5.32 -8.14
N VAL B 346 -12.38 -4.76 -7.76
CA VAL B 346 -12.41 -3.45 -7.12
C VAL B 346 -11.90 -3.56 -5.70
N LYS B 347 -12.24 -4.65 -5.00
CA LYS B 347 -11.90 -4.77 -3.59
C LYS B 347 -10.50 -5.33 -3.40
N ARG B 348 -10.10 -6.28 -4.25
CA ARG B 348 -8.85 -7.02 -4.03
C ARG B 348 -7.89 -6.99 -5.21
N GLY B 349 -8.31 -6.49 -6.37
CA GLY B 349 -7.45 -6.46 -7.53
C GLY B 349 -7.00 -5.07 -7.89
N SER B 350 -7.37 -4.61 -9.09
CA SER B 350 -6.96 -3.29 -9.55
C SER B 350 -7.20 -2.23 -8.48
N GLY B 351 -8.35 -2.28 -7.82
CA GLY B 351 -8.66 -1.26 -6.84
C GLY B 351 -7.77 -1.30 -5.63
N LYS B 352 -7.25 -2.47 -5.29
CA LYS B 352 -6.44 -2.64 -4.08
C LYS B 352 -4.95 -2.40 -4.34
N TRP B 353 -4.46 -2.72 -5.52
CA TRP B 353 -3.03 -2.69 -5.79
C TRP B 353 -2.61 -1.50 -6.64
N GLY B 354 -3.56 -0.83 -7.28
CA GLY B 354 -3.27 0.45 -7.90
C GLY B 354 -2.96 0.38 -9.39
N TRP B 355 -3.84 -0.25 -10.17
CA TRP B 355 -3.73 -0.21 -11.61
C TRP B 355 -5.11 -0.06 -12.22
N THR B 356 -5.15 0.19 -13.53
CA THR B 356 -6.40 0.37 -14.26
C THR B 356 -6.49 -0.71 -15.33
N ARG B 357 -7.56 -1.48 -15.28
CA ARG B 357 -7.79 -2.54 -16.25
C ARG B 357 -8.62 -2.04 -17.42
N GLY B 358 -8.30 -2.51 -18.63
CA GLY B 358 -9.00 -2.05 -19.81
C GLY B 358 -10.41 -2.57 -19.88
N LYS B 359 -11.29 -1.77 -20.50
CA LYS B 359 -12.71 -2.08 -20.50
C LYS B 359 -13.00 -3.38 -21.23
N GLU B 360 -12.17 -3.77 -22.20
CA GLU B 360 -12.40 -4.98 -22.96
C GLU B 360 -11.86 -6.23 -22.27
N TRP B 361 -11.21 -6.10 -21.12
CA TRP B 361 -10.73 -7.26 -20.37
C TRP B 361 -11.90 -7.78 -19.54
N ALA B 362 -12.60 -8.78 -20.07
CA ALA B 362 -13.76 -9.33 -19.39
C ALA B 362 -13.33 -10.05 -18.11
N LEU B 363 -14.04 -9.78 -17.02
CA LEU B 363 -13.76 -10.39 -15.73
C LEU B 363 -14.85 -11.40 -15.38
N GLY B 364 -14.52 -12.28 -14.43
CA GLY B 364 -15.44 -13.28 -13.96
C GLY B 364 -15.79 -14.37 -14.95
N THR B 365 -15.21 -14.35 -16.14
CA THR B 365 -15.48 -15.36 -17.14
C THR B 365 -14.18 -15.69 -17.88
N CYS B 366 -14.14 -16.86 -18.51
CA CYS B 366 -12.91 -17.34 -19.11
C CYS B 366 -12.37 -16.34 -20.14
N ILE B 367 -11.10 -16.00 -19.99
CA ILE B 367 -10.47 -15.03 -20.89
C ILE B 367 -10.15 -15.62 -22.24
N TRP B 368 -10.02 -16.94 -22.34
CA TRP B 368 -9.76 -17.57 -23.63
C TRP B 368 -11.04 -17.76 -24.42
N ALA B 369 -12.14 -18.10 -23.74
CA ALA B 369 -13.43 -18.01 -24.41
C ALA B 369 -13.69 -16.59 -24.90
N HIS B 370 -13.36 -15.58 -24.08
CA HIS B 370 -13.58 -14.20 -24.46
C HIS B 370 -12.83 -13.85 -25.74
N HIS B 371 -11.73 -14.54 -26.03
CA HIS B 371 -10.99 -14.34 -27.25
C HIS B 371 -11.37 -15.33 -28.35
N GLY B 372 -12.44 -16.11 -28.15
CA GLY B 372 -12.98 -16.94 -29.19
C GLY B 372 -12.43 -18.34 -29.27
N VAL B 373 -11.73 -18.82 -28.24
CA VAL B 373 -11.16 -20.16 -28.30
C VAL B 373 -12.26 -21.19 -28.12
N TRP B 374 -13.21 -20.93 -27.23
CA TRP B 374 -14.33 -21.84 -27.01
C TRP B 374 -15.55 -21.04 -26.58
N GLU B 375 -16.72 -21.68 -26.71
CA GLU B 375 -18.00 -21.04 -26.46
C GLU B 375 -18.51 -21.45 -25.09
N ILE B 376 -18.80 -20.46 -24.24
CA ILE B 376 -19.27 -20.77 -22.89
C ILE B 376 -20.62 -21.46 -22.94
N ALA B 377 -21.51 -20.99 -23.81
CA ALA B 377 -22.89 -21.47 -23.81
C ALA B 377 -22.95 -22.96 -24.12
N THR B 378 -22.15 -23.43 -25.08
CA THR B 378 -22.17 -24.83 -25.50
C THR B 378 -20.97 -25.62 -24.97
N SER B 379 -20.04 -24.98 -24.27
CA SER B 379 -18.81 -25.64 -23.84
C SER B 379 -18.07 -26.28 -25.01
N THR B 380 -18.15 -25.64 -26.18
CA THR B 380 -17.59 -26.18 -27.41
C THR B 380 -16.30 -25.47 -27.76
N LEU B 381 -15.28 -26.25 -28.11
CA LEU B 381 -14.02 -25.70 -28.57
C LEU B 381 -14.17 -25.19 -30.00
N LEU B 382 -13.78 -23.93 -30.22
CA LEU B 382 -13.95 -23.28 -31.52
C LEU B 382 -12.65 -23.16 -32.30
N ARG B 383 -11.54 -22.86 -31.64
CA ARG B 383 -10.23 -22.68 -32.29
C ARG B 383 -9.24 -23.59 -31.59
N PRO B 384 -9.30 -24.89 -31.85
CA PRO B 384 -8.40 -25.84 -31.14
C PRO B 384 -6.93 -25.58 -31.40
N ASP B 385 -6.59 -24.86 -32.47
CA ASP B 385 -5.20 -24.53 -32.79
C ASP B 385 -4.93 -23.03 -32.67
N TYR B 386 -5.64 -22.36 -31.78
CA TYR B 386 -5.46 -20.91 -31.62
C TYR B 386 -4.02 -20.56 -31.26
N PHE B 387 -3.45 -21.26 -30.29
CA PHE B 387 -2.10 -20.97 -29.83
C PHE B 387 -1.00 -21.58 -30.68
N SER B 388 -1.36 -22.32 -31.73
CA SER B 388 -0.36 -22.94 -32.59
C SER B 388 0.30 -21.94 -33.54
N THR B 389 -0.38 -20.85 -33.87
CA THR B 389 0.09 -19.93 -34.89
C THR B 389 -0.11 -18.50 -34.39
N LEU B 390 0.12 -17.55 -35.28
CA LEU B 390 -0.22 -16.16 -35.01
C LEU B 390 -1.65 -15.91 -35.46
N PRO B 391 -2.54 -15.41 -34.59
CA PRO B 391 -3.89 -15.08 -35.07
C PRO B 391 -3.87 -14.12 -36.25
N THR B 392 -2.84 -13.27 -36.35
CA THR B 392 -2.74 -12.33 -37.46
C THR B 392 -2.15 -12.99 -38.71
N ASN B 393 -1.35 -14.04 -38.53
CA ASN B 393 -0.70 -14.74 -39.65
C ASN B 393 -0.77 -16.23 -39.38
N PRO B 394 -1.94 -16.85 -39.59
CA PRO B 394 -2.11 -18.27 -39.25
C PRO B 394 -1.19 -19.21 -40.03
N GLY B 395 -0.54 -18.74 -41.09
CA GLY B 395 0.37 -19.59 -41.84
C GLY B 395 1.70 -19.86 -41.18
N HIS B 396 2.01 -19.15 -40.09
CA HIS B 396 3.29 -19.27 -39.40
C HIS B 396 3.09 -19.99 -38.08
N GLN B 397 3.50 -21.26 -38.02
CA GLN B 397 3.49 -21.98 -36.77
C GLN B 397 4.58 -21.44 -35.86
N VAL B 398 4.24 -21.18 -34.60
CA VAL B 398 5.11 -20.47 -33.70
C VAL B 398 6.05 -21.44 -33.00
N ASP B 399 7.22 -20.94 -32.63
CA ASP B 399 8.18 -21.64 -31.79
C ASP B 399 8.35 -20.84 -30.50
N PHE B 400 8.01 -21.44 -29.38
CA PHE B 400 8.02 -20.71 -28.11
C PHE B 400 9.39 -20.14 -27.82
N VAL B 401 10.45 -20.92 -28.02
CA VAL B 401 11.78 -20.47 -27.69
C VAL B 401 12.21 -19.35 -28.63
N ASP B 402 12.04 -19.54 -29.93
CA ASP B 402 12.53 -18.56 -30.90
C ASP B 402 11.69 -17.29 -30.90
N ASP B 403 10.37 -17.42 -30.77
CA ASP B 403 9.47 -16.32 -31.04
C ASP B 403 9.06 -15.53 -29.80
N PHE B 404 9.12 -16.12 -28.61
CA PHE B 404 8.65 -15.43 -27.43
C PHE B 404 9.69 -15.41 -26.32
N TRP B 405 10.27 -16.56 -25.97
CA TRP B 405 11.27 -16.56 -24.91
C TRP B 405 12.47 -15.68 -25.29
N ALA B 406 12.94 -15.80 -26.53
CA ALA B 406 14.12 -15.06 -26.96
C ALA B 406 13.88 -13.55 -26.88
N LEU B 407 12.67 -13.11 -27.27
CA LEU B 407 12.34 -11.70 -27.18
C LEU B 407 12.39 -11.22 -25.74
N HIS B 408 11.92 -12.04 -24.80
CA HIS B 408 12.04 -11.68 -23.39
C HIS B 408 13.50 -11.64 -22.96
N TRP B 409 14.31 -12.59 -23.44
CA TRP B 409 15.71 -12.61 -23.03
C TRP B 409 16.44 -11.37 -23.51
N LEU B 410 16.12 -10.89 -24.70
CA LEU B 410 16.72 -9.66 -25.19
C LEU B 410 16.47 -8.50 -24.23
N ALA B 411 15.22 -8.31 -23.81
CA ALA B 411 14.89 -7.22 -22.91
C ALA B 411 15.54 -7.41 -21.54
N TYR B 412 15.53 -8.64 -21.02
CA TYR B 412 16.14 -8.91 -19.72
C TYR B 412 17.66 -8.71 -19.78
N SER B 413 18.31 -9.28 -20.79
CA SER B 413 19.77 -9.22 -20.85
C SER B 413 20.26 -7.77 -20.90
N SER B 414 19.55 -6.91 -21.63
CA SER B 414 20.00 -5.53 -21.76
C SER B 414 19.91 -4.78 -20.45
N ARG B 415 18.87 -5.05 -19.65
CA ARG B 415 18.78 -4.41 -18.34
C ARG B 415 19.92 -4.85 -17.46
N ILE B 416 20.25 -6.15 -17.49
CA ILE B 416 21.35 -6.67 -16.70
C ILE B 416 22.63 -5.91 -17.04
N ARG B 417 22.93 -5.79 -18.35
CA ARG B 417 24.17 -5.14 -18.76
C ARG B 417 24.16 -3.65 -18.43
N LEU B 418 22.98 -3.03 -18.38
CA LEU B 418 22.91 -1.61 -18.05
C LEU B 418 23.48 -1.34 -16.67
N HIS B 419 23.21 -2.22 -15.72
CA HIS B 419 23.67 -2.05 -14.34
C HIS B 419 24.91 -2.86 -14.02
N HIS B 420 25.17 -3.94 -14.76
CA HIS B 420 26.36 -4.78 -14.57
C HIS B 420 27.07 -4.89 -15.91
N PRO B 421 27.90 -3.91 -16.26
CA PRO B 421 28.41 -3.85 -17.65
C PRO B 421 29.20 -5.07 -18.08
N GLU B 422 30.01 -5.66 -17.20
CA GLU B 422 30.80 -6.83 -17.54
C GLU B 422 30.08 -8.14 -17.23
N SER B 423 28.75 -8.09 -17.14
CA SER B 423 28.00 -9.26 -16.71
C SER B 423 28.12 -10.39 -17.74
N ILE B 424 28.40 -11.59 -17.25
CA ILE B 424 28.21 -12.80 -18.04
C ILE B 424 26.72 -13.10 -18.08
N HIS B 425 26.18 -13.33 -19.28
CA HIS B 425 24.81 -13.79 -19.43
C HIS B 425 24.81 -15.31 -19.31
N PHE B 426 24.22 -15.82 -18.23
CA PHE B 426 24.00 -17.25 -18.06
C PHE B 426 22.65 -17.58 -18.68
N ILE B 427 22.67 -18.22 -19.85
CA ILE B 427 21.49 -18.39 -20.69
C ILE B 427 20.81 -19.71 -20.35
N GLN B 428 19.64 -19.63 -19.71
CA GLN B 428 18.88 -20.81 -19.32
C GLN B 428 17.66 -20.93 -20.24
N ALA B 429 17.82 -21.71 -21.32
CA ALA B 429 16.69 -21.98 -22.18
C ALA B 429 15.63 -22.79 -21.42
N PRO B 430 14.41 -22.82 -21.92
CA PRO B 430 13.36 -23.59 -21.23
C PRO B 430 13.74 -25.05 -21.08
N VAL B 431 13.21 -25.67 -20.02
CA VAL B 431 13.58 -27.03 -19.66
C VAL B 431 13.40 -27.96 -20.84
N LEU B 432 14.42 -28.76 -21.11
CA LEU B 432 14.38 -29.80 -22.13
C LEU B 432 14.19 -29.24 -23.53
N ARG B 433 14.60 -27.99 -23.75
CA ARG B 433 14.61 -27.39 -25.06
C ARG B 433 16.03 -26.91 -25.37
N GLN B 434 16.33 -26.79 -26.66
CA GLN B 434 17.60 -26.20 -27.06
C GLN B 434 17.53 -24.69 -26.95
N PRO B 435 18.65 -24.02 -26.73
CA PRO B 435 18.65 -22.56 -26.76
C PRO B 435 18.34 -22.06 -28.17
N PRO B 436 17.85 -20.84 -28.30
CA PRO B 436 17.75 -20.22 -29.63
C PRO B 436 19.09 -19.64 -30.04
N LYS B 437 19.20 -19.33 -31.33
CA LYS B 437 20.33 -18.54 -31.82
C LYS B 437 20.16 -17.12 -31.34
N LEU B 438 21.08 -16.65 -30.50
CA LEU B 438 21.00 -15.30 -29.98
C LEU B 438 22.06 -14.42 -30.64
N PRO B 439 21.79 -13.13 -30.82
CA PRO B 439 22.73 -12.28 -31.54
C PRO B 439 23.92 -11.87 -30.69
N GLU B 440 25.08 -11.79 -31.34
CA GLU B 440 26.29 -11.33 -30.65
C GLU B 440 26.20 -9.87 -30.25
N SER B 441 25.23 -9.12 -30.76
CA SER B 441 25.05 -7.74 -30.30
C SER B 441 24.65 -7.68 -28.83
N PHE B 442 24.09 -8.77 -28.29
CA PHE B 442 23.70 -8.86 -26.89
C PHE B 442 24.60 -9.76 -26.09
N LEU B 443 25.07 -10.87 -26.68
CA LEU B 443 26.04 -11.72 -26.01
C LEU B 443 27.36 -10.99 -25.82
N LYS B 444 27.90 -10.43 -26.90
CA LYS B 444 29.12 -9.61 -26.84
C LYS B 444 30.29 -10.38 -26.23
N GLY B 445 30.37 -11.67 -26.54
CA GLY B 445 31.51 -12.46 -26.13
C GLY B 445 31.60 -12.72 -24.66
N ARG B 446 30.49 -12.62 -23.93
CA ARG B 446 30.47 -12.76 -22.47
C ARG B 446 29.18 -13.49 -22.10
N ALA B 447 29.17 -14.80 -22.33
CA ALA B 447 27.97 -15.60 -22.11
C ALA B 447 28.36 -17.00 -21.67
N CYS B 448 27.39 -17.71 -21.12
CA CYS B 448 27.58 -19.09 -20.70
C CYS B 448 26.23 -19.79 -20.74
N SER B 449 26.19 -20.97 -21.35
CA SER B 449 24.97 -21.76 -21.33
C SER B 449 24.78 -22.35 -19.94
N SER B 450 23.58 -22.20 -19.38
CA SER B 450 23.29 -22.61 -18.01
C SER B 450 22.08 -23.52 -17.97
N PRO B 451 22.14 -24.67 -18.65
CA PRO B 451 21.02 -25.61 -18.62
C PRO B 451 20.93 -26.35 -17.28
N HIS B 452 19.76 -26.95 -17.05
CA HIS B 452 19.56 -27.86 -15.94
C HIS B 452 19.50 -29.28 -16.45
N PHE B 453 20.00 -30.22 -15.64
CA PHE B 453 19.81 -31.63 -15.90
C PHE B 453 19.48 -32.36 -14.60
N TYR B 454 18.49 -33.23 -14.66
CA TYR B 454 18.15 -34.10 -13.54
C TYR B 454 18.02 -35.53 -14.04
N ASP B 455 18.45 -36.47 -13.20
CA ASP B 455 18.14 -37.89 -13.40
C ASP B 455 16.64 -38.07 -13.20
N GLY B 456 15.89 -38.03 -14.31
CA GLY B 456 14.44 -37.94 -14.20
C GLY B 456 13.83 -39.12 -13.48
N LEU B 457 14.19 -40.35 -13.88
CA LEU B 457 13.61 -41.52 -13.24
C LEU B 457 13.85 -41.49 -11.74
N THR B 458 15.11 -41.30 -11.33
CA THR B 458 15.41 -41.22 -9.90
C THR B 458 14.60 -40.13 -9.22
N LEU B 459 14.57 -38.93 -9.84
CA LEU B 459 13.86 -37.80 -9.24
C LEU B 459 12.38 -38.13 -9.02
N MET B 460 11.70 -38.63 -10.06
CA MET B 460 10.26 -38.84 -9.95
C MET B 460 9.92 -39.97 -8.98
N THR B 461 10.69 -41.06 -9.00
CA THR B 461 10.36 -42.23 -8.20
C THR B 461 11.04 -42.26 -6.84
N LYS B 462 12.01 -41.39 -6.61
CA LYS B 462 12.73 -41.35 -5.33
C LYS B 462 13.30 -42.72 -4.99
N HIS B 463 13.80 -43.39 -6.01
CA HIS B 463 14.48 -44.68 -5.88
CA HIS B 463 14.49 -44.67 -5.87
C HIS B 463 15.71 -44.64 -6.77
N TRP B 464 16.74 -45.36 -6.37
CA TRP B 464 17.90 -45.60 -7.24
C TRP B 464 17.64 -46.95 -7.90
N ASN B 465 17.06 -46.93 -9.10
CA ASN B 465 16.60 -48.13 -9.75
C ASN B 465 17.76 -48.91 -10.38
N TRP B 466 17.58 -50.24 -10.45
CA TRP B 466 18.53 -51.08 -11.17
C TRP B 466 18.42 -50.92 -12.67
N PHE B 467 17.45 -50.16 -13.15
CA PHE B 467 17.32 -49.78 -14.55
C PHE B 467 17.22 -48.27 -14.63
N ASN B 468 17.46 -47.72 -15.82
CA ASN B 468 17.21 -46.31 -16.10
C ASN B 468 16.99 -46.17 -17.60
N ALA B 469 16.67 -44.95 -18.04
CA ALA B 469 16.36 -44.71 -19.45
C ALA B 469 16.86 -43.33 -19.86
N ASP B 470 17.16 -43.21 -21.15
CA ASP B 470 17.76 -42.01 -21.74
C ASP B 470 16.66 -40.99 -22.02
N ALA B 471 16.46 -40.06 -21.08
CA ALA B 471 15.37 -39.11 -21.22
C ALA B 471 15.57 -38.19 -22.41
N ILE B 472 16.78 -37.67 -22.61
CA ILE B 472 17.01 -36.73 -23.69
C ILE B 472 16.92 -37.43 -25.04
N GLY B 473 17.44 -38.67 -25.12
CA GLY B 473 17.27 -39.44 -26.34
C GLY B 473 15.82 -39.62 -26.74
N VAL B 474 14.96 -39.88 -25.74
CA VAL B 474 13.54 -40.05 -26.04
C VAL B 474 12.96 -38.78 -26.61
N ILE B 475 13.18 -37.65 -25.94
CA ILE B 475 12.63 -36.37 -26.40
C ILE B 475 13.12 -36.05 -27.80
N ARG B 476 14.34 -36.45 -28.14
CA ARG B 476 14.90 -36.26 -29.46
C ARG B 476 14.56 -37.39 -30.42
N LYS B 477 13.62 -38.27 -30.04
CA LYS B 477 13.16 -39.35 -30.90
C LYS B 477 14.34 -40.12 -31.49
N LYS B 478 15.33 -40.38 -30.65
CA LYS B 478 16.43 -41.27 -31.04
C LYS B 478 15.97 -42.73 -31.08
N TYR B 479 14.89 -43.07 -30.38
CA TYR B 479 14.36 -44.42 -30.33
C TYR B 479 12.92 -44.43 -30.82
N TRP B 480 12.45 -45.62 -31.19
CA TRP B 480 11.04 -45.76 -31.55
C TRP B 480 10.18 -45.97 -30.30
N SER B 481 10.61 -46.86 -29.42
CA SER B 481 9.90 -47.14 -28.18
C SER B 481 10.83 -46.95 -26.99
N ILE B 482 10.26 -46.48 -25.88
CA ILE B 482 11.05 -46.19 -24.69
C ILE B 482 11.83 -47.41 -24.21
N VAL B 483 11.40 -48.61 -24.58
CA VAL B 483 12.13 -49.81 -24.13
C VAL B 483 13.53 -49.83 -24.72
N GLN B 484 13.73 -49.23 -25.90
CA GLN B 484 15.06 -49.19 -26.49
C GLN B 484 15.99 -48.26 -25.72
N ALA B 485 15.45 -47.34 -24.94
CA ALA B 485 16.27 -46.38 -24.20
C ALA B 485 16.67 -46.89 -22.83
N VAL B 486 16.33 -48.12 -22.48
CA VAL B 486 16.60 -48.62 -21.14
C VAL B 486 18.03 -49.14 -21.05
N ARG B 487 18.63 -48.97 -19.87
CA ARG B 487 19.96 -49.47 -19.55
C ARG B 487 19.88 -50.25 -18.24
N ILE B 488 20.73 -51.27 -18.13
CA ILE B 488 20.75 -52.17 -16.98
C ILE B 488 22.12 -52.09 -16.33
N GLY B 489 22.14 -52.01 -15.00
CA GLY B 489 23.39 -52.04 -14.26
C GLY B 489 24.06 -50.67 -14.16
N GLU B 490 24.92 -50.55 -13.15
CA GLU B 490 25.57 -49.27 -12.87
C GLU B 490 26.34 -48.76 -14.09
N GLY B 491 27.13 -49.64 -14.70
CA GLY B 491 27.97 -49.26 -15.80
C GLY B 491 27.21 -48.60 -16.92
N PRO B 492 26.29 -49.35 -17.53
CA PRO B 492 25.50 -48.75 -18.63
C PRO B 492 24.67 -47.55 -18.21
N ILE B 493 24.19 -47.50 -16.97
CA ILE B 493 23.41 -46.34 -16.54
C ILE B 493 24.31 -45.13 -16.40
N ARG B 494 25.43 -45.28 -15.70
CA ARG B 494 26.38 -44.18 -15.59
C ARG B 494 26.86 -43.72 -16.96
N LYS B 495 27.14 -44.66 -17.86
CA LYS B 495 27.53 -44.30 -19.22
C LYS B 495 26.45 -43.49 -19.91
N MET B 496 25.20 -43.96 -19.84
CA MET B 496 24.11 -43.28 -20.54
C MET B 496 23.95 -41.85 -20.02
N ILE B 497 23.96 -41.66 -18.71
CA ILE B 497 23.72 -40.34 -18.15
C ILE B 497 24.87 -39.40 -18.50
N GLN B 498 26.10 -39.90 -18.46
CA GLN B 498 27.22 -39.08 -18.91
C GLN B 498 27.02 -38.62 -20.35
N GLY B 499 26.54 -39.53 -21.21
CA GLY B 499 26.26 -39.15 -22.59
C GLY B 499 25.16 -38.10 -22.70
N GLU B 500 24.25 -38.05 -21.74
CA GLU B 500 23.20 -37.04 -21.77
C GLU B 500 23.76 -35.65 -21.45
N LEU B 501 24.68 -35.57 -20.49
CA LEU B 501 25.34 -34.29 -20.24
C LEU B 501 26.14 -33.83 -21.46
N ALA B 502 26.68 -34.78 -22.22
CA ALA B 502 27.42 -34.42 -23.44
C ALA B 502 26.51 -33.74 -24.46
N VAL B 503 25.23 -34.10 -24.48
CA VAL B 503 24.29 -33.45 -25.38
C VAL B 503 24.16 -31.96 -25.03
N LEU B 504 23.97 -31.67 -23.74
CA LEU B 504 23.84 -30.27 -23.33
C LEU B 504 25.07 -29.47 -23.71
N LYS B 505 26.25 -30.07 -23.59
CA LYS B 505 27.48 -29.40 -23.98
C LYS B 505 27.50 -29.14 -25.48
N GLN B 506 27.08 -30.12 -26.28
CA GLN B 506 27.05 -29.95 -27.73
C GLN B 506 26.04 -28.89 -28.15
N ASP B 507 24.93 -28.75 -27.41
CA ASP B 507 23.97 -27.71 -27.74
C ASP B 507 24.62 -26.33 -27.74
N THR B 508 25.54 -26.08 -26.81
CA THR B 508 26.14 -24.77 -26.67
C THR B 508 26.95 -24.42 -27.91
N ILE B 509 27.98 -25.21 -28.21
CA ILE B 509 28.86 -24.92 -29.34
C ILE B 509 28.08 -24.95 -30.65
N ASP B 510 26.99 -25.71 -30.70
CA ASP B 510 26.22 -25.84 -31.92
C ASP B 510 25.33 -24.64 -32.19
N ILE B 511 24.88 -23.93 -31.17
CA ILE B 511 23.82 -22.94 -31.29
C ILE B 511 24.30 -21.55 -30.88
N LEU B 512 24.81 -21.42 -29.66
CA LEU B 512 25.15 -20.10 -29.13
C LEU B 512 26.55 -19.67 -29.55
N GLY B 513 27.48 -20.61 -29.70
CA GLY B 513 28.83 -20.31 -30.11
C GLY B 513 29.83 -20.92 -29.16
N ASN B 514 31.08 -20.46 -29.28
CA ASN B 514 32.19 -20.98 -28.48
C ASN B 514 32.15 -20.35 -27.10
N TYR B 515 31.29 -20.91 -26.25
CA TYR B 515 31.08 -20.43 -24.90
C TYR B 515 31.18 -21.58 -23.92
N PRO B 516 31.35 -21.29 -22.63
CA PRO B 516 31.35 -22.36 -21.63
C PRO B 516 29.94 -22.88 -21.41
N THR B 517 29.87 -24.04 -20.78
CA THR B 517 28.61 -24.63 -20.33
C THR B 517 28.70 -24.84 -18.82
N LEU B 518 27.59 -24.56 -18.13
CA LEU B 518 27.51 -24.73 -16.68
C LEU B 518 26.15 -25.33 -16.37
N VAL B 519 26.15 -26.48 -15.69
CA VAL B 519 24.90 -27.14 -15.31
C VAL B 519 24.40 -26.43 -14.06
N GLY B 520 23.49 -25.47 -14.24
CA GLY B 520 23.08 -24.63 -13.12
C GLY B 520 22.36 -25.40 -12.03
N GLU B 521 21.73 -26.52 -12.38
CA GLU B 521 21.08 -27.38 -11.41
C GLU B 521 21.34 -28.83 -11.79
N ILE B 522 21.67 -29.64 -10.78
CA ILE B 522 21.78 -31.09 -10.91
C ILE B 522 21.80 -31.68 -9.51
N GLY B 523 21.14 -32.82 -9.31
CA GLY B 523 21.06 -33.39 -7.99
C GLY B 523 20.15 -34.61 -7.95
N ILE B 524 20.00 -35.15 -6.75
CA ILE B 524 19.24 -36.37 -6.54
C ILE B 524 18.44 -36.26 -5.24
N PRO B 525 17.36 -37.02 -5.13
CA PRO B 525 16.54 -36.97 -3.91
C PRO B 525 17.11 -37.85 -2.80
N TYR B 526 17.09 -37.32 -1.58
CA TYR B 526 17.56 -38.04 -0.41
C TYR B 526 16.44 -38.74 0.35
N ASP B 527 15.17 -38.36 0.10
CA ASP B 527 14.04 -39.01 0.74
C ASP B 527 13.62 -40.26 -0.02
N MET B 528 14.60 -41.10 -0.34
CA MET B 528 14.34 -42.31 -1.12
C MET B 528 13.66 -43.38 -0.27
N ASP B 529 12.85 -44.20 -0.93
CA ASP B 529 12.30 -45.41 -0.34
C ASP B 529 11.54 -45.12 0.95
N ASP B 530 10.65 -44.14 0.88
CA ASP B 530 9.82 -43.76 2.03
C ASP B 530 10.67 -43.42 3.24
N LYS B 531 11.84 -42.82 3.00
CA LYS B 531 12.68 -42.28 4.06
C LYS B 531 13.29 -43.39 4.92
N LYS B 532 13.71 -44.48 4.26
CA LYS B 532 14.33 -45.58 4.99
C LYS B 532 15.64 -45.14 5.63
N ALA B 533 16.40 -44.29 4.95
CA ALA B 533 17.66 -43.80 5.50
C ALA B 533 17.45 -42.90 6.71
N TYR B 534 16.27 -42.28 6.82
CA TYR B 534 15.94 -41.47 7.99
C TYR B 534 15.37 -42.30 9.13
N GLY B 535 15.20 -43.60 8.93
CA GLY B 535 14.68 -44.47 9.97
C GLY B 535 13.18 -44.44 10.13
N TYR B 536 12.45 -44.18 9.05
CA TYR B 536 11.02 -44.00 9.12
C TYR B 536 10.20 -45.27 8.88
N VAL B 537 10.82 -46.34 8.38
CA VAL B 537 10.09 -47.54 8.00
C VAL B 537 10.86 -48.79 8.42
N ASP B 538 10.20 -49.93 8.32
CA ASP B 538 10.80 -51.24 8.59
C ASP B 538 11.36 -51.31 10.00
N GLY B 539 10.66 -50.69 10.94
CA GLY B 539 11.13 -50.64 12.31
C GLY B 539 12.41 -49.85 12.50
N GLY B 540 12.64 -48.85 11.66
CA GLY B 540 13.85 -48.06 11.72
C GLY B 540 15.06 -48.69 11.07
N ARG B 541 14.90 -49.85 10.43
CA ARG B 541 16.02 -50.54 9.82
C ARG B 541 16.53 -49.77 8.61
N GLY B 542 17.86 -49.65 8.52
CA GLY B 542 18.51 -48.93 7.44
C GLY B 542 18.77 -47.46 7.72
N GLU B 543 18.45 -46.95 8.90
CA GLU B 543 18.73 -45.57 9.21
C GLU B 543 20.22 -45.29 9.08
N GLY B 544 20.54 -44.19 8.38
CA GLY B 544 21.93 -43.81 8.17
C GLY B 544 22.63 -44.49 7.03
N ASP B 545 21.95 -45.40 6.32
CA ASP B 545 22.54 -46.06 5.15
C ASP B 545 22.11 -45.30 3.91
N TYR B 546 23.00 -44.45 3.39
CA TYR B 546 22.75 -43.66 2.21
C TYR B 546 23.35 -44.28 0.96
N SER B 547 23.45 -45.60 0.92
CA SER B 547 24.12 -46.30 -0.19
C SER B 547 23.50 -45.91 -1.54
N SER B 548 22.17 -46.03 -1.67
CA SER B 548 21.53 -45.75 -2.94
C SER B 548 21.63 -44.27 -3.30
N GLN B 549 21.44 -43.38 -2.32
CA GLN B 549 21.65 -41.96 -2.58
C GLN B 549 23.05 -41.73 -3.11
N GLN B 550 24.06 -42.42 -2.54
CA GLN B 550 25.44 -42.20 -2.96
C GLN B 550 25.66 -42.64 -4.41
N LYS B 551 25.08 -43.77 -4.80
CA LYS B 551 25.21 -44.22 -6.18
C LYS B 551 24.49 -43.28 -7.14
N ALA B 552 23.28 -42.84 -6.78
CA ALA B 552 22.57 -41.87 -7.62
C ALA B 552 23.38 -40.58 -7.77
N MET B 553 23.88 -40.03 -6.66
CA MET B 553 24.68 -38.81 -6.72
C MET B 553 25.98 -39.04 -7.45
N ASP B 554 26.64 -40.17 -7.18
CA ASP B 554 27.93 -40.45 -7.83
C ASP B 554 27.76 -40.61 -9.34
N CYS B 555 26.62 -41.13 -9.78
CA CYS B 555 26.37 -41.25 -11.22
C CYS B 555 26.13 -39.90 -11.86
N SER B 556 25.32 -39.05 -11.22
CA SER B 556 25.08 -37.73 -11.77
C SER B 556 26.33 -36.87 -11.76
N MET B 557 27.14 -36.95 -10.69
CA MET B 557 28.39 -36.20 -10.64
C MET B 557 29.39 -36.73 -11.66
N ASN B 558 29.53 -38.05 -11.76
CA ASN B 558 30.40 -38.65 -12.78
C ASN B 558 29.95 -38.25 -14.17
N ALA B 559 28.65 -38.05 -14.38
CA ALA B 559 28.18 -37.61 -15.68
C ALA B 559 28.75 -36.26 -16.07
N CYS B 560 29.17 -35.45 -15.10
CA CYS B 560 29.83 -34.18 -15.37
C CYS B 560 31.34 -34.32 -15.49
N ASP B 561 31.90 -35.49 -15.19
CA ASP B 561 33.32 -35.74 -15.39
C ASP B 561 33.52 -36.31 -16.79
N GLY B 562 34.38 -37.34 -16.92
CA GLY B 562 34.67 -37.90 -18.22
C GLY B 562 35.19 -36.85 -19.18
N PRO B 563 34.81 -36.96 -20.46
CA PRO B 563 35.20 -35.93 -21.43
C PRO B 563 34.38 -34.65 -21.34
N ASN B 564 33.43 -34.55 -20.42
CA ASN B 564 32.61 -33.36 -20.33
C ASN B 564 33.28 -32.26 -19.50
N CYS B 565 33.86 -32.63 -18.36
CA CYS B 565 34.57 -31.68 -17.50
C CYS B 565 33.77 -30.38 -17.34
N LEU B 566 32.52 -30.55 -16.88
CA LEU B 566 31.58 -29.44 -16.84
C LEU B 566 31.66 -28.67 -15.53
N ASN B 567 31.31 -27.39 -15.60
CA ASN B 567 30.96 -26.62 -14.41
C ASN B 567 29.54 -26.96 -14.01
N TYR B 568 29.26 -26.90 -12.71
CA TYR B 568 27.89 -27.16 -12.26
C TYR B 568 27.67 -26.65 -10.85
N ALA B 569 26.41 -26.44 -10.54
CA ALA B 569 25.96 -26.10 -9.19
C ALA B 569 24.98 -27.18 -8.76
N ILE B 570 25.32 -27.90 -7.68
CA ILE B 570 24.46 -28.96 -7.19
C ILE B 570 23.21 -28.35 -6.57
N TRP B 571 22.07 -29.01 -6.77
CA TRP B 571 20.82 -28.65 -6.09
C TRP B 571 20.55 -29.72 -5.03
N ASN B 572 20.62 -29.33 -3.75
CA ASN B 572 21.06 -28.01 -3.30
C ASN B 572 21.59 -28.07 -1.85
N TYR B 573 21.74 -26.91 -1.22
CA TYR B 573 22.22 -26.81 0.15
C TYR B 573 21.20 -26.01 0.95
N VAL B 574 20.52 -26.68 1.88
CA VAL B 574 19.42 -26.10 2.63
C VAL B 574 19.77 -26.17 4.12
N PRO B 575 20.17 -25.05 4.72
CA PRO B 575 20.53 -25.08 6.15
C PRO B 575 19.41 -25.58 7.05
N ASP B 576 18.16 -25.26 6.78
CA ASP B 576 17.06 -25.64 7.64
C ASP B 576 16.33 -26.90 7.15
N ASN B 577 17.04 -27.81 6.48
CA ASN B 577 16.42 -29.04 5.98
C ASN B 577 16.20 -30.02 7.13
N VAL B 578 15.08 -30.73 7.08
CA VAL B 578 14.73 -31.71 8.10
C VAL B 578 14.16 -32.96 7.44
N HIS B 579 14.21 -34.07 8.18
CA HIS B 579 13.77 -35.35 7.63
C HIS B 579 12.26 -35.39 7.45
N GLU B 580 11.50 -34.70 8.30
CA GLU B 580 10.05 -34.79 8.23
C GLU B 580 9.50 -34.07 7.01
N TRP B 581 10.12 -32.96 6.61
CA TRP B 581 9.62 -32.15 5.50
C TRP B 581 10.66 -31.87 4.43
N GLY B 582 11.85 -32.46 4.54
CA GLY B 582 12.86 -32.26 3.50
C GLY B 582 13.27 -30.81 3.40
N ASP B 583 13.30 -30.29 2.17
CA ASP B 583 13.66 -28.90 1.92
C ASP B 583 12.53 -27.92 2.26
N ASN B 584 11.43 -28.41 2.83
CA ASN B 584 10.28 -27.57 3.20
C ASN B 584 9.63 -26.96 1.96
N TRP B 585 9.55 -27.74 0.88
CA TRP B 585 9.03 -27.22 -0.38
C TRP B 585 8.53 -28.38 -1.23
N ASN B 586 7.21 -28.59 -1.21
CA ASN B 586 6.53 -29.51 -2.13
C ASN B 586 7.05 -30.93 -2.04
N GLY B 587 7.61 -31.30 -0.90
CA GLY B 587 8.11 -32.65 -0.70
C GLY B 587 9.50 -32.91 -1.20
N GLU B 588 10.15 -31.93 -1.81
CA GLU B 588 11.52 -32.12 -2.26
C GLU B 588 12.47 -32.21 -1.08
N ASP B 589 13.49 -33.09 -1.21
CA ASP B 589 14.54 -33.28 -0.21
C ASP B 589 15.84 -33.56 -0.98
N LEU B 590 16.47 -32.48 -1.46
CA LEU B 590 17.70 -32.57 -2.23
C LEU B 590 18.90 -31.95 -1.52
N SER B 591 18.76 -31.61 -0.24
CA SER B 591 19.87 -30.95 0.45
C SER B 591 21.02 -31.92 0.71
N LEU B 592 22.24 -31.41 0.46
CA LEU B 592 23.45 -32.14 0.80
C LEU B 592 23.63 -32.30 2.30
N TRP B 593 22.92 -31.51 3.11
CA TRP B 593 23.25 -31.37 4.52
C TRP B 593 21.97 -31.16 5.31
N SER B 594 21.97 -31.68 6.53
CA SER B 594 20.79 -31.58 7.39
C SER B 594 21.24 -31.74 8.84
N VAL B 595 20.62 -30.95 9.73
CA VAL B 595 20.89 -31.09 11.15
C VAL B 595 20.42 -32.45 11.64
N ASP B 596 19.34 -32.97 11.05
CA ASP B 596 18.82 -34.29 11.42
C ASP B 596 19.80 -35.41 11.11
N ASP B 597 20.88 -35.14 10.38
CA ASP B 597 21.92 -36.12 10.14
C ASP B 597 23.17 -35.85 10.96
N LYS B 598 23.17 -34.84 11.82
CA LYS B 598 24.27 -34.64 12.75
C LYS B 598 24.27 -35.78 13.77
N GLU B 599 25.39 -36.47 13.90
CA GLU B 599 25.49 -37.56 14.87
C GLU B 599 25.63 -36.95 16.25
N GLN B 600 24.60 -37.11 17.09
CA GLN B 600 24.58 -36.50 18.41
C GLN B 600 23.61 -37.26 19.32
N PRO B 640 36.84 -20.76 13.23
CA PRO B 640 36.98 -21.21 11.82
C PRO B 640 36.85 -20.05 10.84
N SER B 641 37.76 -19.95 9.89
CA SER B 641 37.85 -18.81 8.99
C SER B 641 38.50 -19.25 7.70
N PRO B 642 38.45 -18.40 6.66
CA PRO B 642 38.95 -18.85 5.35
C PRO B 642 40.40 -19.34 5.37
N SER B 643 41.32 -18.53 5.90
CA SER B 643 42.73 -18.92 5.90
C SER B 643 42.93 -20.28 6.57
N VAL B 644 42.21 -20.52 7.68
CA VAL B 644 42.30 -21.80 8.35
C VAL B 644 41.84 -22.91 7.41
N ILE B 645 40.67 -22.74 6.80
CA ILE B 645 40.11 -23.79 5.96
C ILE B 645 41.01 -24.06 4.77
N ASP B 646 41.74 -23.04 4.29
CA ASP B 646 42.56 -23.21 3.11
C ASP B 646 43.86 -23.94 3.41
N SER B 647 44.29 -23.99 4.66
CA SER B 647 45.47 -24.76 5.05
C SER B 647 45.11 -26.14 5.60
N GLY B 648 43.83 -26.47 5.67
CA GLY B 648 43.40 -27.79 6.12
C GLY B 648 43.59 -28.04 7.60
N ASP B 649 43.38 -27.00 8.43
CA ASP B 649 43.57 -27.11 9.87
C ASP B 649 42.25 -27.16 10.62
N PHE B 650 41.20 -27.68 9.98
CA PHE B 650 39.88 -27.75 10.57
C PHE B 650 39.58 -29.17 11.03
N SER B 651 38.53 -29.30 11.84
CA SER B 651 38.14 -30.61 12.36
C SER B 651 37.40 -31.40 11.30
N PRO B 652 37.63 -32.72 11.21
CA PRO B 652 36.86 -33.54 10.26
C PRO B 652 35.35 -33.44 10.47
N THR B 653 34.91 -33.05 11.67
CA THR B 653 33.48 -32.97 11.95
C THR B 653 32.80 -31.93 11.08
N LEU B 654 33.53 -30.90 10.62
CA LEU B 654 32.91 -29.88 9.80
C LEU B 654 32.44 -30.44 8.47
N ILE B 655 33.22 -31.36 7.88
CA ILE B 655 32.96 -31.83 6.53
C ILE B 655 32.20 -33.14 6.50
N LEU B 656 31.78 -33.67 7.65
CA LEU B 656 31.08 -34.94 7.68
C LEU B 656 29.77 -34.86 8.46
N ASP B 657 29.80 -34.27 9.64
CA ASP B 657 28.61 -34.23 10.49
C ASP B 657 27.50 -33.44 9.82
N GLY B 658 26.33 -34.07 9.66
CA GLY B 658 25.25 -33.51 8.90
C GLY B 658 25.27 -33.85 7.42
N SER B 659 26.40 -34.34 6.92
CA SER B 659 26.51 -34.76 5.53
C SER B 659 25.58 -35.94 5.23
N ARG B 660 25.19 -36.03 3.95
CA ARG B 660 24.50 -37.22 3.43
C ARG B 660 25.13 -37.58 2.10
N ALA B 661 25.72 -38.77 2.02
CA ALA B 661 26.36 -39.23 0.80
C ALA B 661 27.51 -38.31 0.40
N VAL B 662 28.28 -37.87 1.41
CA VAL B 662 29.35 -36.90 1.17
C VAL B 662 30.39 -37.46 0.21
N ALA B 663 30.65 -38.76 0.25
CA ALA B 663 31.67 -39.33 -0.61
C ALA B 663 31.41 -39.08 -2.09
N ALA B 664 30.15 -38.87 -2.47
CA ALA B 664 29.81 -38.68 -3.87
C ALA B 664 29.81 -37.22 -4.33
N PHE B 665 29.44 -36.26 -3.48
CA PHE B 665 29.32 -34.88 -3.92
C PHE B 665 30.51 -34.01 -3.55
N CYS B 666 31.47 -34.52 -2.78
CA CYS B 666 32.74 -33.84 -2.51
C CYS B 666 33.85 -34.66 -3.15
N ARG B 667 34.37 -34.17 -4.27
CA ARG B 667 35.20 -34.95 -5.17
C ARG B 667 36.44 -34.15 -5.57
N PRO B 668 37.50 -34.84 -6.00
CA PRO B 668 38.65 -34.11 -6.57
C PRO B 668 38.34 -33.60 -7.96
N TYR B 669 38.90 -32.45 -8.30
CA TYR B 669 38.70 -31.85 -9.61
C TYR B 669 39.68 -30.69 -9.77
N PRO B 670 39.97 -30.30 -11.01
CA PRO B 670 40.90 -29.19 -11.24
C PRO B 670 40.24 -27.81 -11.25
N VAL B 671 40.59 -26.96 -10.29
CA VAL B 671 40.00 -25.63 -10.24
C VAL B 671 40.58 -24.73 -11.32
N ALA B 672 41.90 -24.81 -11.55
CA ALA B 672 42.57 -23.99 -12.55
C ALA B 672 43.62 -24.82 -13.27
N THR B 673 43.66 -24.71 -14.59
CA THR B 673 44.44 -25.61 -15.43
C THR B 673 45.17 -24.82 -16.50
N VAL B 674 46.48 -25.07 -16.62
CA VAL B 674 47.27 -24.60 -17.75
C VAL B 674 46.97 -25.54 -18.91
N GLY B 675 46.16 -25.08 -19.86
CA GLY B 675 45.68 -25.93 -20.92
C GLY B 675 44.18 -26.15 -20.87
N ILE B 676 43.73 -27.20 -21.53
CA ILE B 676 42.32 -27.50 -21.69
C ILE B 676 42.03 -28.83 -20.95
N PRO B 677 41.04 -28.88 -20.08
CA PRO B 677 40.62 -30.18 -19.54
C PRO B 677 40.26 -31.14 -20.66
N GLU B 678 40.80 -32.35 -20.58
CA GLU B 678 40.52 -33.41 -21.55
C GLU B 678 39.59 -34.47 -20.96
N ARG B 679 39.91 -35.00 -19.78
CA ARG B 679 39.12 -36.06 -19.19
C ARG B 679 39.32 -36.06 -17.69
N ILE B 680 38.23 -36.28 -16.96
CA ILE B 680 38.28 -36.46 -15.51
C ILE B 680 37.69 -37.84 -15.18
N ASP B 681 38.32 -38.54 -14.25
CA ASP B 681 37.84 -39.84 -13.79
C ASP B 681 38.08 -39.96 -12.30
N PHE B 682 37.04 -40.28 -11.54
CA PHE B 682 37.16 -40.49 -10.11
C PHE B 682 36.32 -41.70 -9.70
N ASP B 683 36.89 -42.53 -8.83
CA ASP B 683 36.25 -43.74 -8.35
C ASP B 683 36.25 -43.73 -6.83
N ILE B 684 35.05 -43.80 -6.23
CA ILE B 684 34.95 -43.70 -4.78
C ILE B 684 35.66 -44.87 -4.11
N THR B 685 35.37 -46.09 -4.55
CA THR B 685 35.80 -47.27 -3.80
C THR B 685 37.33 -47.38 -3.75
N SER B 686 38.01 -47.09 -4.85
CA SER B 686 39.46 -47.14 -4.87
C SER B 686 40.12 -45.78 -4.58
N THR B 687 39.34 -44.70 -4.60
CA THR B 687 39.82 -43.33 -4.47
C THR B 687 40.72 -42.88 -5.61
N LYS B 688 40.85 -43.70 -6.66
CA LYS B 688 41.75 -43.37 -7.75
C LYS B 688 41.18 -42.23 -8.59
N PHE B 689 42.01 -41.22 -8.84
CA PHE B 689 41.63 -40.03 -9.58
C PHE B 689 42.63 -39.82 -10.70
N LYS B 690 42.13 -39.55 -11.91
CA LYS B 690 43.00 -39.31 -13.06
C LYS B 690 42.46 -38.11 -13.83
N TYR B 691 43.38 -37.21 -14.20
CA TYR B 691 43.04 -35.99 -14.93
C TYR B 691 43.94 -35.88 -16.13
N ALA B 692 43.34 -35.69 -17.31
CA ALA B 692 44.07 -35.53 -18.56
C ALA B 692 43.88 -34.10 -19.07
N VAL B 693 44.98 -33.47 -19.45
CA VAL B 693 45.00 -32.07 -19.86
C VAL B 693 45.59 -31.98 -21.26
N ARG B 694 44.91 -31.28 -22.15
CA ARG B 694 45.45 -30.93 -23.45
C ARG B 694 46.20 -29.61 -23.30
N VAL B 695 47.52 -29.64 -23.54
CA VAL B 695 48.39 -28.49 -23.35
C VAL B 695 48.86 -28.01 -24.71
N ARG B 696 48.73 -26.71 -24.95
CA ARG B 696 49.07 -26.10 -26.23
C ARG B 696 50.36 -25.29 -26.10
N ALA B 697 51.11 -25.25 -27.20
CA ALA B 697 52.37 -24.51 -27.21
C ALA B 697 52.17 -23.03 -26.94
N ASP B 698 50.96 -22.51 -27.14
CA ASP B 698 50.70 -21.09 -26.89
C ASP B 698 50.32 -20.81 -25.44
N ASP B 699 50.00 -21.83 -24.66
CA ASP B 699 49.55 -21.61 -23.29
C ASP B 699 50.66 -20.98 -22.45
N ILE B 700 50.26 -20.37 -21.34
CA ILE B 700 51.18 -19.68 -20.43
C ILE B 700 51.41 -20.57 -19.22
N ALA B 701 52.67 -20.88 -18.96
CA ALA B 701 53.06 -21.73 -17.84
C ALA B 701 54.35 -21.20 -17.24
N ASN B 702 54.37 -21.02 -15.93
CA ASN B 702 55.59 -20.59 -15.23
C ASN B 702 55.38 -20.81 -13.74
N GLU B 703 56.33 -20.32 -12.94
CA GLU B 703 56.34 -20.58 -11.51
C GLU B 703 55.09 -20.08 -10.82
N GLN B 704 54.47 -19.03 -11.36
CA GLN B 704 53.28 -18.44 -10.74
C GLN B 704 52.02 -18.70 -11.54
N VAL B 705 52.10 -19.45 -12.64
CA VAL B 705 50.94 -19.83 -13.44
C VAL B 705 51.03 -21.34 -13.61
N TYR B 706 50.21 -22.08 -12.86
CA TYR B 706 50.27 -23.53 -12.81
C TYR B 706 48.86 -24.09 -12.70
N THR B 707 48.77 -25.42 -12.63
CA THR B 707 47.50 -26.12 -12.50
C THR B 707 47.24 -26.44 -11.03
N GLU B 708 46.03 -26.15 -10.58
CA GLU B 708 45.62 -26.35 -9.20
C GLU B 708 44.48 -27.37 -9.16
N ILE B 709 44.59 -28.34 -8.26
CA ILE B 709 43.63 -29.43 -8.14
C ILE B 709 43.24 -29.56 -6.68
N TYR B 710 41.94 -29.66 -6.42
CA TYR B 710 41.42 -29.88 -5.08
C TYR B 710 41.39 -31.39 -4.81
N LEU B 711 41.96 -31.79 -3.68
CA LEU B 711 41.96 -33.19 -3.25
C LEU B 711 41.26 -33.26 -1.90
N PRO B 712 40.05 -33.79 -1.82
CA PRO B 712 39.30 -33.69 -0.55
C PRO B 712 39.83 -34.64 0.51
N PHE B 713 39.93 -34.12 1.73
CA PHE B 713 40.19 -34.98 2.88
C PHE B 713 39.14 -36.06 3.01
N VAL B 714 37.93 -35.84 2.48
CA VAL B 714 36.88 -36.86 2.54
C VAL B 714 37.36 -38.16 1.91
N HIS B 715 38.21 -38.08 0.89
CA HIS B 715 38.68 -39.27 0.19
C HIS B 715 40.16 -39.56 0.36
N TYR B 716 40.98 -38.55 0.73
CA TYR B 716 42.43 -38.69 0.68
C TYR B 716 43.14 -38.36 1.98
N ALA B 717 42.42 -38.03 3.04
CA ALA B 717 43.07 -37.79 4.31
C ALA B 717 43.72 -39.08 4.82
N ALA B 718 44.77 -38.92 5.61
CA ALA B 718 45.35 -40.08 6.29
C ALA B 718 44.32 -40.71 7.21
N SER B 719 43.62 -39.88 7.99
CA SER B 719 42.61 -40.35 8.92
C SER B 719 41.66 -39.20 9.20
N LEU B 720 40.40 -39.56 9.45
CA LEU B 720 39.37 -38.58 9.79
C LEU B 720 38.74 -38.85 11.15
N ASN B 721 39.41 -39.64 11.99
CA ASN B 721 39.02 -39.73 13.39
C ASN B 721 39.24 -38.37 14.06
N ALA B 722 38.32 -38.00 14.94
CA ALA B 722 38.39 -36.71 15.64
C ALA B 722 39.27 -36.85 16.88
N SER B 723 40.56 -37.04 16.63
CA SER B 723 41.53 -37.22 17.70
C SER B 723 42.91 -36.70 17.27
N GLN B 729 46.49 -33.36 13.12
CA GLN B 729 46.14 -32.50 12.00
C GLN B 729 45.68 -33.35 10.81
N LEU B 730 44.83 -32.78 9.96
CA LEU B 730 44.39 -33.46 8.76
C LEU B 730 45.43 -33.31 7.67
N SER B 731 45.83 -34.43 7.07
CA SER B 731 46.92 -34.45 6.10
C SER B 731 46.58 -35.44 5.00
N LEU B 732 47.00 -35.10 3.78
CA LEU B 732 46.75 -35.97 2.63
C LEU B 732 47.78 -37.09 2.58
N ASP B 733 47.29 -38.33 2.45
CA ASP B 733 48.13 -39.52 2.40
C ASP B 733 47.93 -40.17 1.04
N VAL B 734 48.62 -39.63 0.03
CA VAL B 734 48.36 -39.99 -1.35
C VAL B 734 49.65 -40.38 -2.06
N THR B 735 49.48 -41.12 -3.15
CA THR B 735 50.55 -41.38 -4.12
C THR B 735 50.16 -40.70 -5.42
N ILE B 736 51.08 -39.91 -5.97
CA ILE B 736 50.82 -39.12 -7.16
C ILE B 736 51.80 -39.56 -8.25
N VAL B 737 51.29 -39.67 -9.47
CA VAL B 737 52.10 -40.04 -10.62
C VAL B 737 51.66 -39.14 -11.78
N ALA B 738 52.61 -38.42 -12.36
CA ALA B 738 52.29 -37.41 -13.36
C ALA B 738 53.09 -37.64 -14.63
N SER B 739 52.43 -37.41 -15.76
CA SER B 739 53.09 -37.54 -17.06
C SER B 739 54.26 -36.58 -17.19
N HIS B 740 54.09 -35.34 -16.76
CA HIS B 740 55.10 -34.31 -16.92
C HIS B 740 55.16 -33.49 -15.64
N GLY B 741 56.25 -32.72 -15.50
CA GLY B 741 56.32 -31.70 -14.47
C GLY B 741 56.54 -32.22 -13.06
N ARG B 742 56.37 -31.30 -12.11
CA ARG B 742 56.53 -31.55 -10.69
C ARG B 742 55.24 -31.20 -9.96
N VAL B 743 55.15 -31.63 -8.70
CA VAL B 743 53.94 -31.43 -7.90
C VAL B 743 54.31 -31.11 -6.47
N GLU B 744 53.39 -30.42 -5.79
CA GLU B 744 53.47 -30.19 -4.35
C GLU B 744 52.05 -30.14 -3.82
N ILE B 745 51.88 -30.54 -2.56
CA ILE B 745 50.56 -30.57 -1.93
C ILE B 745 50.62 -29.81 -0.62
N GLN B 746 49.56 -29.07 -0.33
CA GLN B 746 49.42 -28.33 0.93
C GLN B 746 47.94 -28.26 1.25
N GLY B 747 47.56 -28.72 2.43
CA GLY B 747 46.16 -28.76 2.80
C GLY B 747 45.42 -29.69 1.86
N GLN B 748 44.38 -29.18 1.19
CA GLN B 748 43.61 -29.94 0.22
C GLN B 748 43.92 -29.51 -1.22
N THR B 749 45.11 -28.97 -1.44
CA THR B 749 45.46 -28.36 -2.71
C THR B 749 46.65 -29.07 -3.32
N LEU B 750 46.55 -29.34 -4.62
CA LEU B 750 47.64 -29.94 -5.39
C LEU B 750 48.05 -28.96 -6.46
N ARG B 751 49.33 -28.56 -6.44
CA ARG B 751 49.88 -27.68 -7.46
C ARG B 751 50.74 -28.50 -8.41
N TRP B 752 50.61 -28.22 -9.70
CA TRP B 752 51.23 -29.04 -10.74
C TRP B 752 51.87 -28.12 -11.77
N TRP B 753 53.20 -28.05 -11.74
CA TRP B 753 53.96 -27.22 -12.68
C TRP B 753 54.46 -28.09 -13.81
N TYR B 754 54.40 -27.58 -15.04
CA TYR B 754 54.88 -28.34 -16.18
C TYR B 754 55.02 -27.44 -17.41
N PRO B 755 55.91 -27.78 -18.34
CA PRO B 755 56.12 -26.92 -19.51
C PRO B 755 55.16 -27.22 -20.65
N VAL B 756 54.82 -26.17 -21.38
CA VAL B 756 53.98 -26.31 -22.56
C VAL B 756 54.82 -26.93 -23.66
N PRO B 757 54.23 -27.68 -24.59
CA PRO B 757 55.02 -28.19 -25.71
C PRO B 757 55.66 -27.05 -26.49
N GLY B 758 56.90 -27.26 -26.92
CA GLY B 758 57.53 -26.30 -27.81
C GLY B 758 56.78 -26.11 -29.10
N THR B 759 55.99 -27.11 -29.50
CA THR B 759 55.23 -27.06 -30.74
C THR B 759 53.95 -27.87 -30.56
N GLY B 760 52.87 -27.41 -31.19
CA GLY B 760 51.65 -28.20 -31.23
C GLY B 760 51.01 -28.41 -29.88
N GLU B 761 50.25 -29.50 -29.78
CA GLU B 761 49.50 -29.84 -28.58
C GLU B 761 49.92 -31.22 -28.08
N GLU B 762 49.98 -31.37 -26.75
CA GLU B 762 50.26 -32.65 -26.12
C GLU B 762 49.30 -32.82 -24.93
N VAL B 763 49.02 -34.07 -24.59
CA VAL B 763 48.15 -34.40 -23.48
C VAL B 763 49.01 -34.88 -22.33
N TYR B 764 48.90 -34.22 -21.18
CA TYR B 764 49.57 -34.64 -19.96
C TYR B 764 48.52 -35.23 -19.01
N THR B 765 48.98 -36.11 -18.12
CA THR B 765 48.10 -36.78 -17.18
C THR B 765 48.69 -36.70 -15.78
N ILE B 766 47.81 -36.69 -14.78
CA ILE B 766 48.19 -36.81 -13.39
C ILE B 766 47.24 -37.81 -12.73
N GLU B 767 47.77 -38.61 -11.82
CA GLU B 767 47.00 -39.64 -11.15
C GLU B 767 47.23 -39.56 -9.66
N VAL B 768 46.15 -39.73 -8.90
CA VAL B 768 46.19 -39.60 -7.46
C VAL B 768 45.40 -40.74 -6.84
N GLN B 769 45.91 -41.29 -5.74
CA GLN B 769 45.20 -42.31 -5.00
C GLN B 769 45.66 -42.25 -3.55
N ARG B 770 44.70 -42.39 -2.63
CA ARG B 770 45.04 -42.49 -1.22
C ARG B 770 45.89 -43.74 -0.97
N ASN B 771 46.88 -43.61 -0.09
CA ASN B 771 47.72 -44.75 0.27
C ASN B 771 46.92 -45.71 1.12
N GLY B 772 46.80 -46.96 0.67
CA GLY B 772 46.06 -47.95 1.40
C GLY B 772 44.59 -48.02 1.05
N GLY B 773 44.21 -47.60 -0.15
CA GLY B 773 42.82 -47.68 -0.54
C GLY B 773 41.98 -46.60 0.09
N ALA B 774 40.69 -46.89 0.24
CA ALA B 774 39.71 -45.91 0.69
C ALA B 774 39.63 -45.88 2.21
N LEU B 775 39.16 -44.74 2.72
CA LEU B 775 38.90 -44.61 4.14
C LEU B 775 37.65 -45.41 4.52
N ARG B 776 37.67 -45.98 5.71
CA ARG B 776 36.53 -46.77 6.18
C ARG B 776 36.21 -46.42 7.64
N PRO C 5 18.15 1.33 26.89
CA PRO C 5 19.05 0.31 27.44
C PRO C 5 18.42 -1.09 27.45
N PRO C 6 18.88 -1.97 26.54
CA PRO C 6 18.36 -3.34 26.54
C PRO C 6 19.25 -4.29 27.32
N GLU C 7 18.69 -5.41 27.77
CA GLU C 7 19.45 -6.37 28.57
C GLU C 7 20.34 -7.26 27.70
N VAL C 8 20.18 -7.24 26.38
CA VAL C 8 20.97 -8.06 25.48
C VAL C 8 21.75 -7.17 24.52
N SER C 9 22.81 -7.72 23.96
CA SER C 9 23.65 -6.99 23.04
C SER C 9 23.00 -6.92 21.66
N PRO C 10 23.09 -5.77 20.98
CA PRO C 10 22.62 -5.72 19.58
C PRO C 10 23.53 -6.45 18.61
N VAL C 11 24.72 -6.85 19.03
CA VAL C 11 25.65 -7.56 18.15
C VAL C 11 25.46 -9.06 18.26
N THR C 12 25.39 -9.59 19.49
CA THR C 12 25.34 -11.02 19.73
C THR C 12 24.01 -11.52 20.26
N GLY C 13 23.19 -10.64 20.83
CA GLY C 13 21.96 -11.05 21.46
C GLY C 13 22.12 -11.66 22.83
N ASN C 14 23.35 -11.85 23.30
CA ASN C 14 23.57 -12.43 24.62
C ASN C 14 23.34 -11.39 25.72
N PRO C 15 22.98 -11.83 26.92
CA PRO C 15 22.98 -10.90 28.06
C PRO C 15 24.36 -10.31 28.28
N VAL C 16 24.39 -9.09 28.81
CA VAL C 16 25.61 -8.30 28.83
C VAL C 16 26.18 -8.22 30.24
N SER C 17 27.47 -7.86 30.30
CA SER C 17 28.11 -7.56 31.56
C SER C 17 27.37 -6.45 32.29
N PRO C 18 27.41 -6.43 33.62
CA PRO C 18 26.91 -5.25 34.35
C PRO C 18 27.74 -4.00 34.08
N HIS C 19 28.97 -4.14 33.58
CA HIS C 19 29.81 -3.02 33.21
C HIS C 19 29.74 -2.71 31.71
N TYR C 20 28.83 -3.37 31.00
CA TYR C 20 28.63 -3.10 29.58
C TYR C 20 28.34 -1.62 29.35
N ILE C 21 29.01 -1.03 28.38
CA ILE C 21 28.72 0.32 27.92
C ILE C 21 27.97 0.19 26.60
N HIS C 22 26.77 0.75 26.54
CA HIS C 22 25.97 0.71 25.32
C HIS C 22 26.38 1.84 24.39
N SER C 23 26.48 1.52 23.10
CA SER C 23 26.84 2.47 22.06
C SER C 23 25.83 2.41 20.91
N SER C 24 24.55 2.35 21.25
CA SER C 24 23.47 2.21 20.28
C SER C 24 22.64 3.48 20.16
N THR C 25 22.99 4.53 20.88
CA THR C 25 22.28 5.80 20.86
C THR C 25 23.30 6.92 20.71
N LEU C 26 22.81 8.16 20.76
CA LEU C 26 23.70 9.31 20.64
C LEU C 26 24.65 9.43 21.83
N HIS C 27 24.46 8.67 22.90
CA HIS C 27 25.29 8.77 24.08
C HIS C 27 25.67 7.39 24.60
N PHE C 28 26.89 7.28 25.11
CA PHE C 28 27.28 6.09 25.85
C PHE C 28 26.33 5.92 27.03
N GLN C 29 26.00 4.67 27.35
CA GLN C 29 25.04 4.37 28.40
C GLN C 29 25.49 3.18 29.22
N ASP C 30 25.32 3.26 30.53
CA ASP C 30 25.48 2.09 31.38
C ASP C 30 24.18 1.27 31.35
N VAL C 31 24.19 0.13 32.04
CA VAL C 31 23.03 -0.74 32.03
C VAL C 31 21.82 -0.12 32.73
N ASN C 32 22.03 0.94 33.51
CA ASN C 32 20.94 1.59 34.23
C ASN C 32 20.43 2.83 33.51
N GLY C 33 20.84 3.04 32.25
CA GLY C 33 20.32 4.13 31.46
C GLY C 33 20.98 5.47 31.64
N ARG C 34 22.09 5.54 32.38
CA ARG C 34 22.78 6.81 32.59
C ARG C 34 23.68 7.11 31.39
N SER C 35 23.50 8.30 30.81
CA SER C 35 24.38 8.74 29.73
C SER C 35 25.76 9.07 30.31
N LEU C 36 26.79 8.42 29.78
CA LEU C 36 28.14 8.58 30.28
C LEU C 36 28.95 9.49 29.36
N VAL C 37 29.90 10.21 29.96
CA VAL C 37 30.85 11.03 29.22
C VAL C 37 32.23 10.45 29.47
N LEU C 38 32.92 10.07 28.40
CA LEU C 38 34.26 9.49 28.49
C LEU C 38 35.28 10.54 28.12
N ARG C 39 36.22 10.82 29.02
CA ARG C 39 37.24 11.82 28.79
C ARG C 39 38.57 11.31 29.35
N GLY C 40 39.60 11.35 28.51
CA GLY C 40 40.90 10.88 28.92
C GLY C 40 42.00 11.41 28.01
N VAL C 41 43.00 10.56 27.73
CA VAL C 41 44.17 10.98 26.97
C VAL C 41 44.66 9.81 26.12
N ASN C 42 45.40 10.14 25.06
CA ASN C 42 46.11 9.14 24.30
C ASN C 42 47.35 8.71 25.08
N LEU C 43 47.55 7.39 25.19
CA LEU C 43 48.66 6.82 25.94
C LEU C 43 49.24 5.68 25.10
N SER C 44 50.34 5.93 24.39
CA SER C 44 51.00 7.24 24.30
C SER C 44 51.83 7.34 23.03
N GLY C 45 52.08 8.56 22.57
CA GLY C 45 53.01 8.77 21.46
C GLY C 45 54.38 8.18 21.72
N SER C 46 54.71 7.90 22.97
CA SER C 46 55.93 7.17 23.30
C SER C 46 56.03 5.87 22.51
N ALA C 47 54.90 5.21 22.28
CA ALA C 47 54.86 3.90 21.64
C ALA C 47 55.01 3.98 20.12
N LYS C 48 55.28 5.17 19.57
CA LYS C 48 55.44 5.31 18.13
C LYS C 48 56.79 4.78 17.63
N HIS C 49 57.79 4.69 18.49
CA HIS C 49 59.12 4.27 18.11
C HIS C 49 59.66 3.33 19.17
N PRO C 50 60.64 2.49 18.83
CA PRO C 50 61.23 1.59 19.81
C PRO C 50 62.18 2.32 20.77
N ASN C 51 62.56 1.61 21.81
CA ASN C 51 63.43 2.19 22.82
C ASN C 51 64.73 2.69 22.20
N ASN C 52 65.11 3.91 22.60
CA ASN C 52 66.41 4.51 22.31
C ASN C 52 66.57 4.95 20.87
N GLN C 53 65.51 5.03 20.09
CA GLN C 53 65.59 5.52 18.71
C GLN C 53 64.48 6.53 18.47
N PRO C 54 64.57 7.70 19.10
CA PRO C 54 63.64 8.79 18.81
C PRO C 54 63.85 9.30 17.39
N SER C 55 62.91 10.15 16.96
CA SER C 55 62.85 10.55 15.57
C SER C 55 64.15 11.23 15.10
N HIS C 56 64.88 11.86 16.01
CA HIS C 56 66.01 12.69 15.63
C HIS C 56 67.34 11.95 15.63
N ILE C 57 67.37 10.68 16.03
CA ILE C 57 68.61 9.91 16.09
C ILE C 57 68.68 9.01 14.86
N ARG C 58 69.72 9.18 14.06
CA ARG C 58 69.90 8.32 12.89
C ARG C 58 70.70 7.06 13.21
N GLU C 59 71.53 7.08 14.24
CA GLU C 59 72.33 5.91 14.58
C GLU C 59 71.44 4.76 15.01
N GLY C 60 71.64 3.60 14.38
CA GLY C 60 70.85 2.43 14.66
C GLY C 60 69.46 2.44 14.08
N PHE C 61 69.04 3.55 13.46
CA PHE C 61 67.69 3.68 12.95
C PHE C 61 67.42 2.62 11.88
N TRP C 62 68.23 2.61 10.83
CA TRP C 62 68.01 1.65 9.74
C TRP C 62 68.43 0.25 10.15
N GLU C 63 69.51 0.13 10.92
CA GLU C 63 70.17 -1.15 11.11
C GLU C 63 69.30 -2.11 11.93
N THR C 64 68.77 -1.64 13.06
CA THR C 64 67.96 -2.53 13.88
C THR C 64 66.71 -2.99 13.12
N ALA C 65 66.07 -2.07 12.40
CA ALA C 65 64.88 -2.44 11.63
C ALA C 65 65.24 -3.42 10.52
N GLU C 66 66.40 -3.25 9.89
CA GLU C 66 66.80 -4.16 8.84
C GLU C 66 66.98 -5.58 9.37
N ALA C 67 67.36 -5.71 10.64
CA ALA C 67 67.57 -7.01 11.26
C ALA C 67 66.30 -7.61 11.86
N GLY C 68 65.14 -7.00 11.61
CA GLY C 68 63.90 -7.51 12.13
C GLY C 68 63.61 -7.18 13.58
N LYS C 69 64.40 -6.31 14.19
CA LYS C 69 64.21 -5.96 15.59
C LYS C 69 63.13 -4.88 15.75
N GLY C 70 62.62 -4.78 16.97
CA GLY C 70 61.61 -3.79 17.30
C GLY C 70 61.31 -3.79 18.79
N ASP C 71 62.24 -3.26 19.60
CA ASP C 71 62.12 -3.30 21.06
C ASP C 71 61.25 -2.14 21.51
N PHE C 72 59.95 -2.41 21.62
CA PHE C 72 58.98 -1.44 22.09
C PHE C 72 58.59 -1.66 23.55
N ILE C 73 59.22 -2.62 24.23
CA ILE C 73 58.75 -3.00 25.56
C ILE C 73 58.89 -1.81 26.51
N ASN C 74 57.99 -1.77 27.50
CA ASN C 74 57.95 -0.75 28.54
C ASN C 74 57.49 0.61 28.02
N LYS C 75 56.93 0.66 26.82
CA LYS C 75 56.27 1.84 26.30
C LYS C 75 54.81 1.48 26.01
N PRO C 76 53.83 2.27 26.45
CA PRO C 76 53.98 3.62 27.01
C PRO C 76 54.36 3.69 28.49
N LEU C 77 54.26 2.57 29.20
CA LEU C 77 54.53 2.54 30.63
C LEU C 77 55.55 1.45 30.96
N ASN C 78 56.53 1.81 31.77
CA ASN C 78 57.52 0.86 32.26
C ASN C 78 56.93 0.09 33.44
N LEU C 79 56.80 -1.21 33.29
CA LEU C 79 56.20 -2.06 34.31
C LEU C 79 57.23 -2.64 35.29
N ASP C 80 58.50 -2.22 35.19
CA ASP C 80 59.55 -2.79 36.01
C ASP C 80 59.95 -1.91 37.18
N ASP C 81 59.87 -0.58 37.05
CA ASP C 81 60.37 0.34 38.05
C ASP C 81 59.27 1.03 38.85
N GLY C 82 58.04 0.55 38.76
CA GLY C 82 56.97 1.13 39.56
C GLY C 82 56.49 2.50 39.13
N SER C 83 56.99 3.02 38.00
CA SER C 83 56.55 4.33 37.55
C SER C 83 55.12 4.31 37.01
N ALA C 84 54.69 3.16 36.49
CA ALA C 84 53.39 3.11 35.82
C ALA C 84 52.26 3.54 36.73
N ASP C 85 52.26 3.07 37.97
CA ASP C 85 51.14 3.34 38.87
C ASP C 85 51.01 4.83 39.16
N LEU C 86 52.12 5.54 39.26
CA LEU C 86 52.04 6.98 39.50
C LEU C 86 51.41 7.70 38.31
N HIS C 87 51.84 7.34 37.09
CA HIS C 87 51.27 7.97 35.90
C HIS C 87 49.76 7.70 35.80
N LEU C 88 49.35 6.46 36.02
CA LEU C 88 47.92 6.17 36.01
C LEU C 88 47.20 6.84 37.17
N ALA C 89 47.86 6.95 38.33
CA ALA C 89 47.27 7.68 39.45
C ALA C 89 47.05 9.14 39.09
N ARG C 90 48.03 9.75 38.40
CA ARG C 90 47.88 11.15 38.03
C ARG C 90 46.69 11.34 37.08
N LEU C 91 46.59 10.49 36.07
CA LEU C 91 45.50 10.63 35.11
C LEU C 91 44.14 10.42 35.78
N LYS C 92 44.06 9.48 36.72
CA LYS C 92 42.81 9.30 37.45
C LYS C 92 42.55 10.47 38.40
N ALA C 93 43.61 10.99 39.03
CA ALA C 93 43.46 12.16 39.88
C ALA C 93 42.89 13.34 39.09
N TRP C 94 43.22 13.43 37.80
CA TRP C 94 42.72 14.52 36.96
C TRP C 94 41.30 14.28 36.48
N GLY C 95 40.67 13.17 36.85
CA GLY C 95 39.29 12.91 36.51
C GLY C 95 39.05 12.13 35.24
N TYR C 96 40.10 11.51 34.67
CA TYR C 96 39.98 10.81 33.41
C TYR C 96 39.55 9.36 33.63
N ASN C 97 38.72 8.85 32.71
CA ASN C 97 38.23 7.48 32.76
C ASN C 97 38.43 6.78 31.42
N LEU C 98 39.24 7.35 30.54
CA LEU C 98 39.40 6.89 29.17
C LEU C 98 40.87 6.92 28.77
N LEU C 99 41.28 5.92 27.99
CA LEU C 99 42.62 5.88 27.43
C LEU C 99 42.53 5.34 26.02
N ARG C 100 42.99 6.12 25.04
CA ARG C 100 43.16 5.63 23.68
C ARG C 100 44.55 5.00 23.59
N TYR C 101 44.59 3.67 23.56
CA TYR C 101 45.87 2.97 23.67
C TYR C 101 46.55 2.88 22.31
N VAL C 102 47.79 3.35 22.23
CA VAL C 102 48.52 3.47 20.98
C VAL C 102 49.45 2.28 20.81
N PHE C 103 49.34 1.60 19.69
CA PHE C 103 50.27 0.56 19.29
C PHE C 103 50.45 0.64 17.78
N THR C 104 51.57 0.13 17.28
CA THR C 104 51.86 0.21 15.86
C THR C 104 51.94 -1.18 15.23
N TRP C 105 51.70 -1.22 13.92
CA TRP C 105 51.91 -2.44 13.15
C TRP C 105 53.35 -2.91 13.25
N GLU C 106 54.31 -1.98 13.18
CA GLU C 106 55.71 -2.35 13.35
C GLU C 106 55.93 -3.05 14.69
N SER C 107 55.26 -2.58 15.73
CA SER C 107 55.39 -3.21 17.04
C SER C 107 55.07 -4.71 16.98
N LEU C 108 54.13 -5.11 16.12
CA LEU C 108 53.62 -6.48 16.12
C LEU C 108 54.32 -7.40 15.12
N GLU C 109 54.95 -6.86 14.07
CA GLU C 109 55.36 -7.65 12.94
C GLU C 109 56.69 -7.19 12.36
N HIS C 110 57.60 -6.69 13.22
CA HIS C 110 58.85 -6.15 12.72
C HIS C 110 59.78 -7.24 12.21
N ALA C 111 59.75 -8.42 12.84
CA ALA C 111 60.67 -9.49 12.47
C ALA C 111 60.49 -9.91 11.02
N GLY C 112 59.29 -9.75 10.47
CA GLY C 112 59.03 -10.11 9.11
C GLY C 112 57.58 -10.52 8.93
N PRO C 113 57.15 -10.74 7.70
CA PRO C 113 55.77 -11.17 7.46
C PRO C 113 55.43 -12.41 8.26
N LYS C 114 54.33 -12.33 9.01
CA LYS C 114 53.77 -13.42 9.81
C LYS C 114 54.68 -13.89 10.94
N GLU C 115 55.73 -13.13 11.27
CA GLU C 115 56.57 -13.40 12.43
C GLU C 115 56.26 -12.33 13.47
N TYR C 116 55.33 -12.65 14.37
CA TYR C 116 54.76 -11.67 15.28
C TYR C 116 55.54 -11.60 16.58
N ASP C 117 55.60 -10.39 17.15
CA ASP C 117 56.25 -10.17 18.43
C ASP C 117 55.22 -10.44 19.54
N TYR C 118 55.06 -11.74 19.85
CA TYR C 118 54.10 -12.13 20.88
C TYR C 118 54.50 -11.61 22.25
N ALA C 119 55.80 -11.46 22.50
CA ALA C 119 56.24 -10.91 23.79
C ALA C 119 55.72 -9.49 23.99
N TYR C 120 55.62 -8.70 22.92
CA TYR C 120 55.11 -7.34 23.06
C TYR C 120 53.61 -7.35 23.34
N MET C 121 52.87 -8.23 22.66
CA MET C 121 51.44 -8.33 22.92
C MET C 121 51.18 -8.68 24.39
N ASP C 122 51.95 -9.61 24.93
CA ASP C 122 51.83 -9.94 26.34
C ASP C 122 52.16 -8.73 27.20
N TYR C 123 53.17 -7.94 26.80
CA TYR C 123 53.43 -6.69 27.50
C TYR C 123 52.23 -5.78 27.46
N ILE C 124 51.61 -5.63 26.28
CA ILE C 124 50.44 -4.77 26.15
C ILE C 124 49.33 -5.26 27.08
N ILE C 125 49.12 -6.57 27.12
CA ILE C 125 48.10 -7.13 28.00
C ILE C 125 48.40 -6.75 29.45
N ALA C 126 49.66 -6.91 29.85
CA ALA C 126 50.06 -6.57 31.21
C ALA C 126 49.73 -5.11 31.51
N VAL C 127 50.10 -4.21 30.61
CA VAL C 127 49.77 -2.79 30.78
C VAL C 127 48.26 -2.61 30.84
N LEU C 128 47.53 -3.28 29.94
CA LEU C 128 46.07 -3.17 29.94
C LEU C 128 45.48 -3.66 31.26
N ARG C 129 46.09 -4.68 31.87
CA ARG C 129 45.62 -5.12 33.18
C ARG C 129 45.75 -4.01 34.20
N LYS C 130 46.91 -3.34 34.24
CA LYS C 130 47.08 -2.20 35.13
C LYS C 130 46.00 -1.14 34.88
N CYS C 131 45.76 -0.81 33.61
CA CYS C 131 44.71 0.14 33.28
C CYS C 131 43.37 -0.30 33.84
N LYS C 132 43.07 -1.60 33.73
CA LYS C 132 41.81 -2.11 34.25
C LYS C 132 41.70 -1.90 35.75
N GLU C 133 42.73 -2.27 36.49
CA GLU C 133 42.68 -2.12 37.94
C GLU C 133 42.65 -0.65 38.36
N TRP C 134 43.07 0.27 37.50
CA TRP C 134 42.95 1.69 37.77
C TRP C 134 41.62 2.28 37.30
N GLY C 135 40.75 1.45 36.73
CA GLY C 135 39.41 1.88 36.42
C GLY C 135 39.22 2.56 35.09
N PHE C 136 40.18 2.46 34.18
CA PHE C 136 40.09 3.15 32.91
C PHE C 136 39.34 2.32 31.89
N ARG C 137 38.57 2.99 31.05
CA ARG C 137 38.04 2.40 29.83
C ARG C 137 39.04 2.66 28.71
N VAL C 138 39.25 1.66 27.86
CA VAL C 138 40.27 1.71 26.83
C VAL C 138 39.66 1.31 25.50
N PHE C 139 40.10 1.97 24.43
CA PHE C 139 39.85 1.48 23.07
C PHE C 139 41.14 1.60 22.28
N MET C 140 41.37 0.63 21.40
CA MET C 140 42.69 0.37 20.86
C MET C 140 42.91 1.12 19.54
N ASP C 141 44.09 1.72 19.42
CA ASP C 141 44.42 2.57 18.28
C ASP C 141 45.53 1.93 17.46
N PRO C 142 45.22 1.30 16.32
CA PRO C 142 46.29 0.91 15.39
C PRO C 142 46.84 2.17 14.73
N HIS C 143 47.99 2.63 15.22
CA HIS C 143 48.45 3.98 14.93
C HIS C 143 49.53 3.99 13.87
N GLN C 144 49.48 5.00 13.01
CA GLN C 144 50.55 5.24 12.04
C GLN C 144 50.58 6.73 11.71
N ASP C 145 51.69 7.16 11.13
CA ASP C 145 51.84 8.51 10.62
C ASP C 145 52.63 8.45 9.32
N VAL C 146 52.09 9.08 8.27
CA VAL C 146 52.67 9.01 6.92
C VAL C 146 53.28 7.62 6.72
N TRP C 147 52.46 6.60 6.97
CA TRP C 147 52.74 5.20 6.71
C TRP C 147 53.71 4.53 7.68
N SER C 148 54.90 5.12 7.89
CA SER C 148 55.95 4.45 8.63
C SER C 148 56.95 5.47 9.16
N ARG C 149 57.71 5.03 10.18
CA ARG C 149 58.87 5.81 10.62
C ARG C 149 59.83 6.03 9.47
N PHE C 150 60.00 5.04 8.62
CA PHE C 150 60.96 5.10 7.53
C PHE C 150 60.45 5.92 6.35
N THR C 151 59.19 6.33 6.37
CA THR C 151 58.65 7.28 5.41
C THR C 151 58.29 8.62 6.07
N GLY C 152 58.75 8.86 7.30
CA GLY C 152 58.66 10.15 7.96
C GLY C 152 57.80 10.17 9.21
N GLY C 153 57.21 9.06 9.65
CA GLY C 153 56.25 9.12 10.75
C GLY C 153 56.25 7.94 11.68
N SER C 154 55.30 7.02 11.51
CA SER C 154 55.17 5.86 12.37
C SER C 154 54.24 4.85 11.72
N GLY C 155 54.21 3.65 12.28
CA GLY C 155 53.25 2.65 11.84
C GLY C 155 53.84 1.35 11.34
N ALA C 156 54.01 1.24 10.02
CA ALA C 156 54.27 -0.05 9.40
C ALA C 156 55.72 -0.50 9.56
N PRO C 157 55.97 -1.80 9.51
CA PRO C 157 57.35 -2.29 9.60
C PRO C 157 58.14 -1.98 8.34
N LEU C 158 59.47 -1.92 8.51
CA LEU C 158 60.33 -1.52 7.41
C LEU C 158 60.16 -2.39 6.17
N TRP C 159 59.88 -3.70 6.35
CA TRP C 159 59.84 -4.59 5.20
C TRP C 159 58.69 -4.26 4.25
N THR C 160 57.67 -3.52 4.70
CA THR C 160 56.60 -3.13 3.79
C THR C 160 57.13 -2.22 2.69
N LEU C 161 58.14 -1.41 2.98
CA LEU C 161 58.74 -0.56 1.95
C LEU C 161 59.39 -1.39 0.86
N TYR C 162 60.15 -2.40 1.26
CA TYR C 162 60.71 -3.33 0.28
C TYR C 162 59.61 -4.06 -0.49
N ALA C 163 58.51 -4.39 0.18
CA ALA C 163 57.41 -5.05 -0.52
C ALA C 163 56.87 -4.19 -1.65
N CYS C 164 56.93 -2.87 -1.48
CA CYS C 164 56.39 -1.94 -2.48
C CYS C 164 57.43 -1.56 -3.53
N GLY C 165 58.57 -2.23 -3.54
CA GLY C 165 59.60 -1.94 -4.52
C GLY C 165 60.34 -0.65 -4.28
N ILE C 166 60.48 -0.22 -3.03
CA ILE C 166 61.10 1.05 -2.69
C ILE C 166 62.40 0.79 -1.95
N ASP C 167 63.44 1.53 -2.32
CA ASP C 167 64.72 1.47 -1.61
C ASP C 167 64.71 2.51 -0.51
N PRO C 168 64.60 2.10 0.77
CA PRO C 168 64.51 3.11 1.84
C PRO C 168 65.62 4.14 1.83
N TYR C 169 66.82 3.79 1.35
CA TYR C 169 67.97 4.65 1.48
C TYR C 169 68.07 5.72 0.40
N HIS C 170 67.16 5.74 -0.58
CA HIS C 170 67.11 6.79 -1.58
C HIS C 170 65.86 7.67 -1.47
N LEU C 171 65.22 7.67 -0.30
CA LEU C 171 64.07 8.55 -0.09
C LEU C 171 64.50 10.00 0.03
N THR C 172 65.56 10.27 0.79
CA THR C 172 65.97 11.65 1.03
C THR C 172 66.49 12.30 -0.24
N ALA C 173 67.31 11.59 -1.01
CA ALA C 173 67.87 12.18 -2.22
C ALA C 173 66.78 12.53 -3.21
N THR C 174 65.74 11.70 -3.29
CA THR C 174 64.65 11.93 -4.23
C THR C 174 63.59 12.87 -3.70
N ALA C 175 63.67 13.26 -2.42
CA ALA C 175 62.63 14.03 -1.75
C ALA C 175 61.30 13.27 -1.73
N ALA C 176 61.35 11.95 -1.89
CA ALA C 176 60.16 11.11 -1.77
C ALA C 176 59.63 11.07 -0.35
N ALA C 177 60.46 11.41 0.63
CA ALA C 177 60.03 11.52 2.02
C ALA C 177 61.08 12.29 2.79
N TYR C 178 60.65 13.12 3.72
CA TYR C 178 61.55 13.86 4.61
C TYR C 178 61.55 13.20 5.98
N LEU C 179 62.71 12.66 6.37
CA LEU C 179 62.86 12.00 7.65
C LEU C 179 63.62 12.91 8.62
N HIS C 180 63.11 13.02 9.85
CA HIS C 180 63.70 13.91 10.84
C HIS C 180 65.20 13.65 11.02
N CYS C 181 65.57 12.37 11.16
CA CYS C 181 66.96 12.02 11.40
C CYS C 181 67.84 12.25 10.19
N GLU C 182 67.26 12.52 9.02
CA GLU C 182 68.02 12.79 7.81
C GLU C 182 67.75 14.20 7.30
N TRP C 183 67.35 15.10 8.18
CA TRP C 183 67.11 16.48 7.76
C TRP C 183 68.30 17.35 8.11
N PRO C 184 68.80 18.20 7.19
CA PRO C 184 68.32 18.39 5.82
C PRO C 184 68.93 17.39 4.83
N SER C 185 69.88 16.59 5.30
CA SER C 185 70.47 15.55 4.49
C SER C 185 70.89 14.40 5.38
N ALA C 186 71.04 13.21 4.77
CA ALA C 186 71.47 12.05 5.53
C ALA C 186 72.92 12.17 5.98
N GLU C 187 73.73 12.93 5.23
CA GLU C 187 75.16 12.99 5.53
C GLU C 187 75.47 13.93 6.67
N SER C 188 74.72 15.02 6.81
CA SER C 188 74.93 16.00 7.87
C SER C 188 73.58 16.43 8.43
N PRO C 189 72.84 15.51 9.04
CA PRO C 189 71.54 15.90 9.62
C PRO C 189 71.70 16.91 10.74
N LYS C 190 70.70 17.79 10.85
CA LYS C 190 70.60 18.77 11.93
C LYS C 190 69.16 18.77 12.42
N PRO C 191 68.75 17.67 13.05
CA PRO C 191 67.31 17.50 13.37
C PRO C 191 66.72 18.63 14.20
N GLN C 192 67.55 19.45 14.85
CA GLN C 192 67.04 20.59 15.59
C GLN C 192 66.52 21.68 14.64
N ASP C 193 66.93 21.65 13.38
CA ASP C 193 66.44 22.57 12.37
C ASP C 193 65.19 22.08 11.66
N PHE C 194 64.65 20.92 12.05
CA PHE C 194 63.49 20.35 11.35
C PHE C 194 62.32 21.32 11.38
N PRO C 195 61.85 21.79 10.23
CA PRO C 195 60.78 22.79 10.24
C PRO C 195 59.55 22.30 10.97
N ALA C 196 58.84 23.24 11.60
CA ALA C 196 57.70 22.91 12.43
C ALA C 196 56.63 22.17 11.64
N MET C 197 56.31 20.96 12.08
CA MET C 197 55.22 20.18 11.51
C MET C 197 55.29 20.14 9.99
N ILE C 198 56.51 19.98 9.47
CA ILE C 198 56.63 19.67 8.04
C ILE C 198 56.41 18.19 7.78
N TRP C 199 56.44 17.35 8.82
CA TRP C 199 56.38 15.91 8.61
C TRP C 199 55.08 15.51 7.92
N GLY C 200 53.98 16.19 8.27
CA GLY C 200 52.69 15.85 7.67
C GLY C 200 52.68 15.98 6.16
N THR C 201 53.55 16.82 5.61
CA THR C 201 53.59 16.96 4.16
C THR C 201 54.07 15.71 3.47
N ASN C 202 54.60 14.73 4.21
CA ASN C 202 55.05 13.49 3.60
C ASN C 202 53.90 12.76 2.92
N TYR C 203 52.66 12.97 3.38
CA TYR C 203 51.51 12.38 2.72
C TYR C 203 51.43 12.79 1.26
N THR C 204 52.02 13.93 0.89
CA THR C 204 51.95 14.45 -0.46
C THR C 204 53.30 14.39 -1.17
N HIS C 205 54.21 13.54 -0.71
CA HIS C 205 55.43 13.23 -1.42
C HIS C 205 55.37 11.79 -1.95
N LEU C 206 56.31 11.48 -2.85
CA LEU C 206 56.15 10.32 -3.73
C LEU C 206 56.06 9.00 -2.95
N ALA C 207 56.79 8.86 -1.86
CA ALA C 207 56.79 7.59 -1.12
C ALA C 207 55.40 7.28 -0.59
N ASN C 208 54.81 8.20 0.16
CA ASN C 208 53.45 8.00 0.65
C ASN C 208 52.46 7.97 -0.51
N GLN C 209 52.65 8.85 -1.49
CA GLN C 209 51.73 8.90 -2.62
C GLN C 209 51.66 7.55 -3.33
N THR C 210 52.76 6.80 -3.35
CA THR C 210 52.74 5.48 -3.97
C THR C 210 52.15 4.44 -3.03
N ILE C 211 52.64 4.41 -1.78
CA ILE C 211 52.34 3.30 -0.89
C ILE C 211 50.87 3.28 -0.49
N TRP C 212 50.28 4.45 -0.27
CA TRP C 212 48.87 4.49 0.10
C TRP C 212 47.98 4.14 -1.08
N THR C 213 48.42 4.46 -2.29
CA THR C 213 47.68 4.01 -3.47
C THR C 213 47.74 2.50 -3.58
N PHE C 214 48.93 1.92 -3.39
CA PHE C 214 49.05 0.46 -3.31
C PHE C 214 48.11 -0.10 -2.25
N PHE C 215 48.12 0.51 -1.06
CA PHE C 215 47.43 -0.06 0.09
C PHE C 215 45.92 -0.09 -0.13
N PHE C 216 45.34 1.05 -0.48
CA PHE C 216 43.89 1.14 -0.58
C PHE C 216 43.34 0.79 -1.96
N ALA C 217 44.16 0.83 -3.00
CA ALA C 217 43.65 0.65 -4.35
C ALA C 217 44.69 0.14 -5.33
N GLY C 218 45.56 -0.76 -4.87
CA GLY C 218 46.52 -1.37 -5.78
C GLY C 218 45.86 -2.18 -6.88
N LYS C 219 44.74 -2.85 -6.54
CA LYS C 219 44.03 -3.64 -7.55
C LYS C 219 43.44 -2.77 -8.64
N THR C 220 43.22 -1.49 -8.37
CA THR C 220 42.60 -0.59 -9.34
C THR C 220 43.63 0.16 -10.17
N TYR C 221 44.73 0.62 -9.56
CA TYR C 221 45.68 1.46 -10.27
C TYR C 221 47.05 0.84 -10.47
N ALA C 222 47.37 -0.23 -9.75
CA ALA C 222 48.65 -0.92 -9.91
C ALA C 222 48.40 -2.42 -10.12
N PRO C 223 47.63 -2.77 -11.15
CA PRO C 223 47.28 -4.19 -11.35
C PRO C 223 48.48 -5.10 -11.60
N LYS C 224 49.58 -4.57 -12.13
CA LYS C 224 50.76 -5.35 -12.39
C LYS C 224 51.61 -5.62 -11.15
N CYS C 225 51.23 -5.06 -10.00
CA CYS C 225 52.03 -5.19 -8.78
C CYS C 225 51.58 -6.44 -8.04
N ILE C 226 52.05 -7.58 -8.53
CA ILE C 226 51.72 -8.88 -7.95
C ILE C 226 52.85 -9.27 -7.01
N ILE C 227 52.48 -9.77 -5.84
CA ILE C 227 53.44 -10.18 -4.83
C ILE C 227 52.84 -11.37 -4.08
N ASP C 228 53.57 -12.48 -4.05
CA ASP C 228 53.04 -13.74 -3.51
C ASP C 228 51.74 -14.13 -4.20
N GLY C 229 51.69 -13.91 -5.51
CA GLY C 229 50.49 -14.24 -6.25
C GLY C 229 49.28 -13.42 -5.90
N LYS C 230 49.48 -12.23 -5.35
CA LYS C 230 48.39 -11.33 -5.03
C LYS C 230 48.81 -9.90 -5.35
N ASN C 231 47.82 -9.04 -5.50
CA ASN C 231 48.11 -7.63 -5.67
C ASN C 231 48.64 -7.04 -4.37
N ILE C 232 49.55 -6.08 -4.52
CA ILE C 232 50.12 -5.43 -3.34
C ILE C 232 49.02 -4.94 -2.40
N GLN C 233 47.89 -4.50 -2.95
CA GLN C 233 46.78 -4.06 -2.11
C GLN C 233 46.40 -5.13 -1.09
N ASP C 234 46.11 -6.34 -1.57
CA ASP C 234 45.72 -7.42 -0.66
C ASP C 234 46.88 -7.82 0.24
N PHE C 235 48.09 -7.85 -0.31
CA PHE C 235 49.26 -8.20 0.50
C PHE C 235 49.36 -7.28 1.70
N LEU C 236 49.31 -5.96 1.47
CA LEU C 236 49.51 -5.02 2.58
C LEU C 236 48.32 -5.05 3.54
N GLN C 237 47.10 -5.01 3.00
CA GLN C 237 45.91 -4.94 3.86
C GLN C 237 45.75 -6.21 4.68
N ASP C 238 45.99 -7.38 4.08
CA ASP C 238 45.83 -8.63 4.81
C ASP C 238 46.86 -8.75 5.93
N HIS C 239 48.12 -8.38 5.66
CA HIS C 239 49.15 -8.48 6.68
C HIS C 239 48.89 -7.50 7.82
N PHE C 240 48.36 -6.31 7.51
CA PHE C 240 48.07 -5.36 8.57
C PHE C 240 46.87 -5.81 9.39
N ILE C 241 45.81 -6.23 8.72
CA ILE C 241 44.62 -6.70 9.44
C ILE C 241 44.93 -7.97 10.22
N ASP C 242 45.77 -8.84 9.68
CA ASP C 242 46.18 -10.02 10.42
C ASP C 242 46.93 -9.63 11.68
N ALA C 243 47.85 -8.66 11.58
CA ALA C 243 48.63 -8.25 12.74
C ALA C 243 47.73 -7.80 13.88
N VAL C 244 46.79 -6.89 13.59
CA VAL C 244 45.91 -6.39 14.64
C VAL C 244 45.05 -7.52 15.20
N GLY C 245 44.51 -8.37 14.33
CA GLY C 245 43.76 -9.51 14.80
C GLY C 245 44.53 -10.38 15.76
N GLU C 246 45.83 -10.59 15.48
CA GLU C 246 46.66 -11.38 16.37
C GLU C 246 46.72 -10.76 17.76
N LEU C 247 46.76 -9.44 17.84
CA LEU C 247 46.73 -8.79 19.14
C LEU C 247 45.37 -8.97 19.80
N ALA C 248 44.30 -8.76 19.04
CA ALA C 248 42.96 -8.97 19.59
C ALA C 248 42.76 -10.43 19.99
N LYS C 249 43.23 -11.36 19.15
CA LYS C 249 43.10 -12.77 19.49
C LYS C 249 43.85 -13.10 20.77
N ARG C 250 45.06 -12.54 20.93
CA ARG C 250 45.83 -12.78 22.14
C ARG C 250 45.10 -12.23 23.37
N ILE C 251 44.46 -11.07 23.23
CA ILE C 251 43.74 -10.51 24.35
C ILE C 251 42.55 -11.39 24.72
N ALA C 252 41.73 -11.74 23.73
CA ALA C 252 40.57 -12.58 23.99
C ALA C 252 40.95 -13.90 24.64
N GLU C 253 42.06 -14.51 24.21
CA GLU C 253 42.41 -15.84 24.69
C GLU C 253 43.12 -15.81 26.03
N GLU C 254 44.08 -14.89 26.20
CA GLU C 254 44.92 -14.88 27.40
C GLU C 254 44.41 -13.93 28.47
N ALA C 255 43.52 -13.01 28.14
CA ALA C 255 43.04 -12.03 29.11
C ALA C 255 41.63 -11.58 28.73
N GLY C 256 40.75 -12.54 28.47
CA GLY C 256 39.38 -12.23 28.11
C GLY C 256 38.65 -11.38 29.13
N ASP C 257 39.14 -11.35 30.36
CA ASP C 257 38.55 -10.48 31.38
C ASP C 257 38.77 -9.01 31.08
N LEU C 258 39.66 -8.67 30.14
CA LEU C 258 39.89 -7.28 29.80
C LEU C 258 38.78 -6.71 28.94
N LEU C 259 38.17 -7.53 28.09
CA LEU C 259 37.27 -7.02 27.07
C LEU C 259 35.95 -6.59 27.67
N ASP C 260 35.41 -5.48 27.15
CA ASP C 260 34.09 -4.95 27.49
C ASP C 260 34.10 -4.16 28.80
N GLU C 261 34.66 -4.73 29.86
CA GLU C 261 34.73 -3.98 31.10
C GLU C 261 35.88 -2.99 31.11
N CYS C 262 36.93 -3.25 30.33
CA CYS C 262 38.03 -2.30 30.16
C CYS C 262 38.22 -1.96 28.69
N VAL C 263 38.64 -2.91 27.86
CA VAL C 263 38.80 -2.68 26.43
C VAL C 263 37.41 -2.75 25.80
N ILE C 264 36.86 -1.59 25.41
CA ILE C 264 35.50 -1.51 24.94
C ILE C 264 35.38 -1.56 23.42
N GLY C 265 36.46 -1.33 22.69
CA GLY C 265 36.38 -1.31 21.25
C GLY C 265 37.72 -1.02 20.63
N TRP C 266 37.71 -0.89 19.29
CA TRP C 266 38.92 -0.73 18.50
C TRP C 266 38.70 0.39 17.49
N ASP C 267 39.69 1.27 17.38
CA ASP C 267 39.69 2.31 16.36
C ASP C 267 40.15 1.71 15.04
N SER C 268 39.72 2.32 13.94
CA SER C 268 40.22 1.92 12.63
C SER C 268 41.62 2.50 12.45
N ILE C 269 42.25 2.16 11.32
CA ILE C 269 43.61 2.62 11.05
C ILE C 269 43.67 4.14 11.18
N ASN C 270 44.73 4.62 11.83
CA ASN C 270 44.83 6.02 12.21
C ASN C 270 45.17 6.92 11.03
N GLU C 271 44.45 8.04 10.92
CA GLU C 271 44.65 9.06 9.90
C GLU C 271 45.20 8.48 8.61
N PRO C 272 44.45 7.64 7.92
CA PRO C 272 45.00 6.97 6.73
C PRO C 272 45.24 7.95 5.59
N GLY C 273 46.32 7.70 4.85
CA GLY C 273 46.61 8.51 3.69
C GLY C 273 45.84 8.06 2.47
N GLU C 274 45.61 9.01 1.56
CA GLU C 274 44.84 8.76 0.35
C GLU C 274 45.73 8.51 -0.87
N GLY C 275 47.04 8.65 -0.73
CA GLY C 275 47.92 8.45 -1.87
C GLY C 275 47.60 9.43 -2.97
N LEU C 276 47.52 8.91 -4.20
CA LEU C 276 47.15 9.70 -5.36
C LEU C 276 45.69 9.51 -5.74
N ILE C 277 44.93 8.77 -4.94
CA ILE C 277 43.57 8.42 -5.30
C ILE C 277 42.72 9.68 -5.32
N GLY C 278 41.96 9.84 -6.41
CA GLY C 278 41.08 10.99 -6.55
C GLY C 278 41.71 12.19 -7.18
N CYS C 279 43.01 12.17 -7.48
CA CYS C 279 43.67 13.34 -8.03
C CYS C 279 43.14 13.62 -9.43
N LYS C 280 42.74 14.86 -9.66
CA LYS C 280 42.19 15.25 -10.95
C LYS C 280 43.28 15.55 -11.98
N ASP C 281 44.45 16.00 -11.52
CA ASP C 281 45.50 16.47 -12.43
C ASP C 281 46.83 16.31 -11.71
N LEU C 282 47.59 15.29 -12.09
CA LEU C 282 48.88 15.03 -11.47
C LEU C 282 49.90 16.12 -11.73
N ALA C 283 49.59 17.09 -12.58
CA ALA C 283 50.51 18.17 -12.91
C ALA C 283 50.39 19.36 -11.98
N VAL C 284 49.46 19.35 -11.03
CA VAL C 284 49.23 20.47 -10.13
C VAL C 284 48.98 19.97 -8.71
N ILE C 285 49.16 20.87 -7.77
CA ILE C 285 48.74 20.67 -6.38
C ILE C 285 47.35 21.28 -6.25
N PRO C 286 46.32 20.50 -5.92
CA PRO C 286 44.96 21.07 -5.90
C PRO C 286 44.83 22.13 -4.81
N ALA C 287 44.10 23.18 -5.14
CA ALA C 287 43.86 24.24 -4.15
C ALA C 287 43.22 23.67 -2.89
N GLU C 288 42.46 22.57 -3.02
CA GLU C 288 41.81 21.97 -1.87
C GLU C 288 42.79 21.28 -0.93
N GLN C 289 44.02 20.99 -1.38
CA GLN C 289 45.05 20.48 -0.49
C GLN C 289 45.39 21.58 0.52
N GLN C 290 44.96 21.42 1.76
CA GLN C 290 45.12 22.49 2.74
C GLN C 290 46.57 22.67 3.15
N LEU C 291 47.29 21.57 3.39
CA LEU C 291 48.63 21.63 3.95
C LEU C 291 49.68 21.63 2.83
N LYS C 292 50.47 22.71 2.78
CA LYS C 292 51.67 22.79 1.96
C LYS C 292 52.73 23.50 2.81
N LYS C 293 53.95 22.98 2.78
CA LYS C 293 55.04 23.60 3.53
C LYS C 293 56.36 23.02 3.06
N GLY C 294 57.35 23.90 2.89
CA GLY C 294 58.64 23.52 2.38
C GLY C 294 58.55 23.17 0.91
N PRO C 295 59.60 22.54 0.37
CA PRO C 295 59.57 22.13 -1.03
C PRO C 295 58.40 21.19 -1.31
N SER C 296 57.57 21.55 -2.29
CA SER C 296 56.31 20.88 -2.54
C SER C 296 56.20 20.46 -3.99
N PRO C 297 56.80 19.32 -4.35
CA PRO C 297 56.66 18.82 -5.72
C PRO C 297 55.21 18.45 -6.04
N THR C 298 54.82 18.71 -7.28
CA THR C 298 53.59 18.14 -7.79
C THR C 298 53.76 16.62 -7.93
N PRO C 299 52.66 15.88 -8.02
CA PRO C 299 52.80 14.41 -8.20
C PRO C 299 53.75 14.04 -9.33
N ILE C 300 53.60 14.67 -10.51
CA ILE C 300 54.48 14.35 -11.62
C ILE C 300 55.92 14.80 -11.32
N GLU C 301 56.08 15.99 -10.70
CA GLU C 301 57.42 16.43 -10.36
C GLU C 301 58.10 15.43 -9.43
N GLY C 302 57.35 14.88 -8.48
CA GLY C 302 57.91 13.89 -7.58
C GLY C 302 58.29 12.60 -8.29
N MET C 303 57.47 12.16 -9.25
CA MET C 303 57.82 10.97 -10.00
C MET C 303 59.10 11.19 -10.79
N ARG C 304 59.24 12.37 -11.41
CA ARG C 304 60.48 12.69 -12.12
C ARG C 304 61.67 12.64 -11.17
N LEU C 305 61.53 13.26 -10.01
CA LEU C 305 62.60 13.17 -9.01
C LEU C 305 62.84 11.72 -8.62
N GLY C 306 61.77 10.94 -8.50
CA GLY C 306 61.92 9.53 -8.18
C GLY C 306 62.75 8.78 -9.20
N MET C 307 62.79 9.26 -10.43
CA MET C 307 63.66 8.69 -11.46
C MET C 307 65.00 9.40 -11.55
N GLY C 308 65.31 10.27 -10.59
CA GLY C 308 66.60 10.92 -10.53
C GLY C 308 66.74 12.22 -11.27
N GLU C 309 65.67 12.69 -11.92
CA GLU C 309 65.75 13.93 -12.69
C GLU C 309 65.57 15.13 -11.78
N ALA C 310 66.41 16.14 -11.98
CA ALA C 310 66.31 17.36 -11.19
C ALA C 310 65.03 18.10 -11.54
N GLN C 311 64.35 18.62 -10.51
CA GLN C 311 63.13 19.38 -10.68
C GLN C 311 63.18 20.66 -9.85
N ASP C 312 62.72 21.76 -10.45
CA ASP C 312 62.57 23.04 -9.75
C ASP C 312 61.14 23.12 -9.24
N VAL C 313 60.97 23.08 -7.92
CA VAL C 313 59.65 22.97 -7.31
C VAL C 313 59.35 24.22 -6.50
N GLN C 314 58.06 24.43 -6.26
CA GLN C 314 57.60 25.57 -5.48
C GLN C 314 57.65 25.22 -4.00
N ALA C 315 58.27 26.10 -3.22
CA ALA C 315 58.28 25.97 -1.76
C ALA C 315 57.16 26.81 -1.18
N TRP C 316 56.68 26.40 0.00
CA TRP C 316 55.56 27.06 0.65
C TRP C 316 55.92 27.44 2.08
N ASN C 317 55.48 28.62 2.49
CA ASN C 317 55.53 29.05 3.88
C ASN C 317 54.12 29.05 4.44
N PHE C 318 54.01 28.90 5.75
CA PHE C 318 52.72 28.91 6.44
C PHE C 318 52.51 30.30 7.05
N GLY C 319 51.63 31.09 6.43
CA GLY C 319 51.34 32.42 6.91
C GLY C 319 50.21 32.45 7.91
N PRO C 320 49.88 33.65 8.38
CA PRO C 320 48.80 33.77 9.38
C PRO C 320 47.46 33.27 8.88
N MET C 321 47.26 33.23 7.57
CA MET C 321 46.02 32.72 6.98
C MET C 321 46.26 31.42 6.21
N GLY C 322 47.30 30.68 6.56
CA GLY C 322 47.57 29.42 5.91
C GLY C 322 48.74 29.48 4.94
N PRO C 323 48.96 28.39 4.21
CA PRO C 323 50.11 28.34 3.30
C PRO C 323 50.04 29.42 2.23
N TYR C 324 51.21 29.87 1.80
CA TYR C 324 51.32 30.78 0.66
C TYR C 324 52.65 30.52 -0.03
N ARG C 325 52.73 30.91 -1.30
CA ARG C 325 53.89 30.57 -2.10
C ARG C 325 55.10 31.38 -1.68
N GLY C 326 56.24 30.70 -1.56
CA GLY C 326 57.49 31.37 -1.33
C GLY C 326 58.46 31.16 -2.47
N SER C 327 59.63 30.60 -2.17
CA SER C 327 60.65 30.39 -3.17
C SER C 327 60.30 29.21 -4.08
N ARG C 328 60.89 29.22 -5.28
CA ARG C 328 60.99 28.04 -6.12
C ARG C 328 62.37 27.42 -5.90
N GLN C 329 62.41 26.11 -5.74
CA GLN C 329 63.57 25.42 -5.21
C GLN C 329 63.91 24.24 -6.10
N THR C 330 65.21 24.07 -6.36
CA THR C 330 65.70 23.00 -7.21
C THR C 330 66.13 21.83 -6.35
N ILE C 331 65.46 20.70 -6.51
CA ILE C 331 65.86 19.44 -5.91
C ILE C 331 66.55 18.62 -7.00
N ASP C 332 67.78 18.19 -6.73
CA ASP C 332 68.60 17.49 -7.72
C ASP C 332 69.07 16.16 -7.15
N PRO C 333 68.38 15.06 -7.47
CA PRO C 333 68.83 13.74 -6.97
C PRO C 333 70.10 13.25 -7.61
N LYS C 334 70.57 13.87 -8.70
CA LYS C 334 71.80 13.48 -9.36
C LYS C 334 71.71 12.04 -9.88
N GLY C 335 70.55 11.67 -10.41
CA GLY C 335 70.35 10.37 -10.99
C GLY C 335 70.00 9.27 -10.00
N VAL C 336 70.02 9.55 -8.70
CA VAL C 336 69.58 8.56 -7.72
C VAL C 336 68.09 8.37 -7.87
N LYS C 337 67.65 7.12 -7.95
CA LYS C 337 66.25 6.78 -8.13
C LYS C 337 65.68 6.17 -6.86
N LEU C 338 64.37 6.34 -6.67
CA LEU C 338 63.72 5.85 -5.47
C LEU C 338 63.54 4.33 -5.49
N TRP C 339 63.49 3.74 -6.68
CA TRP C 339 63.00 2.38 -6.85
C TRP C 339 64.11 1.35 -6.67
N LEU C 340 63.79 0.32 -5.88
CA LEU C 340 64.74 -0.75 -5.62
C LEU C 340 65.16 -1.43 -6.91
N SER C 341 66.46 -1.60 -7.09
CA SER C 341 66.96 -2.31 -8.25
C SER C 341 66.54 -3.78 -8.20
N LYS C 342 66.44 -4.40 -9.39
CA LYS C 342 66.14 -5.82 -9.45
C LYS C 342 67.13 -6.63 -8.63
N GLU C 343 68.42 -6.29 -8.73
CA GLU C 343 69.44 -6.99 -7.97
C GLU C 343 69.28 -6.77 -6.47
N ASP C 344 68.80 -5.59 -6.06
CA ASP C 344 68.64 -5.33 -4.63
C ASP C 344 67.37 -5.95 -4.07
N ASP C 345 66.35 -6.15 -4.91
CA ASP C 345 65.18 -6.89 -4.45
C ASP C 345 65.54 -8.34 -4.15
N VAL C 346 66.42 -8.93 -4.96
CA VAL C 346 66.86 -10.30 -4.71
C VAL C 346 67.65 -10.37 -3.41
N LYS C 347 68.45 -9.33 -3.12
CA LYS C 347 69.37 -9.38 -2.00
C LYS C 347 68.71 -8.99 -0.70
N ARG C 348 67.94 -7.89 -0.69
CA ARG C 348 67.33 -7.40 0.53
C ARG C 348 65.86 -7.05 0.36
N GLY C 349 65.22 -7.49 -0.73
CA GLY C 349 63.79 -7.30 -0.90
C GLY C 349 63.05 -8.61 -0.85
N SER C 350 62.46 -9.02 -1.99
CA SER C 350 61.72 -10.27 -2.04
C SER C 350 62.59 -11.45 -1.57
N GLY C 351 63.84 -11.50 -2.02
CA GLY C 351 64.71 -12.62 -1.70
C GLY C 351 65.09 -12.72 -0.24
N LYS C 352 65.00 -11.62 0.51
CA LYS C 352 65.36 -11.62 1.92
C LYS C 352 64.16 -11.90 2.82
N TRP C 353 63.06 -11.17 2.63
CA TRP C 353 61.94 -11.23 3.56
C TRP C 353 60.98 -12.39 3.26
N GLY C 354 61.07 -13.00 2.09
CA GLY C 354 60.38 -14.26 1.85
C GLY C 354 59.07 -14.13 1.13
N TRP C 355 59.09 -13.54 -0.07
CA TRP C 355 57.91 -13.47 -0.92
C TRP C 355 58.36 -13.48 -2.37
N THR C 356 57.41 -13.78 -3.26
CA THR C 356 57.62 -13.77 -4.69
C THR C 356 57.03 -12.48 -5.28
N ARG C 357 57.68 -11.97 -6.31
CA ARG C 357 57.21 -10.77 -6.98
C ARG C 357 56.76 -11.10 -8.40
N GLY C 358 55.64 -10.52 -8.80
CA GLY C 358 55.13 -10.77 -10.13
C GLY C 358 56.12 -10.34 -11.20
N LYS C 359 56.06 -11.03 -12.35
CA LYS C 359 57.03 -10.78 -13.40
C LYS C 359 56.78 -9.44 -14.09
N GLU C 360 55.55 -8.94 -14.06
CA GLU C 360 55.23 -7.65 -14.67
C GLU C 360 55.49 -6.48 -13.73
N TRP C 361 55.95 -6.72 -12.51
CA TRP C 361 56.30 -5.65 -11.58
C TRP C 361 57.71 -5.16 -11.89
N ALA C 362 57.80 -4.17 -12.77
CA ALA C 362 59.09 -3.60 -13.12
C ALA C 362 59.78 -3.06 -11.88
N LEU C 363 61.09 -3.30 -11.78
CA LEU C 363 61.87 -2.88 -10.64
C LEU C 363 62.96 -1.91 -11.11
N GLY C 364 63.28 -0.94 -10.24
CA GLY C 364 64.27 0.06 -10.57
C GLY C 364 63.79 1.16 -11.48
N THR C 365 62.49 1.25 -11.73
CA THR C 365 61.92 2.25 -12.61
C THR C 365 60.55 2.61 -12.08
N CYS C 366 60.07 3.79 -12.46
CA CYS C 366 58.82 4.29 -11.89
C CYS C 366 57.68 3.32 -12.18
N ILE C 367 57.07 2.81 -11.12
CA ILE C 367 55.93 1.91 -11.27
C ILE C 367 54.78 2.61 -11.96
N TRP C 368 54.60 3.91 -11.71
CA TRP C 368 53.48 4.63 -12.31
C TRP C 368 53.70 4.86 -13.80
N ALA C 369 54.94 5.17 -14.19
CA ALA C 369 55.26 5.20 -15.62
C ALA C 369 55.03 3.83 -16.24
N HIS C 370 55.49 2.78 -15.56
CA HIS C 370 55.27 1.41 -16.04
C HIS C 370 53.80 1.09 -16.23
N HIS C 371 52.91 1.90 -15.67
CA HIS C 371 51.48 1.77 -15.90
C HIS C 371 50.95 2.79 -16.89
N GLY C 372 51.84 3.40 -17.67
CA GLY C 372 51.43 4.35 -18.68
C GLY C 372 50.98 5.70 -18.16
N VAL C 373 51.32 6.05 -16.91
CA VAL C 373 50.93 7.34 -16.38
C VAL C 373 51.75 8.45 -17.03
N TRP C 374 53.03 8.18 -17.31
CA TRP C 374 53.87 9.16 -17.97
C TRP C 374 55.00 8.44 -18.70
N GLU C 375 55.53 9.11 -19.72
CA GLU C 375 56.61 8.59 -20.54
C GLU C 375 57.94 9.07 -19.97
N ILE C 376 58.81 8.13 -19.61
CA ILE C 376 60.06 8.50 -18.95
C ILE C 376 61.08 9.04 -19.95
N ALA C 377 61.07 8.53 -21.18
CA ALA C 377 62.04 8.98 -22.17
C ALA C 377 61.95 10.48 -22.39
N THR C 378 60.75 11.05 -22.30
CA THR C 378 60.55 12.48 -22.53
C THR C 378 60.06 13.20 -21.29
N SER C 379 59.91 12.52 -20.16
CA SER C 379 59.46 13.12 -18.91
C SER C 379 58.11 13.82 -19.09
N THR C 380 57.31 13.36 -20.05
CA THR C 380 56.01 13.95 -20.32
C THR C 380 54.92 13.16 -19.62
N LEU C 381 53.94 13.87 -19.07
CA LEU C 381 52.78 13.24 -18.46
C LEU C 381 51.80 12.83 -19.55
N LEU C 382 51.31 11.59 -19.45
CA LEU C 382 50.43 11.01 -20.48
C LEU C 382 48.98 10.90 -20.03
N ARG C 383 48.73 10.51 -18.78
CA ARG C 383 47.37 10.33 -18.27
C ARG C 383 47.22 11.15 -17.00
N PRO C 384 47.04 12.47 -17.13
CA PRO C 384 46.97 13.32 -15.93
C PRO C 384 45.83 12.98 -15.00
N ASP C 385 44.74 12.41 -15.52
CA ASP C 385 43.55 12.08 -14.73
C ASP C 385 43.48 10.59 -14.38
N TYR C 386 44.59 9.86 -14.53
CA TYR C 386 44.58 8.41 -14.32
C TYR C 386 43.94 8.02 -13.00
N PHE C 387 44.16 8.81 -11.95
CA PHE C 387 43.72 8.43 -10.61
C PHE C 387 42.36 8.97 -10.24
N SER C 388 41.66 9.63 -11.17
CA SER C 388 40.35 10.20 -10.88
C SER C 388 39.20 9.27 -11.20
N THR C 389 39.42 8.25 -12.02
CA THR C 389 38.38 7.31 -12.41
C THR C 389 38.90 5.89 -12.25
N LEU C 390 38.04 4.92 -12.53
CA LEU C 390 38.42 3.52 -12.55
C LEU C 390 38.92 3.15 -13.93
N PRO C 391 40.16 2.65 -14.08
CA PRO C 391 40.62 2.24 -15.41
C PRO C 391 39.71 1.20 -16.07
N THR C 392 39.05 0.34 -15.30
CA THR C 392 38.15 -0.65 -15.88
C THR C 392 36.78 -0.06 -16.21
N ASN C 393 36.49 1.15 -15.76
CA ASN C 393 35.20 1.78 -15.98
C ASN C 393 35.40 3.29 -15.88
N PRO C 394 35.99 3.93 -16.89
CA PRO C 394 36.35 5.34 -16.76
C PRO C 394 35.18 6.28 -16.51
N GLY C 395 33.95 5.82 -16.66
CA GLY C 395 32.81 6.66 -16.39
C GLY C 395 32.51 6.91 -14.95
N HIS C 396 33.16 6.18 -14.04
CA HIS C 396 32.92 6.30 -12.60
C HIS C 396 34.01 7.14 -11.97
N GLN C 397 33.67 8.39 -11.62
CA GLN C 397 34.59 9.23 -10.85
C GLN C 397 34.73 8.67 -9.44
N VAL C 398 35.96 8.55 -8.96
CA VAL C 398 36.22 7.84 -7.73
C VAL C 398 36.08 8.78 -6.53
N ASP C 399 35.68 8.21 -5.40
CA ASP C 399 35.64 8.89 -4.11
C ASP C 399 36.42 8.04 -3.12
N PHE C 400 37.50 8.59 -2.58
CA PHE C 400 38.41 7.78 -1.76
C PHE C 400 37.69 7.15 -0.57
N VAL C 401 36.85 7.93 0.12
CA VAL C 401 36.22 7.44 1.34
C VAL C 401 35.20 6.34 1.03
N ASP C 402 34.41 6.52 -0.03
CA ASP C 402 33.32 5.59 -0.31
C ASP C 402 33.81 4.35 -1.06
N ASP C 403 34.69 4.52 -2.03
CA ASP C 403 35.07 3.45 -2.93
C ASP C 403 36.25 2.64 -2.44
N PHE C 404 37.03 3.14 -1.48
CA PHE C 404 38.25 2.44 -1.10
C PHE C 404 38.43 2.35 0.41
N TRP C 405 38.33 3.47 1.12
CA TRP C 405 38.55 3.42 2.56
C TRP C 405 37.48 2.58 3.24
N ALA C 406 36.24 2.65 2.75
CA ALA C 406 35.16 1.91 3.37
C ALA C 406 35.29 0.41 3.13
N LEU C 407 35.75 0.01 1.94
CA LEU C 407 35.97 -1.40 1.68
C LEU C 407 37.05 -1.96 2.60
N HIS C 408 38.08 -1.15 2.91
CA HIS C 408 39.06 -1.58 3.90
C HIS C 408 38.43 -1.71 5.28
N TRP C 409 37.61 -0.73 5.67
CA TRP C 409 37.00 -0.76 7.00
C TRP C 409 36.08 -1.95 7.15
N LEU C 410 35.41 -2.37 6.07
CA LEU C 410 34.59 -3.57 6.11
C LEU C 410 35.43 -4.77 6.57
N ALA C 411 36.52 -5.05 5.85
CA ALA C 411 37.36 -6.19 6.19
C ALA C 411 37.98 -6.04 7.57
N TYR C 412 38.39 -4.82 7.93
CA TYR C 412 38.99 -4.61 9.24
C TYR C 412 37.98 -4.87 10.35
N SER C 413 36.80 -4.24 10.25
CA SER C 413 35.79 -4.38 11.31
C SER C 413 35.39 -5.83 11.51
N SER C 414 35.36 -6.62 10.43
CA SER C 414 35.04 -8.04 10.55
C SER C 414 36.06 -8.75 11.43
N ARG C 415 37.35 -8.53 11.16
CA ARG C 415 38.39 -9.22 11.92
C ARG C 415 38.31 -8.86 13.40
N ILE C 416 38.02 -7.60 13.71
CA ILE C 416 37.96 -7.17 15.10
C ILE C 416 36.86 -7.92 15.83
N ARG C 417 35.66 -7.99 15.22
CA ARG C 417 34.53 -8.63 15.89
C ARG C 417 34.71 -10.14 16.03
N LEU C 418 35.47 -10.76 15.12
CA LEU C 418 35.70 -12.20 15.21
C LEU C 418 36.38 -12.57 16.52
N HIS C 419 37.27 -11.70 17.02
CA HIS C 419 38.01 -11.98 18.24
C HIS C 419 37.49 -11.21 19.44
N HIS C 420 36.77 -10.10 19.22
CA HIS C 420 36.17 -9.29 20.28
C HIS C 420 34.69 -9.12 19.94
N PRO C 421 33.85 -10.10 20.26
CA PRO C 421 32.47 -10.08 19.73
C PRO C 421 31.66 -8.86 20.08
N GLU C 422 31.84 -8.28 21.28
CA GLU C 422 31.10 -7.11 21.70
C GLU C 422 31.87 -5.81 21.44
N SER C 423 32.78 -5.81 20.47
CA SER C 423 33.62 -4.64 20.25
C SER C 423 32.81 -3.48 19.70
N ILE C 424 33.01 -2.30 20.27
CA ILE C 424 32.54 -1.07 19.66
C ILE C 424 33.47 -0.72 18.51
N HIS C 425 32.89 -0.33 17.38
CA HIS C 425 33.67 0.14 16.24
C HIS C 425 33.80 1.66 16.37
N PHE C 426 35.02 2.12 16.63
CA PHE C 426 35.32 3.56 16.62
C PHE C 426 35.73 3.91 15.20
N ILE C 427 34.82 4.53 14.46
CA ILE C 427 34.99 4.78 13.03
C ILE C 427 35.73 6.09 12.87
N GLN C 428 36.97 6.00 12.40
CA GLN C 428 37.81 7.18 12.16
C GLN C 428 37.93 7.35 10.65
N ALA C 429 37.13 8.24 10.08
CA ALA C 429 37.25 8.57 8.69
C ALA C 429 38.58 9.26 8.42
N PRO C 430 39.01 9.32 7.16
CA PRO C 430 40.21 10.08 6.84
C PRO C 430 40.09 11.52 7.32
N VAL C 431 41.25 12.13 7.61
CA VAL C 431 41.27 13.45 8.21
C VAL C 431 40.49 14.43 7.33
N LEU C 432 39.66 15.25 7.98
CA LEU C 432 38.92 16.32 7.35
C LEU C 432 37.93 15.82 6.31
N ARG C 433 37.51 14.56 6.43
CA ARG C 433 36.49 13.99 5.55
C ARG C 433 35.29 13.55 6.38
N GLN C 434 34.11 13.64 5.78
CA GLN C 434 32.93 13.02 6.39
C GLN C 434 33.06 11.50 6.29
N PRO C 435 32.56 10.77 7.29
CA PRO C 435 32.53 9.31 7.17
C PRO C 435 31.59 8.91 6.05
N PRO C 436 31.72 7.70 5.53
CA PRO C 436 30.75 7.20 4.56
C PRO C 436 29.57 6.56 5.27
N LYS C 437 28.49 6.35 4.51
CA LYS C 437 27.41 5.51 4.98
C LYS C 437 27.93 4.08 5.09
N LEU C 438 27.85 3.50 6.29
CA LEU C 438 28.31 2.13 6.52
C LEU C 438 27.13 1.22 6.82
N PRO C 439 27.17 -0.04 6.38
CA PRO C 439 25.99 -0.90 6.55
C PRO C 439 25.81 -1.36 7.99
N GLU C 440 24.55 -1.40 8.42
CA GLU C 440 24.25 -1.89 9.77
C GLU C 440 24.63 -3.36 9.96
N SER C 441 24.71 -4.14 8.88
CA SER C 441 25.16 -5.52 9.03
C SER C 441 26.55 -5.60 9.65
N PHE C 442 27.36 -4.54 9.49
CA PHE C 442 28.69 -4.49 10.11
C PHE C 442 28.70 -3.68 11.40
N LEU C 443 28.00 -2.56 11.45
CA LEU C 443 27.91 -1.80 12.69
C LEU C 443 27.14 -2.57 13.75
N LYS C 444 25.92 -2.99 13.42
CA LYS C 444 25.07 -3.77 14.32
C LYS C 444 24.86 -3.05 15.66
N GLY C 445 24.52 -1.77 15.58
CA GLY C 445 24.11 -1.02 16.74
C GLY C 445 25.16 -0.88 17.82
N ARG C 446 26.45 -1.01 17.48
CA ARG C 446 27.53 -0.91 18.46
C ARG C 446 28.70 -0.20 17.78
N ALA C 447 28.67 1.13 17.79
CA ALA C 447 29.66 1.92 17.07
C ALA C 447 29.67 3.34 17.64
N CYS C 448 30.78 4.03 17.37
CA CYS C 448 30.96 5.42 17.77
C CYS C 448 31.92 6.07 16.78
N SER C 449 31.60 7.29 16.34
CA SER C 449 32.50 8.00 15.45
C SER C 449 33.65 8.59 16.28
N SER C 450 34.87 8.47 15.76
CA SER C 450 36.08 8.85 16.49
C SER C 450 36.94 9.80 15.67
N PRO C 451 36.37 10.93 15.25
CA PRO C 451 37.15 11.88 14.44
C PRO C 451 38.20 12.60 15.27
N HIS C 452 39.13 13.23 14.57
CA HIS C 452 40.18 14.04 15.19
C HIS C 452 39.92 15.52 14.92
N PHE C 453 40.27 16.36 15.89
CA PHE C 453 40.23 17.80 15.68
C PHE C 453 41.40 18.45 16.40
N TYR C 454 42.08 19.36 15.71
CA TYR C 454 43.13 20.17 16.29
C TYR C 454 42.87 21.62 15.90
N ASP C 455 43.29 22.55 16.76
CA ASP C 455 43.34 23.96 16.37
C ASP C 455 44.49 24.12 15.38
N GLY C 456 44.16 24.09 14.08
CA GLY C 456 45.20 24.00 13.07
C GLY C 456 46.15 25.18 13.05
N LEU C 457 45.61 26.40 13.18
CA LEU C 457 46.47 27.58 13.20
C LEU C 457 47.44 27.50 14.39
N THR C 458 46.89 27.24 15.58
CA THR C 458 47.75 27.08 16.75
C THR C 458 48.74 25.93 16.56
N LEU C 459 48.27 24.83 15.95
CA LEU C 459 49.12 23.66 15.82
C LEU C 459 50.32 23.93 14.92
N MET C 460 50.07 24.54 13.76
CA MET C 460 51.16 24.75 12.80
C MET C 460 52.09 25.87 13.24
N THR C 461 51.53 26.99 13.68
CA THR C 461 52.37 28.15 14.01
C THR C 461 53.02 28.04 15.38
N LYS C 462 52.55 27.15 16.24
CA LYS C 462 53.03 27.07 17.61
C LYS C 462 52.94 28.43 18.30
N HIS C 463 51.86 29.14 18.02
CA HIS C 463 51.56 30.42 18.66
CA HIS C 463 51.55 30.41 18.68
C HIS C 463 50.07 30.43 19.01
N TRP C 464 49.73 31.03 20.13
CA TRP C 464 48.32 31.25 20.47
C TRP C 464 47.97 32.65 19.94
N ASN C 465 47.43 32.68 18.73
CA ASN C 465 47.28 33.93 18.00
C ASN C 465 46.06 34.69 18.49
N TRP C 466 46.14 36.02 18.39
CA TRP C 466 44.99 36.87 18.70
C TRP C 466 43.92 36.80 17.60
N PHE C 467 44.17 36.02 16.55
CA PHE C 467 43.23 35.77 15.47
C PHE C 467 43.16 34.27 15.20
N ASN C 468 42.14 33.87 14.45
CA ASN C 468 41.98 32.47 14.04
C ASN C 468 40.93 32.42 12.95
N ALA C 469 40.84 31.28 12.27
CA ALA C 469 39.88 31.12 11.18
C ALA C 469 39.22 29.75 11.27
N ASP C 470 38.08 29.63 10.57
CA ASP C 470 37.23 28.45 10.62
C ASP C 470 37.69 27.46 9.56
N ALA C 471 38.51 26.49 9.98
CA ALA C 471 39.10 25.56 9.02
C ALA C 471 38.02 24.69 8.37
N ILE C 472 37.12 24.12 9.17
CA ILE C 472 36.12 23.22 8.62
C ILE C 472 35.17 23.95 7.69
N GLY C 473 34.75 25.16 8.08
CA GLY C 473 33.87 25.93 7.21
C GLY C 473 34.51 26.25 5.88
N VAL C 474 35.79 26.58 5.89
CA VAL C 474 36.48 26.87 4.64
C VAL C 474 36.50 25.64 3.74
N ILE C 475 36.79 24.48 4.31
CA ILE C 475 36.89 23.27 3.49
C ILE C 475 35.54 22.85 2.93
N ARG C 476 34.45 23.18 3.62
CA ARG C 476 33.10 22.86 3.16
C ARG C 476 32.48 23.98 2.34
N LYS C 477 33.29 24.89 1.79
CA LYS C 477 32.82 26.03 1.03
C LYS C 477 31.60 26.69 1.67
N LYS C 478 31.79 27.29 2.83
CA LYS C 478 30.76 28.06 3.51
C LYS C 478 31.05 29.55 3.49
N TYR C 479 32.04 29.99 2.70
CA TYR C 479 32.45 31.38 2.69
C TYR C 479 32.77 31.83 1.27
N TRP C 480 32.17 32.96 0.86
CA TRP C 480 32.62 33.64 -0.35
C TRP C 480 34.14 33.85 -0.30
N SER C 481 34.61 34.50 0.76
CA SER C 481 36.00 34.83 0.95
C SER C 481 36.51 34.18 2.23
N ILE C 482 37.81 33.85 2.24
CA ILE C 482 38.40 33.24 3.43
C ILE C 482 38.65 34.27 4.52
N VAL C 483 38.63 35.56 4.21
CA VAL C 483 38.63 36.57 5.26
C VAL C 483 37.35 36.46 6.08
N GLN C 484 36.25 36.02 5.45
CA GLN C 484 35.00 35.85 6.14
C GLN C 484 35.08 34.79 7.24
N ALA C 485 36.05 33.88 7.16
CA ALA C 485 36.23 32.86 8.19
C ALA C 485 37.09 33.34 9.36
N VAL C 486 37.61 34.56 9.29
CA VAL C 486 38.52 35.07 10.31
C VAL C 486 37.73 35.53 11.52
N ARG C 487 38.30 35.30 12.70
CA ARG C 487 37.78 35.82 13.96
C ARG C 487 38.91 36.41 14.78
N ILE C 488 38.56 37.35 15.67
CA ILE C 488 39.53 37.99 16.55
C ILE C 488 38.97 38.04 17.96
N GLY C 489 39.87 37.94 18.93
CA GLY C 489 39.43 37.97 20.32
C GLY C 489 39.10 36.58 20.86
N GLU C 490 39.22 36.45 22.17
CA GLU C 490 38.98 35.16 22.81
C GLU C 490 37.56 34.69 22.59
N GLY C 491 36.59 35.56 22.88
CA GLY C 491 35.20 35.23 22.73
C GLY C 491 34.88 34.69 21.35
N PRO C 492 35.05 35.53 20.33
CA PRO C 492 34.74 35.07 18.96
C PRO C 492 35.50 33.82 18.57
N ILE C 493 36.81 33.75 18.89
CA ILE C 493 37.60 32.60 18.50
C ILE C 493 37.09 31.34 19.20
N ARG C 494 36.75 31.46 20.49
CA ARG C 494 36.23 30.31 21.22
C ARG C 494 34.87 29.88 20.67
N LYS C 495 34.01 30.84 20.34
CA LYS C 495 32.71 30.49 19.76
C LYS C 495 32.91 29.74 18.43
N MET C 496 33.88 30.15 17.62
CA MET C 496 34.05 29.56 16.30
C MET C 496 34.53 28.13 16.40
N ILE C 497 35.47 27.84 17.30
CA ILE C 497 36.02 26.50 17.37
C ILE C 497 35.02 25.55 17.99
N GLN C 498 34.22 26.03 18.95
CA GLN C 498 33.15 25.20 19.48
C GLN C 498 32.17 24.80 18.38
N GLY C 499 31.86 25.74 17.48
CA GLY C 499 30.99 25.43 16.35
C GLY C 499 31.59 24.46 15.36
N GLU C 500 32.92 24.38 15.30
CA GLU C 500 33.56 23.38 14.45
C GLU C 500 33.39 21.98 15.03
N LEU C 501 33.67 21.82 16.34
CA LEU C 501 33.42 20.52 16.97
C LEU C 501 31.98 20.10 16.82
N ALA C 502 31.04 21.06 16.78
CA ALA C 502 29.65 20.72 16.55
C ALA C 502 29.43 20.11 15.17
N VAL C 503 30.25 20.48 14.19
CA VAL C 503 30.13 19.91 12.86
C VAL C 503 30.48 18.42 12.88
N LEU C 504 31.47 18.05 13.69
CA LEU C 504 31.82 16.63 13.80
C LEU C 504 30.67 15.84 14.41
N LYS C 505 30.05 16.39 15.45
CA LYS C 505 28.87 15.75 16.03
C LYS C 505 27.76 15.60 15.00
N GLN C 506 27.56 16.62 14.16
CA GLN C 506 26.49 16.58 13.17
C GLN C 506 26.75 15.53 12.10
N ASP C 507 28.02 15.26 11.79
CA ASP C 507 28.32 14.25 10.77
C ASP C 507 27.86 12.87 11.22
N THR C 508 27.96 12.59 12.52
CA THR C 508 27.64 11.27 13.02
C THR C 508 26.18 10.94 12.78
N ILE C 509 25.27 11.80 13.26
CA ILE C 509 23.85 11.53 13.15
C ILE C 509 23.38 11.62 11.71
N ASP C 510 24.01 12.50 10.91
CA ASP C 510 23.57 12.72 9.54
C ASP C 510 23.95 11.56 8.62
N ILE C 511 25.03 10.85 8.93
CA ILE C 511 25.59 9.84 8.04
C ILE C 511 25.60 8.46 8.68
N LEU C 512 26.16 8.36 9.89
CA LEU C 512 26.34 7.05 10.50
C LEU C 512 25.06 6.57 11.19
N GLY C 513 24.39 7.45 11.92
CA GLY C 513 23.22 7.09 12.68
C GLY C 513 23.29 7.63 14.09
N ASN C 514 22.24 7.34 14.86
CA ASN C 514 22.16 7.78 16.25
C ASN C 514 23.20 7.01 17.06
N TYR C 515 24.43 7.50 17.01
CA TYR C 515 25.56 6.90 17.68
C TYR C 515 26.29 7.97 18.48
N PRO C 516 27.12 7.59 19.44
CA PRO C 516 27.91 8.58 20.18
C PRO C 516 29.06 9.09 19.32
N THR C 517 29.63 10.22 19.77
CA THR C 517 30.78 10.81 19.13
C THR C 517 31.88 10.99 20.17
N LEU C 518 33.12 10.72 19.76
CA LEU C 518 34.28 10.82 20.62
C LEU C 518 35.41 11.43 19.81
N VAL C 519 35.97 12.55 20.29
CA VAL C 519 37.07 13.20 19.59
C VAL C 519 38.35 12.44 19.94
N GLY C 520 38.79 11.58 19.02
CA GLY C 520 39.88 10.67 19.36
C GLY C 520 41.19 11.39 19.66
N GLU C 521 41.39 12.55 19.07
CA GLU C 521 42.59 13.34 19.31
C GLU C 521 42.20 14.81 19.32
N ILE C 522 42.68 15.55 20.31
CA ILE C 522 42.57 17.00 20.36
C ILE C 522 43.65 17.50 21.32
N GLY C 523 44.34 18.56 20.92
CA GLY C 523 45.44 19.04 21.74
C GLY C 523 46.05 20.31 21.17
N ILE C 524 47.09 20.78 21.86
CA ILE C 524 47.80 22.00 21.49
C ILE C 524 49.28 21.81 21.74
N PRO C 525 50.11 22.58 21.04
CA PRO C 525 51.56 22.47 21.25
C PRO C 525 52.02 23.28 22.45
N TYR C 526 52.94 22.69 23.22
CA TYR C 526 53.48 23.40 24.38
C TYR C 526 54.78 24.12 24.06
N ASP C 527 55.46 23.78 22.96
CA ASP C 527 56.70 24.44 22.58
C ASP C 527 56.39 25.69 21.76
N MET C 528 55.60 26.57 22.36
CA MET C 528 55.20 27.82 21.72
C MET C 528 56.32 28.86 21.82
N ASP C 529 56.30 29.80 20.89
CA ASP C 529 57.14 31.00 20.93
C ASP C 529 58.60 30.65 21.20
N ASP C 530 59.12 29.70 20.40
CA ASP C 530 60.51 29.26 20.50
C ASP C 530 60.84 28.75 21.90
N LYS C 531 59.86 28.17 22.57
CA LYS C 531 60.07 27.53 23.88
C LYS C 531 60.36 28.57 24.96
N LYS C 532 59.71 29.72 24.88
CA LYS C 532 59.89 30.74 25.91
C LYS C 532 59.50 30.19 27.28
N ALA C 533 58.47 29.35 27.33
CA ALA C 533 57.99 28.80 28.59
C ALA C 533 58.98 27.83 29.21
N TYR C 534 59.91 27.30 28.43
CA TYR C 534 60.96 26.43 28.95
C TYR C 534 62.24 27.19 29.28
N GLY C 535 62.24 28.51 29.10
CA GLY C 535 63.41 29.30 29.42
C GLY C 535 64.47 29.33 28.34
N TYR C 536 64.11 29.00 27.10
CA TYR C 536 65.11 28.86 26.05
C TYR C 536 65.46 30.19 25.37
N VAL C 537 64.66 31.25 25.56
CA VAL C 537 64.90 32.51 24.88
C VAL C 537 64.81 33.68 25.86
N ASP C 538 65.15 34.86 25.37
CA ASP C 538 65.02 36.11 26.13
C ASP C 538 65.77 36.04 27.47
N GLY C 539 66.97 35.45 27.43
CA GLY C 539 67.73 35.27 28.65
C GLY C 539 66.98 34.51 29.72
N GLY C 540 66.10 33.59 29.33
CA GLY C 540 65.34 32.81 30.28
C GLY C 540 64.03 33.44 30.71
N ARG C 541 63.74 34.65 30.26
CA ARG C 541 62.52 35.32 30.70
C ARG C 541 61.29 34.58 30.21
N GLY C 542 60.32 34.43 31.10
CA GLY C 542 59.09 33.73 30.81
C GLY C 542 59.09 32.27 31.16
N GLU C 543 60.18 31.74 31.72
CA GLU C 543 60.21 30.33 32.06
C GLU C 543 59.09 30.02 33.05
N GLY C 544 58.35 28.94 32.78
CA GLY C 544 57.25 28.54 33.62
C GLY C 544 55.94 29.25 33.35
N ASP C 545 55.92 30.21 32.43
CA ASP C 545 54.71 30.95 32.10
C ASP C 545 54.00 30.22 30.97
N TYR C 546 52.86 29.60 31.29
CA TYR C 546 52.09 28.86 30.31
C TYR C 546 50.77 29.54 29.98
N SER C 547 50.74 30.87 30.06
CA SER C 547 49.53 31.62 29.81
C SER C 547 48.97 31.30 28.43
N SER C 548 49.80 31.42 27.39
CA SER C 548 49.31 31.21 26.03
C SER C 548 48.87 29.78 25.82
N GLN C 549 49.65 28.82 26.31
CA GLN C 549 49.25 27.42 26.23
C GLN C 549 47.92 27.19 26.95
N GLN C 550 47.73 27.84 28.11
CA GLN C 550 46.53 27.58 28.90
C GLN C 550 45.28 28.06 28.16
N LYS C 551 45.38 29.18 27.45
CA LYS C 551 44.22 29.68 26.73
C LYS C 551 43.95 28.84 25.50
N ALA C 552 45.00 28.41 24.81
CA ALA C 552 44.83 27.51 23.66
C ALA C 552 44.14 26.23 24.08
N MET C 553 44.64 25.59 25.14
CA MET C 553 44.01 24.35 25.60
C MET C 553 42.58 24.60 26.07
N ASP C 554 42.37 25.65 26.85
CA ASP C 554 41.04 25.97 27.34
C ASP C 554 40.07 26.20 26.21
N CYS C 555 40.54 26.72 25.08
CA CYS C 555 39.66 26.94 23.94
C CYS C 555 39.27 25.63 23.27
N SER C 556 40.21 24.69 23.15
CA SER C 556 39.87 23.40 22.56
C SER C 556 38.99 22.58 23.50
N MET C 557 39.24 22.68 24.82
CA MET C 557 38.42 21.93 25.77
C MET C 557 37.03 22.52 25.88
N ASN C 558 36.93 23.86 25.92
CA ASN C 558 35.61 24.49 25.94
C ASN C 558 34.83 24.17 24.67
N ALA C 559 35.53 23.95 23.56
CA ALA C 559 34.86 23.58 22.32
C ALA C 559 34.14 22.25 22.43
N CYS C 560 34.60 21.37 23.34
CA CYS C 560 33.94 20.10 23.58
C CYS C 560 32.84 20.21 24.63
N ASP C 561 32.79 21.31 25.39
CA ASP C 561 31.70 21.57 26.31
C ASP C 561 30.55 22.24 25.56
N GLY C 562 30.02 23.33 26.10
CA GLY C 562 28.89 24.01 25.48
C GLY C 562 27.74 23.07 25.23
N PRO C 563 27.06 23.20 24.09
CA PRO C 563 25.99 22.25 23.75
C PRO C 563 26.52 20.91 23.25
N ASN C 564 27.83 20.76 23.06
CA ASN C 564 28.38 19.55 22.47
C ASN C 564 28.47 18.42 23.50
N CYS C 565 29.03 18.70 24.67
CA CYS C 565 29.22 17.70 25.71
C CYS C 565 29.85 16.44 25.13
N LEU C 566 31.04 16.60 24.56
CA LEU C 566 31.66 15.54 23.80
C LEU C 566 32.54 14.67 24.68
N ASN C 567 32.70 13.41 24.26
CA ASN C 567 33.78 12.57 24.74
C ASN C 567 35.03 12.88 23.94
N TYR C 568 36.20 12.70 24.55
CA TYR C 568 37.43 12.95 23.82
C TYR C 568 38.61 12.33 24.54
N ALA C 569 39.68 12.10 23.78
CA ALA C 569 40.97 11.67 24.31
C ALA C 569 42.00 12.72 23.91
N ILE C 570 42.54 13.45 24.89
CA ILE C 570 43.50 14.49 24.60
C ILE C 570 44.79 13.87 24.09
N TRP C 571 45.40 14.51 23.10
CA TRP C 571 46.73 14.14 22.63
C TRP C 571 47.75 15.12 23.21
N ASN C 572 48.64 14.66 24.08
CA ASN C 572 48.70 13.29 24.59
C ASN C 572 49.47 13.31 25.93
N TYR C 573 49.86 12.12 26.41
CA TYR C 573 50.57 12.00 27.68
C TYR C 573 51.86 11.20 27.43
N VAL C 574 53.00 11.89 27.46
CA VAL C 574 54.28 11.27 27.12
C VAL C 574 55.17 11.23 28.34
N PRO C 575 55.27 10.08 29.03
CA PRO C 575 56.10 10.02 30.25
C PRO C 575 57.52 10.52 30.07
N ASP C 576 58.13 10.33 28.90
CA ASP C 576 59.51 10.72 28.67
C ASP C 576 59.63 12.00 27.84
N ASN C 577 58.62 12.86 27.89
CA ASN C 577 58.72 14.14 27.22
C ASN C 577 59.79 15.01 27.89
N VAL C 578 60.56 15.72 27.08
CA VAL C 578 61.56 16.65 27.56
C VAL C 578 61.45 17.94 26.76
N HIS C 579 61.99 19.02 27.32
CA HIS C 579 61.91 20.31 26.64
C HIS C 579 62.73 20.31 25.35
N GLU C 580 63.92 19.69 25.39
CA GLU C 580 64.84 19.79 24.25
C GLU C 580 64.28 19.13 23.00
N TRP C 581 63.55 18.03 23.16
CA TRP C 581 63.02 17.29 22.02
C TRP C 581 61.52 17.04 22.10
N GLY C 582 60.83 17.66 23.05
CA GLY C 582 59.39 17.50 23.15
C GLY C 582 59.00 16.06 23.33
N ASP C 583 58.03 15.60 22.51
CA ASP C 583 57.57 14.23 22.53
C ASP C 583 58.53 13.26 21.86
N ASN C 584 59.72 13.73 21.48
CA ASN C 584 60.70 12.88 20.81
C ASN C 584 60.16 12.33 19.49
N TRP C 585 59.38 13.16 18.78
CA TRP C 585 58.77 12.71 17.53
C TRP C 585 58.51 13.92 16.64
N ASN C 586 59.37 14.12 15.65
CA ASN C 586 59.16 15.10 14.58
C ASN C 586 58.96 16.50 15.12
N GLY C 587 59.47 16.77 16.31
CA GLY C 587 59.35 18.09 16.90
C GLY C 587 58.01 18.37 17.54
N GLU C 588 57.08 17.43 17.52
CA GLU C 588 55.82 17.64 18.22
C GLU C 588 56.05 17.65 19.72
N ASP C 589 55.32 18.54 20.42
CA ASP C 589 55.42 18.68 21.88
C ASP C 589 54.03 18.98 22.41
N LEU C 590 53.21 17.93 22.54
CA LEU C 590 51.82 18.07 22.97
C LEU C 590 51.54 17.36 24.29
N SER C 591 52.56 16.92 25.00
CA SER C 591 52.33 16.16 26.23
C SER C 591 51.87 17.08 27.36
N LEU C 592 50.87 16.61 28.11
CA LEU C 592 50.38 17.35 29.26
C LEU C 592 51.43 17.46 30.36
N TRP C 593 52.42 16.58 30.36
CA TRP C 593 53.28 16.36 31.50
C TRP C 593 54.72 16.16 31.02
N SER C 594 55.67 16.61 31.83
CA SER C 594 57.08 16.46 31.51
C SER C 594 57.86 16.43 32.81
N VAL C 595 58.94 15.64 32.81
CA VAL C 595 59.85 15.64 33.96
C VAL C 595 60.57 16.97 34.05
N ASP C 596 60.81 17.62 32.91
CA ASP C 596 61.52 18.90 32.89
C ASP C 596 60.72 20.02 33.54
N ASP C 597 59.45 19.79 33.83
CA ASP C 597 58.61 20.79 34.48
C ASP C 597 58.38 20.51 35.96
N LYS C 598 59.05 19.50 36.51
CA LYS C 598 58.97 19.25 37.94
C LYS C 598 59.85 20.24 38.68
N GLU C 599 59.39 20.70 39.83
CA GLU C 599 60.12 21.73 40.58
C GLU C 599 61.03 21.11 41.62
N ARG C 639 53.63 5.12 46.67
CA ARG C 639 52.77 5.07 45.48
C ARG C 639 51.32 4.84 45.87
N PRO C 640 50.43 5.77 45.51
CA PRO C 640 49.04 5.68 45.95
C PRO C 640 48.26 4.60 45.21
N SER C 641 47.09 4.27 45.78
CA SER C 641 46.17 3.24 45.34
C SER C 641 45.09 3.82 44.43
N PRO C 642 44.42 2.98 43.65
CA PRO C 642 43.19 3.44 42.99
C PRO C 642 42.15 3.93 43.98
N SER C 643 42.08 3.37 45.17
CA SER C 643 41.03 3.73 46.12
C SER C 643 41.33 5.04 46.82
N VAL C 644 42.56 5.20 47.33
CA VAL C 644 42.87 6.45 48.04
C VAL C 644 42.85 7.62 47.07
N ILE C 645 43.16 7.38 45.79
CA ILE C 645 42.91 8.38 44.77
C ILE C 645 41.42 8.64 44.66
N ASP C 646 40.63 7.56 44.62
CA ASP C 646 39.18 7.68 44.58
C ASP C 646 38.65 8.40 45.81
N SER C 647 39.31 8.21 46.97
CA SER C 647 38.88 8.87 48.19
C SER C 647 39.25 10.34 48.20
N GLY C 648 40.29 10.72 47.46
CA GLY C 648 40.76 12.09 47.44
C GLY C 648 41.91 12.38 48.37
N ASP C 649 42.53 11.36 48.96
CA ASP C 649 43.64 11.57 49.89
C ASP C 649 44.95 11.31 49.14
N PHE C 650 45.35 12.30 48.35
CA PHE C 650 46.64 12.27 47.66
C PHE C 650 47.27 13.64 47.79
N SER C 651 48.58 13.69 47.56
CA SER C 651 49.29 14.96 47.69
C SER C 651 49.02 15.85 46.48
N PRO C 652 48.94 17.17 46.69
CA PRO C 652 48.73 18.07 45.53
C PRO C 652 49.88 18.05 44.55
N THR C 653 51.05 17.55 44.94
CA THR C 653 52.17 17.45 44.01
C THR C 653 51.89 16.44 42.89
N LEU C 654 50.99 15.49 43.10
CA LEU C 654 50.63 14.55 42.05
C LEU C 654 49.91 15.25 40.91
N ILE C 655 48.97 16.16 41.23
CA ILE C 655 48.13 16.76 40.21
C ILE C 655 48.74 18.02 39.61
N LEU C 656 49.88 18.48 40.12
CA LEU C 656 50.43 19.75 39.66
C LEU C 656 51.88 19.63 39.17
N ASP C 657 52.77 19.10 40.00
CA ASP C 657 54.18 19.06 39.65
C ASP C 657 54.37 18.29 38.35
N GLY C 658 55.01 18.92 37.37
CA GLY C 658 55.18 18.35 36.06
C GLY C 658 54.09 18.70 35.07
N SER C 659 52.96 19.20 35.55
CA SER C 659 51.89 19.61 34.67
C SER C 659 52.27 20.88 33.91
N ARG C 660 51.63 21.08 32.77
CA ARG C 660 51.70 22.32 32.01
C ARG C 660 50.28 22.71 31.65
N ALA C 661 49.85 23.88 32.14
CA ALA C 661 48.52 24.42 31.85
C ALA C 661 47.42 23.51 32.39
N VAL C 662 47.65 22.96 33.58
CA VAL C 662 46.72 22.00 34.16
C VAL C 662 45.34 22.62 34.35
N ALA C 663 45.27 23.93 34.60
CA ALA C 663 43.98 24.59 34.78
C ALA C 663 43.07 24.38 33.58
N ALA C 664 43.66 24.19 32.39
CA ALA C 664 42.86 24.09 31.17
C ALA C 664 42.39 22.68 30.88
N PHE C 665 43.21 21.66 31.15
CA PHE C 665 42.87 20.30 30.73
C PHE C 665 42.28 19.43 31.84
N CYS C 666 42.41 19.84 33.09
CA CYS C 666 41.74 19.16 34.20
C CYS C 666 40.55 20.02 34.59
N ARG C 667 39.34 19.54 34.27
CA ARG C 667 38.13 20.33 34.31
C ARG C 667 37.00 19.53 34.94
N PRO C 668 36.03 20.20 35.54
CA PRO C 668 34.83 19.49 36.00
C PRO C 668 34.00 19.05 34.80
N TYR C 669 33.37 17.88 34.92
CA TYR C 669 32.49 17.39 33.87
C TYR C 669 31.66 16.25 34.45
N PRO C 670 30.51 15.96 33.83
CA PRO C 670 29.65 14.89 34.33
C PRO C 670 30.03 13.51 33.80
N VAL C 671 30.50 12.64 34.69
CA VAL C 671 30.88 11.30 34.26
C VAL C 671 29.65 10.49 33.86
N ALA C 672 28.61 10.52 34.69
CA ALA C 672 27.40 9.75 34.45
C ALA C 672 26.20 10.58 34.86
N THR C 673 25.15 10.57 34.03
CA THR C 673 24.02 11.45 34.23
C THR C 673 22.71 10.70 34.03
N VAL C 674 21.76 10.99 34.93
CA VAL C 674 20.38 10.55 34.77
C VAL C 674 19.70 11.57 33.86
N GLY C 675 19.50 11.20 32.60
CA GLY C 675 19.01 12.12 31.61
C GLY C 675 20.01 12.30 30.49
N ILE C 676 19.91 13.38 29.75
CA ILE C 676 20.85 13.67 28.65
C ILE C 676 21.62 14.93 29.00
N PRO C 677 22.94 14.96 28.77
CA PRO C 677 23.68 16.22 28.97
C PRO C 677 23.21 17.26 27.95
N GLU C 678 22.81 18.43 28.46
CA GLU C 678 22.32 19.51 27.62
C GLU C 678 23.37 20.59 27.37
N ARG C 679 24.03 21.07 28.43
CA ARG C 679 25.05 22.10 28.27
C ARG C 679 26.03 22.08 29.41
N ILE C 680 27.31 22.26 29.08
CA ILE C 680 28.38 22.40 30.06
C ILE C 680 29.02 23.78 29.86
N ASP C 681 29.36 24.43 30.98
CA ASP C 681 30.01 25.73 30.92
C ASP C 681 30.98 25.82 32.09
N PHE C 682 32.25 26.07 31.78
CA PHE C 682 33.30 26.17 32.78
C PHE C 682 34.17 27.38 32.47
N ASP C 683 34.41 28.22 33.48
CA ASP C 683 35.22 29.41 33.36
C ASP C 683 36.38 29.31 34.34
N ILE C 684 37.60 29.24 33.81
CA ILE C 684 38.78 29.04 34.66
C ILE C 684 38.91 30.21 35.65
N THR C 685 38.82 31.44 35.14
CA THR C 685 39.07 32.60 35.99
C THR C 685 38.08 32.68 37.15
N SER C 686 36.79 32.45 36.84
CA SER C 686 35.70 32.58 37.80
C SER C 686 35.48 31.36 38.66
N THR C 687 36.01 30.20 38.29
CA THR C 687 35.77 28.88 38.87
C THR C 687 34.37 28.37 38.54
N LYS C 688 33.52 29.18 37.91
CA LYS C 688 32.10 28.85 37.79
C LYS C 688 31.88 27.68 36.83
N PHE C 689 31.06 26.74 37.27
CA PHE C 689 30.71 25.56 36.49
C PHE C 689 29.20 25.41 36.51
N LYS C 690 28.59 25.32 35.33
CA LYS C 690 27.15 25.16 35.20
C LYS C 690 26.83 24.03 34.23
N TYR C 691 26.04 23.07 34.68
CA TYR C 691 25.67 21.89 33.90
C TYR C 691 24.17 21.82 33.80
N ALA C 692 23.67 21.65 32.57
CA ALA C 692 22.25 21.48 32.30
C ALA C 692 22.00 20.06 31.82
N VAL C 693 21.01 19.40 32.42
CA VAL C 693 20.63 18.04 32.07
C VAL C 693 19.18 18.03 31.61
N ARG C 694 18.91 17.30 30.54
CA ARG C 694 17.56 17.08 30.05
C ARG C 694 17.06 15.77 30.63
N VAL C 695 16.12 15.85 31.57
CA VAL C 695 15.57 14.68 32.25
C VAL C 695 14.20 14.37 31.65
N ARG C 696 13.98 13.10 31.30
CA ARG C 696 12.74 12.66 30.70
C ARG C 696 11.99 11.75 31.67
N ALA C 697 10.65 11.80 31.58
CA ALA C 697 9.82 11.01 32.49
C ALA C 697 10.15 9.53 32.42
N ASP C 698 10.64 9.09 31.23
CA ASP C 698 11.01 7.70 30.94
C ASP C 698 12.21 7.18 31.66
N ASP C 699 13.10 8.04 32.13
CA ASP C 699 14.41 7.61 32.58
C ASP C 699 14.31 7.12 34.01
N ILE C 700 15.35 6.37 34.41
CA ILE C 700 15.40 5.76 35.73
C ILE C 700 16.13 6.70 36.68
N ALA C 701 15.55 6.91 37.86
CA ALA C 701 16.20 7.70 38.91
C ALA C 701 15.88 7.06 40.26
N ASN C 702 16.91 6.72 41.01
CA ASN C 702 16.74 6.18 42.36
C ASN C 702 18.01 6.46 43.15
N GLU C 703 18.00 6.05 44.42
CA GLU C 703 19.09 6.41 45.32
C GLU C 703 20.41 5.75 44.94
N GLN C 704 20.38 4.70 44.12
CA GLN C 704 21.60 4.08 43.64
C GLN C 704 21.92 4.46 42.20
N VAL C 705 20.97 5.06 41.48
CA VAL C 705 21.18 5.52 40.11
C VAL C 705 21.03 7.03 40.13
N TYR C 706 22.17 7.73 40.18
CA TYR C 706 22.22 9.18 40.33
C TYR C 706 23.18 9.76 39.29
N THR C 707 23.34 11.08 39.32
CA THR C 707 24.27 11.78 38.45
C THR C 707 25.57 12.04 39.21
N GLU C 708 26.68 11.63 38.61
CA GLU C 708 28.01 11.78 39.21
C GLU C 708 28.80 12.80 38.42
N ILE C 709 29.40 13.76 39.14
CA ILE C 709 30.14 14.85 38.52
C ILE C 709 31.52 14.90 39.15
N TYR C 710 32.56 14.99 38.31
CA TYR C 710 33.93 15.15 38.79
C TYR C 710 34.22 16.62 39.04
N LEU C 711 34.73 16.94 40.23
CA LEU C 711 35.11 18.30 40.58
C LEU C 711 36.58 18.35 40.96
N PRO C 712 37.44 18.92 40.12
CA PRO C 712 38.89 18.79 40.39
C PRO C 712 39.36 19.69 41.53
N PHE C 713 40.21 19.11 42.39
CA PHE C 713 40.90 19.92 43.38
C PHE C 713 41.75 20.99 42.72
N VAL C 714 42.18 20.76 41.48
CA VAL C 714 42.99 21.74 40.76
C VAL C 714 42.30 23.10 40.77
N HIS C 715 40.97 23.10 40.68
CA HIS C 715 40.21 24.33 40.65
C HIS C 715 39.44 24.60 41.94
N TYR C 716 39.03 23.55 42.66
CA TYR C 716 38.05 23.70 43.73
C TYR C 716 38.59 23.33 45.11
N ALA C 717 39.86 22.98 45.24
CA ALA C 717 40.41 22.69 46.55
C ALA C 717 40.46 23.96 47.40
N ALA C 718 40.37 23.78 48.72
CA ALA C 718 40.57 24.91 49.62
C ALA C 718 41.98 25.45 49.50
N SER C 719 42.96 24.56 49.31
CA SER C 719 44.35 24.95 49.15
C SER C 719 45.11 23.80 48.49
N LEU C 720 46.07 24.15 47.64
CA LEU C 720 46.96 23.18 47.02
C LEU C 720 48.40 23.42 47.49
N ASN C 721 48.54 23.97 48.69
CA ASN C 721 49.86 24.25 49.25
C ASN C 721 50.54 22.96 49.70
N ALA C 722 51.86 22.95 49.62
CA ALA C 722 52.67 21.81 50.04
C ALA C 722 52.29 21.35 51.44
N GLN C 729 44.39 16.00 53.53
CA GLN C 729 43.71 17.22 53.93
C GLN C 729 43.25 18.04 52.72
N LEU C 730 43.45 17.50 51.53
CA LEU C 730 42.91 18.14 50.33
C LEU C 730 41.39 17.99 50.33
N SER C 731 40.68 19.10 50.22
CA SER C 731 39.24 19.13 50.37
C SER C 731 38.63 20.14 49.41
N LEU C 732 37.41 19.86 48.97
CA LEU C 732 36.67 20.82 48.17
C LEU C 732 36.13 21.92 49.08
N ASP C 733 36.14 23.16 48.57
CA ASP C 733 35.62 24.32 49.29
C ASP C 733 34.74 25.09 48.29
N VAL C 734 33.54 24.57 48.05
CA VAL C 734 32.68 25.05 46.98
C VAL C 734 31.34 25.50 47.55
N THR C 735 30.58 26.20 46.72
CA THR C 735 29.18 26.50 46.96
C THR C 735 28.38 25.92 45.79
N ILE C 736 27.31 25.20 46.11
CA ILE C 736 26.54 24.46 45.12
C ILE C 736 25.09 24.92 45.17
N VAL C 737 24.52 25.18 43.99
CA VAL C 737 23.12 25.55 43.86
C VAL C 737 22.52 24.67 42.77
N ALA C 738 21.60 23.79 43.16
CA ALA C 738 20.93 22.89 42.24
C ALA C 738 19.47 23.28 42.06
N SER C 739 19.09 23.41 40.76
CA SER C 739 17.69 23.58 40.38
C SER C 739 16.74 22.63 41.04
N HIS C 740 17.12 21.39 41.23
CA HIS C 740 16.32 20.29 41.70
C HIS C 740 17.21 19.35 42.48
N GLY C 741 16.60 18.63 43.40
CA GLY C 741 17.24 17.52 44.04
C GLY C 741 18.23 17.90 45.14
N ARG C 742 18.95 16.88 45.59
CA ARG C 742 19.91 16.98 46.69
C ARG C 742 21.28 16.55 46.20
N VAL C 743 22.32 16.99 46.92
CA VAL C 743 23.70 16.73 46.52
C VAL C 743 24.53 16.29 47.71
N GLU C 744 25.62 15.59 47.40
CA GLU C 744 26.59 15.12 48.38
C GLU C 744 27.93 15.02 47.67
N ILE C 745 29.01 15.42 48.36
CA ILE C 745 30.33 15.52 47.76
C ILE C 745 31.33 14.74 48.60
N GLN C 746 32.11 13.89 47.95
CA GLN C 746 33.21 13.15 48.55
C GLN C 746 34.47 13.42 47.74
N GLY C 747 35.58 13.64 48.41
CA GLY C 747 36.83 13.90 47.73
C GLY C 747 36.69 14.85 46.57
N GLN C 748 36.81 14.32 45.35
CA GLN C 748 36.65 15.11 44.13
C GLN C 748 35.35 14.78 43.41
N THR C 749 34.46 14.04 44.03
CA THR C 749 33.24 13.55 43.38
C THR C 749 32.01 14.22 43.96
N LEU C 750 31.12 14.67 43.09
CA LEU C 750 29.82 15.20 43.46
C LEU C 750 28.74 14.23 43.01
N ARG C 751 27.82 13.91 43.92
CA ARG C 751 26.68 13.05 43.64
C ARG C 751 25.41 13.88 43.72
N TRP C 752 24.56 13.76 42.70
CA TRP C 752 23.38 14.62 42.54
C TRP C 752 22.14 13.77 42.33
N TRP C 753 21.30 13.67 43.37
CA TRP C 753 20.04 12.97 43.29
C TRP C 753 18.91 13.95 42.97
N TYR C 754 18.00 13.53 42.10
CA TYR C 754 16.82 14.33 41.77
C TYR C 754 15.77 13.41 41.17
N PRO C 755 14.49 13.78 41.26
CA PRO C 755 13.44 12.94 40.68
C PRO C 755 13.14 13.26 39.23
N VAL C 756 12.68 12.24 38.53
CA VAL C 756 12.28 12.40 37.13
C VAL C 756 10.98 13.20 37.08
N PRO C 757 10.74 13.98 36.02
CA PRO C 757 9.41 14.57 35.85
C PRO C 757 8.36 13.49 35.60
N GLY C 758 7.21 13.64 36.26
CA GLY C 758 6.14 12.70 36.05
C GLY C 758 5.61 12.68 34.62
N THR C 759 5.83 13.76 33.87
CA THR C 759 5.32 13.87 32.52
C THR C 759 6.31 14.67 31.68
N GLY C 760 6.39 14.31 30.40
CA GLY C 760 7.17 15.10 29.48
C GLY C 760 8.65 15.16 29.84
N GLU C 761 9.25 16.31 29.56
CA GLU C 761 10.69 16.49 29.69
C GLU C 761 10.98 17.86 30.30
N GLU C 762 11.98 17.92 31.18
CA GLU C 762 12.37 19.17 31.83
C GLU C 762 13.88 19.23 31.96
N VAL C 763 14.39 20.45 32.12
CA VAL C 763 15.82 20.71 32.19
C VAL C 763 16.16 21.14 33.61
N TYR C 764 16.96 20.33 34.29
CA TYR C 764 17.51 20.69 35.59
C TYR C 764 18.90 21.29 35.39
N THR C 765 19.34 22.06 36.39
CA THR C 765 20.64 22.71 36.34
C THR C 765 21.32 22.60 37.70
N ILE C 766 22.64 22.55 37.68
CA ILE C 766 23.46 22.61 38.89
C ILE C 766 24.63 23.55 38.64
N GLU C 767 24.97 24.37 39.62
CA GLU C 767 26.05 25.33 39.51
C GLU C 767 27.01 25.15 40.69
N VAL C 768 28.31 25.23 40.40
CA VAL C 768 29.34 25.04 41.40
C VAL C 768 30.38 26.14 41.24
N GLN C 769 30.86 26.68 42.35
CA GLN C 769 31.93 27.66 42.35
C GLN C 769 32.78 27.44 43.60
N ARG C 770 34.06 27.77 43.48
CA ARG C 770 34.92 27.75 44.66
C ARG C 770 34.63 28.98 45.51
N ASN C 771 34.79 28.80 46.83
CA ASN C 771 34.53 29.88 47.78
C ASN C 771 35.74 30.81 47.82
N GLY C 772 35.53 32.07 47.48
CA GLY C 772 36.59 33.05 47.49
C GLY C 772 37.31 33.23 46.18
N GLY C 773 36.69 32.85 45.07
CA GLY C 773 37.33 32.99 43.77
C GLY C 773 38.20 31.81 43.40
N ALA C 774 39.19 32.04 42.54
CA ALA C 774 40.04 31.00 42.03
C ALA C 774 41.25 30.78 42.92
N LEU C 775 41.79 29.56 42.87
CA LEU C 775 42.98 29.23 43.63
C LEU C 775 44.21 29.93 43.03
N ARG C 776 45.13 30.31 43.90
CA ARG C 776 46.38 30.96 43.48
C ARG C 776 47.55 30.00 43.62
N PRO D 6 -24.93 -7.59 19.03
CA PRO D 6 -25.27 -6.19 18.71
C PRO D 6 -26.29 -5.60 19.68
N GLU D 7 -25.80 -4.88 20.69
CA GLU D 7 -26.69 -4.34 21.71
C GLU D 7 -27.54 -3.18 21.20
N VAL D 8 -27.15 -2.55 20.10
CA VAL D 8 -27.92 -1.43 19.54
C VAL D 8 -28.30 -1.76 18.10
N SER D 9 -29.33 -1.08 17.63
CA SER D 9 -29.86 -1.33 16.30
C SER D 9 -28.88 -0.81 15.24
N PRO D 10 -28.66 -1.56 14.16
CA PRO D 10 -27.81 -1.05 13.08
C PRO D 10 -28.46 0.04 12.26
N VAL D 11 -29.74 0.32 12.46
CA VAL D 11 -30.45 1.34 11.70
C VAL D 11 -30.49 2.66 12.44
N THR D 12 -30.80 2.63 13.74
CA THR D 12 -30.95 3.83 14.53
C THR D 12 -29.78 4.09 15.46
N GLY D 13 -29.06 3.06 15.89
CA GLY D 13 -28.05 3.18 16.91
C GLY D 13 -28.60 3.17 18.32
N ASN D 14 -29.90 3.03 18.50
CA ASN D 14 -30.50 3.00 19.82
C ASN D 14 -30.51 1.58 20.38
N PRO D 15 -30.49 1.43 21.71
CA PRO D 15 -30.59 0.09 22.29
C PRO D 15 -31.90 -0.59 21.89
N VAL D 16 -31.85 -1.91 21.82
CA VAL D 16 -32.96 -2.69 21.28
C VAL D 16 -33.82 -3.25 22.41
N SER D 17 -35.11 -3.38 22.14
CA SER D 17 -36.01 -4.06 23.06
C SER D 17 -35.59 -5.52 23.19
N PRO D 18 -35.95 -6.17 24.32
CA PRO D 18 -35.64 -7.60 24.46
C PRO D 18 -36.40 -8.49 23.49
N HIS D 19 -37.47 -7.99 22.87
CA HIS D 19 -38.19 -8.72 21.84
C HIS D 19 -37.66 -8.44 20.44
N TYR D 20 -36.63 -7.60 20.33
CA TYR D 20 -36.01 -7.30 19.05
C TYR D 20 -35.57 -8.57 18.35
N ILE D 21 -35.94 -8.71 17.09
CA ILE D 21 -35.45 -9.78 16.23
C ILE D 21 -34.40 -9.19 15.31
N HIS D 22 -33.17 -9.67 15.43
CA HIS D 22 -32.07 -9.17 14.60
C HIS D 22 -32.17 -9.80 13.21
N SER D 23 -32.02 -8.96 12.19
CA SER D 23 -31.99 -9.40 10.79
C SER D 23 -30.70 -8.88 10.17
N SER D 24 -29.59 -9.09 10.89
CA SER D 24 -28.27 -8.61 10.50
C SER D 24 -27.38 -9.71 9.95
N THR D 25 -27.83 -10.96 9.99
CA THR D 25 -27.01 -12.10 9.58
C THR D 25 -27.82 -13.03 8.70
N LEU D 26 -27.26 -14.18 8.35
CA LEU D 26 -27.99 -15.14 7.53
C LEU D 26 -29.20 -15.73 8.24
N HIS D 27 -29.33 -15.54 9.55
CA HIS D 27 -30.43 -16.07 10.32
C HIS D 27 -31.05 -14.97 11.17
N PHE D 28 -32.35 -15.08 11.42
CA PHE D 28 -32.99 -14.29 12.45
C PHE D 28 -32.38 -14.63 13.81
N GLN D 29 -32.25 -13.64 14.68
CA GLN D 29 -31.68 -13.84 16.00
C GLN D 29 -32.44 -13.06 17.06
N ASP D 30 -32.58 -13.66 18.23
CA ASP D 30 -33.07 -12.94 19.39
C ASP D 30 -31.89 -12.28 20.13
N VAL D 31 -32.20 -11.54 21.19
CA VAL D 31 -31.16 -10.76 21.86
C VAL D 31 -30.10 -11.65 22.49
N ASN D 32 -30.37 -12.94 22.65
CA ASN D 32 -29.41 -13.87 23.19
C ASN D 32 -28.65 -14.63 22.11
N GLY D 33 -28.83 -14.27 20.84
CA GLY D 33 -28.08 -14.86 19.76
C GLY D 33 -28.63 -16.17 19.21
N ARG D 34 -29.74 -16.67 19.73
CA ARG D 34 -30.31 -17.89 19.19
C ARG D 34 -30.86 -17.63 17.78
N SER D 35 -30.62 -18.58 16.88
CA SER D 35 -31.19 -18.49 15.55
C SER D 35 -32.69 -18.80 15.61
N LEU D 36 -33.49 -17.94 14.99
CA LEU D 36 -34.94 -18.07 15.01
C LEU D 36 -35.44 -18.49 13.64
N VAL D 37 -36.36 -19.46 13.62
CA VAL D 37 -37.04 -19.87 12.41
C VAL D 37 -38.48 -19.39 12.52
N LEU D 38 -38.89 -18.55 11.59
CA LEU D 38 -40.26 -18.02 11.56
C LEU D 38 -41.03 -18.75 10.47
N ARG D 39 -42.12 -19.40 10.86
CA ARG D 39 -42.97 -20.11 9.92
C ARG D 39 -44.43 -19.85 10.27
N GLY D 40 -45.23 -19.63 9.23
CA GLY D 40 -46.64 -19.36 9.44
C GLY D 40 -47.42 -19.33 8.15
N VAL D 41 -48.39 -18.42 8.04
CA VAL D 41 -49.31 -18.41 6.93
C VAL D 41 -49.54 -16.97 6.46
N ASN D 42 -50.02 -16.85 5.23
CA ASN D 42 -50.54 -15.59 4.71
C ASN D 42 -51.97 -15.42 5.19
N LEU D 43 -52.24 -14.31 5.87
CA LEU D 43 -53.57 -14.00 6.41
C LEU D 43 -53.94 -12.60 5.95
N SER D 44 -54.81 -12.48 4.94
CA SER D 44 -55.41 -13.60 4.23
C SER D 44 -55.84 -13.19 2.83
N GLY D 45 -56.04 -14.18 1.95
CA GLY D 45 -56.54 -13.91 0.63
C GLY D 45 -57.94 -13.32 0.61
N SER D 46 -58.69 -13.45 1.71
CA SER D 46 -60.01 -12.86 1.77
C SER D 46 -59.95 -11.33 1.79
N ALA D 47 -58.84 -10.76 2.23
CA ALA D 47 -58.67 -9.31 2.27
C ALA D 47 -58.38 -8.72 0.89
N LYS D 48 -58.38 -9.55 -0.17
CA LYS D 48 -58.13 -9.03 -1.51
C LYS D 48 -59.34 -8.29 -2.08
N HIS D 49 -60.54 -8.61 -1.64
CA HIS D 49 -61.76 -8.07 -2.21
C HIS D 49 -62.69 -7.61 -1.11
N PRO D 50 -63.59 -6.67 -1.42
CA PRO D 50 -64.54 -6.19 -0.40
C PRO D 50 -65.59 -7.24 -0.07
N ASN D 51 -66.32 -6.98 1.01
CA ASN D 51 -67.34 -7.90 1.47
C ASN D 51 -68.41 -8.10 0.39
N ASN D 52 -68.79 -9.35 0.17
CA ASN D 52 -69.89 -9.73 -0.71
C ASN D 52 -69.58 -9.43 -2.17
N GLN D 53 -68.33 -9.25 -2.55
CA GLN D 53 -67.95 -9.11 -3.95
C GLN D 53 -66.77 -10.02 -4.26
N PRO D 54 -66.95 -11.34 -4.16
CA PRO D 54 -65.91 -12.27 -4.62
C PRO D 54 -65.70 -12.13 -6.12
N SER D 55 -64.58 -12.68 -6.59
CA SER D 55 -64.19 -12.48 -7.98
C SER D 55 -65.25 -12.95 -8.97
N HIS D 56 -66.14 -13.86 -8.57
CA HIS D 56 -67.05 -14.48 -9.52
C HIS D 56 -68.39 -13.75 -9.63
N ILE D 57 -68.65 -12.76 -8.79
CA ILE D 57 -69.92 -12.05 -8.80
C ILE D 57 -69.72 -10.69 -9.47
N ARG D 58 -70.49 -10.44 -10.54
CA ARG D 58 -70.39 -9.20 -11.27
C ARG D 58 -71.31 -8.11 -10.70
N GLU D 59 -72.45 -8.46 -10.14
CA GLU D 59 -73.39 -7.46 -9.67
C GLU D 59 -72.79 -6.69 -8.50
N GLY D 60 -72.94 -5.37 -8.54
CA GLY D 60 -72.33 -4.50 -7.55
C GLY D 60 -70.83 -4.33 -7.70
N PHE D 61 -70.19 -5.06 -8.60
CA PHE D 61 -68.74 -5.00 -8.74
C PHE D 61 -68.29 -3.62 -9.19
N TRP D 62 -68.73 -3.19 -10.38
CA TRP D 62 -68.32 -1.89 -10.89
C TRP D 62 -68.99 -0.75 -10.12
N GLU D 63 -70.26 -0.92 -9.75
CA GLU D 63 -71.04 0.18 -9.21
C GLU D 63 -70.51 0.63 -7.85
N THR D 64 -70.21 -0.32 -6.97
CA THR D 64 -69.73 0.07 -5.65
C THR D 64 -68.38 0.79 -5.75
N ALA D 65 -67.52 0.36 -6.67
CA ALA D 65 -66.23 1.04 -6.84
C ALA D 65 -66.41 2.40 -7.49
N GLU D 66 -67.26 2.48 -8.52
CA GLU D 66 -67.50 3.77 -9.17
C GLU D 66 -68.00 4.80 -8.17
N ALA D 67 -68.69 4.36 -7.11
CA ALA D 67 -69.17 5.24 -6.07
C ALA D 67 -68.15 5.45 -4.94
N GLY D 68 -66.90 5.04 -5.15
CA GLY D 68 -65.89 5.24 -4.14
C GLY D 68 -66.06 4.42 -2.89
N LYS D 69 -66.92 3.41 -2.90
CA LYS D 69 -67.08 2.54 -1.75
C LYS D 69 -65.97 1.48 -1.74
N GLY D 70 -65.83 0.80 -0.60
CA GLY D 70 -64.81 -0.22 -0.43
C GLY D 70 -64.81 -0.81 0.96
N ASP D 71 -65.76 -1.70 1.23
CA ASP D 71 -65.97 -2.25 2.57
C ASP D 71 -65.14 -3.52 2.71
N PHE D 72 -64.01 -3.41 3.43
CA PHE D 72 -63.13 -4.53 3.72
C PHE D 72 -63.16 -4.92 5.20
N ILE D 73 -64.02 -4.30 5.99
CA ILE D 73 -64.00 -4.51 7.44
C ILE D 73 -64.22 -5.98 7.77
N ASN D 74 -63.60 -6.42 8.86
CA ASN D 74 -63.69 -7.78 9.39
C ASN D 74 -63.07 -8.83 8.46
N LYS D 75 -62.30 -8.40 7.46
CA LYS D 75 -61.40 -9.27 6.73
C LYS D 75 -59.97 -8.89 7.05
N PRO D 76 -59.10 -9.84 7.42
CA PRO D 76 -59.29 -11.29 7.36
C PRO D 76 -60.09 -11.92 8.50
N LEU D 77 -60.11 -11.27 9.67
CA LEU D 77 -60.71 -11.83 10.87
C LEU D 77 -61.82 -10.92 11.36
N ASN D 78 -63.02 -11.49 11.55
CA ASN D 78 -64.15 -10.72 12.07
C ASN D 78 -63.98 -10.59 13.59
N LEU D 79 -63.94 -9.36 14.06
CA LEU D 79 -63.68 -9.09 15.47
C LEU D 79 -64.94 -8.98 16.31
N ASP D 80 -66.12 -9.19 15.71
CA ASP D 80 -67.38 -9.00 16.41
C ASP D 80 -67.98 -10.30 16.95
N ASP D 81 -67.78 -11.42 16.27
CA ASP D 81 -68.49 -12.66 16.58
C ASP D 81 -67.61 -13.70 17.28
N GLY D 82 -66.45 -13.32 17.78
CA GLY D 82 -65.59 -14.27 18.46
C GLY D 82 -64.90 -15.26 17.57
N SER D 83 -65.02 -15.13 16.24
CA SER D 83 -64.32 -16.03 15.33
C SER D 83 -62.80 -15.88 15.43
N ALA D 84 -62.31 -14.67 15.70
CA ALA D 84 -60.90 -14.37 15.56
C ALA D 84 -60.04 -15.23 16.47
N ASP D 85 -60.29 -15.17 17.78
CA ASP D 85 -59.47 -15.89 18.73
C ASP D 85 -59.40 -17.39 18.40
N LEU D 86 -60.44 -17.92 17.77
CA LEU D 86 -60.44 -19.33 17.40
C LEU D 86 -59.44 -19.59 16.28
N HIS D 87 -59.48 -18.78 15.22
CA HIS D 87 -58.57 -18.97 14.10
C HIS D 87 -57.11 -18.80 14.53
N LEU D 88 -56.83 -17.76 15.32
CA LEU D 88 -55.46 -17.57 15.79
C LEU D 88 -55.04 -18.67 16.74
N ALA D 89 -55.96 -19.19 17.55
CA ALA D 89 -55.64 -20.34 18.37
C ALA D 89 -55.23 -21.54 17.50
N ARG D 90 -55.95 -21.74 16.38
CA ARG D 90 -55.66 -22.88 15.51
C ARG D 90 -54.28 -22.74 14.88
N LEU D 91 -53.98 -21.56 14.34
CA LEU D 91 -52.67 -21.35 13.72
C LEU D 91 -51.55 -21.52 14.73
N LYS D 92 -51.75 -21.03 15.95
CA LYS D 92 -50.75 -21.21 16.99
C LYS D 92 -50.65 -22.67 17.40
N ALA D 93 -51.77 -23.37 17.45
CA ALA D 93 -51.77 -24.79 17.80
C ALA D 93 -50.97 -25.60 16.78
N TRP D 94 -50.96 -25.17 15.53
CA TRP D 94 -50.17 -25.81 14.49
C TRP D 94 -48.69 -25.44 14.56
N GLY D 95 -48.28 -24.66 15.56
CA GLY D 95 -46.89 -24.32 15.76
C GLY D 95 -46.40 -23.09 15.03
N TYR D 96 -47.30 -22.31 14.45
CA TYR D 96 -46.91 -21.13 13.69
C TYR D 96 -46.65 -19.95 14.61
N ASN D 97 -45.65 -19.12 14.22
CA ASN D 97 -45.32 -17.90 14.94
C ASN D 97 -45.25 -16.69 14.00
N LEU D 98 -45.67 -16.85 12.75
CA LEU D 98 -45.47 -15.85 11.72
C LEU D 98 -46.76 -15.64 10.93
N LEU D 99 -47.00 -14.40 10.53
CA LEU D 99 -48.14 -14.06 9.70
C LEU D 99 -47.75 -12.98 8.72
N ARG D 100 -47.98 -13.24 7.42
CA ARG D 100 -47.83 -12.23 6.38
C ARG D 100 -49.21 -11.56 6.22
N TYR D 101 -49.35 -10.36 6.78
CA TYR D 101 -50.65 -9.69 6.81
C TYR D 101 -50.96 -9.04 5.47
N VAL D 102 -52.11 -9.39 4.90
CA VAL D 102 -52.48 -8.95 3.56
C VAL D 102 -53.35 -7.72 3.65
N PHE D 103 -53.02 -6.69 2.88
CA PHE D 103 -53.87 -5.52 2.72
C PHE D 103 -53.64 -4.97 1.32
N THR D 104 -54.64 -4.24 0.81
CA THR D 104 -54.57 -3.69 -0.53
C THR D 104 -54.57 -2.16 -0.51
N TRP D 105 -54.08 -1.59 -1.63
CA TRP D 105 -54.14 -0.16 -1.84
C TRP D 105 -55.59 0.33 -1.95
N GLU D 106 -56.44 -0.48 -2.59
CA GLU D 106 -57.85 -0.13 -2.72
C GLU D 106 -58.51 -0.01 -1.35
N SER D 107 -58.21 -0.93 -0.45
CA SER D 107 -58.82 -0.88 0.88
C SER D 107 -58.47 0.41 1.62
N LEU D 108 -57.41 1.09 1.21
CA LEU D 108 -56.93 2.27 1.91
C LEU D 108 -57.34 3.59 1.24
N GLU D 109 -57.69 3.58 -0.05
CA GLU D 109 -57.83 4.82 -0.80
C GLU D 109 -58.89 4.67 -1.88
N HIS D 110 -59.95 3.90 -1.58
CA HIS D 110 -60.99 3.66 -2.58
C HIS D 110 -61.84 4.91 -2.82
N ALA D 111 -62.02 5.76 -1.81
CA ALA D 111 -62.89 6.92 -1.96
C ALA D 111 -62.38 7.88 -3.03
N GLY D 112 -61.06 7.95 -3.20
CA GLY D 112 -60.47 8.84 -4.17
C GLY D 112 -59.05 9.15 -3.80
N PRO D 113 -58.31 9.80 -4.69
CA PRO D 113 -56.93 10.21 -4.35
C PRO D 113 -56.86 11.00 -3.05
N LYS D 114 -56.08 10.51 -2.10
CA LYS D 114 -55.84 11.13 -0.79
C LYS D 114 -57.08 11.18 0.09
N GLU D 115 -58.14 10.47 -0.24
CA GLU D 115 -59.27 10.28 0.67
C GLU D 115 -59.09 8.89 1.25
N TYR D 116 -58.53 8.82 2.45
CA TYR D 116 -58.05 7.59 3.05
C TYR D 116 -59.11 7.00 3.97
N ASP D 117 -59.17 5.66 3.98
CA ASP D 117 -60.12 4.92 4.80
C ASP D 117 -59.46 4.61 6.14
N TYR D 118 -59.49 5.63 7.02
CA TYR D 118 -58.90 5.48 8.35
C TYR D 118 -59.65 4.47 9.19
N ALA D 119 -60.96 4.29 8.93
CA ALA D 119 -61.72 3.29 9.66
C ALA D 119 -61.16 1.89 9.43
N TYR D 120 -60.76 1.59 8.19
CA TYR D 120 -60.16 0.29 7.91
C TYR D 120 -58.78 0.17 8.55
N MET D 121 -57.96 1.22 8.45
CA MET D 121 -56.66 1.21 9.11
C MET D 121 -56.82 0.91 10.59
N ASP D 122 -57.83 1.51 11.23
CA ASP D 122 -58.08 1.24 12.64
C ASP D 122 -58.53 -0.20 12.85
N TYR D 123 -59.27 -0.75 11.90
CA TYR D 123 -59.61 -2.17 11.97
C TYR D 123 -58.36 -3.03 11.90
N ILE D 124 -57.41 -2.66 11.02
CA ILE D 124 -56.18 -3.43 10.89
C ILE D 124 -55.41 -3.43 12.21
N ILE D 125 -55.27 -2.25 12.82
CA ILE D 125 -54.58 -2.15 14.10
C ILE D 125 -55.23 -3.07 15.13
N ALA D 126 -56.57 -3.04 15.21
CA ALA D 126 -57.27 -3.91 16.14
C ALA D 126 -56.99 -5.37 15.85
N VAL D 127 -56.96 -5.75 14.57
CA VAL D 127 -56.57 -7.11 14.19
C VAL D 127 -55.14 -7.40 14.65
N LEU D 128 -54.21 -6.50 14.30
CA LEU D 128 -52.81 -6.73 14.64
C LEU D 128 -52.61 -6.82 16.15
N ARG D 129 -53.33 -6.01 16.91
CA ARG D 129 -53.27 -6.13 18.37
C ARG D 129 -53.63 -7.53 18.82
N LYS D 130 -54.64 -8.15 18.20
CA LYS D 130 -55.00 -9.52 18.54
C LYS D 130 -53.88 -10.48 18.16
N CYS D 131 -53.28 -10.31 16.98
CA CYS D 131 -52.16 -11.16 16.60
C CYS D 131 -51.04 -11.09 17.63
N LYS D 132 -50.80 -9.90 18.19
CA LYS D 132 -49.75 -9.75 19.18
C LYS D 132 -50.11 -10.49 20.47
N GLU D 133 -51.38 -10.39 20.89
CA GLU D 133 -51.83 -11.13 22.07
C GLU D 133 -51.59 -12.63 21.94
N TRP D 134 -51.59 -13.14 20.70
CA TRP D 134 -51.39 -14.56 20.44
C TRP D 134 -49.93 -14.88 20.14
N GLY D 135 -49.01 -13.93 20.29
CA GLY D 135 -47.60 -14.21 20.17
C GLY D 135 -47.08 -14.32 18.77
N PHE D 136 -47.76 -13.73 17.80
CA PHE D 136 -47.33 -13.79 16.41
C PHE D 136 -46.41 -12.61 16.07
N ARG D 137 -45.44 -12.89 15.20
CA ARG D 137 -44.70 -11.86 14.51
C ARG D 137 -45.34 -11.65 13.15
N VAL D 138 -45.42 -10.39 12.71
CA VAL D 138 -46.11 -10.03 11.49
C VAL D 138 -45.20 -9.14 10.66
N PHE D 139 -45.25 -9.32 9.34
CA PHE D 139 -44.74 -8.32 8.41
C PHE D 139 -45.81 -8.05 7.38
N MET D 140 -45.95 -6.79 7.01
CA MET D 140 -47.09 -6.31 6.22
C MET D 140 -46.80 -6.40 4.73
N ASP D 141 -47.84 -6.68 3.97
CA ASP D 141 -47.73 -6.93 2.53
C ASP D 141 -48.67 -6.01 1.76
N PRO D 142 -48.15 -4.99 1.07
CA PRO D 142 -49.00 -4.23 0.15
C PRO D 142 -49.28 -5.08 -1.08
N HIS D 143 -50.47 -5.66 -1.13
CA HIS D 143 -50.77 -6.76 -2.03
C HIS D 143 -51.49 -6.29 -3.28
N GLN D 144 -51.12 -6.86 -4.41
CA GLN D 144 -51.81 -6.65 -5.66
C GLN D 144 -51.65 -7.89 -6.53
N ASP D 145 -52.55 -8.03 -7.51
CA ASP D 145 -52.42 -9.03 -8.56
C ASP D 145 -52.88 -8.37 -9.84
N VAL D 146 -52.08 -8.52 -10.90
CA VAL D 146 -52.33 -7.88 -12.18
C VAL D 146 -52.93 -6.50 -11.97
N TRP D 147 -52.33 -5.74 -11.06
CA TRP D 147 -52.64 -4.34 -10.77
C TRP D 147 -53.88 -4.13 -9.92
N SER D 148 -55.00 -4.78 -10.23
CA SER D 148 -56.25 -4.47 -9.55
C SER D 148 -57.29 -5.55 -9.84
N ARG D 149 -58.29 -5.62 -8.94
CA ARG D 149 -59.46 -6.44 -9.23
C ARG D 149 -60.07 -6.09 -10.58
N PHE D 150 -60.14 -4.80 -10.89
CA PHE D 150 -60.72 -4.31 -12.13
C PHE D 150 -59.85 -4.57 -13.33
N THR D 151 -58.65 -5.12 -13.12
CA THR D 151 -57.78 -5.57 -14.19
C THR D 151 -57.57 -7.08 -14.12
N GLY D 152 -58.32 -7.77 -13.28
CA GLY D 152 -58.30 -9.22 -13.22
C GLY D 152 -57.70 -9.82 -11.96
N GLY D 153 -57.39 -9.01 -10.96
CA GLY D 153 -56.73 -9.53 -9.77
C GLY D 153 -57.10 -8.83 -8.48
N SER D 154 -56.24 -7.91 -8.04
CA SER D 154 -56.42 -7.25 -6.75
C SER D 154 -55.40 -6.13 -6.64
N GLY D 155 -55.67 -5.22 -5.73
CA GLY D 155 -54.70 -4.17 -5.41
C GLY D 155 -55.22 -2.75 -5.51
N ALA D 156 -54.97 -2.09 -6.65
CA ALA D 156 -55.13 -0.65 -6.76
C ALA D 156 -56.60 -0.26 -6.86
N PRO D 157 -56.93 0.96 -6.43
CA PRO D 157 -58.32 1.41 -6.51
C PRO D 157 -58.76 1.65 -7.94
N LEU D 158 -60.08 1.60 -8.14
CA LEU D 158 -60.63 1.74 -9.47
C LEU D 158 -60.15 3.02 -10.14
N TRP D 159 -60.08 4.13 -9.40
CA TRP D 159 -59.82 5.41 -10.03
C TRP D 159 -58.45 5.47 -10.70
N THR D 160 -57.54 4.54 -10.39
CA THR D 160 -56.25 4.53 -11.07
C THR D 160 -56.39 4.18 -12.55
N LEU D 161 -57.35 3.32 -12.88
CA LEU D 161 -57.55 2.97 -14.29
C LEU D 161 -57.97 4.20 -15.09
N TYR D 162 -58.92 4.98 -14.55
CA TYR D 162 -59.29 6.23 -15.18
C TYR D 162 -58.10 7.17 -15.28
N ALA D 163 -57.28 7.23 -14.24
CA ALA D 163 -56.09 8.08 -14.26
C ALA D 163 -55.18 7.71 -15.41
N CYS D 164 -55.14 6.43 -15.79
CA CYS D 164 -54.31 5.98 -16.90
C CYS D 164 -54.98 6.17 -18.25
N GLY D 165 -56.21 6.65 -18.28
CA GLY D 165 -56.88 6.88 -19.55
C GLY D 165 -57.56 5.68 -20.15
N ILE D 166 -57.99 4.73 -19.32
CA ILE D 166 -58.60 3.50 -19.79
C ILE D 166 -60.07 3.49 -19.42
N ASP D 167 -60.90 2.92 -20.29
CA ASP D 167 -62.32 2.73 -20.00
C ASP D 167 -62.50 1.34 -19.42
N PRO D 168 -62.84 1.20 -18.13
CA PRO D 168 -62.92 -0.16 -17.55
C PRO D 168 -63.89 -1.08 -18.27
N TYR D 169 -65.00 -0.53 -18.80
CA TYR D 169 -66.03 -1.37 -19.41
C TYR D 169 -65.67 -1.84 -20.81
N HIS D 170 -64.51 -1.44 -21.33
CA HIS D 170 -64.02 -1.92 -22.62
C HIS D 170 -62.88 -2.92 -22.46
N LEU D 171 -62.55 -3.31 -21.23
CA LEU D 171 -61.43 -4.23 -21.02
C LEU D 171 -61.73 -5.61 -21.59
N THR D 172 -62.95 -6.11 -21.39
CA THR D 172 -63.30 -7.44 -21.87
C THR D 172 -63.42 -7.46 -23.40
N ALA D 173 -64.03 -6.43 -23.97
CA ALA D 173 -64.24 -6.43 -25.41
C ALA D 173 -62.92 -6.40 -26.17
N THR D 174 -61.94 -5.66 -25.67
CA THR D 174 -60.65 -5.55 -26.32
C THR D 174 -59.67 -6.62 -25.88
N ALA D 175 -60.06 -7.49 -24.94
CA ALA D 175 -59.18 -8.50 -24.37
C ALA D 175 -57.95 -7.89 -23.71
N ALA D 176 -58.04 -6.61 -23.32
CA ALA D 176 -56.98 -5.98 -22.55
C ALA D 176 -56.86 -6.58 -21.16
N ALA D 177 -57.89 -7.28 -20.70
CA ALA D 177 -57.85 -7.97 -19.41
C ALA D 177 -58.99 -8.98 -19.38
N TYR D 178 -58.75 -10.11 -18.72
CA TYR D 178 -59.77 -11.13 -18.51
C TYR D 178 -60.23 -11.06 -17.06
N LEU D 179 -61.50 -10.73 -16.86
CA LEU D 179 -62.10 -10.67 -15.55
C LEU D 179 -62.92 -11.92 -15.28
N HIS D 180 -62.79 -12.45 -14.07
CA HIS D 180 -63.63 -13.57 -13.64
C HIS D 180 -65.10 -13.19 -13.69
N CYS D 181 -65.42 -11.95 -13.34
CA CYS D 181 -66.81 -11.51 -13.31
C CYS D 181 -67.43 -11.51 -14.70
N GLU D 182 -66.64 -11.31 -15.76
CA GLU D 182 -67.16 -11.14 -17.12
C GLU D 182 -66.61 -12.23 -18.06
N TRP D 183 -66.33 -13.39 -17.52
CA TRP D 183 -65.85 -14.49 -18.36
C TRP D 183 -67.00 -15.42 -18.72
N PRO D 184 -67.20 -15.75 -20.01
CA PRO D 184 -66.43 -15.34 -21.18
C PRO D 184 -66.94 -14.06 -21.82
N SER D 185 -68.03 -13.51 -21.29
CA SER D 185 -68.58 -12.26 -21.77
C SER D 185 -69.29 -11.56 -20.63
N ALA D 186 -69.26 -10.23 -20.66
CA ALA D 186 -69.96 -9.46 -19.63
C ALA D 186 -71.46 -9.68 -19.71
N GLU D 187 -71.98 -9.95 -20.91
CA GLU D 187 -73.42 -10.09 -21.07
C GLU D 187 -73.92 -11.42 -20.50
N SER D 188 -73.21 -12.52 -20.80
CA SER D 188 -73.59 -13.85 -20.35
C SER D 188 -72.38 -14.50 -19.69
N PRO D 189 -72.04 -14.11 -18.47
CA PRO D 189 -70.85 -14.69 -17.82
C PRO D 189 -71.15 -16.05 -17.19
N LYS D 190 -70.16 -16.94 -17.30
CA LYS D 190 -70.19 -18.25 -16.63
C LYS D 190 -68.87 -18.38 -15.88
N PRO D 191 -68.75 -17.74 -14.72
CA PRO D 191 -67.47 -17.79 -13.99
C PRO D 191 -66.99 -19.20 -13.66
N GLN D 192 -67.88 -20.20 -13.71
CA GLN D 192 -67.46 -21.57 -13.45
C GLN D 192 -66.48 -22.07 -14.51
N ASP D 193 -66.60 -21.57 -15.74
CA ASP D 193 -65.76 -22.00 -16.85
C ASP D 193 -64.42 -21.27 -16.90
N PHE D 194 -64.12 -20.42 -15.93
CA PHE D 194 -62.87 -19.65 -15.90
C PHE D 194 -61.70 -20.62 -15.96
N PRO D 195 -60.91 -20.60 -17.03
CA PRO D 195 -59.79 -21.55 -17.13
C PRO D 195 -58.86 -21.47 -15.93
N ALA D 196 -58.35 -22.62 -15.53
CA ALA D 196 -57.48 -22.70 -14.36
C ALA D 196 -56.29 -21.76 -14.50
N MET D 197 -56.12 -20.89 -13.52
CA MET D 197 -54.94 -20.03 -13.41
C MET D 197 -54.66 -19.24 -14.68
N ILE D 198 -55.72 -18.85 -15.39
CA ILE D 198 -55.52 -17.95 -16.53
C ILE D 198 -55.40 -16.50 -16.08
N TRP D 199 -55.82 -16.21 -14.84
CA TRP D 199 -55.79 -14.83 -14.38
C TRP D 199 -54.38 -14.24 -14.47
N GLY D 200 -53.35 -15.06 -14.27
CA GLY D 200 -51.99 -14.54 -14.30
C GLY D 200 -51.58 -14.02 -15.66
N THR D 201 -52.20 -14.52 -16.73
CA THR D 201 -51.85 -14.07 -18.06
C THR D 201 -52.24 -12.62 -18.31
N ASN D 202 -52.97 -11.99 -17.39
CA ASN D 202 -53.30 -10.56 -17.56
C ASN D 202 -52.04 -9.70 -17.60
N TYR D 203 -50.99 -10.09 -16.87
CA TYR D 203 -49.74 -9.33 -16.89
C TYR D 203 -49.24 -9.11 -18.32
N THR D 204 -49.55 -10.03 -19.23
CA THR D 204 -49.10 -9.95 -20.62
C THR D 204 -50.23 -9.55 -21.56
N HIS D 205 -51.23 -8.84 -21.06
CA HIS D 205 -52.27 -8.26 -21.89
C HIS D 205 -52.22 -6.74 -21.79
N LEU D 206 -52.87 -6.08 -22.75
CA LEU D 206 -52.63 -4.66 -22.99
C LEU D 206 -52.79 -3.81 -21.73
N ALA D 207 -53.85 -4.06 -20.94
CA ALA D 207 -54.13 -3.21 -19.80
C ALA D 207 -52.97 -3.20 -18.81
N ASN D 208 -52.54 -4.38 -18.36
CA ASN D 208 -51.40 -4.44 -17.45
C ASN D 208 -50.12 -4.00 -18.12
N GLN D 209 -49.98 -4.29 -19.42
CA GLN D 209 -48.79 -3.88 -20.13
C GLN D 209 -48.65 -2.37 -20.16
N THR D 210 -49.78 -1.67 -20.28
CA THR D 210 -49.75 -0.21 -20.25
C THR D 210 -49.53 0.29 -18.83
N ILE D 211 -50.36 -0.18 -17.88
CA ILE D 211 -50.38 0.44 -16.56
C ILE D 211 -49.04 0.26 -15.86
N TRP D 212 -48.50 -0.96 -15.86
CA TRP D 212 -47.24 -1.20 -15.19
C TRP D 212 -46.12 -0.40 -15.85
N THR D 213 -46.20 -0.18 -17.15
CA THR D 213 -45.23 0.69 -17.82
C THR D 213 -45.36 2.12 -17.31
N PHE D 214 -46.60 2.63 -17.23
CA PHE D 214 -46.82 3.92 -16.59
C PHE D 214 -46.24 3.94 -15.19
N PHE D 215 -46.50 2.89 -14.41
CA PHE D 215 -46.22 2.92 -12.98
C PHE D 215 -44.72 2.98 -12.72
N PHE D 216 -43.95 2.10 -13.37
CA PHE D 216 -42.53 2.01 -13.12
C PHE D 216 -41.68 2.88 -14.04
N ALA D 217 -42.21 3.27 -15.21
CA ALA D 217 -41.36 3.94 -16.19
C ALA D 217 -42.14 4.93 -17.06
N GLY D 218 -43.21 5.50 -16.53
CA GLY D 218 -43.96 6.48 -17.29
C GLY D 218 -43.11 7.64 -17.77
N LYS D 219 -42.18 8.10 -16.91
CA LYS D 219 -41.34 9.23 -17.29
C LYS D 219 -40.43 8.91 -18.45
N THR D 220 -40.10 7.62 -18.64
CA THR D 220 -39.17 7.21 -19.67
C THR D 220 -39.85 6.95 -21.01
N TYR D 221 -41.01 6.27 -21.00
CA TYR D 221 -41.63 5.82 -22.24
C TYR D 221 -42.95 6.50 -22.55
N ALA D 222 -43.55 7.21 -21.60
CA ALA D 222 -44.81 7.92 -21.81
C ALA D 222 -44.67 9.37 -21.39
N PRO D 223 -43.73 10.11 -21.98
CA PRO D 223 -43.49 11.49 -21.52
C PRO D 223 -44.70 12.41 -21.63
N LYS D 224 -45.61 12.14 -22.56
CA LYS D 224 -46.72 13.06 -22.81
C LYS D 224 -47.90 12.86 -21.88
N CYS D 225 -47.88 11.85 -21.02
CA CYS D 225 -49.03 11.55 -20.16
C CYS D 225 -48.83 12.31 -18.84
N ILE D 226 -49.26 13.55 -18.83
CA ILE D 226 -49.17 14.44 -17.67
C ILE D 226 -50.52 14.45 -16.96
N ILE D 227 -50.47 14.47 -15.63
CA ILE D 227 -51.68 14.46 -14.81
C ILE D 227 -51.39 15.19 -13.50
N ASP D 228 -52.16 16.25 -13.23
CA ASP D 228 -51.92 17.12 -12.08
C ASP D 228 -50.49 17.66 -12.11
N GLY D 229 -50.00 17.97 -13.31
CA GLY D 229 -48.68 18.52 -13.47
C GLY D 229 -47.54 17.53 -13.32
N LYS D 230 -47.83 16.26 -13.09
CA LYS D 230 -46.83 15.23 -12.92
C LYS D 230 -46.94 14.22 -14.05
N ASN D 231 -45.87 13.45 -14.26
CA ASN D 231 -45.98 12.27 -15.10
C ASN D 231 -46.82 11.21 -14.39
N ILE D 232 -47.55 10.42 -15.18
CA ILE D 232 -48.37 9.35 -14.60
C ILE D 232 -47.53 8.45 -13.70
N GLN D 233 -46.24 8.30 -13.99
CA GLN D 233 -45.37 7.49 -13.14
C GLN D 233 -45.37 8.00 -11.71
N ASP D 234 -44.96 9.26 -11.51
CA ASP D 234 -44.92 9.83 -10.17
C ASP D 234 -46.30 9.83 -9.54
N PHE D 235 -47.33 10.16 -10.33
CA PHE D 235 -48.69 10.21 -9.80
C PHE D 235 -49.06 8.90 -9.12
N LEU D 236 -48.84 7.78 -9.81
CA LEU D 236 -49.23 6.48 -9.27
C LEU D 236 -48.32 6.05 -8.13
N GLN D 237 -47.02 6.16 -8.32
CA GLN D 237 -46.08 5.74 -7.27
C GLN D 237 -46.25 6.57 -6.01
N ASP D 238 -46.52 7.87 -6.17
CA ASP D 238 -46.69 8.72 -5.00
C ASP D 238 -47.94 8.34 -4.22
N HIS D 239 -49.07 8.17 -4.91
CA HIS D 239 -50.30 7.84 -4.20
C HIS D 239 -50.20 6.49 -3.49
N PHE D 240 -49.58 5.50 -4.14
CA PHE D 240 -49.43 4.19 -3.52
C PHE D 240 -48.50 4.26 -2.32
N ILE D 241 -47.32 4.87 -2.50
CA ILE D 241 -46.38 5.00 -1.40
C ILE D 241 -46.97 5.86 -0.29
N ASP D 242 -47.67 6.94 -0.66
CA ASP D 242 -48.34 7.75 0.34
C ASP D 242 -49.39 6.94 1.09
N ALA D 243 -50.17 6.11 0.37
CA ALA D 243 -51.22 5.35 1.02
C ALA D 243 -50.66 4.35 2.01
N VAL D 244 -49.60 3.64 1.63
CA VAL D 244 -48.99 2.70 2.56
C VAL D 244 -48.36 3.46 3.73
N GLY D 245 -47.76 4.62 3.44
CA GLY D 245 -47.23 5.45 4.53
C GLY D 245 -48.29 5.80 5.55
N GLU D 246 -49.49 6.15 5.08
CA GLU D 246 -50.58 6.49 6.00
C GLU D 246 -50.84 5.36 6.98
N LEU D 247 -50.92 4.12 6.47
CA LEU D 247 -51.14 2.97 7.36
C LEU D 247 -50.00 2.85 8.36
N ALA D 248 -48.76 2.87 7.88
CA ALA D 248 -47.62 2.78 8.79
C ALA D 248 -47.63 3.93 9.79
N LYS D 249 -47.80 5.15 9.30
CA LYS D 249 -47.91 6.30 10.20
C LYS D 249 -48.99 6.08 11.25
N ARG D 250 -50.12 5.52 10.85
CA ARG D 250 -51.23 5.32 11.78
C ARG D 250 -50.87 4.27 12.83
N ILE D 251 -50.15 3.22 12.45
CA ILE D 251 -49.75 2.21 13.41
C ILE D 251 -48.75 2.80 14.41
N ALA D 252 -47.76 3.55 13.90
CA ALA D 252 -46.74 4.10 14.78
C ALA D 252 -47.30 5.13 15.76
N GLU D 253 -48.32 5.88 15.35
CA GLU D 253 -48.86 6.93 16.21
C GLU D 253 -49.99 6.44 17.10
N GLU D 254 -50.90 5.62 16.57
CA GLU D 254 -52.04 5.14 17.35
C GLU D 254 -51.76 3.83 18.06
N ALA D 255 -50.68 3.14 17.72
CA ALA D 255 -50.38 1.84 18.32
C ALA D 255 -48.91 1.47 18.18
N GLY D 256 -48.03 2.41 18.55
CA GLY D 256 -46.60 2.18 18.41
C GLY D 256 -46.11 0.96 19.16
N ASP D 257 -46.84 0.51 20.18
CA ASP D 257 -46.45 -0.69 20.90
C ASP D 257 -46.48 -1.94 20.03
N LEU D 258 -47.08 -1.86 18.83
CA LEU D 258 -47.12 -3.02 17.94
C LEU D 258 -45.83 -3.18 17.15
N LEU D 259 -45.10 -2.09 16.92
CA LEU D 259 -43.92 -2.15 16.07
C LEU D 259 -42.79 -2.90 16.77
N ASP D 260 -42.12 -3.76 16.01
CA ASP D 260 -40.92 -4.48 16.46
C ASP D 260 -41.25 -5.64 17.39
N GLU D 261 -42.15 -5.42 18.34
CA GLU D 261 -42.57 -6.52 19.20
C GLU D 261 -43.45 -7.50 18.43
N CYS D 262 -44.30 -6.97 17.55
CA CYS D 262 -45.18 -7.79 16.71
C CYS D 262 -44.96 -7.50 15.22
N VAL D 263 -45.21 -6.26 14.78
CA VAL D 263 -44.97 -5.91 13.38
C VAL D 263 -43.48 -5.68 13.23
N ILE D 264 -42.77 -6.65 12.61
CA ILE D 264 -41.32 -6.57 12.53
C ILE D 264 -40.82 -5.95 11.24
N GLY D 265 -41.68 -5.73 10.25
CA GLY D 265 -41.22 -5.17 9.01
C GLY D 265 -42.32 -5.14 7.97
N TRP D 266 -41.94 -4.73 6.76
CA TRP D 266 -42.86 -4.45 5.68
C TRP D 266 -42.33 -5.06 4.38
N ASP D 267 -43.23 -5.68 3.63
CA ASP D 267 -42.85 -6.28 2.36
C ASP D 267 -42.84 -5.24 1.25
N SER D 268 -42.04 -5.49 0.23
CA SER D 268 -42.13 -4.73 -1.01
C SER D 268 -43.48 -4.99 -1.69
N ILE D 269 -43.84 -4.09 -2.60
CA ILE D 269 -45.07 -4.28 -3.37
C ILE D 269 -45.10 -5.70 -3.95
N ASN D 270 -46.27 -6.33 -3.88
CA ASN D 270 -46.40 -7.76 -4.16
C ASN D 270 -46.35 -8.06 -5.65
N GLU D 271 -45.47 -9.00 -6.03
CA GLU D 271 -45.32 -9.51 -7.39
C GLU D 271 -45.55 -8.43 -8.44
N PRO D 272 -44.67 -7.43 -8.50
CA PRO D 272 -44.92 -6.30 -9.40
C PRO D 272 -44.82 -6.70 -10.86
N GLY D 273 -45.69 -6.11 -11.67
CA GLY D 273 -45.66 -6.35 -13.11
C GLY D 273 -44.61 -5.51 -13.80
N GLU D 274 -44.12 -6.01 -14.93
CA GLU D 274 -43.07 -5.35 -15.69
C GLU D 274 -43.60 -4.55 -16.86
N GLY D 275 -44.91 -4.54 -17.08
CA GLY D 275 -45.45 -3.83 -18.22
C GLY D 275 -44.84 -4.32 -19.51
N LEU D 276 -44.45 -3.39 -20.37
CA LEU D 276 -43.69 -3.69 -21.57
C LEU D 276 -42.21 -3.38 -21.39
N ILE D 277 -41.78 -3.11 -20.16
CA ILE D 277 -40.40 -2.69 -19.92
C ILE D 277 -39.47 -3.83 -20.30
N GLY D 278 -38.50 -3.53 -21.15
CA GLY D 278 -37.51 -4.50 -21.57
C GLY D 278 -37.90 -5.34 -22.76
N CYS D 279 -39.08 -5.12 -23.34
CA CYS D 279 -39.50 -5.87 -24.50
C CYS D 279 -38.52 -5.63 -25.65
N LYS D 280 -37.91 -6.71 -26.14
CA LYS D 280 -36.95 -6.61 -27.22
C LYS D 280 -37.62 -6.53 -28.58
N ASP D 281 -38.85 -7.03 -28.71
CA ASP D 281 -39.57 -7.01 -29.98
C ASP D 281 -41.05 -7.05 -29.68
N LEU D 282 -41.74 -5.94 -29.92
CA LEU D 282 -43.17 -5.86 -29.68
C LEU D 282 -43.99 -6.70 -30.65
N ALA D 283 -43.37 -7.26 -31.69
CA ALA D 283 -44.06 -8.04 -32.69
C ALA D 283 -44.22 -9.51 -32.31
N VAL D 284 -43.54 -9.98 -31.26
CA VAL D 284 -43.57 -11.38 -30.88
C VAL D 284 -43.68 -11.49 -29.37
N ILE D 285 -44.07 -12.67 -28.90
CA ILE D 285 -44.00 -13.05 -27.50
C ILE D 285 -42.71 -13.83 -27.31
N PRO D 286 -41.81 -13.41 -26.42
CA PRO D 286 -40.53 -14.10 -26.31
C PRO D 286 -40.70 -15.53 -25.86
N ALA D 287 -39.77 -16.39 -26.31
CA ALA D 287 -39.72 -17.75 -25.78
C ALA D 287 -39.45 -17.76 -24.28
N GLU D 288 -38.87 -16.68 -23.75
CA GLU D 288 -38.50 -16.64 -22.34
C GLU D 288 -39.68 -16.33 -21.43
N GLN D 289 -40.75 -15.75 -21.94
CA GLN D 289 -41.91 -15.53 -21.10
C GLN D 289 -42.53 -16.89 -20.80
N GLN D 290 -42.50 -17.29 -19.52
CA GLN D 290 -42.80 -18.66 -19.15
C GLN D 290 -44.30 -18.95 -19.25
N LEU D 291 -45.13 -18.03 -18.81
CA LEU D 291 -46.57 -18.26 -18.73
C LEU D 291 -47.25 -17.86 -20.03
N LYS D 292 -47.94 -18.81 -20.65
CA LYS D 292 -48.80 -18.57 -21.80
C LYS D 292 -50.02 -19.45 -21.64
N LYS D 293 -51.21 -18.87 -21.77
CA LYS D 293 -52.43 -19.65 -21.70
C LYS D 293 -53.58 -18.85 -22.30
N GLY D 294 -54.48 -19.54 -22.99
CA GLY D 294 -55.59 -18.90 -23.65
C GLY D 294 -55.12 -18.03 -24.79
N PRO D 295 -56.01 -17.17 -25.31
CA PRO D 295 -55.60 -16.25 -26.38
C PRO D 295 -54.48 -15.33 -25.90
N SER D 296 -53.39 -15.29 -26.65
CA SER D 296 -52.17 -14.57 -26.28
C SER D 296 -51.75 -13.62 -27.38
N PRO D 297 -52.37 -12.45 -27.47
CA PRO D 297 -51.93 -11.45 -28.45
C PRO D 297 -50.50 -11.02 -28.16
N THR D 298 -49.73 -10.81 -29.23
CA THR D 298 -48.45 -10.15 -29.10
C THR D 298 -48.68 -8.69 -28.70
N PRO D 299 -47.66 -8.02 -28.16
CA PRO D 299 -47.85 -6.62 -27.75
C PRO D 299 -48.53 -5.77 -28.82
N ILE D 300 -48.04 -5.83 -30.06
CA ILE D 300 -48.65 -5.01 -31.11
C ILE D 300 -50.04 -5.53 -31.45
N GLU D 301 -50.25 -6.85 -31.38
CA GLU D 301 -51.58 -7.40 -31.63
C GLU D 301 -52.57 -6.91 -30.58
N GLY D 302 -52.11 -6.75 -29.33
CA GLY D 302 -52.98 -6.23 -28.30
C GLY D 302 -53.32 -4.77 -28.51
N MET D 303 -52.33 -3.98 -28.95
CA MET D 303 -52.59 -2.56 -29.21
C MET D 303 -53.61 -2.40 -30.32
N ARG D 304 -53.49 -3.19 -31.40
CA ARG D 304 -54.50 -3.16 -32.45
C ARG D 304 -55.87 -3.50 -31.91
N LEU D 305 -55.94 -4.53 -31.06
CA LEU D 305 -57.20 -4.87 -30.41
C LEU D 305 -57.67 -3.72 -29.52
N GLY D 306 -56.72 -3.02 -28.89
CA GLY D 306 -57.06 -1.87 -28.07
C GLY D 306 -57.69 -0.73 -28.85
N MET D 307 -57.51 -0.70 -30.17
CA MET D 307 -58.13 0.28 -31.03
C MET D 307 -59.30 -0.29 -31.82
N GLY D 308 -59.89 -1.40 -31.35
CA GLY D 308 -61.09 -1.95 -31.94
C GLY D 308 -60.89 -2.81 -33.18
N GLU D 309 -59.66 -3.01 -33.62
CA GLU D 309 -59.42 -3.80 -34.82
C GLU D 309 -59.38 -5.29 -34.49
N ALA D 310 -60.01 -6.09 -35.34
CA ALA D 310 -60.02 -7.54 -35.14
C ALA D 310 -58.63 -8.10 -35.38
N GLN D 311 -58.22 -9.02 -34.51
CA GLN D 311 -56.93 -9.68 -34.62
C GLN D 311 -57.13 -11.19 -34.52
N ASP D 312 -56.28 -11.94 -35.21
CA ASP D 312 -56.26 -13.40 -35.15
C ASP D 312 -54.98 -13.80 -34.43
N VAL D 313 -55.12 -14.30 -33.20
CA VAL D 313 -53.99 -14.46 -32.30
C VAL D 313 -53.80 -15.94 -31.94
N GLN D 314 -52.60 -16.24 -31.44
CA GLN D 314 -52.27 -17.59 -31.03
C GLN D 314 -52.83 -17.88 -29.65
N ALA D 315 -53.46 -19.05 -29.50
CA ALA D 315 -53.89 -19.56 -28.21
C ALA D 315 -52.94 -20.65 -27.74
N TRP D 316 -52.75 -20.72 -26.43
CA TRP D 316 -51.80 -21.65 -25.82
C TRP D 316 -52.50 -22.55 -24.82
N ASN D 317 -52.11 -23.81 -24.81
CA ASN D 317 -52.50 -24.76 -23.79
C ASN D 317 -51.31 -25.04 -22.87
N PHE D 318 -51.60 -25.45 -21.65
CA PHE D 318 -50.57 -25.80 -20.68
C PHE D 318 -50.45 -27.33 -20.64
N GLY D 319 -49.37 -27.85 -21.21
CA GLY D 319 -49.16 -29.28 -21.28
C GLY D 319 -48.29 -29.77 -20.15
N PRO D 320 -47.89 -31.05 -20.21
CA PRO D 320 -47.14 -31.64 -19.09
C PRO D 320 -45.77 -31.00 -18.87
N MET D 321 -45.17 -30.43 -19.91
CA MET D 321 -43.89 -29.74 -19.78
C MET D 321 -44.04 -28.23 -19.99
N GLY D 322 -45.24 -27.69 -19.79
CA GLY D 322 -45.46 -26.27 -19.88
C GLY D 322 -46.32 -25.87 -21.04
N PRO D 323 -46.44 -24.56 -21.28
CA PRO D 323 -47.32 -24.10 -22.35
C PRO D 323 -46.82 -24.54 -23.73
N TYR D 324 -47.77 -24.68 -24.65
CA TYR D 324 -47.46 -25.05 -26.02
C TYR D 324 -48.59 -24.54 -26.91
N ARG D 325 -48.26 -24.28 -28.17
CA ARG D 325 -49.23 -23.70 -29.09
C ARG D 325 -50.35 -24.67 -29.40
N GLY D 326 -51.57 -24.15 -29.46
CA GLY D 326 -52.71 -24.92 -29.86
C GLY D 326 -53.40 -24.30 -31.05
N SER D 327 -54.63 -23.83 -30.84
CA SER D 327 -55.42 -23.28 -31.92
C SER D 327 -55.11 -21.80 -32.13
N ARG D 328 -55.72 -21.23 -33.17
CA ARG D 328 -55.78 -19.80 -33.37
C ARG D 328 -57.22 -19.35 -33.16
N GLN D 329 -57.39 -18.15 -32.62
CA GLN D 329 -58.72 -17.59 -32.43
C GLN D 329 -58.73 -16.13 -32.86
N THR D 330 -59.82 -15.73 -33.51
CA THR D 330 -59.99 -14.35 -33.97
C THR D 330 -60.75 -13.58 -32.89
N ILE D 331 -60.06 -12.64 -32.26
CA ILE D 331 -60.70 -11.72 -31.30
C ILE D 331 -61.17 -10.51 -32.09
N ASP D 332 -62.43 -10.12 -31.87
CA ASP D 332 -63.07 -9.03 -32.61
C ASP D 332 -63.79 -8.10 -31.66
N PRO D 333 -63.12 -7.03 -31.20
CA PRO D 333 -63.84 -6.03 -30.40
C PRO D 333 -64.83 -5.21 -31.23
N LYS D 334 -64.76 -5.31 -32.56
CA LYS D 334 -65.71 -4.66 -33.45
C LYS D 334 -65.87 -3.17 -33.12
N GLY D 335 -64.73 -2.47 -33.19
CA GLY D 335 -64.70 -1.04 -33.08
C GLY D 335 -64.55 -0.51 -31.67
N VAL D 336 -64.96 -1.27 -30.66
CA VAL D 336 -64.85 -0.81 -29.29
C VAL D 336 -63.38 -0.70 -28.92
N LYS D 337 -63.01 0.40 -28.28
CA LYS D 337 -61.62 0.70 -27.95
C LYS D 337 -61.43 0.65 -26.45
N LEU D 338 -60.18 0.41 -26.05
CA LEU D 338 -59.82 0.38 -24.63
C LEU D 338 -59.70 1.78 -24.05
N TRP D 339 -59.47 2.79 -24.87
CA TRP D 339 -59.05 4.10 -24.40
C TRP D 339 -60.24 5.00 -24.12
N LEU D 340 -60.21 5.62 -22.94
CA LEU D 340 -61.30 6.49 -22.52
C LEU D 340 -61.50 7.64 -23.48
N SER D 341 -62.79 7.97 -23.70
CA SER D 341 -63.18 9.17 -24.44
C SER D 341 -62.39 10.40 -23.97
N LYS D 342 -62.55 11.49 -24.73
CA LYS D 342 -62.23 12.81 -24.19
C LYS D 342 -63.42 13.36 -23.42
N GLU D 343 -64.64 12.91 -23.76
CA GLU D 343 -65.83 13.39 -23.08
C GLU D 343 -66.10 12.63 -21.77
N ASP D 344 -66.01 11.30 -21.81
CA ASP D 344 -66.18 10.52 -20.57
C ASP D 344 -65.03 10.75 -19.59
N ASP D 345 -63.87 11.20 -20.07
CA ASP D 345 -62.84 11.65 -19.15
C ASP D 345 -63.36 12.79 -18.28
N VAL D 346 -64.21 13.66 -18.86
CA VAL D 346 -64.79 14.74 -18.07
C VAL D 346 -65.92 14.21 -17.18
N LYS D 347 -66.73 13.31 -17.71
CA LYS D 347 -67.88 12.81 -16.95
C LYS D 347 -67.46 11.76 -15.93
N ARG D 348 -66.47 10.91 -16.28
CA ARG D 348 -66.11 9.76 -15.47
C ARG D 348 -64.66 9.74 -15.01
N GLY D 349 -63.77 10.45 -15.68
CA GLY D 349 -62.36 10.40 -15.36
C GLY D 349 -61.86 11.62 -14.62
N SER D 350 -61.05 12.43 -15.31
CA SER D 350 -60.40 13.57 -14.67
C SER D 350 -61.42 14.48 -13.98
N GLY D 351 -62.54 14.75 -14.64
CA GLY D 351 -63.54 15.64 -14.07
C GLY D 351 -64.28 15.06 -12.88
N LYS D 352 -64.34 13.74 -12.77
CA LYS D 352 -65.07 13.10 -11.67
C LYS D 352 -64.19 12.93 -10.44
N TRP D 353 -63.03 12.31 -10.60
CA TRP D 353 -62.18 11.99 -9.46
C TRP D 353 -61.29 13.16 -9.05
N GLY D 354 -61.06 14.11 -9.95
CA GLY D 354 -60.45 15.37 -9.57
C GLY D 354 -58.98 15.52 -9.91
N TRP D 355 -58.66 15.56 -11.20
CA TRP D 355 -57.31 15.91 -11.62
C TRP D 355 -57.38 16.59 -12.99
N THR D 356 -56.27 17.20 -13.38
CA THR D 356 -56.11 17.83 -14.68
C THR D 356 -55.13 17.00 -15.49
N ARG D 357 -55.46 16.74 -16.75
CA ARG D 357 -54.62 15.96 -17.64
C ARG D 357 -53.98 16.87 -18.68
N GLY D 358 -52.72 16.60 -19.00
CA GLY D 358 -51.99 17.45 -19.92
C GLY D 358 -52.58 17.43 -21.32
N LYS D 359 -52.30 18.51 -22.05
CA LYS D 359 -52.86 18.68 -23.38
C LYS D 359 -52.31 17.69 -24.39
N GLU D 360 -51.14 17.12 -24.14
CA GLU D 360 -50.53 16.16 -25.06
C GLU D 360 -50.90 14.73 -24.75
N TRP D 361 -51.64 14.48 -23.66
CA TRP D 361 -52.11 13.13 -23.35
C TRP D 361 -53.34 12.86 -24.20
N ALA D 362 -53.11 12.33 -25.40
CA ALA D 362 -54.22 12.00 -26.29
C ALA D 362 -55.13 10.96 -25.64
N LEU D 363 -56.44 11.19 -25.74
CA LEU D 363 -57.44 10.27 -25.23
C LEU D 363 -58.23 9.69 -26.40
N GLY D 364 -58.95 8.60 -26.12
CA GLY D 364 -59.72 7.94 -27.15
C GLY D 364 -58.90 7.31 -28.24
N THR D 365 -57.59 7.20 -28.08
CA THR D 365 -56.73 6.56 -29.07
C THR D 365 -55.57 5.91 -28.34
N CYS D 366 -54.81 5.10 -29.08
CA CYS D 366 -53.74 4.36 -28.44
C CYS D 366 -52.66 5.30 -27.92
N ILE D 367 -52.34 5.18 -26.63
CA ILE D 367 -51.30 6.01 -26.04
C ILE D 367 -49.94 5.68 -26.64
N TRP D 368 -49.72 4.42 -27.00
CA TRP D 368 -48.39 4.01 -27.47
C TRP D 368 -48.17 4.39 -28.92
N ALA D 369 -49.21 4.31 -29.76
CA ALA D 369 -49.11 4.89 -31.09
C ALA D 369 -48.87 6.39 -31.02
N HIS D 370 -49.53 7.06 -30.07
CA HIS D 370 -49.34 8.51 -29.93
C HIS D 370 -47.88 8.86 -29.66
N HIS D 371 -47.12 7.93 -29.07
CA HIS D 371 -45.70 8.15 -28.85
C HIS D 371 -44.83 7.59 -29.97
N GLY D 372 -45.44 7.18 -31.08
CA GLY D 372 -44.69 6.72 -32.24
C GLY D 372 -44.37 5.25 -32.29
N VAL D 373 -44.92 4.44 -31.38
CA VAL D 373 -44.62 3.02 -31.37
C VAL D 373 -45.16 2.35 -32.62
N TRP D 374 -46.36 2.75 -33.06
CA TRP D 374 -46.97 2.21 -34.27
C TRP D 374 -47.94 3.24 -34.82
N GLU D 375 -48.31 3.06 -36.08
CA GLU D 375 -49.20 3.98 -36.78
C GLU D 375 -50.59 3.36 -36.90
N ILE D 376 -51.60 4.09 -36.44
CA ILE D 376 -52.96 3.55 -36.44
C ILE D 376 -53.46 3.38 -37.86
N ALA D 377 -53.35 4.43 -38.68
CA ALA D 377 -53.85 4.36 -40.05
C ALA D 377 -53.25 3.18 -40.80
N THR D 378 -51.98 2.88 -40.53
CA THR D 378 -51.31 1.76 -41.18
C THR D 378 -51.49 0.44 -40.45
N SER D 379 -51.79 0.46 -39.16
CA SER D 379 -51.73 -0.74 -38.33
C SER D 379 -50.33 -1.34 -38.38
N THR D 380 -49.32 -0.49 -38.57
CA THR D 380 -47.95 -0.95 -38.80
C THR D 380 -47.06 -0.60 -37.61
N LEU D 381 -46.18 -1.53 -37.25
CA LEU D 381 -45.21 -1.30 -36.19
C LEU D 381 -44.02 -0.53 -36.74
N LEU D 382 -43.58 0.48 -35.99
CA LEU D 382 -42.48 1.33 -36.42
C LEU D 382 -41.27 1.29 -35.50
N ARG D 383 -41.45 1.11 -34.20
CA ARG D 383 -40.36 1.07 -33.23
C ARG D 383 -40.48 -0.22 -32.41
N PRO D 384 -40.12 -1.36 -32.99
CA PRO D 384 -40.35 -2.63 -32.29
C PRO D 384 -39.57 -2.75 -30.99
N ASP D 385 -38.39 -2.14 -30.92
CA ASP D 385 -37.53 -2.19 -29.75
C ASP D 385 -37.68 -0.95 -28.87
N TYR D 386 -38.86 -0.32 -28.91
CA TYR D 386 -39.04 0.93 -28.19
C TYR D 386 -38.77 0.77 -26.69
N PHE D 387 -39.22 -0.33 -26.10
CA PHE D 387 -39.15 -0.50 -24.66
C PHE D 387 -37.89 -1.23 -24.20
N SER D 388 -36.93 -1.46 -25.10
CA SER D 388 -35.71 -2.17 -24.75
C SER D 388 -34.54 -1.26 -24.41
N THR D 389 -34.68 0.05 -24.57
CA THR D 389 -33.61 0.98 -24.24
C THR D 389 -34.21 2.25 -23.63
N LEU D 390 -33.32 3.20 -23.32
CA LEU D 390 -33.75 4.50 -22.81
C LEU D 390 -33.84 5.49 -23.95
N PRO D 391 -34.98 6.16 -24.16
CA PRO D 391 -35.00 7.24 -25.15
C PRO D 391 -33.94 8.30 -24.90
N THR D 392 -33.64 8.61 -23.64
CA THR D 392 -32.60 9.59 -23.33
C THR D 392 -31.19 9.03 -23.44
N ASN D 393 -31.04 7.72 -23.59
CA ASN D 393 -29.73 7.09 -23.74
C ASN D 393 -29.90 5.79 -24.51
N PRO D 394 -30.02 5.87 -25.83
CA PRO D 394 -30.31 4.66 -26.61
C PRO D 394 -29.29 3.56 -26.45
N GLY D 395 -28.03 3.89 -26.11
CA GLY D 395 -27.00 2.89 -25.98
C GLY D 395 -27.15 1.97 -24.79
N HIS D 396 -27.93 2.37 -23.80
CA HIS D 396 -28.08 1.64 -22.54
C HIS D 396 -29.33 0.78 -22.63
N GLN D 397 -29.15 -0.54 -22.76
CA GLN D 397 -30.26 -1.48 -22.77
C GLN D 397 -30.80 -1.65 -21.36
N VAL D 398 -32.12 -1.63 -21.23
CA VAL D 398 -32.75 -1.54 -19.92
C VAL D 398 -32.82 -2.90 -19.25
N ASP D 399 -32.70 -2.88 -17.93
CA ASP D 399 -32.99 -4.03 -17.07
C ASP D 399 -34.07 -3.59 -16.08
N PHE D 400 -35.23 -4.23 -16.14
CA PHE D 400 -36.36 -3.79 -15.32
C PHE D 400 -36.00 -3.77 -13.84
N VAL D 401 -35.32 -4.81 -13.36
CA VAL D 401 -35.05 -4.93 -11.94
C VAL D 401 -34.10 -3.84 -11.48
N ASP D 402 -33.01 -3.63 -12.21
CA ASP D 402 -32.01 -2.66 -11.80
C ASP D 402 -32.46 -1.23 -12.05
N ASP D 403 -33.10 -0.98 -13.20
CA ASP D 403 -33.30 0.38 -13.68
C ASP D 403 -34.62 1.00 -13.25
N PHE D 404 -35.59 0.20 -12.82
CA PHE D 404 -36.91 0.76 -12.54
C PHE D 404 -37.48 0.25 -11.22
N TRP D 405 -37.53 -1.06 -11.03
CA TRP D 405 -38.08 -1.58 -9.77
C TRP D 405 -37.24 -1.11 -8.58
N ALA D 406 -35.91 -1.16 -8.71
CA ALA D 406 -35.04 -0.79 -7.60
C ALA D 406 -35.24 0.66 -7.20
N LEU D 407 -35.48 1.54 -8.17
CA LEU D 407 -35.71 2.95 -7.87
C LEU D 407 -37.03 3.14 -7.14
N HIS D 408 -38.07 2.40 -7.55
CA HIS D 408 -39.30 2.43 -6.77
C HIS D 408 -39.07 1.94 -5.35
N TRP D 409 -38.27 0.87 -5.21
CA TRP D 409 -38.04 0.32 -3.88
C TRP D 409 -37.33 1.34 -2.98
N LEU D 410 -36.39 2.12 -3.53
CA LEU D 410 -35.71 3.11 -2.70
C LEU D 410 -36.70 4.10 -2.12
N ALA D 411 -37.59 4.64 -2.96
CA ALA D 411 -38.60 5.57 -2.46
C ALA D 411 -39.51 4.90 -1.45
N TYR D 412 -39.98 3.68 -1.74
CA TYR D 412 -40.87 2.98 -0.83
C TYR D 412 -40.17 2.70 0.49
N SER D 413 -38.96 2.14 0.44
CA SER D 413 -38.25 1.76 1.65
C SER D 413 -38.06 2.95 2.58
N SER D 414 -37.78 4.12 2.03
CA SER D 414 -37.52 5.29 2.87
C SER D 414 -38.78 5.74 3.59
N ARG D 415 -39.94 5.62 2.94
CA ARG D 415 -41.19 6.00 3.59
C ARG D 415 -41.54 5.04 4.72
N ILE D 416 -41.28 3.73 4.53
CA ILE D 416 -41.53 2.77 5.59
C ILE D 416 -40.68 3.11 6.82
N ARG D 417 -39.40 3.39 6.60
CA ARG D 417 -38.50 3.71 7.71
C ARG D 417 -38.85 5.04 8.35
N LEU D 418 -39.45 5.96 7.59
CA LEU D 418 -39.81 7.26 8.16
C LEU D 418 -40.80 7.09 9.30
N HIS D 419 -41.75 6.17 9.18
CA HIS D 419 -42.76 5.95 10.20
C HIS D 419 -42.50 4.71 11.06
N HIS D 420 -41.76 3.73 10.56
CA HIS D 420 -41.38 2.54 11.32
C HIS D 420 -39.85 2.49 11.33
N PRO D 421 -39.22 3.21 12.26
CA PRO D 421 -37.75 3.38 12.16
C PRO D 421 -36.98 2.07 12.17
N GLU D 422 -37.46 1.06 12.89
CA GLU D 422 -36.75 -0.21 13.01
C GLU D 422 -37.28 -1.29 12.08
N SER D 423 -37.90 -0.90 10.96
CA SER D 423 -38.56 -1.87 10.10
C SER D 423 -37.54 -2.74 9.37
N ILE D 424 -37.73 -4.05 9.44
CA ILE D 424 -37.04 -4.94 8.52
C ILE D 424 -37.59 -4.69 7.11
N HIS D 425 -36.69 -4.59 6.14
CA HIS D 425 -37.09 -4.49 4.74
C HIS D 425 -37.14 -5.90 4.18
N PHE D 426 -38.36 -6.41 3.96
CA PHE D 426 -38.56 -7.69 3.29
C PHE D 426 -38.56 -7.42 1.79
N ILE D 427 -37.49 -7.81 1.12
CA ILE D 427 -37.25 -7.46 -0.28
C ILE D 427 -37.87 -8.55 -1.15
N GLN D 428 -38.89 -8.18 -1.92
CA GLN D 428 -39.58 -9.11 -2.82
C GLN D 428 -39.28 -8.66 -4.25
N ALA D 429 -38.22 -9.23 -4.84
CA ALA D 429 -37.92 -8.97 -6.24
C ALA D 429 -39.04 -9.46 -7.13
N PRO D 430 -39.14 -8.93 -8.35
CA PRO D 430 -40.14 -9.43 -9.30
C PRO D 430 -40.07 -10.94 -9.42
N VAL D 431 -41.22 -11.55 -9.71
CA VAL D 431 -41.33 -13.01 -9.76
C VAL D 431 -40.28 -13.56 -10.71
N LEU D 432 -39.61 -14.62 -10.27
CA LEU D 432 -38.65 -15.35 -11.11
C LEU D 432 -37.51 -14.46 -11.57
N ARG D 433 -37.16 -13.47 -10.76
CA ARG D 433 -36.04 -12.57 -11.03
C ARG D 433 -35.15 -12.51 -9.79
N GLN D 434 -33.84 -12.44 -10.01
CA GLN D 434 -32.93 -12.20 -8.90
C GLN D 434 -33.11 -10.78 -8.37
N PRO D 435 -32.91 -10.58 -7.06
CA PRO D 435 -32.91 -9.21 -6.55
C PRO D 435 -31.74 -8.44 -7.13
N PRO D 436 -31.83 -7.12 -7.19
CA PRO D 436 -30.66 -6.31 -7.53
C PRO D 436 -29.79 -6.09 -6.30
N LYS D 437 -28.60 -5.55 -6.54
CA LYS D 437 -27.80 -5.02 -5.45
C LYS D 437 -28.47 -3.76 -4.92
N LEU D 438 -28.75 -3.74 -3.62
CA LEU D 438 -29.35 -2.58 -2.99
C LEU D 438 -28.34 -1.90 -2.07
N PRO D 439 -28.39 -0.57 -1.96
CA PRO D 439 -27.37 0.13 -1.18
C PRO D 439 -27.56 -0.06 0.32
N GLU D 440 -26.46 -0.33 1.01
CA GLU D 440 -26.49 -0.52 2.46
C GLU D 440 -26.91 0.75 3.19
N SER D 441 -26.89 1.90 2.54
CA SER D 441 -27.43 3.10 3.16
C SER D 441 -28.95 3.05 3.29
N PHE D 442 -29.60 2.14 2.58
CA PHE D 442 -31.04 1.94 2.73
C PHE D 442 -31.36 0.68 3.54
N LEU D 443 -30.66 -0.42 3.27
CA LEU D 443 -30.88 -1.64 4.05
C LEU D 443 -30.46 -1.44 5.50
N LYS D 444 -29.26 -0.90 5.71
CA LYS D 444 -28.75 -0.59 7.04
C LYS D 444 -28.78 -1.80 7.97
N GLY D 445 -28.37 -2.95 7.45
CA GLY D 445 -28.23 -4.15 8.27
C GLY D 445 -29.51 -4.65 8.91
N ARG D 446 -30.66 -4.35 8.30
CA ARG D 446 -31.96 -4.78 8.84
C ARG D 446 -32.88 -5.12 7.67
N ALA D 447 -32.59 -6.23 7.00
CA ALA D 447 -33.35 -6.63 5.82
C ALA D 447 -33.45 -8.15 5.75
N CYS D 448 -34.33 -8.61 4.88
CA CYS D 448 -34.56 -10.04 4.66
C CYS D 448 -35.09 -10.23 3.26
N SER D 449 -34.54 -11.19 2.53
CA SER D 449 -35.05 -11.52 1.21
C SER D 449 -36.36 -12.28 1.37
N SER D 450 -37.38 -11.88 0.59
CA SER D 450 -38.73 -12.41 0.74
C SER D 450 -39.28 -12.88 -0.61
N PRO D 451 -38.61 -13.85 -1.24
CA PRO D 451 -39.11 -14.37 -2.52
C PRO D 451 -40.32 -15.26 -2.35
N HIS D 452 -40.99 -15.51 -3.48
CA HIS D 452 -42.12 -16.43 -3.55
C HIS D 452 -41.72 -17.67 -4.37
N PHE D 453 -42.26 -18.82 -3.98
CA PHE D 453 -42.05 -20.03 -4.76
C PHE D 453 -43.30 -20.89 -4.74
N TYR D 454 -43.65 -21.41 -5.91
CA TYR D 454 -44.73 -22.38 -6.04
C TYR D 454 -44.24 -23.54 -6.89
N ASP D 455 -44.73 -24.73 -6.60
CA ASP D 455 -44.57 -25.86 -7.52
C ASP D 455 -45.42 -25.53 -8.75
N GLY D 456 -44.80 -24.97 -9.78
CA GLY D 456 -45.57 -24.43 -10.88
C GLY D 456 -46.42 -25.47 -11.60
N LEU D 457 -45.85 -26.64 -11.87
CA LEU D 457 -46.62 -27.67 -12.56
C LEU D 457 -47.87 -28.03 -11.76
N THR D 458 -47.69 -28.37 -10.49
CA THR D 458 -48.82 -28.65 -9.62
C THR D 458 -49.83 -27.51 -9.66
N LEU D 459 -49.36 -26.27 -9.48
CA LEU D 459 -50.28 -25.15 -9.39
C LEU D 459 -51.08 -24.95 -10.67
N MET D 460 -50.41 -25.03 -11.83
CA MET D 460 -51.10 -24.77 -13.09
C MET D 460 -52.09 -25.88 -13.42
N THR D 461 -51.72 -27.14 -13.19
CA THR D 461 -52.56 -28.27 -13.59
C THR D 461 -53.47 -28.77 -12.48
N LYS D 462 -53.26 -28.33 -11.24
CA LYS D 462 -54.05 -28.80 -10.11
C LYS D 462 -54.08 -30.33 -10.07
N HIS D 463 -52.93 -30.93 -10.31
CA HIS D 463 -52.73 -32.37 -10.22
CA HIS D 463 -52.74 -32.37 -10.20
C HIS D 463 -51.36 -32.59 -9.59
N TRP D 464 -51.25 -33.62 -8.75
CA TRP D 464 -49.95 -34.02 -8.21
C TRP D 464 -49.39 -35.06 -9.17
N ASN D 465 -48.47 -34.64 -10.04
CA ASN D 465 -48.02 -35.48 -11.14
C ASN D 465 -46.93 -36.44 -10.70
N TRP D 466 -46.86 -37.60 -11.37
CA TRP D 466 -45.76 -38.53 -11.18
C TRP D 466 -44.49 -38.04 -11.83
N PHE D 467 -44.53 -36.89 -12.49
CA PHE D 467 -43.35 -36.25 -13.08
C PHE D 467 -43.34 -34.78 -12.66
N ASN D 468 -42.17 -34.15 -12.83
CA ASN D 468 -42.04 -32.72 -12.59
C ASN D 468 -40.80 -32.24 -13.33
N ALA D 469 -40.62 -30.91 -13.33
CA ALA D 469 -39.51 -30.30 -14.06
C ALA D 469 -38.94 -29.14 -13.26
N ASP D 470 -37.64 -28.91 -13.46
CA ASP D 470 -36.87 -27.90 -12.72
C ASP D 470 -37.08 -26.55 -13.39
N ALA D 471 -38.11 -25.83 -12.94
CA ALA D 471 -38.47 -24.58 -13.60
C ALA D 471 -37.38 -23.53 -13.42
N ILE D 472 -36.78 -23.46 -12.22
CA ILE D 472 -35.73 -22.46 -11.98
C ILE D 472 -34.54 -22.71 -12.91
N GLY D 473 -34.12 -23.97 -13.01
CA GLY D 473 -33.00 -24.29 -13.89
C GLY D 473 -33.28 -24.01 -15.35
N VAL D 474 -34.52 -24.20 -15.79
CA VAL D 474 -34.89 -23.90 -17.16
C VAL D 474 -34.81 -22.40 -17.41
N ILE D 475 -35.33 -21.60 -16.48
CA ILE D 475 -35.32 -20.16 -16.63
C ILE D 475 -33.90 -19.62 -16.69
N ARG D 476 -32.96 -20.29 -16.03
CA ARG D 476 -31.58 -19.84 -15.99
C ARG D 476 -30.70 -20.55 -17.02
N LYS D 477 -31.31 -21.17 -18.03
CA LYS D 477 -30.58 -21.70 -19.18
C LYS D 477 -29.46 -22.64 -18.75
N LYS D 478 -29.68 -23.40 -17.68
CA LYS D 478 -28.69 -24.33 -17.20
C LYS D 478 -28.91 -25.76 -17.72
N TYR D 479 -29.89 -25.95 -18.59
CA TYR D 479 -30.16 -27.27 -19.17
C TYR D 479 -29.97 -27.22 -20.68
N TRP D 480 -29.14 -28.13 -21.19
CA TRP D 480 -29.02 -28.31 -22.64
C TRP D 480 -30.38 -28.61 -23.26
N SER D 481 -31.11 -29.53 -22.64
CA SER D 481 -32.43 -29.96 -23.08
C SER D 481 -33.42 -29.73 -21.94
N ILE D 482 -34.64 -29.35 -22.28
CA ILE D 482 -35.65 -29.25 -21.23
C ILE D 482 -35.99 -30.63 -20.69
N VAL D 483 -35.68 -31.69 -21.46
CA VAL D 483 -35.99 -33.04 -20.98
C VAL D 483 -35.17 -33.39 -19.76
N GLN D 484 -33.93 -32.91 -19.68
CA GLN D 484 -33.08 -33.19 -18.52
C GLN D 484 -33.41 -32.32 -17.32
N ALA D 485 -34.40 -31.45 -17.43
CA ALA D 485 -35.01 -30.84 -16.25
C ALA D 485 -36.09 -31.70 -15.65
N VAL D 486 -36.45 -32.81 -16.29
CA VAL D 486 -37.56 -33.63 -15.84
C VAL D 486 -37.10 -34.59 -14.75
N ARG D 487 -37.98 -34.85 -13.81
CA ARG D 487 -37.77 -35.85 -12.77
C ARG D 487 -39.04 -36.69 -12.63
N ILE D 488 -38.85 -37.95 -12.23
CA ILE D 488 -39.96 -38.88 -12.08
C ILE D 488 -39.77 -39.66 -10.79
N GLY D 489 -40.85 -39.82 -10.06
CA GLY D 489 -40.79 -40.48 -8.78
C GLY D 489 -40.78 -39.48 -7.64
N GLU D 490 -41.38 -39.88 -6.52
CA GLU D 490 -41.46 -38.98 -5.37
C GLU D 490 -40.09 -38.48 -4.96
N GLY D 491 -39.13 -39.39 -4.81
CA GLY D 491 -37.81 -39.04 -4.34
C GLY D 491 -37.14 -38.00 -5.22
N PRO D 492 -36.95 -38.34 -6.50
CA PRO D 492 -36.28 -37.39 -7.39
C PRO D 492 -36.99 -36.04 -7.51
N ILE D 493 -38.32 -36.01 -7.39
CA ILE D 493 -39.06 -34.76 -7.51
C ILE D 493 -38.82 -33.90 -6.27
N ARG D 494 -38.92 -34.50 -5.09
CA ARG D 494 -38.70 -33.76 -3.85
C ARG D 494 -37.28 -33.24 -3.76
N LYS D 495 -36.30 -34.05 -4.18
CA LYS D 495 -34.91 -33.59 -4.19
C LYS D 495 -34.72 -32.44 -5.16
N MET D 496 -35.44 -32.45 -6.28
CA MET D 496 -35.27 -31.41 -7.28
C MET D 496 -35.86 -30.08 -6.79
N ILE D 497 -37.05 -30.13 -6.18
CA ILE D 497 -37.67 -28.89 -5.74
C ILE D 497 -36.95 -28.31 -4.54
N GLN D 498 -36.38 -29.17 -3.69
CA GLN D 498 -35.53 -28.66 -2.62
C GLN D 498 -34.32 -27.92 -3.19
N GLY D 499 -33.73 -28.46 -4.25
CA GLY D 499 -32.64 -27.76 -4.91
C GLY D 499 -33.05 -26.41 -5.44
N GLU D 500 -34.30 -26.27 -5.90
CA GLU D 500 -34.78 -24.99 -6.37
C GLU D 500 -34.91 -23.98 -5.22
N LEU D 501 -35.39 -24.44 -4.06
CA LEU D 501 -35.47 -23.55 -2.92
C LEU D 501 -34.09 -23.08 -2.50
N ALA D 502 -33.09 -23.96 -2.59
CA ALA D 502 -31.72 -23.57 -2.25
C ALA D 502 -31.20 -22.47 -3.16
N VAL D 503 -31.75 -22.37 -4.37
CA VAL D 503 -31.33 -21.33 -5.31
C VAL D 503 -31.79 -19.96 -4.82
N LEU D 504 -33.03 -19.87 -4.31
CA LEU D 504 -33.48 -18.63 -3.71
C LEU D 504 -32.58 -18.24 -2.54
N LYS D 505 -32.24 -19.21 -1.69
CA LYS D 505 -31.36 -18.93 -0.57
C LYS D 505 -30.02 -18.39 -1.05
N GLN D 506 -29.46 -18.99 -2.11
CA GLN D 506 -28.18 -18.54 -2.64
C GLN D 506 -28.27 -17.11 -3.16
N ASP D 507 -29.40 -16.76 -3.78
CA ASP D 507 -29.57 -15.40 -4.30
C ASP D 507 -29.28 -14.36 -3.23
N THR D 508 -29.80 -14.56 -2.01
CA THR D 508 -29.66 -13.58 -0.95
C THR D 508 -28.19 -13.29 -0.67
N ILE D 509 -27.42 -14.33 -0.37
CA ILE D 509 -26.04 -14.13 0.06
C ILE D 509 -25.17 -13.63 -1.09
N ASP D 510 -25.54 -13.94 -2.33
CA ASP D 510 -24.70 -13.53 -3.46
C ASP D 510 -24.96 -12.10 -3.90
N ILE D 511 -26.16 -11.56 -3.64
CA ILE D 511 -26.57 -10.27 -4.17
C ILE D 511 -26.87 -9.27 -3.05
N LEU D 512 -27.72 -9.67 -2.10
CA LEU D 512 -28.17 -8.73 -1.08
C LEU D 512 -27.17 -8.60 0.07
N GLY D 513 -26.63 -9.72 0.53
CA GLY D 513 -25.68 -9.74 1.62
C GLY D 513 -25.98 -10.89 2.55
N ASN D 514 -25.37 -10.84 3.73
CA ASN D 514 -25.61 -11.87 4.76
C ASN D 514 -26.86 -11.47 5.54
N TYR D 515 -28.01 -11.77 4.94
CA TYR D 515 -29.31 -11.50 5.51
C TYR D 515 -30.15 -12.77 5.48
N PRO D 516 -31.18 -12.85 6.31
CA PRO D 516 -32.04 -14.05 6.30
C PRO D 516 -32.87 -14.12 5.02
N THR D 517 -33.39 -15.31 4.76
CA THR D 517 -34.33 -15.55 3.67
C THR D 517 -35.65 -16.07 4.24
N LEU D 518 -36.75 -15.58 3.68
CA LEU D 518 -38.10 -15.98 4.08
C LEU D 518 -38.91 -16.17 2.81
N VAL D 519 -39.45 -17.37 2.61
CA VAL D 519 -40.30 -17.65 1.46
C VAL D 519 -41.67 -17.07 1.79
N GLY D 520 -41.96 -15.88 1.24
CA GLY D 520 -43.16 -15.15 1.62
C GLY D 520 -44.44 -15.80 1.15
N GLU D 521 -44.37 -16.64 0.13
CA GLU D 521 -45.52 -17.38 -0.36
C GLU D 521 -45.04 -18.74 -0.85
N ILE D 522 -45.77 -19.79 -0.46
CA ILE D 522 -45.55 -21.14 -0.97
C ILE D 522 -46.79 -21.96 -0.62
N GLY D 523 -47.32 -22.68 -1.60
CA GLY D 523 -48.51 -23.46 -1.35
C GLY D 523 -48.86 -24.36 -2.50
N ILE D 524 -50.00 -25.01 -2.37
CA ILE D 524 -50.46 -25.96 -3.37
C ILE D 524 -51.98 -25.91 -3.50
N PRO D 525 -52.53 -26.12 -4.69
CA PRO D 525 -53.99 -26.08 -4.85
C PRO D 525 -54.64 -27.32 -4.25
N TYR D 526 -55.72 -27.09 -3.52
CA TYR D 526 -56.49 -28.18 -2.94
C TYR D 526 -57.61 -28.66 -3.84
N ASP D 527 -58.07 -27.83 -4.79
CA ASP D 527 -59.12 -28.23 -5.71
C ASP D 527 -58.53 -29.07 -6.85
N MET D 528 -57.90 -30.17 -6.47
CA MET D 528 -57.27 -31.05 -7.43
C MET D 528 -58.27 -32.02 -8.05
N ASP D 529 -57.97 -32.46 -9.27
CA ASP D 529 -58.69 -33.55 -9.94
C ASP D 529 -60.20 -33.28 -9.96
N ASP D 530 -60.58 -32.13 -10.48
CA ASP D 530 -61.99 -31.76 -10.63
C ASP D 530 -62.74 -31.84 -9.31
N LYS D 531 -62.00 -31.66 -8.21
CA LYS D 531 -62.57 -31.55 -6.86
C LYS D 531 -63.01 -32.90 -6.33
N LYS D 532 -62.23 -33.94 -6.63
CA LYS D 532 -62.58 -35.29 -6.19
C LYS D 532 -62.61 -35.40 -4.67
N ALA D 533 -61.69 -34.72 -3.99
CA ALA D 533 -61.65 -34.76 -2.54
C ALA D 533 -62.80 -34.00 -1.90
N TYR D 534 -63.56 -33.23 -2.67
CA TYR D 534 -64.77 -32.58 -2.16
C TYR D 534 -66.03 -33.39 -2.48
N GLY D 535 -65.90 -34.53 -3.15
CA GLY D 535 -67.06 -35.33 -3.51
C GLY D 535 -67.82 -34.83 -4.71
N TYR D 536 -67.16 -34.10 -5.61
CA TYR D 536 -67.83 -33.46 -6.73
C TYR D 536 -67.91 -34.32 -7.97
N VAL D 537 -67.17 -35.43 -8.03
CA VAL D 537 -67.09 -36.25 -9.23
C VAL D 537 -67.11 -37.74 -8.85
N ASP D 538 -67.18 -38.58 -9.87
CA ASP D 538 -67.15 -40.04 -9.70
C ASP D 538 -68.21 -40.51 -8.73
N GLY D 539 -69.38 -39.85 -8.77
CA GLY D 539 -70.43 -40.18 -7.83
C GLY D 539 -70.05 -39.99 -6.39
N GLY D 540 -69.15 -39.07 -6.10
CA GLY D 540 -68.73 -38.80 -4.74
C GLY D 540 -67.57 -39.64 -4.25
N ARG D 541 -67.14 -40.63 -5.02
CA ARG D 541 -65.98 -41.42 -4.63
C ARG D 541 -64.75 -40.53 -4.51
N GLY D 542 -64.01 -40.70 -3.41
CA GLY D 542 -62.80 -39.95 -3.18
C GLY D 542 -62.97 -38.76 -2.26
N GLU D 543 -64.19 -38.44 -1.83
CA GLU D 543 -64.40 -37.32 -0.91
C GLU D 543 -63.65 -37.56 0.38
N GLY D 544 -62.89 -36.55 0.80
CA GLY D 544 -62.11 -36.62 2.02
C GLY D 544 -60.75 -37.27 1.86
N ASP D 545 -60.39 -37.74 0.67
CA ASP D 545 -59.09 -38.34 0.44
C ASP D 545 -58.17 -37.25 -0.12
N TYR D 546 -57.33 -36.70 0.74
CA TYR D 546 -56.41 -35.62 0.37
C TYR D 546 -54.99 -36.12 0.16
N SER D 547 -54.83 -37.39 -0.25
CA SER D 547 -53.50 -37.97 -0.37
C SER D 547 -52.65 -37.25 -1.41
N SER D 548 -53.26 -36.86 -2.55
CA SER D 548 -52.53 -36.11 -3.56
C SER D 548 -52.16 -34.71 -3.03
N GLN D 549 -53.12 -34.01 -2.45
CA GLN D 549 -52.81 -32.69 -1.88
C GLN D 549 -51.72 -32.81 -0.81
N GLN D 550 -51.75 -33.89 -0.03
CA GLN D 550 -50.80 -34.05 1.05
C GLN D 550 -49.38 -34.25 0.51
N LYS D 551 -49.23 -35.12 -0.50
CA LYS D 551 -47.91 -35.37 -1.05
C LYS D 551 -47.32 -34.11 -1.68
N ALA D 552 -48.14 -33.37 -2.42
CA ALA D 552 -47.67 -32.10 -3.00
C ALA D 552 -47.23 -31.14 -1.92
N MET D 553 -48.11 -30.91 -0.93
CA MET D 553 -47.77 -30.00 0.17
C MET D 553 -46.51 -30.45 0.88
N ASP D 554 -46.39 -31.76 1.14
CA ASP D 554 -45.23 -32.29 1.85
C ASP D 554 -43.96 -32.11 1.04
N CYS D 555 -44.06 -32.15 -0.29
CA CYS D 555 -42.88 -31.92 -1.11
C CYS D 555 -42.45 -30.45 -1.07
N SER D 556 -43.42 -29.53 -1.16
CA SER D 556 -43.09 -28.11 -1.11
C SER D 556 -42.53 -27.72 0.26
N MET D 557 -43.11 -28.25 1.33
CA MET D 557 -42.60 -27.94 2.67
C MET D 557 -41.24 -28.60 2.91
N ASN D 558 -41.09 -29.86 2.48
CA ASN D 558 -39.80 -30.51 2.60
C ASN D 558 -38.71 -29.75 1.86
N ALA D 559 -39.07 -29.07 0.77
CA ALA D 559 -38.11 -28.26 0.04
C ALA D 559 -37.59 -27.10 0.88
N CYS D 560 -38.32 -26.73 1.93
CA CYS D 560 -37.84 -25.72 2.87
C CYS D 560 -37.05 -26.31 4.03
N ASP D 561 -37.01 -27.64 4.15
CA ASP D 561 -36.21 -28.29 5.18
C ASP D 561 -34.86 -28.67 4.59
N GLY D 562 -34.38 -29.89 4.85
CA GLY D 562 -33.06 -30.30 4.40
C GLY D 562 -32.02 -29.30 4.84
N PRO D 563 -31.03 -29.02 3.98
CA PRO D 563 -30.02 -28.02 4.31
C PRO D 563 -30.51 -26.58 4.22
N ASN D 564 -31.73 -26.35 3.74
CA ASN D 564 -32.22 -24.99 3.58
C ASN D 564 -32.70 -24.41 4.90
N CYS D 565 -33.51 -25.17 5.65
CA CYS D 565 -34.10 -24.72 6.89
C CYS D 565 -34.57 -23.27 6.78
N LEU D 566 -35.59 -23.03 5.96
CA LEU D 566 -35.98 -21.68 5.60
C LEU D 566 -37.16 -21.19 6.43
N ASN D 567 -37.23 -19.87 6.60
CA ASN D 567 -38.46 -19.22 7.04
C ASN D 567 -39.44 -19.17 5.86
N TYR D 568 -40.74 -19.16 6.17
CA TYR D 568 -41.72 -19.08 5.10
C TYR D 568 -43.11 -18.82 5.66
N ALA D 569 -43.96 -18.28 4.80
CA ALA D 569 -45.37 -18.04 5.12
C ALA D 569 -46.21 -18.78 4.07
N ILE D 570 -46.96 -19.79 4.51
CA ILE D 570 -47.75 -20.58 3.60
C ILE D 570 -48.89 -19.76 3.03
N TRP D 571 -49.08 -19.82 1.73
CA TRP D 571 -50.26 -19.24 1.07
C TRP D 571 -51.29 -20.35 0.89
N ASN D 572 -52.44 -20.25 1.58
CA ASN D 572 -52.71 -19.23 2.61
C ASN D 572 -53.81 -19.76 3.53
N TYR D 573 -54.42 -18.88 4.32
CA TYR D 573 -55.44 -19.26 5.29
C TYR D 573 -56.65 -18.36 5.08
N VAL D 574 -57.77 -18.96 4.69
CA VAL D 574 -58.96 -18.24 4.28
C VAL D 574 -60.13 -18.70 5.15
N PRO D 575 -60.50 -17.91 6.17
CA PRO D 575 -61.64 -18.31 7.01
C PRO D 575 -62.91 -18.63 6.25
N ASP D 576 -63.16 -18.00 5.09
CA ASP D 576 -64.40 -18.18 4.36
C ASP D 576 -64.21 -18.95 3.05
N ASN D 577 -63.17 -19.78 2.97
CA ASN D 577 -62.99 -20.65 1.82
C ASN D 577 -64.12 -21.68 1.76
N VAL D 578 -64.62 -21.94 0.55
CA VAL D 578 -65.66 -22.94 0.33
C VAL D 578 -65.26 -23.82 -0.85
N HIS D 579 -65.84 -25.02 -0.88
CA HIS D 579 -65.54 -25.96 -1.96
C HIS D 579 -66.01 -25.44 -3.32
N GLU D 580 -67.13 -24.70 -3.34
CA GLU D 580 -67.68 -24.28 -4.62
C GLU D 580 -66.78 -23.27 -5.31
N TRP D 581 -66.27 -22.29 -4.57
CA TRP D 581 -65.48 -21.21 -5.17
C TRP D 581 -64.09 -21.09 -4.57
N GLY D 582 -63.65 -22.06 -3.78
CA GLY D 582 -62.31 -22.02 -3.23
C GLY D 582 -62.10 -20.77 -2.40
N ASP D 583 -60.98 -20.09 -2.66
CA ASP D 583 -60.64 -18.85 -1.96
C ASP D 583 -61.46 -17.66 -2.43
N ASN D 584 -62.49 -17.89 -3.26
CA ASN D 584 -63.34 -16.81 -3.77
C ASN D 584 -62.53 -15.80 -4.59
N TRP D 585 -61.54 -16.31 -5.34
CA TRP D 585 -60.67 -15.41 -6.11
C TRP D 585 -60.09 -16.17 -7.29
N ASN D 586 -60.65 -15.92 -8.47
CA ASN D 586 -60.10 -16.38 -9.75
C ASN D 586 -59.91 -17.89 -9.82
N GLY D 587 -60.62 -18.64 -8.98
CA GLY D 587 -60.56 -20.07 -9.01
C GLY D 587 -59.43 -20.68 -8.21
N GLU D 588 -58.66 -19.89 -7.51
CA GLU D 588 -57.60 -20.43 -6.67
C GLU D 588 -58.19 -21.03 -5.40
N ASP D 589 -57.64 -22.17 -4.97
CA ASP D 589 -58.10 -22.86 -3.77
C ASP D 589 -56.85 -23.38 -3.04
N LEU D 590 -56.20 -22.51 -2.28
CA LEU D 590 -54.97 -22.85 -1.57
C LEU D 590 -55.11 -22.78 -0.07
N SER D 591 -56.31 -22.55 0.46
CA SER D 591 -56.47 -22.46 1.90
C SER D 591 -56.22 -23.81 2.57
N LEU D 592 -55.59 -23.75 3.74
CA LEU D 592 -55.36 -24.93 4.58
C LEU D 592 -56.62 -25.37 5.32
N TRP D 593 -57.69 -24.59 5.27
CA TRP D 593 -58.83 -24.80 6.15
C TRP D 593 -60.10 -24.35 5.45
N SER D 594 -61.19 -25.04 5.73
CA SER D 594 -62.48 -24.70 5.14
C SER D 594 -63.60 -25.24 6.03
N VAL D 595 -64.66 -24.44 6.18
CA VAL D 595 -65.82 -24.92 6.92
C VAL D 595 -66.42 -26.15 6.26
N ASP D 596 -66.31 -26.24 4.94
CA ASP D 596 -66.86 -27.38 4.20
C ASP D 596 -66.12 -28.68 4.50
N ASP D 597 -64.99 -28.62 5.20
CA ASP D 597 -64.30 -29.81 5.66
C ASP D 597 -64.48 -30.06 7.15
N LYS D 598 -65.44 -29.38 7.79
CA LYS D 598 -65.80 -29.68 9.16
C LYS D 598 -66.73 -30.88 9.19
N GLU D 599 -66.56 -31.72 10.22
CA GLU D 599 -67.36 -32.93 10.38
C GLU D 599 -68.83 -32.71 10.09
N PRO D 640 -60.54 -20.78 24.44
CA PRO D 640 -59.10 -21.10 24.41
C PRO D 640 -58.23 -19.84 24.38
N SER D 641 -57.40 -19.67 25.39
CA SER D 641 -56.51 -18.54 25.51
C SER D 641 -55.13 -18.87 24.96
N PRO D 642 -54.28 -17.86 24.76
CA PRO D 642 -52.91 -18.16 24.32
C PRO D 642 -52.19 -19.09 25.27
N SER D 643 -52.38 -18.90 26.58
CA SER D 643 -51.71 -19.73 27.56
C SER D 643 -52.23 -21.16 27.53
N VAL D 644 -53.53 -21.34 27.27
CA VAL D 644 -54.07 -22.68 27.16
C VAL D 644 -53.40 -23.42 26.00
N ILE D 645 -53.21 -22.74 24.88
CA ILE D 645 -52.56 -23.39 23.74
C ILE D 645 -51.12 -23.76 24.09
N ASP D 646 -50.40 -22.87 24.77
CA ASP D 646 -49.07 -23.23 25.25
C ASP D 646 -49.11 -24.44 26.17
N SER D 647 -50.20 -24.59 26.93
CA SER D 647 -50.34 -25.74 27.80
C SER D 647 -50.33 -27.05 27.02
N GLY D 648 -50.88 -27.06 25.80
CA GLY D 648 -51.22 -28.28 25.10
C GLY D 648 -52.58 -28.83 25.47
N ASP D 649 -53.30 -28.18 26.38
CA ASP D 649 -54.57 -28.69 26.88
C ASP D 649 -55.74 -28.05 26.13
N PHE D 650 -55.83 -28.40 24.85
CA PHE D 650 -56.95 -28.03 24.00
C PHE D 650 -57.49 -29.28 23.34
N SER D 651 -58.54 -29.13 22.56
CA SER D 651 -59.18 -30.30 21.96
C SER D 651 -58.55 -30.62 20.61
N PRO D 652 -58.40 -31.90 20.27
CA PRO D 652 -57.88 -32.24 18.94
C PRO D 652 -58.76 -31.75 17.80
N THR D 653 -60.03 -31.40 18.05
CA THR D 653 -60.87 -30.88 16.99
C THR D 653 -60.37 -29.51 16.51
N LEU D 654 -59.67 -28.77 17.38
CA LEU D 654 -59.14 -27.47 16.97
C LEU D 654 -58.12 -27.60 15.85
N ILE D 655 -57.27 -28.63 15.91
CA ILE D 655 -56.17 -28.77 14.97
C ILE D 655 -56.50 -29.67 13.80
N LEU D 656 -57.63 -30.36 13.82
CA LEU D 656 -58.00 -31.28 12.76
C LEU D 656 -59.25 -30.85 12.01
N ASP D 657 -60.33 -30.57 12.71
CA ASP D 657 -61.60 -30.28 12.05
C ASP D 657 -61.48 -29.06 11.15
N GLY D 658 -61.86 -29.22 9.88
CA GLY D 658 -61.78 -28.17 8.91
C GLY D 658 -60.49 -28.14 8.13
N SER D 659 -59.46 -28.85 8.58
CA SER D 659 -58.18 -28.83 7.90
C SER D 659 -58.15 -29.80 6.72
N ARG D 660 -57.24 -29.53 5.79
CA ARG D 660 -57.01 -30.38 4.62
C ARG D 660 -55.52 -30.66 4.53
N ALA D 661 -55.16 -31.94 4.53
CA ALA D 661 -53.75 -32.38 4.47
C ALA D 661 -52.94 -31.76 5.61
N VAL D 662 -53.50 -31.77 6.82
CA VAL D 662 -52.82 -31.20 7.97
C VAL D 662 -51.48 -31.89 8.20
N ALA D 663 -51.40 -33.18 7.90
CA ALA D 663 -50.15 -33.90 8.12
C ALA D 663 -48.99 -33.27 7.37
N ALA D 664 -49.25 -32.52 6.31
CA ALA D 664 -48.17 -31.98 5.48
C ALA D 664 -47.70 -30.60 5.94
N PHE D 665 -48.62 -29.71 6.34
CA PHE D 665 -48.23 -28.34 6.66
C PHE D 665 -48.03 -28.09 8.15
N CYS D 666 -48.42 -29.03 9.01
CA CYS D 666 -48.15 -28.93 10.45
C CYS D 666 -47.01 -29.89 10.77
N ARG D 667 -45.81 -29.36 11.00
CA ARG D 667 -44.60 -30.17 11.05
C ARG D 667 -43.73 -29.77 12.22
N PRO D 668 -42.91 -30.70 12.73
CA PRO D 668 -41.90 -30.30 13.72
C PRO D 668 -40.81 -29.44 13.07
N TYR D 669 -40.29 -28.51 13.85
CA TYR D 669 -39.23 -27.62 13.36
C TYR D 669 -38.62 -26.89 14.55
N PRO D 670 -37.40 -26.39 14.41
CA PRO D 670 -36.71 -25.72 15.53
C PRO D 670 -37.10 -24.25 15.60
N VAL D 671 -37.78 -23.87 16.69
CA VAL D 671 -38.26 -22.51 16.85
C VAL D 671 -37.11 -21.56 17.17
N ALA D 672 -36.33 -21.89 18.18
CA ALA D 672 -35.13 -21.14 18.56
C ALA D 672 -34.00 -22.13 18.79
N THR D 673 -32.82 -21.79 18.30
CA THR D 673 -31.69 -22.71 18.30
C THR D 673 -30.46 -22.06 18.91
N VAL D 674 -29.83 -22.79 19.84
CA VAL D 674 -28.49 -22.45 20.32
C VAL D 674 -27.51 -22.98 19.27
N GLY D 675 -27.06 -22.09 18.38
CA GLY D 675 -26.22 -22.50 17.27
C GLY D 675 -26.87 -22.19 15.93
N ILE D 676 -26.44 -22.85 14.87
CA ILE D 676 -26.93 -22.61 13.52
C ILE D 676 -27.68 -23.85 13.04
N PRO D 677 -28.93 -23.72 12.59
CA PRO D 677 -29.60 -24.87 11.98
C PRO D 677 -28.83 -25.38 10.78
N GLU D 678 -28.58 -26.69 10.75
CA GLU D 678 -27.81 -27.34 9.70
C GLU D 678 -28.67 -28.19 8.78
N ARG D 679 -29.55 -29.03 9.34
CA ARG D 679 -30.37 -29.89 8.51
C ARG D 679 -31.64 -30.26 9.25
N ILE D 680 -32.77 -30.18 8.57
CA ILE D 680 -34.04 -30.68 9.08
C ILE D 680 -34.51 -31.80 8.14
N ASP D 681 -35.01 -32.89 8.73
CA ASP D 681 -35.59 -33.99 7.97
C ASP D 681 -36.82 -34.50 8.71
N PHE D 682 -37.95 -34.56 8.01
CA PHE D 682 -39.21 -35.03 8.59
C PHE D 682 -39.91 -35.97 7.63
N ASP D 683 -40.39 -37.09 8.13
CA ASP D 683 -41.05 -38.12 7.32
C ASP D 683 -42.44 -38.36 7.90
N ILE D 684 -43.48 -38.01 7.14
CA ILE D 684 -44.85 -38.17 7.63
C ILE D 684 -45.11 -39.62 7.99
N THR D 685 -44.73 -40.55 7.11
CA THR D 685 -45.16 -41.94 7.24
C THR D 685 -44.65 -42.57 8.53
N SER D 686 -43.35 -42.43 8.80
CA SER D 686 -42.76 -42.98 10.00
C SER D 686 -42.78 -42.03 11.19
N THR D 687 -43.07 -40.76 10.97
CA THR D 687 -43.02 -39.69 11.96
C THR D 687 -41.60 -39.36 12.39
N LYS D 688 -40.59 -40.04 11.84
CA LYS D 688 -39.21 -39.78 12.25
C LYS D 688 -38.81 -38.36 11.87
N PHE D 689 -38.16 -37.68 12.82
CA PHE D 689 -37.74 -36.30 12.67
C PHE D 689 -36.30 -36.18 13.13
N LYS D 690 -35.45 -35.60 12.30
CA LYS D 690 -34.03 -35.47 12.60
C LYS D 690 -33.59 -34.03 12.38
N TYR D 691 -32.99 -33.43 13.42
CA TYR D 691 -32.53 -32.06 13.40
C TYR D 691 -31.05 -32.04 13.75
N ALA D 692 -30.24 -31.47 12.87
CA ALA D 692 -28.83 -31.25 13.10
C ALA D 692 -28.58 -29.75 13.29
N VAL D 693 -27.76 -29.41 14.28
CA VAL D 693 -27.42 -28.03 14.57
C VAL D 693 -25.91 -27.90 14.67
N ARG D 694 -25.37 -26.83 14.07
CA ARG D 694 -23.95 -26.52 14.16
C ARG D 694 -23.74 -25.59 15.35
N VAL D 695 -23.14 -26.12 16.41
CA VAL D 695 -22.88 -25.36 17.64
C VAL D 695 -21.42 -24.96 17.68
N ARG D 696 -21.17 -23.70 18.01
CA ARG D 696 -19.83 -23.14 18.01
C ARG D 696 -19.40 -22.82 19.44
N ALA D 697 -18.08 -22.73 19.64
CA ALA D 697 -17.52 -22.68 20.98
C ALA D 697 -17.89 -21.41 21.74
N ASP D 698 -18.22 -20.33 21.05
CA ASP D 698 -18.55 -19.08 21.71
C ASP D 698 -20.03 -18.74 21.64
N ASP D 699 -20.87 -19.67 21.19
CA ASP D 699 -22.31 -19.51 21.31
C ASP D 699 -22.71 -19.50 22.79
N ILE D 700 -23.89 -18.97 23.07
CA ILE D 700 -24.36 -18.77 24.43
C ILE D 700 -25.31 -19.91 24.78
N ALA D 701 -24.94 -20.68 25.80
CA ALA D 701 -25.76 -21.79 26.28
C ALA D 701 -25.69 -21.84 27.79
N ASN D 702 -26.85 -21.96 28.42
CA ASN D 702 -26.96 -22.15 29.87
C ASN D 702 -28.33 -22.74 30.18
N GLU D 703 -28.61 -22.91 31.47
CA GLU D 703 -29.81 -23.62 31.89
C GLU D 703 -31.09 -22.86 31.58
N GLN D 704 -31.01 -21.58 31.25
CA GLN D 704 -32.18 -20.82 30.84
C GLN D 704 -32.11 -20.34 29.39
N VAL D 705 -31.01 -20.61 28.69
CA VAL D 705 -30.87 -20.27 27.27
C VAL D 705 -30.61 -21.59 26.54
N TYR D 706 -31.63 -22.12 25.87
CA TYR D 706 -31.57 -23.44 25.28
C TYR D 706 -32.30 -23.45 23.94
N THR D 707 -32.26 -24.59 23.27
CA THR D 707 -32.93 -24.78 22.00
C THR D 707 -34.37 -25.24 22.24
N GLU D 708 -35.29 -24.70 21.45
CA GLU D 708 -36.71 -25.03 21.55
C GLU D 708 -37.20 -25.57 20.21
N ILE D 709 -37.95 -26.68 20.26
CA ILE D 709 -38.44 -27.35 19.07
C ILE D 709 -39.94 -27.61 19.23
N TYR D 710 -40.70 -27.32 18.19
CA TYR D 710 -42.13 -27.61 18.17
C TYR D 710 -42.35 -29.05 17.73
N LEU D 711 -43.16 -29.78 18.49
CA LEU D 711 -43.53 -31.15 18.14
C LEU D 711 -45.05 -31.23 18.06
N PRO D 712 -45.64 -31.34 16.87
CA PRO D 712 -47.11 -31.25 16.78
C PRO D 712 -47.80 -32.50 17.28
N PHE D 713 -48.89 -32.29 18.02
CA PHE D 713 -49.78 -33.39 18.36
C PHE D 713 -50.22 -34.13 17.11
N VAL D 714 -50.38 -33.40 16.00
CA VAL D 714 -50.87 -34.00 14.76
C VAL D 714 -50.09 -35.27 14.43
N HIS D 715 -48.79 -35.26 14.67
CA HIS D 715 -47.94 -36.39 14.31
C HIS D 715 -47.44 -37.18 15.50
N TYR D 716 -47.44 -36.62 16.71
CA TYR D 716 -46.75 -37.23 17.84
C TYR D 716 -47.64 -37.39 19.07
N ALA D 717 -48.93 -37.10 18.97
CA ALA D 717 -49.82 -37.29 20.10
C ALA D 717 -50.06 -38.79 20.34
N ALA D 718 -50.32 -39.14 21.60
CA ALA D 718 -50.74 -40.50 21.90
C ALA D 718 -52.02 -40.86 21.16
N SER D 719 -52.99 -39.94 21.17
CA SER D 719 -54.23 -40.13 20.43
C SER D 719 -54.88 -38.79 20.17
N LEU D 720 -55.52 -38.67 19.03
CA LEU D 720 -56.32 -37.49 18.68
C LEU D 720 -57.81 -37.77 18.76
N ASN D 721 -58.19 -38.86 19.44
CA ASN D 721 -59.58 -39.22 19.57
C ASN D 721 -60.29 -38.28 20.54
N ALA D 722 -61.44 -37.75 20.11
CA ALA D 722 -62.20 -36.84 20.97
C ALA D 722 -62.65 -37.54 22.25
N SER D 723 -63.02 -38.82 22.14
CA SER D 723 -63.46 -39.59 23.30
C SER D 723 -62.33 -40.52 23.76
N GLN D 729 -56.16 -35.65 28.63
CA GLN D 729 -55.43 -34.54 28.03
C GLN D 729 -54.67 -35.00 26.79
N LEU D 730 -54.50 -34.09 25.83
CA LEU D 730 -53.61 -34.36 24.70
C LEU D 730 -52.16 -34.30 25.19
N SER D 731 -51.34 -35.23 24.70
CA SER D 731 -49.96 -35.34 25.16
C SER D 731 -49.12 -35.99 24.08
N LEU D 732 -47.82 -35.74 24.13
CA LEU D 732 -46.87 -36.33 23.20
C LEU D 732 -46.43 -37.69 23.72
N ASP D 733 -46.36 -38.66 22.81
CA ASP D 733 -45.96 -40.04 23.11
C ASP D 733 -44.82 -40.40 22.15
N VAL D 734 -43.59 -40.02 22.52
CA VAL D 734 -42.47 -40.04 21.61
C VAL D 734 -41.26 -40.67 22.26
N THR D 735 -40.30 -41.06 21.42
CA THR D 735 -38.96 -41.44 21.84
C THR D 735 -37.99 -40.40 21.27
N ILE D 736 -37.07 -39.93 22.10
CA ILE D 736 -36.13 -38.88 21.72
C ILE D 736 -34.72 -39.40 21.93
N VAL D 737 -33.84 -39.13 20.97
CA VAL D 737 -32.44 -39.52 21.04
C VAL D 737 -31.60 -38.31 20.67
N ALA D 738 -30.91 -37.74 21.65
CA ALA D 738 -30.03 -36.60 21.44
C ALA D 738 -28.58 -37.05 21.54
N SER D 739 -27.75 -36.59 20.58
CA SER D 739 -26.34 -36.90 20.64
C SER D 739 -25.67 -36.22 21.83
N HIS D 740 -26.20 -35.09 22.27
CA HIS D 740 -25.61 -34.32 23.36
C HIS D 740 -26.72 -33.77 24.26
N GLY D 741 -26.35 -33.45 25.49
CA GLY D 741 -27.21 -32.70 26.36
C GLY D 741 -28.41 -33.47 26.89
N ARG D 742 -29.39 -32.70 27.37
CA ARG D 742 -30.59 -33.24 27.98
C ARG D 742 -31.82 -32.58 27.37
N VAL D 743 -32.98 -33.20 27.60
CA VAL D 743 -34.23 -32.76 26.99
C VAL D 743 -35.36 -32.81 28.00
N GLU D 744 -36.43 -32.07 27.69
CA GLU D 744 -37.66 -32.07 28.46
C GLU D 744 -38.79 -31.61 27.55
N ILE D 745 -39.95 -32.23 27.70
CA ILE D 745 -41.10 -31.94 26.85
C ILE D 745 -42.23 -31.37 27.69
N GLN D 746 -43.04 -30.54 27.03
CA GLN D 746 -44.21 -29.92 27.68
C GLN D 746 -45.15 -29.51 26.56
N GLY D 747 -46.38 -30.01 26.60
CA GLY D 747 -47.34 -29.69 25.56
C GLY D 747 -46.81 -30.11 24.21
N GLN D 748 -46.75 -29.16 23.28
CA GLN D 748 -46.18 -29.38 21.96
C GLN D 748 -44.77 -28.82 21.84
N THR D 749 -44.06 -28.72 22.97
CA THR D 749 -42.75 -28.10 23.02
C THR D 749 -41.72 -29.07 23.58
N LEU D 750 -40.55 -29.11 22.95
CA LEU D 750 -39.41 -29.86 23.44
C LEU D 750 -38.27 -28.88 23.69
N ARG D 751 -37.70 -28.95 24.89
CA ARG D 751 -36.55 -28.13 25.26
C ARG D 751 -35.30 -29.01 25.27
N TRP D 752 -34.22 -28.46 24.73
CA TRP D 752 -32.99 -29.22 24.50
C TRP D 752 -31.81 -28.37 24.96
N TRP D 753 -31.24 -28.72 26.11
CA TRP D 753 -30.01 -28.13 26.60
C TRP D 753 -28.81 -28.92 26.09
N TYR D 754 -27.67 -28.25 25.95
CA TYR D 754 -26.42 -28.92 25.64
C TYR D 754 -25.27 -27.94 25.82
N PRO D 755 -24.06 -28.45 26.04
CA PRO D 755 -22.89 -27.57 26.14
C PRO D 755 -22.29 -27.25 24.78
N VAL D 756 -21.78 -26.04 24.65
CA VAL D 756 -21.10 -25.62 23.43
C VAL D 756 -19.76 -26.35 23.37
N PRO D 757 -19.15 -26.50 22.19
CA PRO D 757 -17.84 -27.14 22.13
C PRO D 757 -16.77 -26.29 22.80
N GLY D 758 -15.82 -26.97 23.44
CA GLY D 758 -14.70 -26.26 24.04
C GLY D 758 -13.89 -25.47 23.03
N THR D 759 -13.86 -25.92 21.77
CA THR D 759 -13.12 -25.24 20.74
C THR D 759 -13.70 -25.63 19.37
N GLY D 760 -13.69 -24.67 18.45
CA GLY D 760 -14.15 -24.94 17.10
C GLY D 760 -15.65 -25.03 16.99
N GLU D 761 -16.11 -25.92 16.10
CA GLU D 761 -17.52 -26.14 15.84
C GLU D 761 -17.82 -27.63 15.82
N GLU D 762 -19.04 -27.98 16.22
CA GLU D 762 -19.49 -29.36 16.22
C GLU D 762 -20.96 -29.40 15.82
N VAL D 763 -21.37 -30.54 15.28
CA VAL D 763 -22.76 -30.77 14.87
C VAL D 763 -23.39 -31.70 15.88
N TYR D 764 -24.43 -31.22 16.55
CA TYR D 764 -25.26 -32.04 17.42
C TYR D 764 -26.50 -32.47 16.65
N THR D 765 -27.07 -33.60 17.05
CA THR D 765 -28.26 -34.13 16.40
C THR D 765 -29.27 -34.53 17.46
N ILE D 766 -30.55 -34.40 17.10
CA ILE D 766 -31.67 -34.84 17.94
C ILE D 766 -32.67 -35.52 17.02
N GLU D 767 -33.13 -36.70 17.41
CA GLU D 767 -34.08 -37.48 16.63
C GLU D 767 -35.30 -37.78 17.47
N VAL D 768 -36.48 -37.67 16.84
CA VAL D 768 -37.76 -37.84 17.51
C VAL D 768 -38.64 -38.74 16.66
N GLN D 769 -39.47 -39.53 17.33
CA GLN D 769 -40.37 -40.45 16.65
C GLN D 769 -41.50 -40.81 17.60
N ARG D 770 -42.72 -40.82 17.09
CA ARG D 770 -43.85 -41.23 17.91
C ARG D 770 -43.74 -42.72 18.24
N ASN D 771 -44.12 -43.06 19.47
CA ASN D 771 -44.08 -44.46 19.90
C ASN D 771 -45.19 -45.22 19.20
N GLY D 772 -44.82 -46.28 18.50
CA GLY D 772 -45.80 -47.07 17.76
C GLY D 772 -46.05 -46.61 16.35
N GLY D 773 -45.11 -45.87 15.75
CA GLY D 773 -45.30 -45.40 14.40
C GLY D 773 -46.22 -44.19 14.33
N ALA D 774 -46.92 -44.06 13.22
CA ALA D 774 -47.72 -42.89 12.93
C ALA D 774 -49.16 -43.07 13.38
N LEU D 775 -49.82 -41.93 13.62
CA LEU D 775 -51.22 -41.93 13.98
C LEU D 775 -52.10 -42.23 12.78
N ARG D 776 -53.40 -42.36 13.02
CA ARG D 776 -54.36 -42.64 11.95
C ARG D 776 -55.08 -41.36 11.53
C10 YAJ E . -12.45 34.88 -4.54
C13 YAJ E . -11.58 37.42 -3.69
C20 YAJ E . -11.67 30.21 0.33
C21 YAJ E . -12.93 30.32 1.07
C22 YAJ E . -13.43 29.03 1.72
C01 YAJ E . -13.91 31.87 2.62
C03 YAJ E . -12.02 32.42 1.26
C04 YAJ E . -11.11 31.65 0.18
C06 YAJ E . -10.61 33.24 -1.73
C08 YAJ E . -10.58 33.65 -3.22
C09 YAJ E . -11.33 34.93 -3.69
C11 YAJ E . -13.11 36.05 -4.96
C12 YAJ E . -12.70 37.34 -4.55
C14 YAJ E . -10.92 36.22 -3.29
C16 YAJ E . -11.82 39.89 -3.58
C18 YAJ E . -13.11 39.77 -4.27
N02 YAJ E . -12.60 31.37 2.09
N05 YAJ E . -11.11 32.09 -1.22
N15 YAJ E . -11.15 38.74 -3.27
O07 YAJ E . -10.10 34.03 -0.92
O17 YAJ E . -11.44 41.00 -3.20
O19 YAJ E . -13.34 38.47 -4.96
O23 YAJ E . -12.41 28.44 2.50
H101 YAJ E . -12.76 34.06 -4.84
H201 YAJ E . -11.80 29.82 -0.56
H202 YAJ E . -11.02 29.66 0.79
H211 YAJ E . -13.72 30.67 0.64
H222 YAJ E . -13.72 28.49 0.97
H221 YAJ E . -14.21 29.31 2.23
H013 YAJ E . -14.27 31.23 3.20
H011 YAJ E . -14.50 32.00 1.90
H012 YAJ E . -13.77 32.67 3.07
H031 YAJ E . -11.59 32.96 1.88
H032 YAJ E . -12.78 32.87 0.93
H041 YAJ E . -10.24 31.74 0.48
H081 YAJ E . -9.66 33.66 -3.44
H082 YAJ E . -10.85 32.88 -3.68
H111 YAJ E . -13.85 35.95 -5.53
H141 YAJ E . -10.18 36.29 -2.73
H182 YAJ E . -13.75 39.99 -3.58
H181 YAJ E . -13.13 40.55 -4.84
H051 YAJ E . -11.48 31.46 -1.68
H151 YAJ E . -10.43 38.84 -2.80
H231 YAJ E . -12.69 28.35 3.30
C1 GOL F . -24.91 28.02 -26.65
O1 GOL F . -26.24 27.61 -26.76
C2 GOL F . -24.86 29.52 -26.98
O2 GOL F . -25.57 30.27 -26.06
C3 GOL F . -23.36 29.86 -27.03
O3 GOL F . -23.27 31.27 -26.89
H11 GOL F . -24.32 27.53 -27.24
H12 GOL F . -24.56 27.88 -25.75
HO1 GOL F . -26.25 27.04 -27.39
H2 GOL F . -25.28 29.71 -27.84
HO2 GOL F . -25.25 30.11 -25.29
H31 GOL F . -22.99 29.53 -27.86
H32 GOL F . -22.91 29.38 -26.32
HO3 GOL F . -22.45 31.47 -27.05
C1 GOL G . -35.54 40.18 11.22
O1 GOL G . -35.97 40.80 10.03
C2 GOL G . -36.37 38.89 11.37
O2 GOL G . -36.39 38.15 10.21
C3 GOL G . -35.71 38.14 12.54
O3 GOL G . -36.25 36.84 12.55
H11 GOL G . -35.67 40.73 12.00
H12 GOL G . -34.60 39.95 11.20
HO1 GOL G . -36.49 40.25 9.65
H2 GOL G . -37.30 39.09 11.57
HO2 GOL G . -37.20 37.99 10.01
H31 GOL G . -35.88 38.63 13.35
H32 GOL G . -34.75 38.16 12.42
HO3 GOL G . -36.63 36.73 11.80
MG MG H . 1.03 1.89 -7.56
C10 YAJ I . 15.19 -29.97 -15.53
C13 YAJ I . 14.58 -32.66 -16.15
C20 YAJ I . 13.28 -28.15 -9.47
C21 YAJ I . 14.28 -28.70 -8.59
C22 YAJ I . 14.43 -28.08 -7.21
C01 YAJ I . 15.00 -30.89 -7.83
C03 YAJ I . 13.55 -30.55 -9.72
C04 YAJ I . 12.80 -29.31 -10.41
C06 YAJ I . 12.68 -29.84 -12.87
C08 YAJ I . 12.89 -29.58 -14.37
C09 YAJ I . 13.94 -30.46 -15.13
C11 YAJ I . 16.13 -30.79 -16.21
C12 YAJ I . 15.85 -32.16 -16.54
C14 YAJ I . 13.67 -31.81 -15.47
C16 YAJ I . 15.13 -34.84 -17.20
C18 YAJ I . 16.39 -34.28 -17.70
N02 YAJ I . 13.81 -30.12 -8.36
N05 YAJ I . 13.02 -29.06 -11.84
N15 YAJ I . 14.27 -34.02 -16.49
O07 YAJ I . 12.10 -30.91 -12.58
O17 YAJ I . 14.84 -36.01 -17.50
O19 YAJ I . 16.76 -32.93 -17.20
O23 YAJ I . 13.24 -27.41 -6.83
H101 YAJ I . 15.43 -29.09 -15.33
H201 YAJ I . 13.63 -27.43 -10.02
H202 YAJ I . 12.52 -27.80 -8.99
H211 YAJ I . 15.18 -28.75 -8.96
H222 YAJ I . 14.66 -28.83 -6.63
H221 YAJ I . 15.20 -27.50 -7.28
H013 YAJ I . 15.79 -30.47 -8.13
H011 YAJ I . 14.97 -31.77 -8.17
H012 YAJ I . 14.97 -30.90 -6.89
H031 YAJ I . 13.06 -31.35 -9.62
H032 YAJ I . 14.39 -30.79 -10.05
H041 YAJ I . 11.88 -29.44 -10.31
H081 YAJ I . 13.07 -28.66 -14.44
H082 YAJ I . 12.03 -29.61 -14.75
H111 YAJ I . 16.94 -30.40 -16.44
H141 YAJ I . 12.83 -32.14 -15.22
H182 YAJ I . 16.29 -34.34 -18.66
H181 YAJ I . 17.04 -34.97 -17.50
H051 YAJ I . 13.42 -28.29 -11.90
H151 YAJ I . 13.53 -34.37 -16.24
H231 YAJ I . 13.21 -27.35 -5.99
C1 GOL J . 32.49 -27.15 -21.53
O1 GOL J . 32.60 -26.70 -22.86
C2 GOL J . 33.40 -26.23 -20.68
O2 GOL J . 32.70 -25.15 -20.17
C3 GOL J . 33.96 -27.15 -19.57
O3 GOL J . 34.84 -26.37 -18.81
H11 GOL J . 32.78 -28.07 -21.43
H12 GOL J . 31.59 -27.11 -21.20
HO1 GOL J . 32.14 -25.99 -22.91
H2 GOL J . 34.12 -25.86 -21.21
HO2 GOL J . 33.26 -24.65 -19.77
H31 GOL J . 34.39 -27.92 -20.00
H32 GOL J . 33.23 -27.53 -19.06
HO3 GOL J . 35.63 -26.62 -19.01
C1 GOL K . 31.53 -16.58 -30.55
O1 GOL K . 31.42 -17.96 -30.81
C2 GOL K . 32.05 -16.44 -29.10
O2 GOL K . 32.85 -17.52 -28.73
C3 GOL K . 32.81 -15.11 -29.07
O3 GOL K . 33.70 -15.16 -27.99
H11 GOL K . 30.69 -16.12 -30.64
H12 GOL K . 32.15 -16.13 -31.15
HO1 GOL K . 31.16 -18.04 -31.61
H2 GOL K . 31.31 -16.42 -28.47
HO2 GOL K . 32.61 -17.76 -27.96
H31 GOL K . 32.17 -14.38 -29.01
H32 GOL K . 33.25 -14.98 -29.93
HO3 GOL K . 33.87 -15.98 -27.85
C10 YAJ L . 43.20 16.36 12.33
C13 YAJ L . 43.51 19.00 11.35
C20 YAJ L . 49.23 14.04 14.60
C21 YAJ L . 49.07 14.52 15.94
C22 YAJ L . 49.72 13.81 17.08
C01 YAJ L . 49.15 16.66 17.08
C03 YAJ L . 49.07 16.47 14.66
C04 YAJ L . 48.89 15.26 13.67
C06 YAJ L . 46.93 15.91 12.18
C08 YAJ L . 45.57 15.67 11.49
C09 YAJ L . 44.41 16.70 11.68
C11 YAJ L . 42.16 17.32 12.49
C12 YAJ L . 42.29 18.65 12.00
C14 YAJ L . 44.52 18.01 11.20
C16 YAJ L . 42.73 21.36 11.24
C18 YAJ L . 41.73 20.97 12.23
N02 YAJ L . 49.66 15.89 15.88
N05 YAJ L . 47.58 15.06 13.01
N15 YAJ L . 43.62 20.35 10.86
O07 YAJ L . 47.50 17.00 11.93
O17 YAJ L . 42.81 22.53 10.86
O19 YAJ L . 41.31 19.56 12.14
O23 YAJ L . 50.84 13.10 16.59
H101 YAJ L . 43.08 15.51 12.66
H201 YAJ L . 50.14 13.74 14.42
H202 YAJ L . 48.64 13.30 14.40
H211 YAJ L . 48.14 14.61 16.23
H222 YAJ L . 49.95 14.50 17.71
H221 YAJ L . 49.03 13.24 17.45
H013 YAJ L . 49.88 16.92 17.61
H011 YAJ L . 48.69 17.42 16.78
H012 YAJ L . 48.58 16.11 17.57
H031 YAJ L . 49.68 17.14 14.43
H032 YAJ L . 48.28 16.89 14.99
H041 YAJ L . 49.54 15.37 13.00
H081 YAJ L . 45.33 14.79 11.74
H082 YAJ L . 45.79 15.54 10.58
H111 YAJ L . 41.39 17.05 12.92
H141 YAJ L . 45.31 18.25 10.77
H182 YAJ L . 42.13 21.23 13.08
H181 YAJ L . 41.02 21.62 12.12
H051 YAJ L . 47.29 14.28 13.26
H151 YAJ L . 44.25 20.57 10.31
H231 YAJ L . 51.34 12.89 17.26
C10 YAJ M . -44.08 -17.03 -7.78
C13 YAJ M . -43.86 -19.04 -9.75
C20 YAJ M . -50.66 -15.84 -6.65
C21 YAJ M . -50.81 -16.75 -5.53
C22 YAJ M . -51.88 -16.47 -4.50
C01 YAJ M . -51.12 -19.15 -5.27
C03 YAJ M . -50.20 -18.16 -7.29
C04 YAJ M . -49.89 -16.66 -7.76
C06 YAJ M . -47.59 -16.55 -8.80
C08 YAJ M . -46.15 -16.05 -8.91
C09 YAJ M . -45.03 -17.05 -8.82
C11 YAJ M . -43.05 -17.99 -7.72
C12 YAJ M . -42.92 -19.01 -8.71
C14 YAJ M . -44.89 -18.07 -9.78
C16 YAJ M . -42.94 -21.18 -10.50
C18 YAJ M . -42.22 -21.25 -9.24
N02 YAJ M . -51.20 -18.03 -6.23
N05 YAJ M . -48.49 -16.20 -7.86
N15 YAJ M . -43.73 -20.07 -10.74
O07 YAJ M . -47.96 -17.37 -9.66
O17 YAJ M . -42.80 -22.10 -11.35
O19 YAJ M . -41.95 -19.94 -8.66
O23 YAJ M . -52.99 -15.86 -5.13
H101 YAJ M . -44.13 -16.39 -7.11
H201 YAJ M . -50.14 -15.06 -6.43
H202 YAJ M . -51.51 -15.54 -7.01
H211 YAJ M . -50.01 -16.92 -5.01
H222 YAJ M . -52.07 -17.32 -4.10
H221 YAJ M . -51.45 -15.90 -3.84
H013 YAJ M . -50.51 -18.92 -4.59
H011 YAJ M . -50.81 -19.91 -5.73
H012 YAJ M . -51.96 -19.31 -4.90
H031 YAJ M . -49.51 -18.63 -6.88
H032 YAJ M . -50.62 -18.72 -7.91
H041 YAJ M . -50.29 -16.56 -8.61
H081 YAJ M . -46.09 -15.35 -8.29
H082 YAJ M . -46.14 -15.55 -9.72
H111 YAJ M . -42.44 -17.93 -7.02
H141 YAJ M . -45.51 -18.09 -10.47
H182 YAJ M . -41.43 -21.79 -9.43
H181 YAJ M . -42.75 -21.84 -8.68
H051 YAJ M . -48.36 -15.65 -7.20
H151 YAJ M . -44.13 -20.02 -11.50
H231 YAJ M . -53.58 -15.69 -4.54
C1 GOL N . -25.53 -6.95 7.26
O1 GOL N . -25.29 -5.59 7.11
C2 GOL N . -24.41 -7.68 6.49
O2 GOL N . -24.48 -9.04 6.69
C3 GOL N . -24.61 -7.27 5.03
O3 GOL N . -23.94 -8.22 4.24
H11 GOL N . -26.40 -7.23 6.91
H12 GOL N . -25.52 -7.24 8.19
HO1 GOL N . -25.93 -5.29 6.62
H2 GOL N . -23.54 -7.40 6.79
HO2 GOL N . -25.29 -9.28 6.57
H31 GOL N . -24.28 -6.36 4.90
H32 GOL N . -25.56 -7.23 4.83
HO3 GOL N . -23.45 -8.67 4.77
#